data_2QTS
#
_entry.id   2QTS
#
_cell.length_a   124.252
_cell.length_b   110.781
_cell.length_c   149.891
_cell.angle_alpha   90.000
_cell.angle_beta   97.540
_cell.angle_gamma   90.000
#
_symmetry.space_group_name_H-M   'P 1 21 1'
#
loop_
_entity.id
_entity.type
_entity.pdbx_description
1 polymer 'Acid-sensing ion channel'
2 branched alpha-D-glucopyranose-(1-4)-alpha-D-glucopyranose
3 non-polymer 2-acetamido-2-deoxy-beta-D-glucopyranose
4 non-polymer 'CHLORIDE ION'
5 water water
#
_entity_poly.entity_id   1
_entity_poly.type   'polypeptide(L)'
_entity_poly.pdbx_seq_one_letter_code
;STLHGISHIFSYERLSLKRVVWALCFMGSLALLALVCTNRIQYYFLYPHVTKLDEVAATRLTFPAVTFCNLNEFRFSRVT
KNDLYHAGELLALLNNRYEIPDTQTADEKQLEILQDKANFRNFKPKPFNMLEFYDRAGHDIREMLLSCFFRGEQCSPEDF
KVVFTRYGKCYTFNAGQDGKPRLITMKGGTGNGLEIMLDIQQDEYLPVWGETDETSFEAGIKVQIHSQDEPPLIDQLGFG
VAPGFQTFVSCQEQRLIYLPPPWGDCKATTGDSEFYDTYSITACRIDCETRYLVENCNCRMVHMPGDAPYCTPEQYKECA
DPALDFLVEKDNEYCVCEMPCNVTRYGKELSMVKIPSKASAKYLAKKYNKSEQYIGENILVLDIFFEALNYETIEQKKAY
EVAGLLGDIGGQMGLFIGASILTVLELFDYAYEVIKHR
;
_entity_poly.pdbx_strand_id   A,B,C,D,E,F
#
loop_
_chem_comp.id
_chem_comp.type
_chem_comp.name
_chem_comp.formula
CL non-polymer 'CHLORIDE ION' 'Cl -1'
GLC D-saccharide, alpha linking alpha-D-glucopyranose 'C6 H12 O6'
NAG D-saccharide, beta linking 2-acetamido-2-deoxy-beta-D-glucopyranose 'C8 H15 N O6'
#
# COMPACT_ATOMS: atom_id res chain seq x y z
N LEU A 17 -29.80 38.49 -74.93
CA LEU A 17 -28.94 37.38 -75.46
C LEU A 17 -28.55 36.41 -74.35
N LYS A 18 -27.64 35.50 -74.66
CA LYS A 18 -27.18 34.52 -73.68
C LYS A 18 -25.87 34.98 -73.04
N ARG A 19 -25.91 35.21 -71.73
CA ARG A 19 -24.76 35.66 -70.98
C ARG A 19 -24.15 34.52 -70.17
N VAL A 20 -23.11 33.88 -70.70
CA VAL A 20 -22.46 32.79 -69.99
C VAL A 20 -21.56 33.41 -68.92
N VAL A 21 -21.38 34.72 -69.01
CA VAL A 21 -20.56 35.47 -68.07
C VAL A 21 -21.10 35.32 -66.65
N TRP A 22 -22.40 35.06 -66.54
CA TRP A 22 -23.01 34.90 -65.23
C TRP A 22 -22.72 33.51 -64.65
N ALA A 23 -22.81 32.49 -65.49
CA ALA A 23 -22.55 31.13 -65.06
C ALA A 23 -21.07 30.94 -64.77
N LEU A 24 -20.24 31.74 -65.45
CA LEU A 24 -18.79 31.66 -65.28
C LEU A 24 -18.39 32.33 -63.97
N CYS A 25 -19.03 33.45 -63.66
CA CYS A 25 -18.74 34.19 -62.43
C CYS A 25 -19.21 33.41 -61.21
N PHE A 26 -20.35 32.73 -61.35
CA PHE A 26 -20.89 31.95 -60.24
C PHE A 26 -19.93 30.80 -59.92
N MET A 27 -19.39 30.17 -60.95
CA MET A 27 -18.45 29.08 -60.77
C MET A 27 -17.20 29.60 -60.07
N GLY A 28 -16.65 30.69 -60.59
CA GLY A 28 -15.47 31.27 -60.00
C GLY A 28 -15.69 31.50 -58.52
N SER A 29 -16.75 32.24 -58.19
CA SER A 29 -17.07 32.54 -56.79
C SER A 29 -17.05 31.28 -55.93
N LEU A 30 -17.53 30.17 -56.49
CA LEU A 30 -17.54 28.91 -55.77
C LEU A 30 -16.14 28.33 -55.73
N ALA A 31 -15.39 28.54 -56.81
CA ALA A 31 -14.01 28.05 -56.90
C ALA A 31 -13.14 28.73 -55.85
N LEU A 32 -13.26 30.04 -55.75
CA LEU A 32 -12.48 30.81 -54.78
C LEU A 32 -12.79 30.32 -53.38
N LEU A 33 -14.05 30.01 -53.12
CA LEU A 33 -14.48 29.53 -51.82
C LEU A 33 -13.87 28.16 -51.53
N ALA A 34 -13.76 27.34 -52.56
CA ALA A 34 -13.21 26.00 -52.43
C ALA A 34 -11.73 26.05 -52.05
N LEU A 35 -10.99 26.96 -52.67
CA LEU A 35 -9.56 27.10 -52.38
C LEU A 35 -9.32 27.64 -50.97
N VAL A 36 -10.08 28.67 -50.60
CA VAL A 36 -9.93 29.27 -49.27
C VAL A 36 -10.26 28.26 -48.18
N CYS A 37 -11.30 27.45 -48.41
CA CYS A 37 -11.70 26.43 -47.43
C CYS A 37 -10.64 25.34 -47.31
N THR A 38 -10.11 24.90 -48.44
CA THR A 38 -9.10 23.85 -48.45
C THR A 38 -7.83 24.32 -47.76
N ASN A 39 -7.41 25.54 -48.05
CA ASN A 39 -6.19 26.09 -47.46
C ASN A 39 -6.34 26.30 -45.95
N ARG A 40 -7.41 26.98 -45.55
CA ARG A 40 -7.64 27.25 -44.13
C ARG A 40 -7.91 25.99 -43.33
N ILE A 41 -8.58 25.02 -43.94
CA ILE A 41 -8.90 23.78 -43.25
C ILE A 41 -7.64 22.92 -43.08
N GLN A 42 -6.72 23.02 -44.02
CA GLN A 42 -5.48 22.26 -43.94
C GLN A 42 -4.60 22.79 -42.82
N TYR A 43 -4.54 24.12 -42.70
CA TYR A 43 -3.74 24.75 -41.66
C TYR A 43 -4.30 24.38 -40.29
N TYR A 44 -5.61 24.32 -40.19
CA TYR A 44 -6.28 23.98 -38.94
C TYR A 44 -5.89 22.58 -38.45
N PHE A 45 -5.78 21.65 -39.38
CA PHE A 45 -5.43 20.28 -39.02
C PHE A 45 -3.96 20.11 -38.66
N LEU A 46 -3.20 21.19 -38.70
CA LEU A 46 -1.80 21.16 -38.32
C LEU A 46 -1.77 21.40 -36.81
N TYR A 47 -2.94 21.70 -36.27
CA TYR A 47 -3.12 21.96 -34.84
C TYR A 47 -1.93 22.69 -34.24
N PRO A 48 -1.62 23.89 -34.75
CA PRO A 48 -0.51 24.69 -34.26
C PRO A 48 -0.81 25.31 -32.90
N HIS A 49 0.25 25.67 -32.17
CA HIS A 49 0.09 26.29 -30.87
C HIS A 49 1.11 27.39 -30.69
N VAL A 50 0.82 28.29 -29.75
CA VAL A 50 1.72 29.38 -29.45
C VAL A 50 1.89 29.36 -27.93
N THR A 51 3.07 29.69 -27.45
CA THR A 51 3.31 29.70 -26.02
C THR A 51 3.34 31.15 -25.56
N LYS A 52 2.37 31.51 -24.74
CA LYS A 52 2.27 32.87 -24.24
C LYS A 52 2.98 33.04 -22.92
N LEU A 53 3.82 34.06 -22.85
CA LEU A 53 4.60 34.36 -21.65
C LEU A 53 4.22 35.72 -21.07
N ASP A 54 4.29 35.82 -19.75
CA ASP A 54 4.02 37.06 -19.03
C ASP A 54 4.64 36.92 -17.65
N GLU A 55 5.25 38.00 -17.18
CA GLU A 55 5.89 38.00 -15.88
C GLU A 55 5.44 39.27 -15.18
N VAL A 56 4.60 39.12 -14.17
CA VAL A 56 4.07 40.26 -13.45
C VAL A 56 4.07 40.11 -11.93
N ALA A 57 3.59 41.16 -11.27
CA ALA A 57 3.48 41.17 -9.83
C ALA A 57 2.01 40.91 -9.54
N ALA A 58 1.69 39.66 -9.21
CA ALA A 58 0.32 39.29 -8.91
C ALA A 58 -0.04 39.62 -7.47
N THR A 59 -1.33 39.78 -7.23
CA THR A 59 -1.82 40.05 -5.88
C THR A 59 -2.58 38.81 -5.41
N ARG A 60 -2.64 38.62 -4.10
CA ARG A 60 -3.34 37.48 -3.51
C ARG A 60 -2.70 36.16 -3.90
N LEU A 61 -1.43 36.18 -4.30
CA LEU A 61 -0.73 34.96 -4.68
C LEU A 61 -0.81 33.93 -3.56
N THR A 62 -1.11 32.69 -3.92
CA THR A 62 -1.23 31.60 -2.94
C THR A 62 0.13 31.09 -2.50
N PHE A 63 0.44 31.21 -1.21
CA PHE A 63 1.71 30.74 -0.69
C PHE A 63 1.76 29.23 -0.81
N PRO A 64 2.91 28.68 -1.22
CA PRO A 64 3.05 27.22 -1.37
C PRO A 64 3.20 26.46 -0.07
N ALA A 65 3.34 25.14 -0.21
CA ALA A 65 3.57 24.27 0.93
C ALA A 65 5.08 24.18 1.03
N VAL A 66 5.60 24.11 2.26
CA VAL A 66 7.04 24.02 2.45
C VAL A 66 7.33 22.82 3.34
N THR A 67 8.01 21.83 2.77
CA THR A 67 8.33 20.60 3.50
C THR A 67 9.80 20.59 3.87
N PHE A 68 10.12 20.11 5.07
CA PHE A 68 11.51 20.04 5.47
C PHE A 68 11.77 18.80 6.31
N CYS A 69 12.99 18.29 6.19
CA CYS A 69 13.41 17.10 6.92
C CYS A 69 14.78 17.31 7.53
N ASN A 70 15.03 16.69 8.68
CA ASN A 70 16.34 16.76 9.30
C ASN A 70 17.11 15.71 8.48
N LEU A 71 18.40 15.93 8.25
CA LEU A 71 19.19 14.95 7.49
C LEU A 71 19.43 13.71 8.36
N ASN A 72 19.23 13.86 9.67
CA ASN A 72 19.40 12.73 10.57
C ASN A 72 18.01 12.10 10.70
N GLU A 73 17.91 10.81 10.42
CA GLU A 73 16.64 10.09 10.45
C GLU A 73 16.13 9.61 11.81
N PHE A 74 17.05 9.17 12.68
CA PHE A 74 16.65 8.66 13.99
C PHE A 74 17.42 9.31 15.13
N ARG A 75 16.71 9.79 16.14
CA ARG A 75 17.34 10.41 17.30
C ARG A 75 17.99 9.36 18.17
N PHE A 76 19.26 9.58 18.48
CA PHE A 76 20.02 8.64 19.29
C PHE A 76 19.32 8.26 20.61
N SER A 77 18.79 9.25 21.31
CA SER A 77 18.14 8.98 22.60
C SER A 77 16.84 8.17 22.48
N ARG A 78 16.30 8.05 21.28
CA ARG A 78 15.05 7.33 21.08
C ARG A 78 15.24 5.91 20.57
N VAL A 79 16.48 5.54 20.23
CA VAL A 79 16.76 4.20 19.75
C VAL A 79 16.86 3.28 20.96
N THR A 80 15.97 2.29 21.02
CA THR A 80 15.94 1.35 22.14
C THR A 80 16.68 0.06 21.83
N LYS A 81 16.77 -0.80 22.85
CA LYS A 81 17.44 -2.08 22.70
C LYS A 81 16.74 -2.87 21.58
N ASN A 82 15.41 -2.88 21.62
CA ASN A 82 14.64 -3.60 20.61
C ASN A 82 14.82 -3.00 19.21
N ASP A 83 14.91 -1.68 19.12
CA ASP A 83 15.12 -1.05 17.81
C ASP A 83 16.44 -1.49 17.23
N LEU A 84 17.47 -1.47 18.08
CA LEU A 84 18.82 -1.87 17.69
C LEU A 84 18.85 -3.30 17.17
N TYR A 85 18.18 -4.19 17.91
CA TYR A 85 18.11 -5.60 17.54
C TYR A 85 17.51 -5.80 16.14
N HIS A 86 16.43 -5.09 15.84
CA HIS A 86 15.76 -5.23 14.56
C HIS A 86 16.35 -4.43 13.40
N ALA A 87 16.70 -3.17 13.66
CA ALA A 87 17.23 -2.30 12.63
C ALA A 87 18.69 -1.91 12.75
N GLY A 88 19.37 -2.44 13.77
CA GLY A 88 20.77 -2.11 13.96
C GLY A 88 21.63 -2.33 12.73
N GLU A 89 21.43 -3.45 12.05
CA GLU A 89 22.22 -3.75 10.87
C GLU A 89 21.94 -2.74 9.77
N LEU A 90 20.68 -2.37 9.62
CA LEU A 90 20.28 -1.41 8.59
C LEU A 90 20.94 -0.05 8.84
N LEU A 91 21.12 0.29 10.11
CA LEU A 91 21.73 1.57 10.50
C LEU A 91 23.25 1.49 10.66
N ALA A 92 23.82 0.33 10.37
CA ALA A 92 25.26 0.09 10.48
C ALA A 92 25.77 0.17 11.93
N LEU A 93 24.87 0.00 12.89
CA LEU A 93 25.27 0.05 14.30
C LEU A 93 25.66 -1.34 14.80
N LEU A 94 25.16 -2.37 14.14
CA LEU A 94 25.47 -3.76 14.49
C LEU A 94 25.93 -4.48 13.23
N ASN A 95 26.67 -5.57 13.40
CA ASN A 95 27.13 -6.35 12.25
C ASN A 95 26.10 -7.44 12.01
N ASN A 96 26.37 -8.35 11.07
CA ASN A 96 25.42 -9.42 10.76
C ASN A 96 25.32 -10.47 11.85
N ARG A 97 25.80 -10.14 13.05
CA ARG A 97 25.75 -11.08 14.17
C ARG A 97 25.33 -10.40 15.47
N TYR A 98 24.47 -9.39 15.34
CA TYR A 98 23.96 -8.64 16.48
C TYR A 98 25.04 -8.18 17.46
N GLU A 99 26.14 -7.68 16.93
CA GLU A 99 27.24 -7.20 17.77
C GLU A 99 27.74 -5.87 17.25
N ILE A 100 28.28 -5.06 18.15
CA ILE A 100 28.83 -3.76 17.74
C ILE A 100 30.10 -4.05 16.94
N PRO A 101 30.17 -3.52 15.71
CA PRO A 101 31.30 -3.68 14.79
C PRO A 101 32.65 -3.26 15.32
N ASP A 102 33.67 -3.37 14.47
CA ASP A 102 35.04 -2.99 14.81
C ASP A 102 35.14 -1.49 14.56
N THR A 103 34.00 -0.88 14.27
CA THR A 103 33.93 0.55 14.01
C THR A 103 33.41 1.26 15.27
N GLN A 104 34.33 1.63 16.15
CA GLN A 104 33.96 2.31 17.38
C GLN A 104 34.43 3.76 17.38
N THR A 105 33.75 4.58 16.60
CA THR A 105 34.09 6.00 16.50
C THR A 105 33.24 6.80 17.49
N ALA A 106 33.54 6.65 18.77
CA ALA A 106 32.80 7.35 19.82
C ALA A 106 33.57 7.32 21.13
N ASP A 107 34.73 7.96 21.14
CA ASP A 107 35.58 8.02 22.32
C ASP A 107 34.82 8.62 23.51
N GLU A 108 33.57 8.99 23.26
CA GLU A 108 32.72 9.57 24.29
C GLU A 108 31.98 8.46 25.03
N LYS A 109 31.03 8.84 25.86
CA LYS A 109 30.24 7.87 26.61
C LYS A 109 29.10 7.40 25.72
N GLN A 110 29.23 7.69 24.42
CA GLN A 110 28.22 7.32 23.44
C GLN A 110 28.38 5.86 23.04
N LEU A 111 29.62 5.37 23.07
CA LEU A 111 29.90 3.99 22.74
C LEU A 111 29.50 3.15 23.94
N GLU A 112 29.87 3.64 25.12
CA GLU A 112 29.56 2.96 26.37
C GLU A 112 28.07 2.65 26.42
N ILE A 113 27.26 3.69 26.30
CA ILE A 113 25.80 3.56 26.34
C ILE A 113 25.30 2.63 25.24
N LEU A 114 25.96 2.68 24.09
CA LEU A 114 25.57 1.86 22.96
C LEU A 114 25.85 0.37 23.20
N GLN A 115 26.90 0.08 23.96
CA GLN A 115 27.23 -1.31 24.26
C GLN A 115 26.23 -1.90 25.24
N ASP A 116 25.73 -1.07 26.16
CA ASP A 116 24.73 -1.51 27.12
C ASP A 116 23.46 -1.81 26.32
N LYS A 117 23.16 -0.90 25.39
CA LYS A 117 21.99 -1.01 24.53
C LYS A 117 22.08 -2.25 23.63
N ALA A 118 23.29 -2.63 23.25
CA ALA A 118 23.50 -3.79 22.39
C ALA A 118 23.57 -5.11 23.14
N ASN A 119 23.52 -5.06 24.47
CA ASN A 119 23.58 -6.28 25.25
C ASN A 119 22.27 -7.05 25.09
N PHE A 120 22.31 -8.13 24.30
CA PHE A 120 21.11 -8.92 24.04
C PHE A 120 21.03 -10.23 24.82
N ARG A 121 21.92 -10.43 25.79
CA ARG A 121 21.90 -11.65 26.58
C ARG A 121 20.58 -11.79 27.32
N ASN A 122 19.86 -12.86 27.02
CA ASN A 122 18.57 -13.12 27.64
C ASN A 122 17.53 -12.06 27.28
N PHE A 123 17.76 -11.37 26.18
CA PHE A 123 16.85 -10.33 25.71
C PHE A 123 15.74 -10.97 24.87
N LYS A 124 14.50 -10.61 25.17
CA LYS A 124 13.37 -11.16 24.42
C LYS A 124 12.86 -10.11 23.44
N PRO A 125 13.02 -10.36 22.13
CA PRO A 125 12.55 -9.42 21.10
C PRO A 125 11.06 -9.11 21.21
N LYS A 126 10.71 -7.84 20.97
CA LYS A 126 9.32 -7.39 21.02
C LYS A 126 8.93 -6.97 19.61
N PRO A 127 7.63 -6.87 19.33
CA PRO A 127 7.21 -6.46 17.98
C PRO A 127 7.88 -5.17 17.51
N PHE A 128 8.19 -5.11 16.23
CA PHE A 128 8.86 -3.96 15.64
C PHE A 128 8.25 -3.62 14.27
N ASN A 129 8.11 -2.32 14.01
CA ASN A 129 7.53 -1.83 12.76
C ASN A 129 8.33 -0.58 12.33
N MET A 130 8.78 -0.56 11.08
CA MET A 130 9.56 0.59 10.60
C MET A 130 8.83 1.92 10.66
N LEU A 131 7.55 1.94 10.29
CA LEU A 131 6.81 3.19 10.33
C LEU A 131 6.75 3.72 11.76
N GLU A 132 6.42 2.83 12.70
CA GLU A 132 6.33 3.20 14.10
C GLU A 132 7.71 3.69 14.56
N PHE A 133 8.77 3.04 14.09
CA PHE A 133 10.13 3.44 14.46
C PHE A 133 10.44 4.86 13.97
N TYR A 134 10.12 5.15 12.71
CA TYR A 134 10.36 6.49 12.18
C TYR A 134 9.52 7.52 12.94
N ASP A 135 8.26 7.18 13.20
CA ASP A 135 7.38 8.10 13.91
C ASP A 135 7.85 8.39 15.33
N ARG A 136 8.38 7.37 16.00
CA ARG A 136 8.85 7.50 17.37
C ARG A 136 10.24 8.12 17.49
N ALA A 137 11.19 7.62 16.70
CA ALA A 137 12.57 8.09 16.76
C ALA A 137 12.90 9.32 15.92
N GLY A 138 12.09 9.62 14.91
CA GLY A 138 12.35 10.79 14.08
C GLY A 138 12.38 12.07 14.89
N HIS A 139 13.04 13.10 14.37
CA HIS A 139 13.11 14.36 15.10
C HIS A 139 11.72 14.96 15.28
N ASP A 140 11.51 15.58 16.45
CA ASP A 140 10.24 16.18 16.82
C ASP A 140 10.20 17.67 16.47
N ILE A 141 9.21 18.07 15.69
CA ILE A 141 9.06 19.49 15.31
C ILE A 141 8.94 20.37 16.55
N ARG A 142 8.36 19.83 17.62
CA ARG A 142 8.19 20.60 18.85
C ARG A 142 9.54 20.98 19.45
N GLU A 143 10.55 20.16 19.22
CA GLU A 143 11.89 20.44 19.74
C GLU A 143 12.73 21.22 18.74
N MET A 144 12.58 20.90 17.46
CA MET A 144 13.37 21.58 16.43
C MET A 144 12.96 23.03 16.19
N LEU A 145 11.65 23.30 16.19
CA LEU A 145 11.16 24.64 15.93
C LEU A 145 11.35 25.59 17.11
N LEU A 146 12.29 26.52 16.98
CA LEU A 146 12.54 27.47 18.05
C LEU A 146 11.63 28.67 17.89
N SER A 147 11.30 29.01 16.65
CA SER A 147 10.41 30.13 16.36
C SER A 147 9.90 30.00 14.95
N CYS A 148 8.70 30.53 14.71
CA CYS A 148 8.08 30.49 13.40
C CYS A 148 7.12 31.66 13.23
N PHE A 149 7.28 32.40 12.14
CA PHE A 149 6.43 33.53 11.84
C PHE A 149 6.08 33.57 10.37
N PHE A 150 4.82 33.86 10.07
CA PHE A 150 4.38 33.99 8.68
C PHE A 150 3.60 35.28 8.63
N ARG A 151 4.06 36.22 7.81
CA ARG A 151 3.43 37.52 7.65
C ARG A 151 3.05 38.16 8.99
N GLY A 152 4.03 38.27 9.88
CA GLY A 152 3.79 38.90 11.17
C GLY A 152 3.02 38.10 12.20
N GLU A 153 2.54 36.92 11.83
CA GLU A 153 1.78 36.08 12.76
C GLU A 153 2.59 34.86 13.20
N GLN A 154 2.62 34.63 14.51
CA GLN A 154 3.35 33.50 15.06
C GLN A 154 2.71 32.17 14.70
N CYS A 155 3.53 31.22 14.28
CA CYS A 155 3.05 29.87 13.95
C CYS A 155 3.62 28.92 15.01
N SER A 156 3.01 27.76 15.16
CA SER A 156 3.48 26.81 16.16
C SER A 156 3.61 25.43 15.54
N PRO A 157 4.16 24.46 16.29
CA PRO A 157 4.32 23.10 15.78
C PRO A 157 3.06 22.55 15.12
N GLU A 158 1.91 22.98 15.62
CA GLU A 158 0.62 22.53 15.10
C GLU A 158 0.36 22.98 13.67
N ASP A 159 1.06 24.02 13.22
CA ASP A 159 0.85 24.49 11.86
C ASP A 159 1.61 23.62 10.87
N PHE A 160 2.29 22.60 11.39
CA PHE A 160 3.06 21.71 10.54
C PHE A 160 2.44 20.32 10.48
N LYS A 161 2.19 19.83 9.28
CA LYS A 161 1.61 18.52 9.07
C LYS A 161 2.72 17.48 8.97
N VAL A 162 2.58 16.37 9.68
CA VAL A 162 3.60 15.32 9.61
C VAL A 162 3.49 14.59 8.28
N VAL A 163 4.62 14.41 7.60
CA VAL A 163 4.62 13.70 6.34
C VAL A 163 5.87 12.81 6.30
N PHE A 164 5.68 11.55 5.93
CA PHE A 164 6.81 10.62 5.85
C PHE A 164 7.39 10.63 4.45
N THR A 165 8.72 10.76 4.38
CA THR A 165 9.45 10.80 3.11
C THR A 165 10.58 9.79 3.25
N ARG A 166 11.48 9.73 2.28
CA ARG A 166 12.56 8.78 2.40
C ARG A 166 13.47 9.14 3.58
N TYR A 167 13.43 10.39 4.01
CA TYR A 167 14.24 10.83 5.16
C TYR A 167 13.58 10.43 6.47
N GLY A 168 12.34 9.96 6.38
CA GLY A 168 11.64 9.57 7.58
C GLY A 168 10.55 10.56 7.95
N LYS A 169 10.51 10.96 9.21
CA LYS A 169 9.50 11.89 9.70
C LYS A 169 9.84 13.34 9.38
N CYS A 170 9.12 13.92 8.42
CA CYS A 170 9.33 15.30 8.04
C CYS A 170 8.09 16.13 8.29
N TYR A 171 8.16 17.42 8.00
CA TYR A 171 7.07 18.33 8.28
C TYR A 171 6.75 19.31 7.16
N THR A 172 5.47 19.58 6.97
CA THR A 172 5.04 20.49 5.93
C THR A 172 4.25 21.68 6.46
N PHE A 173 4.74 22.88 6.15
CA PHE A 173 4.08 24.11 6.55
C PHE A 173 3.08 24.45 5.45
N ASN A 174 1.90 24.90 5.85
CA ASN A 174 0.86 25.28 4.90
C ASN A 174 0.50 24.18 3.91
N ALA A 175 0.29 22.96 4.42
CA ALA A 175 -0.07 21.84 3.58
C ALA A 175 -1.47 22.05 2.99
N GLY A 176 -2.29 22.84 3.67
CA GLY A 176 -3.62 23.12 3.19
C GLY A 176 -4.64 22.07 3.57
N GLN A 177 -5.45 22.37 4.59
CA GLN A 177 -6.48 21.46 5.08
C GLN A 177 -7.05 21.99 6.38
N ASP A 178 -6.24 22.75 7.11
CA ASP A 178 -6.64 23.32 8.39
C ASP A 178 -7.71 24.39 8.23
N GLY A 179 -7.55 25.50 8.95
CA GLY A 179 -8.50 26.58 8.89
C GLY A 179 -8.03 27.72 8.00
N LYS A 180 -7.14 28.55 8.55
CA LYS A 180 -6.57 29.70 7.85
C LYS A 180 -6.88 29.65 6.35
N PRO A 181 -8.08 30.14 5.98
CA PRO A 181 -8.57 30.17 4.59
C PRO A 181 -7.54 30.55 3.53
N ARG A 182 -6.66 29.62 3.21
CA ARG A 182 -5.64 29.84 2.20
C ARG A 182 -4.71 31.01 2.55
N LEU A 183 -3.44 30.70 2.79
CA LEU A 183 -2.44 31.71 3.11
C LEU A 183 -2.04 32.39 1.81
N ILE A 184 -1.98 33.72 1.82
CA ILE A 184 -1.62 34.45 0.62
C ILE A 184 -0.52 35.49 0.87
N THR A 185 0.17 35.86 -0.19
CA THR A 185 1.22 36.87 -0.12
C THR A 185 0.82 38.02 -1.04
N MET A 186 1.05 39.25 -0.59
CA MET A 186 0.68 40.44 -1.36
C MET A 186 1.85 41.28 -1.87
N LYS A 187 2.93 41.33 -1.11
CA LYS A 187 4.07 42.16 -1.48
C LYS A 187 5.38 41.38 -1.54
N GLY A 188 6.38 41.96 -2.19
CA GLY A 188 7.67 41.31 -2.30
C GLY A 188 8.48 41.51 -1.04
N GLY A 189 9.33 40.55 -0.70
CA GLY A 189 10.16 40.70 0.48
C GLY A 189 9.91 39.73 1.61
N THR A 190 10.87 39.64 2.50
CA THR A 190 10.81 38.74 3.65
C THR A 190 9.58 38.93 4.52
N GLY A 191 9.11 40.16 4.62
CA GLY A 191 7.96 40.48 5.44
C GLY A 191 6.70 39.69 5.12
N ASN A 192 6.45 39.47 3.84
CA ASN A 192 5.28 38.73 3.39
C ASN A 192 5.51 37.24 3.29
N GLY A 193 6.59 36.75 3.91
CA GLY A 193 6.88 35.34 3.84
C GLY A 193 6.99 34.61 5.16
N LEU A 194 7.63 33.46 5.09
CA LEU A 194 7.82 32.61 6.25
C LEU A 194 9.21 32.72 6.82
N GLU A 195 9.33 32.74 8.14
CA GLU A 195 10.64 32.77 8.77
C GLU A 195 10.63 31.78 9.93
N ILE A 196 11.55 30.82 9.88
CA ILE A 196 11.64 29.83 10.94
C ILE A 196 13.05 29.65 11.45
N MET A 197 13.17 29.46 12.76
CA MET A 197 14.46 29.21 13.37
C MET A 197 14.38 27.77 13.85
N LEU A 198 15.36 26.97 13.47
CA LEU A 198 15.40 25.57 13.83
C LEU A 198 16.69 25.19 14.53
N ASP A 199 16.59 24.14 15.34
CA ASP A 199 17.72 23.56 16.07
C ASP A 199 17.79 22.16 15.44
N ILE A 200 18.84 21.86 14.68
CA ILE A 200 18.92 20.54 14.06
C ILE A 200 19.31 19.41 15.01
N GLN A 201 19.67 19.75 16.23
CA GLN A 201 20.01 18.77 17.26
C GLN A 201 21.08 17.73 16.91
N GLN A 202 22.29 18.18 16.61
CA GLN A 202 23.35 17.22 16.30
C GLN A 202 23.67 16.33 17.49
N ASP A 203 23.33 16.77 18.70
CA ASP A 203 23.58 15.96 19.89
C ASP A 203 22.75 14.68 19.82
N GLU A 204 21.69 14.71 19.00
CA GLU A 204 20.80 13.56 18.82
C GLU A 204 21.10 12.76 17.55
N TYR A 205 22.09 13.20 16.77
CA TYR A 205 22.43 12.50 15.54
C TYR A 205 22.96 11.09 15.83
N LEU A 206 22.51 10.14 15.02
CA LEU A 206 22.95 8.75 15.20
C LEU A 206 24.41 8.65 14.77
N PRO A 207 25.23 7.91 15.54
CA PRO A 207 26.64 7.79 15.15
C PRO A 207 26.68 7.13 13.77
N VAL A 208 27.63 7.56 12.95
CA VAL A 208 27.76 7.02 11.61
C VAL A 208 29.04 6.17 11.57
N TRP A 209 28.85 4.87 11.45
CA TRP A 209 29.96 3.91 11.42
C TRP A 209 30.12 3.25 10.06
N GLY A 210 29.26 3.62 9.12
CA GLY A 210 29.33 3.05 7.78
C GLY A 210 28.50 3.84 6.80
N GLU A 211 28.43 3.36 5.57
CA GLU A 211 27.64 4.03 4.54
C GLU A 211 26.46 3.18 4.11
N THR A 212 25.26 3.74 4.30
CA THR A 212 24.03 3.06 3.91
C THR A 212 23.07 4.14 3.43
N ASP A 213 21.95 3.72 2.82
CA ASP A 213 20.97 4.69 2.34
C ASP A 213 20.36 5.51 3.46
N GLU A 214 20.35 4.97 4.67
CA GLU A 214 19.77 5.70 5.81
C GLU A 214 20.81 6.58 6.51
N THR A 215 22.08 6.31 6.23
CA THR A 215 23.20 7.03 6.82
C THR A 215 23.48 8.38 6.11
N SER A 216 23.95 9.36 6.88
CA SER A 216 24.25 10.67 6.34
C SER A 216 25.58 11.24 6.86
N PHE A 217 26.40 11.78 5.96
CA PHE A 217 27.66 12.39 6.36
C PHE A 217 27.43 13.85 6.68
N GLU A 218 26.26 14.36 6.30
CA GLU A 218 25.94 15.76 6.46
C GLU A 218 25.04 16.15 7.64
N ALA A 219 25.09 17.43 7.98
CA ALA A 219 24.27 18.00 9.05
C ALA A 219 23.53 19.19 8.48
N GLY A 220 22.24 19.27 8.77
CA GLY A 220 21.41 20.35 8.27
C GLY A 220 20.03 19.78 7.95
N ILE A 221 19.30 20.44 7.07
CA ILE A 221 17.97 19.98 6.70
C ILE A 221 17.82 20.01 5.18
N LYS A 222 16.83 19.29 4.68
CA LYS A 222 16.54 19.29 3.25
C LYS A 222 15.17 19.96 3.20
N VAL A 223 14.96 20.82 2.20
CA VAL A 223 13.71 21.54 2.06
C VAL A 223 13.16 21.47 0.65
N GLN A 224 11.84 21.46 0.52
CA GLN A 224 11.22 21.48 -0.79
C GLN A 224 9.98 22.37 -0.76
N ILE A 225 9.95 23.34 -1.66
CA ILE A 225 8.82 24.27 -1.80
C ILE A 225 7.98 23.72 -2.94
N HIS A 226 6.70 23.46 -2.69
CA HIS A 226 5.86 22.87 -3.72
C HIS A 226 4.38 23.23 -3.55
N SER A 227 3.64 23.09 -4.64
CA SER A 227 2.21 23.34 -4.63
C SER A 227 1.55 22.37 -3.64
N GLN A 228 0.46 22.82 -3.03
CA GLN A 228 -0.26 22.00 -2.06
C GLN A 228 -0.87 20.75 -2.67
N ASP A 229 -1.10 20.76 -3.99
CA ASP A 229 -1.68 19.59 -4.63
C ASP A 229 -0.63 18.69 -5.26
N GLU A 230 0.59 18.79 -4.76
CA GLU A 230 1.70 17.98 -5.26
C GLU A 230 2.46 17.43 -4.07
N PRO A 231 2.65 16.10 -4.02
CA PRO A 231 3.40 15.56 -2.87
C PRO A 231 4.89 15.84 -3.04
N PRO A 232 5.64 15.86 -1.93
CA PRO A 232 7.08 16.13 -2.02
C PRO A 232 7.86 14.89 -2.49
N LEU A 233 9.07 15.13 -2.98
CA LEU A 233 9.99 14.08 -3.43
C LEU A 233 11.31 14.70 -3.01
N ILE A 234 11.34 15.08 -1.74
CA ILE A 234 12.45 15.81 -1.14
C ILE A 234 13.86 15.20 -1.18
N ASP A 235 13.97 13.88 -1.16
CA ASP A 235 15.29 13.25 -1.22
C ASP A 235 15.91 13.49 -2.60
N GLN A 236 15.06 13.59 -3.62
CA GLN A 236 15.52 13.82 -4.99
C GLN A 236 15.54 15.29 -5.40
N LEU A 237 14.45 16.00 -5.11
CA LEU A 237 14.29 17.38 -5.54
C LEU A 237 14.50 18.53 -4.55
N GLY A 238 14.69 18.24 -3.28
CA GLY A 238 14.85 19.32 -2.33
C GLY A 238 16.16 20.10 -2.44
N PHE A 239 16.27 21.18 -1.67
CA PHE A 239 17.49 21.95 -1.63
C PHE A 239 17.97 21.88 -0.18
N GLY A 240 19.26 22.09 0.03
CA GLY A 240 19.78 22.03 1.38
C GLY A 240 19.86 23.35 2.11
N VAL A 241 19.85 23.27 3.44
CA VAL A 241 19.97 24.46 4.27
C VAL A 241 20.94 24.05 5.38
N ALA A 242 21.99 24.83 5.55
CA ALA A 242 23.02 24.52 6.54
C ALA A 242 22.87 25.20 7.89
N PRO A 243 23.36 24.54 8.95
CA PRO A 243 23.30 25.10 10.30
C PRO A 243 24.37 26.19 10.36
N GLY A 244 24.16 27.19 11.22
CA GLY A 244 25.15 28.25 11.34
C GLY A 244 24.95 29.39 10.35
N PHE A 245 23.81 29.40 9.69
CA PHE A 245 23.50 30.45 8.73
C PHE A 245 22.03 30.81 8.73
N GLN A 246 21.74 32.02 8.30
CA GLN A 246 20.37 32.46 8.10
C GLN A 246 20.32 32.42 6.57
N THR A 247 19.43 31.60 6.02
CA THR A 247 19.33 31.47 4.58
C THR A 247 18.08 32.15 4.04
N PHE A 248 18.27 32.99 3.03
CA PHE A 248 17.18 33.72 2.39
C PHE A 248 16.84 33.03 1.07
N VAL A 249 15.57 32.71 0.88
CA VAL A 249 15.13 32.07 -0.36
C VAL A 249 14.08 32.96 -1.04
N SER A 250 14.52 33.69 -2.07
CA SER A 250 13.66 34.59 -2.82
C SER A 250 13.07 33.83 -4.00
N CYS A 251 11.74 33.73 -4.01
CA CYS A 251 11.06 32.95 -5.02
C CYS A 251 10.19 33.68 -6.02
N GLN A 252 9.85 32.94 -7.08
CA GLN A 252 8.97 33.43 -8.12
C GLN A 252 8.12 32.24 -8.57
N GLU A 253 6.80 32.38 -8.46
CA GLU A 253 5.94 31.29 -8.88
C GLU A 253 5.85 31.30 -10.40
N GLN A 254 5.97 30.13 -11.01
CA GLN A 254 5.89 30.00 -12.45
C GLN A 254 4.83 28.96 -12.78
N ARG A 255 3.73 29.41 -13.37
CA ARG A 255 2.64 28.52 -13.74
C ARG A 255 2.75 28.14 -15.22
N LEU A 256 2.94 26.85 -15.48
CA LEU A 256 3.05 26.39 -16.86
C LEU A 256 1.84 25.55 -17.25
N ILE A 257 1.26 25.87 -18.41
CA ILE A 257 0.10 25.16 -18.93
C ILE A 257 0.45 24.53 -20.27
N TYR A 258 0.08 23.27 -20.44
CA TYR A 258 0.36 22.54 -21.67
C TYR A 258 -0.92 22.05 -22.31
N LEU A 259 -0.85 21.70 -23.59
CA LEU A 259 -2.02 21.22 -24.31
C LEU A 259 -1.92 19.73 -24.60
N PRO A 260 -3.05 19.02 -24.52
CA PRO A 260 -3.06 17.59 -24.78
C PRO A 260 -3.08 17.38 -26.30
N PRO A 261 -2.91 16.15 -26.77
CA PRO A 261 -2.93 15.94 -28.23
C PRO A 261 -4.31 16.33 -28.79
N PRO A 262 -4.38 16.65 -30.09
CA PRO A 262 -3.30 16.69 -31.08
C PRO A 262 -2.36 17.89 -30.99
N TRP A 263 -2.71 18.89 -30.19
CA TRP A 263 -1.87 20.08 -30.05
C TRP A 263 -0.54 19.79 -29.36
N GLY A 264 -0.59 19.12 -28.21
CA GLY A 264 0.62 18.80 -27.49
C GLY A 264 0.69 17.36 -27.00
N ASP A 265 1.45 17.13 -25.94
CA ASP A 265 1.61 15.78 -25.40
C ASP A 265 1.44 15.68 -23.89
N CYS A 266 0.61 16.52 -23.30
CA CYS A 266 0.42 16.49 -21.85
C CYS A 266 -0.64 15.48 -21.42
N LYS A 267 -0.93 15.47 -20.12
CA LYS A 267 -1.91 14.56 -19.54
C LYS A 267 -2.50 15.18 -18.26
N ALA A 268 -3.72 14.80 -17.91
CA ALA A 268 -4.38 15.33 -16.72
C ALA A 268 -5.52 14.44 -16.25
N THR A 269 -5.27 13.67 -15.18
CA THR A 269 -6.27 12.77 -14.64
C THR A 269 -7.42 13.56 -13.99
N THR A 270 -8.53 12.88 -13.74
CA THR A 270 -9.70 13.49 -13.13
C THR A 270 -9.77 13.20 -11.63
N GLY A 271 -10.69 13.88 -10.94
CA GLY A 271 -10.86 13.71 -9.51
C GLY A 271 -10.44 12.38 -8.91
N ASP A 272 -10.95 11.28 -9.46
CA ASP A 272 -10.62 9.95 -8.97
C ASP A 272 -9.11 9.83 -8.75
N SER A 273 -8.72 9.53 -7.52
CA SER A 273 -7.30 9.41 -7.16
C SER A 273 -6.83 8.00 -6.82
N GLU A 274 -5.99 7.43 -7.67
CA GLU A 274 -5.45 6.10 -7.42
C GLU A 274 -4.69 6.16 -6.10
N PHE A 275 -4.11 7.34 -5.84
CA PHE A 275 -3.36 7.63 -4.62
C PHE A 275 -3.41 9.14 -4.40
N TYR A 276 -3.30 9.89 -5.49
CA TYR A 276 -3.32 11.35 -5.42
C TYR A 276 -4.44 11.95 -6.27
N ASP A 277 -5.06 13.01 -5.75
CA ASP A 277 -6.16 13.69 -6.43
C ASP A 277 -5.76 14.31 -7.76
N THR A 278 -4.65 15.05 -7.76
CA THR A 278 -4.17 15.73 -8.95
C THR A 278 -2.99 15.01 -9.60
N TYR A 279 -2.87 15.14 -10.92
CA TYR A 279 -1.76 14.51 -11.62
C TYR A 279 -0.57 15.45 -11.63
N SER A 280 0.61 14.91 -11.36
CA SER A 280 1.84 15.67 -11.36
C SER A 280 2.95 14.66 -11.60
N ILE A 281 4.14 15.14 -11.97
CA ILE A 281 5.24 14.21 -12.21
C ILE A 281 5.56 13.43 -10.93
N THR A 282 5.59 14.12 -9.79
CA THR A 282 5.90 13.45 -8.53
C THR A 282 4.85 12.42 -8.14
N ALA A 283 3.58 12.77 -8.29
CA ALA A 283 2.50 11.83 -7.96
C ALA A 283 2.66 10.59 -8.82
N CYS A 284 3.01 10.80 -10.08
CA CYS A 284 3.20 9.70 -11.02
C CYS A 284 4.38 8.81 -10.63
N ARG A 285 5.50 9.44 -10.27
CA ARG A 285 6.70 8.69 -9.88
C ARG A 285 6.47 7.88 -8.60
N ILE A 286 5.86 8.49 -7.59
CA ILE A 286 5.61 7.79 -6.34
C ILE A 286 4.66 6.62 -6.59
N ASP A 287 3.65 6.85 -7.42
CA ASP A 287 2.67 5.82 -7.75
C ASP A 287 3.39 4.65 -8.41
N CYS A 288 4.22 4.96 -9.39
CA CYS A 288 4.97 3.96 -10.12
C CYS A 288 6.01 3.26 -9.24
N GLU A 289 6.67 4.02 -8.36
CA GLU A 289 7.67 3.45 -7.46
C GLU A 289 7.02 2.44 -6.52
N THR A 290 5.85 2.78 -6.00
CA THR A 290 5.15 1.91 -5.07
C THR A 290 4.75 0.59 -5.71
N ARG A 291 4.18 0.65 -6.91
CA ARG A 291 3.75 -0.56 -7.61
C ARG A 291 4.96 -1.45 -7.91
N TYR A 292 6.08 -0.81 -8.25
CA TYR A 292 7.31 -1.54 -8.56
C TYR A 292 7.83 -2.28 -7.32
N LEU A 293 7.82 -1.61 -6.18
CA LEU A 293 8.30 -2.24 -4.96
C LEU A 293 7.37 -3.33 -4.46
N VAL A 294 6.07 -3.11 -4.56
CA VAL A 294 5.10 -4.11 -4.12
C VAL A 294 5.26 -5.37 -4.95
N GLU A 295 5.46 -5.20 -6.25
CA GLU A 295 5.61 -6.33 -7.16
C GLU A 295 6.94 -7.07 -7.00
N ASN A 296 8.01 -6.32 -6.74
CA ASN A 296 9.34 -6.91 -6.60
C ASN A 296 9.76 -7.26 -5.18
N CYS A 297 9.22 -6.56 -4.19
CA CYS A 297 9.61 -6.80 -2.81
C CYS A 297 8.45 -7.25 -1.92
N ASN A 298 7.24 -7.23 -2.47
CA ASN A 298 6.05 -7.62 -1.72
C ASN A 298 5.83 -6.75 -0.48
N CYS A 299 6.28 -5.51 -0.55
CA CYS A 299 6.11 -4.57 0.56
C CYS A 299 6.35 -3.16 0.07
N ARG A 300 5.94 -2.18 0.87
CA ARG A 300 6.15 -0.78 0.51
C ARG A 300 6.97 -0.12 1.60
N MET A 301 7.72 0.91 1.22
CA MET A 301 8.52 1.64 2.17
C MET A 301 7.57 2.54 2.95
N VAL A 302 7.98 2.98 4.14
CA VAL A 302 7.13 3.81 4.99
C VAL A 302 6.58 5.09 4.38
N HIS A 303 7.26 5.66 3.39
CA HIS A 303 6.79 6.91 2.79
C HIS A 303 5.86 6.70 1.61
N MET A 304 5.60 5.44 1.25
CA MET A 304 4.73 5.15 0.11
C MET A 304 3.26 4.99 0.47
N PRO A 305 2.37 5.33 -0.47
CA PRO A 305 0.91 5.22 -0.26
C PRO A 305 0.43 3.79 -0.53
N GLY A 306 -0.85 3.55 -0.26
CA GLY A 306 -1.42 2.23 -0.48
C GLY A 306 -1.65 1.48 0.81
N ASP A 307 -1.91 0.18 0.72
CA ASP A 307 -2.17 -0.62 1.90
C ASP A 307 -1.32 -1.88 2.03
N ALA A 308 -0.33 -2.02 1.15
CA ALA A 308 0.57 -3.16 1.20
C ALA A 308 1.29 -3.13 2.54
N PRO A 309 1.79 -4.28 3.01
CA PRO A 309 2.48 -4.25 4.30
C PRO A 309 3.78 -3.46 4.16
N TYR A 310 4.20 -2.79 5.25
CA TYR A 310 5.44 -2.03 5.23
C TYR A 310 6.62 -2.98 5.21
N CYS A 311 7.72 -2.57 4.59
CA CYS A 311 8.89 -3.43 4.55
C CYS A 311 9.55 -3.50 5.92
N THR A 312 10.05 -4.68 6.27
CA THR A 312 10.75 -4.88 7.53
C THR A 312 12.17 -4.39 7.28
N PRO A 313 12.99 -4.25 8.33
CA PRO A 313 14.36 -3.79 8.15
C PRO A 313 15.14 -4.71 7.20
N GLU A 314 14.86 -6.00 7.27
CA GLU A 314 15.52 -6.98 6.42
C GLU A 314 15.16 -6.73 4.96
N GLN A 315 13.87 -6.51 4.70
CA GLN A 315 13.42 -6.25 3.34
C GLN A 315 13.99 -4.92 2.83
N TYR A 316 14.17 -3.95 3.72
CA TYR A 316 14.73 -2.67 3.30
C TYR A 316 16.12 -2.91 2.74
N LYS A 317 16.94 -3.61 3.51
CA LYS A 317 18.29 -3.91 3.14
C LYS A 317 18.44 -4.84 1.94
N GLU A 318 17.64 -5.90 1.88
CA GLU A 318 17.75 -6.87 0.80
C GLU A 318 16.99 -6.56 -0.49
N CYS A 319 15.91 -5.80 -0.42
CA CYS A 319 15.12 -5.54 -1.61
C CYS A 319 14.65 -4.11 -1.86
N ALA A 320 14.01 -3.52 -0.85
CA ALA A 320 13.46 -2.17 -1.00
C ALA A 320 14.44 -1.04 -1.33
N ASP A 321 15.49 -0.86 -0.52
CA ASP A 321 16.45 0.20 -0.80
C ASP A 321 17.09 0.00 -2.17
N PRO A 322 17.61 -1.20 -2.46
CA PRO A 322 18.22 -1.39 -3.78
C PRO A 322 17.21 -1.17 -4.92
N ALA A 323 15.97 -1.53 -4.69
CA ALA A 323 14.93 -1.37 -5.72
C ALA A 323 14.62 0.10 -5.99
N LEU A 324 14.44 0.89 -4.93
CA LEU A 324 14.13 2.30 -5.12
C LEU A 324 15.35 3.01 -5.69
N ASP A 325 16.55 2.65 -5.23
CA ASP A 325 17.77 3.27 -5.74
C ASP A 325 17.87 3.04 -7.24
N PHE A 326 17.49 1.83 -7.69
CA PHE A 326 17.52 1.52 -9.12
C PHE A 326 16.63 2.48 -9.87
N LEU A 327 15.40 2.66 -9.37
CA LEU A 327 14.45 3.56 -10.00
C LEU A 327 14.88 5.02 -10.06
N VAL A 328 15.38 5.56 -8.95
CA VAL A 328 15.77 6.96 -8.93
C VAL A 328 17.17 7.24 -9.50
N GLU A 329 17.94 6.19 -9.75
CA GLU A 329 19.29 6.36 -10.27
C GLU A 329 19.54 5.81 -11.68
N LYS A 330 19.28 4.52 -11.87
CA LYS A 330 19.54 3.84 -13.14
C LYS A 330 18.40 3.68 -14.14
N ASP A 331 17.21 3.40 -13.64
CA ASP A 331 16.05 3.19 -14.50
C ASP A 331 15.83 4.20 -15.62
N ASN A 332 15.55 3.69 -16.82
CA ASN A 332 15.30 4.51 -18.00
C ASN A 332 14.02 4.06 -18.70
N GLU A 333 13.36 3.03 -18.17
CA GLU A 333 12.15 2.50 -18.81
C GLU A 333 10.95 2.14 -17.92
N TYR A 334 11.21 1.71 -16.70
CA TYR A 334 10.13 1.31 -15.80
C TYR A 334 9.20 2.40 -15.30
N CYS A 335 9.77 3.51 -14.85
CA CYS A 335 8.95 4.60 -14.33
C CYS A 335 9.23 5.94 -15.01
N VAL A 336 8.71 6.08 -16.23
CA VAL A 336 8.87 7.31 -16.99
C VAL A 336 7.48 7.93 -17.09
N CYS A 337 7.35 9.17 -16.64
CA CYS A 337 6.07 9.85 -16.63
C CYS A 337 5.81 10.82 -17.78
N GLU A 338 4.54 10.99 -18.10
CA GLU A 338 4.13 11.89 -19.17
C GLU A 338 3.92 13.29 -18.59
N MET A 339 4.17 14.30 -19.40
CA MET A 339 4.01 15.69 -18.97
C MET A 339 2.60 15.99 -18.50
N PRO A 340 2.46 16.67 -17.36
CA PRO A 340 1.11 17.00 -16.87
C PRO A 340 0.68 18.20 -17.72
N CYS A 341 -0.59 18.57 -17.68
CA CYS A 341 -1.04 19.72 -18.46
C CYS A 341 -0.96 20.99 -17.60
N ASN A 342 -0.75 20.80 -16.30
CA ASN A 342 -0.67 21.92 -15.37
C ASN A 342 0.50 21.70 -14.40
N VAL A 343 1.47 22.61 -14.42
CA VAL A 343 2.64 22.51 -13.55
C VAL A 343 2.97 23.84 -12.88
N THR A 344 3.33 23.79 -11.59
CA THR A 344 3.73 25.00 -10.89
C THR A 344 5.19 24.84 -10.46
N ARG A 345 6.05 25.71 -10.97
CA ARG A 345 7.47 25.69 -10.64
C ARG A 345 7.80 26.92 -9.81
N TYR A 346 8.73 26.77 -8.88
CA TYR A 346 9.15 27.88 -8.04
C TYR A 346 10.61 28.20 -8.27
N GLY A 347 10.87 29.30 -8.95
CA GLY A 347 12.25 29.70 -9.21
C GLY A 347 12.76 30.21 -7.87
N LYS A 348 14.03 29.93 -7.56
CA LYS A 348 14.57 30.35 -6.28
C LYS A 348 16.00 30.89 -6.36
N GLU A 349 16.26 31.94 -5.58
CA GLU A 349 17.59 32.50 -5.49
C GLU A 349 17.93 32.48 -3.99
N LEU A 350 18.95 31.71 -3.64
CA LEU A 350 19.37 31.58 -2.24
C LEU A 350 20.63 32.36 -1.89
N SER A 351 20.70 32.80 -0.65
CA SER A 351 21.86 33.55 -0.15
C SER A 351 21.90 33.31 1.35
N MET A 352 23.00 33.67 1.98
CA MET A 352 23.10 33.44 3.42
C MET A 352 24.05 34.36 4.16
N VAL A 353 23.81 34.48 5.46
CA VAL A 353 24.65 35.27 6.35
C VAL A 353 24.91 34.34 7.54
N LYS A 354 25.89 34.69 8.35
CA LYS A 354 26.23 33.82 9.48
C LYS A 354 25.44 34.04 10.76
N ILE A 355 25.16 32.94 11.46
CA ILE A 355 24.48 33.01 12.74
C ILE A 355 25.18 32.00 13.65
N PRO A 356 25.49 32.40 14.89
CA PRO A 356 25.20 33.72 15.43
C PRO A 356 26.42 34.62 15.26
N SER A 357 26.24 35.92 15.50
CA SER A 357 27.34 36.85 15.45
C SER A 357 27.99 36.68 16.81
N LYS A 358 29.22 37.17 16.97
CA LYS A 358 29.91 37.07 18.25
C LYS A 358 29.09 37.79 19.32
N ALA A 359 28.43 38.87 18.91
CA ALA A 359 27.64 39.70 19.82
C ALA A 359 26.29 39.11 20.26
N SER A 360 25.82 38.08 19.57
CA SER A 360 24.53 37.48 19.93
C SER A 360 24.62 36.04 20.42
N ALA A 361 25.79 35.42 20.27
CA ALA A 361 26.01 34.04 20.70
C ALA A 361 25.61 33.79 22.16
N LYS A 362 26.03 34.69 23.05
CA LYS A 362 25.71 34.53 24.47
C LYS A 362 24.22 34.59 24.75
N TYR A 363 23.54 35.52 24.08
CA TYR A 363 22.11 35.67 24.27
C TYR A 363 21.36 34.43 23.83
N LEU A 364 21.73 33.87 22.68
CA LEU A 364 21.07 32.68 22.16
C LEU A 364 21.39 31.44 22.98
N ALA A 365 22.63 31.33 23.44
CA ALA A 365 23.05 30.19 24.24
C ALA A 365 22.20 30.12 25.52
N LYS A 366 22.07 31.25 26.22
CA LYS A 366 21.28 31.30 27.43
C LYS A 366 19.80 31.07 27.18
N LYS A 367 19.27 31.71 26.15
CA LYS A 367 17.85 31.58 25.82
C LYS A 367 17.42 30.13 25.59
N TYR A 368 18.28 29.34 24.95
CA TYR A 368 17.94 27.95 24.67
C TYR A 368 18.71 26.95 25.52
N ASN A 369 19.41 27.45 26.51
CA ASN A 369 20.17 26.61 27.43
C ASN A 369 21.18 25.71 26.73
N LYS A 370 22.00 26.32 25.88
CA LYS A 370 23.02 25.59 25.15
C LYS A 370 24.34 26.34 25.22
N SER A 371 25.42 25.68 24.87
CA SER A 371 26.72 26.34 24.89
C SER A 371 26.81 27.19 23.62
N GLU A 372 27.68 28.19 23.62
CA GLU A 372 27.83 29.05 22.45
C GLU A 372 28.28 28.22 21.25
N GLN A 373 29.17 27.27 21.48
CA GLN A 373 29.64 26.42 20.40
C GLN A 373 28.47 25.64 19.79
N TYR A 374 27.57 25.18 20.64
CA TYR A 374 26.42 24.42 20.18
C TYR A 374 25.55 25.26 19.24
N ILE A 375 25.26 26.49 19.64
CA ILE A 375 24.44 27.37 18.82
C ILE A 375 25.01 27.47 17.41
N GLY A 376 26.31 27.72 17.31
CA GLY A 376 26.94 27.85 16.01
C GLY A 376 26.93 26.60 15.13
N GLU A 377 26.72 25.43 15.72
CA GLU A 377 26.71 24.19 14.94
C GLU A 377 25.32 23.59 14.74
N ASN A 378 24.31 24.19 15.38
CA ASN A 378 22.95 23.64 15.30
C ASN A 378 21.83 24.56 14.89
N ILE A 379 22.00 25.86 15.12
CA ILE A 379 20.96 26.83 14.81
C ILE A 379 20.98 27.29 13.36
N LEU A 380 19.79 27.43 12.78
CA LEU A 380 19.67 27.94 11.42
C LEU A 380 18.36 28.72 11.32
N VAL A 381 18.37 29.76 10.49
CA VAL A 381 17.18 30.55 10.29
C VAL A 381 16.91 30.45 8.80
N LEU A 382 15.65 30.24 8.45
CA LEU A 382 15.27 30.12 7.05
C LEU A 382 14.15 31.06 6.71
N ASP A 383 14.36 31.88 5.69
CA ASP A 383 13.35 32.82 5.22
C ASP A 383 12.94 32.44 3.80
N ILE A 384 11.64 32.18 3.60
CA ILE A 384 11.14 31.84 2.29
C ILE A 384 10.06 32.87 1.95
N PHE A 385 10.31 33.63 0.89
CA PHE A 385 9.41 34.69 0.46
C PHE A 385 9.48 34.88 -1.05
N PHE A 386 8.68 35.81 -1.58
CA PHE A 386 8.67 36.08 -3.01
C PHE A 386 9.21 37.46 -3.35
N GLU A 387 9.80 37.58 -4.54
CA GLU A 387 10.31 38.87 -4.98
C GLU A 387 9.12 39.66 -5.53
N ALA A 388 9.31 40.93 -5.86
CA ALA A 388 8.22 41.77 -6.39
C ALA A 388 7.50 41.14 -7.59
N LEU A 389 8.25 40.74 -8.61
CA LEU A 389 7.65 40.09 -9.77
C LEU A 389 7.55 38.62 -9.37
N ASN A 390 6.54 38.33 -8.56
CA ASN A 390 6.31 37.00 -8.02
C ASN A 390 5.58 35.99 -8.88
N TYR A 391 5.13 36.39 -10.07
CA TYR A 391 4.35 35.47 -10.87
C TYR A 391 4.63 35.48 -12.37
N GLU A 392 4.98 34.31 -12.90
CA GLU A 392 5.27 34.18 -14.31
C GLU A 392 4.38 33.09 -14.89
N THR A 393 3.85 33.32 -16.09
CA THR A 393 2.99 32.35 -16.75
C THR A 393 3.57 31.97 -18.11
N ILE A 394 3.56 30.68 -18.39
CA ILE A 394 4.04 30.16 -19.66
C ILE A 394 2.96 29.15 -20.06
N GLU A 395 2.08 29.58 -20.95
CA GLU A 395 0.97 28.74 -21.38
C GLU A 395 0.87 28.46 -22.87
N GLN A 396 0.78 27.19 -23.21
CA GLN A 396 0.63 26.79 -24.60
C GLN A 396 -0.84 27.08 -24.96
N LYS A 397 -1.05 27.82 -26.04
CA LYS A 397 -2.40 28.18 -26.48
C LYS A 397 -2.65 27.67 -27.90
N LYS A 398 -3.90 27.37 -28.20
CA LYS A 398 -4.26 26.89 -29.54
C LYS A 398 -4.15 28.09 -30.47
N ALA A 399 -3.29 27.98 -31.47
CA ALA A 399 -3.06 29.07 -32.42
C ALA A 399 -4.16 29.29 -33.47
N TYR A 400 -4.85 28.22 -33.85
CA TYR A 400 -5.91 28.34 -34.85
C TYR A 400 -7.16 27.59 -34.42
N GLU A 401 -8.07 28.30 -33.76
CA GLU A 401 -9.31 27.68 -33.30
C GLU A 401 -10.43 27.78 -34.33
N VAL A 402 -11.58 27.22 -33.99
CA VAL A 402 -12.74 27.22 -34.88
C VAL A 402 -13.13 28.64 -35.28
N ALA A 403 -13.23 29.52 -34.28
CA ALA A 403 -13.59 30.91 -34.53
C ALA A 403 -12.63 31.54 -35.52
N GLY A 404 -11.37 31.10 -35.47
CA GLY A 404 -10.36 31.62 -36.38
C GLY A 404 -10.54 31.05 -37.78
N LEU A 405 -10.98 29.81 -37.86
CA LEU A 405 -11.19 29.15 -39.15
C LEU A 405 -12.40 29.77 -39.84
N LEU A 406 -13.52 29.81 -39.14
CA LEU A 406 -14.75 30.38 -39.70
C LEU A 406 -14.53 31.82 -40.14
N GLY A 407 -13.75 32.56 -39.35
CA GLY A 407 -13.48 33.94 -39.68
C GLY A 407 -12.66 34.05 -40.96
N ASP A 408 -11.72 33.13 -41.13
CA ASP A 408 -10.86 33.11 -42.30
C ASP A 408 -11.58 32.71 -43.59
N ILE A 409 -12.71 32.01 -43.44
CA ILE A 409 -13.47 31.59 -44.61
C ILE A 409 -14.71 32.46 -44.77
N GLY A 410 -15.19 33.01 -43.65
CA GLY A 410 -16.37 33.85 -43.68
C GLY A 410 -16.32 34.94 -44.73
N GLY A 411 -15.18 35.62 -44.80
CA GLY A 411 -15.02 36.68 -45.79
C GLY A 411 -15.33 36.20 -47.19
N GLN A 412 -14.62 35.18 -47.65
CA GLN A 412 -14.82 34.64 -48.99
C GLN A 412 -16.20 33.98 -49.13
N MET A 413 -16.66 33.37 -48.06
CA MET A 413 -17.97 32.71 -48.08
C MET A 413 -19.07 33.74 -48.32
N GLY A 414 -18.87 34.94 -47.78
CA GLY A 414 -19.84 36.00 -47.96
C GLY A 414 -20.02 36.35 -49.42
N LEU A 415 -18.90 36.61 -50.10
CA LEU A 415 -18.93 36.97 -51.52
C LEU A 415 -19.68 35.91 -52.33
N PHE A 416 -19.56 34.65 -51.93
CA PHE A 416 -20.23 33.57 -52.63
C PHE A 416 -21.73 33.61 -52.36
N ILE A 417 -22.11 33.80 -51.10
CA ILE A 417 -23.52 33.87 -50.75
C ILE A 417 -24.13 35.06 -51.48
N GLY A 418 -23.34 36.12 -51.61
CA GLY A 418 -23.80 37.31 -52.30
C GLY A 418 -24.10 37.04 -53.76
N ALA A 419 -23.21 36.33 -54.43
CA ALA A 419 -23.38 36.00 -55.84
C ALA A 419 -24.64 35.16 -56.01
N SER A 420 -24.86 34.23 -55.09
CA SER A 420 -26.03 33.37 -55.12
C SER A 420 -27.28 34.22 -54.91
N ILE A 421 -27.18 35.18 -53.99
CA ILE A 421 -28.29 36.07 -53.69
C ILE A 421 -28.64 36.89 -54.93
N LEU A 422 -27.64 37.52 -55.53
CA LEU A 422 -27.86 38.33 -56.72
C LEU A 422 -28.44 37.46 -57.83
N THR A 423 -28.22 36.15 -57.72
CA THR A 423 -28.73 35.21 -58.71
C THR A 423 -30.22 34.99 -58.46
N VAL A 424 -30.63 35.17 -57.21
CA VAL A 424 -32.03 35.01 -56.82
C VAL A 424 -32.84 36.23 -57.25
N LEU A 425 -32.30 37.42 -56.98
CA LEU A 425 -32.98 38.66 -57.35
C LEU A 425 -32.91 38.87 -58.86
N GLU A 426 -32.32 37.91 -59.57
CA GLU A 426 -32.20 38.00 -61.02
C GLU A 426 -33.09 36.99 -61.72
N LEU A 427 -33.54 35.98 -60.97
CA LEU A 427 -34.40 34.94 -61.52
C LEU A 427 -35.73 34.84 -60.79
N PHE A 428 -35.96 35.74 -59.84
CA PHE A 428 -37.19 35.73 -59.07
C PHE A 428 -38.43 35.74 -59.96
N ASP A 429 -38.44 36.64 -60.93
CA ASP A 429 -39.56 36.77 -61.86
C ASP A 429 -39.68 35.56 -62.79
N TYR A 430 -38.60 35.28 -63.52
CA TYR A 430 -38.59 34.16 -64.45
C TYR A 430 -39.02 32.87 -63.73
N ALA A 431 -38.47 32.65 -62.55
CA ALA A 431 -38.80 31.47 -61.77
C ALA A 431 -40.28 31.48 -61.40
N TYR A 432 -40.77 32.62 -60.96
CA TYR A 432 -42.18 32.77 -60.59
C TYR A 432 -43.02 32.63 -61.86
N GLU A 433 -42.38 32.85 -63.00
CA GLU A 433 -43.05 32.73 -64.30
C GLU A 433 -44.25 33.66 -64.42
N LEU B 17 -46.96 38.10 -49.06
CA LEU B 17 -46.34 38.54 -50.34
C LEU B 17 -45.03 37.78 -50.56
N LYS B 18 -44.83 37.26 -51.76
CA LYS B 18 -43.62 36.51 -52.07
C LYS B 18 -42.46 37.50 -52.21
N ARG B 19 -42.61 38.64 -51.55
CA ARG B 19 -41.64 39.71 -51.56
C ARG B 19 -40.64 39.47 -50.42
N VAL B 20 -40.97 38.50 -49.57
CA VAL B 20 -40.12 38.14 -48.44
C VAL B 20 -38.83 37.51 -48.96
N VAL B 21 -38.95 36.70 -50.01
CA VAL B 21 -37.80 36.04 -50.62
C VAL B 21 -37.01 37.10 -51.39
N TRP B 22 -37.13 38.34 -50.91
CA TRP B 22 -36.45 39.48 -51.51
C TRP B 22 -35.99 40.36 -50.35
N ALA B 23 -36.75 40.34 -49.27
CA ALA B 23 -36.44 41.12 -48.09
C ALA B 23 -35.41 40.36 -47.25
N LEU B 24 -35.40 39.05 -47.42
CA LEU B 24 -34.47 38.20 -46.68
C LEU B 24 -33.07 38.28 -47.28
N CYS B 25 -33.01 38.50 -48.59
CA CYS B 25 -31.73 38.60 -49.28
C CYS B 25 -30.92 39.80 -48.78
N PHE B 26 -31.59 40.94 -48.60
CA PHE B 26 -30.92 42.14 -48.10
C PHE B 26 -30.55 41.99 -46.64
N MET B 27 -31.46 41.40 -45.86
CA MET B 27 -31.20 41.21 -44.43
C MET B 27 -30.11 40.16 -44.26
N GLY B 28 -30.27 39.03 -44.94
CA GLY B 28 -29.28 37.98 -44.84
C GLY B 28 -27.92 38.51 -45.31
N SER B 29 -27.95 39.32 -46.37
CA SER B 29 -26.74 39.89 -46.91
C SER B 29 -26.02 40.75 -45.86
N LEU B 30 -26.75 41.66 -45.25
CA LEU B 30 -26.19 42.52 -44.22
C LEU B 30 -25.88 41.73 -42.95
N ALA B 31 -26.46 40.54 -42.86
CA ALA B 31 -26.25 39.68 -41.70
C ALA B 31 -24.82 39.13 -41.72
N LEU B 32 -24.47 38.44 -42.80
CA LEU B 32 -23.15 37.87 -42.96
C LEU B 32 -22.07 38.92 -42.77
N LEU B 33 -22.11 39.98 -43.58
CA LEU B 33 -21.13 41.06 -43.50
C LEU B 33 -21.01 41.58 -42.08
N ALA B 34 -22.16 41.80 -41.43
CA ALA B 34 -22.17 42.31 -40.06
C ALA B 34 -21.47 41.31 -39.14
N LEU B 35 -21.70 40.03 -39.39
CA LEU B 35 -21.10 38.96 -38.60
C LEU B 35 -19.58 38.95 -38.78
N VAL B 36 -19.14 38.98 -40.03
CA VAL B 36 -17.71 38.96 -40.34
C VAL B 36 -16.97 40.15 -39.74
N CYS B 37 -17.63 41.32 -39.71
CA CYS B 37 -17.02 42.51 -39.16
C CYS B 37 -16.99 42.50 -37.63
N THR B 38 -18.11 42.11 -37.02
CA THR B 38 -18.21 42.08 -35.57
C THR B 38 -17.17 41.14 -34.96
N ASN B 39 -16.88 40.05 -35.67
CA ASN B 39 -15.89 39.09 -35.20
C ASN B 39 -14.57 39.75 -34.87
N ARG B 40 -13.95 40.37 -35.87
CA ARG B 40 -12.67 41.03 -35.66
C ARG B 40 -12.76 42.34 -34.88
N ILE B 41 -13.89 43.02 -34.95
CA ILE B 41 -14.05 44.28 -34.22
C ILE B 41 -14.15 44.00 -32.74
N GLN B 42 -14.86 42.95 -32.37
CA GLN B 42 -15.04 42.59 -30.97
C GLN B 42 -13.69 42.14 -30.41
N TYR B 43 -12.88 41.50 -31.25
CA TYR B 43 -11.56 41.03 -30.84
C TYR B 43 -10.71 42.28 -30.58
N TYR B 44 -10.69 43.18 -31.55
CA TYR B 44 -9.93 44.42 -31.43
C TYR B 44 -10.20 45.12 -30.11
N PHE B 45 -11.47 45.13 -29.70
CA PHE B 45 -11.85 45.80 -28.45
C PHE B 45 -11.50 45.03 -27.18
N LEU B 46 -10.83 43.89 -27.33
CA LEU B 46 -10.40 43.13 -26.17
C LEU B 46 -8.98 43.62 -25.90
N TYR B 47 -8.44 44.35 -26.88
CA TYR B 47 -7.10 44.90 -26.81
C TYR B 47 -6.09 43.82 -26.41
N PRO B 48 -5.95 42.78 -27.24
CA PRO B 48 -5.02 41.69 -26.96
C PRO B 48 -3.58 42.13 -27.08
N HIS B 49 -2.68 41.40 -26.45
CA HIS B 49 -1.27 41.73 -26.52
C HIS B 49 -0.46 40.48 -26.76
N VAL B 50 0.78 40.67 -27.17
CA VAL B 50 1.69 39.57 -27.41
C VAL B 50 2.93 39.95 -26.60
N THR B 51 3.59 38.96 -25.99
CA THR B 51 4.78 39.25 -25.22
C THR B 51 5.99 38.70 -25.97
N LYS B 52 6.87 39.61 -26.39
CA LYS B 52 8.06 39.24 -27.15
C LYS B 52 9.26 39.00 -26.25
N LEU B 53 9.92 37.88 -26.48
CA LEU B 53 11.08 37.48 -25.70
C LEU B 53 12.35 37.35 -26.51
N ASP B 54 13.47 37.73 -25.90
CA ASP B 54 14.78 37.60 -26.50
C ASP B 54 15.84 37.61 -25.41
N GLU B 55 16.87 36.79 -25.61
CA GLU B 55 17.95 36.66 -24.66
C GLU B 55 19.24 36.72 -25.46
N VAL B 56 20.02 37.77 -25.25
CA VAL B 56 21.26 37.94 -26.00
C VAL B 56 22.42 38.48 -25.15
N ALA B 57 23.57 38.60 -25.81
CA ALA B 57 24.77 39.14 -25.19
C ALA B 57 24.91 40.57 -25.69
N ALA B 58 24.33 41.52 -24.97
CA ALA B 58 24.39 42.92 -25.38
C ALA B 58 25.77 43.50 -25.15
N THR B 59 26.12 44.52 -25.92
CA THR B 59 27.41 45.17 -25.76
C THR B 59 27.20 46.49 -25.01
N ARG B 60 28.22 46.91 -24.27
CA ARG B 60 28.13 48.14 -23.51
C ARG B 60 26.90 48.20 -22.61
N LEU B 61 26.67 47.12 -21.88
CA LEU B 61 25.54 47.04 -20.96
C LEU B 61 25.82 47.94 -19.76
N THR B 62 24.81 48.70 -19.35
CA THR B 62 24.94 49.61 -18.21
C THR B 62 25.04 48.85 -16.89
N PHE B 63 26.16 48.96 -16.18
CA PHE B 63 26.31 48.26 -14.90
C PHE B 63 25.31 48.85 -13.89
N PRO B 64 24.66 48.00 -13.10
CA PRO B 64 23.70 48.50 -12.12
C PRO B 64 24.31 49.16 -10.89
N ALA B 65 23.45 49.61 -9.99
CA ALA B 65 23.88 50.20 -8.74
C ALA B 65 23.91 49.02 -7.78
N VAL B 66 24.82 49.04 -6.81
CA VAL B 66 24.92 47.95 -5.85
C VAL B 66 24.94 48.55 -4.45
N THR B 67 23.88 48.30 -3.69
CA THR B 67 23.78 48.82 -2.34
C THR B 67 24.04 47.73 -1.31
N PHE B 68 24.78 48.07 -0.25
CA PHE B 68 25.03 47.09 0.80
C PHE B 68 25.01 47.74 2.17
N CYS B 69 24.64 46.94 3.17
CA CYS B 69 24.56 47.38 4.55
C CYS B 69 25.19 46.35 5.47
N ASN B 70 25.77 46.82 6.56
CA ASN B 70 26.32 45.90 7.52
C ASN B 70 25.07 45.49 8.31
N LEU B 71 25.00 44.24 8.76
CA LEU B 71 23.84 43.80 9.53
C LEU B 71 23.80 44.47 10.91
N ASN B 72 24.95 44.97 11.37
CA ASN B 72 25.01 45.65 12.65
C ASN B 72 24.78 47.13 12.35
N GLU B 73 23.81 47.74 13.04
CA GLU B 73 23.46 49.13 12.78
C GLU B 73 24.32 50.21 13.46
N PHE B 74 24.85 49.92 14.64
CA PHE B 74 25.65 50.91 15.36
C PHE B 74 26.94 50.36 15.93
N ARG B 75 28.04 51.09 15.73
CA ARG B 75 29.34 50.69 16.23
C ARG B 75 29.41 50.93 17.74
N PHE B 76 29.76 49.88 18.46
CA PHE B 76 29.88 49.93 19.90
C PHE B 76 30.72 51.14 20.38
N SER B 77 31.89 51.32 19.76
CA SER B 77 32.79 52.41 20.13
C SER B 77 32.25 53.81 19.88
N ARG B 78 31.19 53.93 19.09
CA ARG B 78 30.64 55.25 18.80
C ARG B 78 29.40 55.60 19.63
N VAL B 79 28.96 54.67 20.47
CA VAL B 79 27.79 54.93 21.30
C VAL B 79 28.21 55.77 22.51
N THR B 80 27.53 56.89 22.71
CA THR B 80 27.84 57.78 23.82
C THR B 80 26.83 57.58 24.95
N LYS B 81 27.13 58.16 26.11
CA LYS B 81 26.24 58.06 27.26
C LYS B 81 24.86 58.59 26.85
N ASN B 82 24.83 59.70 26.14
CA ASN B 82 23.57 60.31 25.72
C ASN B 82 22.83 59.45 24.68
N ASP B 83 23.58 58.76 23.81
CA ASP B 83 22.93 57.90 22.81
C ASP B 83 22.27 56.76 23.57
N LEU B 84 23.00 56.22 24.54
CA LEU B 84 22.53 55.10 25.36
C LEU B 84 21.26 55.48 26.12
N TYR B 85 21.24 56.69 26.65
CA TYR B 85 20.08 57.16 27.39
C TYR B 85 18.82 57.22 26.54
N HIS B 86 18.95 57.75 25.32
CA HIS B 86 17.82 57.86 24.43
C HIS B 86 17.47 56.61 23.61
N ALA B 87 18.48 55.88 23.15
CA ALA B 87 18.22 54.72 22.31
C ALA B 87 18.44 53.37 22.99
N GLY B 88 18.98 53.39 24.21
CA GLY B 88 19.26 52.17 24.93
C GLY B 88 18.15 51.13 24.93
N GLU B 89 16.95 51.53 25.35
CA GLU B 89 15.82 50.60 25.39
C GLU B 89 15.47 50.08 24.00
N LEU B 90 15.54 50.95 23.00
CA LEU B 90 15.24 50.56 21.62
C LEU B 90 16.22 49.48 21.18
N LEU B 91 17.46 49.60 21.65
CA LEU B 91 18.51 48.64 21.29
C LEU B 91 18.56 47.43 22.23
N ALA B 92 17.67 47.41 23.22
CA ALA B 92 17.59 46.33 24.21
C ALA B 92 18.79 46.30 25.14
N LEU B 93 19.54 47.40 25.18
CA LEU B 93 20.70 47.49 26.06
C LEU B 93 20.26 47.93 27.45
N LEU B 94 19.10 48.56 27.54
CA LEU B 94 18.56 49.00 28.82
C LEU B 94 17.11 48.58 28.95
N ASN B 95 16.63 48.42 30.18
CA ASN B 95 15.24 48.06 30.42
C ASN B 95 14.45 49.37 30.44
N ASN B 96 13.13 49.29 30.63
CA ASN B 96 12.31 50.50 30.64
C ASN B 96 12.58 51.42 31.83
N ARG B 97 13.63 51.12 32.60
CA ARG B 97 13.97 51.93 33.75
C ARG B 97 15.37 52.56 33.58
N TYR B 98 15.88 52.51 32.34
CA TYR B 98 17.19 53.09 32.03
C TYR B 98 18.32 52.37 32.77
N GLU B 99 18.18 51.07 32.96
CA GLU B 99 19.20 50.29 33.65
C GLU B 99 19.62 49.08 32.83
N ILE B 100 20.82 48.56 33.11
CA ILE B 100 21.34 47.39 32.42
C ILE B 100 20.97 46.15 33.22
N PRO B 101 20.21 45.22 32.61
CA PRO B 101 19.78 43.98 33.25
C PRO B 101 20.93 43.20 33.88
N ASP B 102 20.59 42.09 34.54
CA ASP B 102 21.58 41.24 35.21
C ASP B 102 22.90 41.24 34.46
N THR B 103 23.94 41.73 35.13
CA THR B 103 25.29 41.81 34.56
C THR B 103 25.64 40.59 33.71
N GLN B 104 25.32 39.41 34.23
CA GLN B 104 25.61 38.17 33.52
C GLN B 104 24.84 38.13 32.21
N THR B 105 25.37 38.80 31.19
CA THR B 105 24.73 38.85 29.88
C THR B 105 25.73 38.85 28.74
N ALA B 106 26.71 39.76 28.79
CA ALA B 106 27.71 39.86 27.74
C ALA B 106 29.14 39.82 28.27
N ASP B 107 30.08 40.19 27.41
CA ASP B 107 31.49 40.23 27.75
C ASP B 107 31.71 41.26 28.85
N GLU B 108 32.41 40.86 29.91
CA GLU B 108 32.67 41.79 31.01
C GLU B 108 33.46 42.99 30.52
N LYS B 109 34.25 42.77 29.48
CA LYS B 109 35.06 43.83 28.90
C LYS B 109 34.12 44.92 28.38
N GLN B 110 33.06 44.49 27.70
CA GLN B 110 32.08 45.43 27.16
C GLN B 110 31.08 45.82 28.23
N LEU B 111 30.81 44.91 29.15
CA LEU B 111 29.87 45.17 30.22
C LEU B 111 30.35 46.33 31.07
N GLU B 112 31.63 46.31 31.42
CA GLU B 112 32.21 47.38 32.23
C GLU B 112 32.05 48.72 31.53
N ILE B 113 32.59 48.84 30.33
CA ILE B 113 32.49 50.09 29.57
C ILE B 113 31.03 50.49 29.41
N LEU B 114 30.16 49.51 29.29
CA LEU B 114 28.74 49.79 29.10
C LEU B 114 28.09 50.22 30.42
N GLN B 115 28.57 49.69 31.54
CA GLN B 115 28.04 50.06 32.84
C GLN B 115 28.46 51.49 33.18
N ASP B 116 29.68 51.83 32.81
CA ASP B 116 30.21 53.17 33.04
C ASP B 116 29.44 54.15 32.15
N LYS B 117 29.23 53.75 30.91
CA LYS B 117 28.52 54.56 29.94
C LYS B 117 27.03 54.67 30.28
N ALA B 118 26.54 53.74 31.09
CA ALA B 118 25.14 53.73 31.48
C ALA B 118 24.91 54.47 32.80
N ASN B 119 25.99 54.82 33.49
CA ASN B 119 25.87 55.53 34.75
C ASN B 119 25.26 56.91 34.51
N PHE B 120 23.99 57.05 34.85
CA PHE B 120 23.29 58.31 34.64
C PHE B 120 23.10 59.14 35.90
N ARG B 121 23.98 58.98 36.89
CA ARG B 121 23.85 59.74 38.14
C ARG B 121 23.77 61.24 37.88
N ASN B 122 22.61 61.82 38.15
CA ASN B 122 22.36 63.24 37.97
C ASN B 122 22.76 63.69 36.56
N PHE B 123 22.60 62.79 35.60
CA PHE B 123 22.94 63.07 34.21
C PHE B 123 21.82 63.89 33.59
N LYS B 124 22.17 64.87 32.78
CA LYS B 124 21.15 65.68 32.13
C LYS B 124 21.10 65.36 30.64
N PRO B 125 20.00 64.73 30.18
CA PRO B 125 19.86 64.38 28.77
C PRO B 125 20.03 65.57 27.84
N LYS B 126 20.78 65.37 26.76
CA LYS B 126 21.00 66.42 25.76
C LYS B 126 20.14 66.05 24.55
N PRO B 127 19.81 67.03 23.69
CA PRO B 127 18.98 66.67 22.53
C PRO B 127 19.58 65.51 21.73
N PHE B 128 18.69 64.70 21.19
CA PHE B 128 19.08 63.51 20.43
C PHE B 128 18.33 63.44 19.11
N ASN B 129 19.01 62.96 18.07
CA ASN B 129 18.40 62.84 16.75
C ASN B 129 18.85 61.49 16.17
N MET B 130 17.90 60.67 15.75
CA MET B 130 18.21 59.35 15.18
C MET B 130 19.02 59.40 13.90
N LEU B 131 18.77 60.39 13.04
CA LEU B 131 19.51 60.51 11.79
C LEU B 131 20.97 60.74 12.10
N GLU B 132 21.22 61.68 12.99
CA GLU B 132 22.57 62.02 13.40
C GLU B 132 23.25 60.81 14.04
N PHE B 133 22.51 60.08 14.86
CA PHE B 133 23.04 58.89 15.52
C PHE B 133 23.47 57.83 14.49
N TYR B 134 22.63 57.57 13.50
CA TYR B 134 22.94 56.58 12.46
C TYR B 134 24.15 57.04 11.64
N ASP B 135 24.16 58.32 11.30
CA ASP B 135 25.25 58.88 10.50
C ASP B 135 26.59 58.83 11.23
N ARG B 136 26.58 59.11 12.52
CA ARG B 136 27.79 59.10 13.33
C ARG B 136 28.21 57.71 13.81
N ALA B 137 27.25 56.89 14.23
CA ALA B 137 27.56 55.57 14.75
C ALA B 137 27.55 54.43 13.73
N GLY B 138 26.87 54.61 12.61
CA GLY B 138 26.84 53.56 11.60
C GLY B 138 28.25 53.22 11.12
N HIS B 139 28.42 52.00 10.60
CA HIS B 139 29.74 51.58 10.10
C HIS B 139 30.23 52.52 9.01
N ASP B 140 31.54 52.75 8.99
CA ASP B 140 32.16 53.65 8.03
C ASP B 140 32.76 52.91 6.84
N ILE B 141 32.35 53.27 5.63
CA ILE B 141 32.87 52.63 4.43
C ILE B 141 34.41 52.71 4.38
N ARG B 142 34.98 53.78 4.93
CA ARG B 142 36.43 53.94 4.92
C ARG B 142 37.12 52.84 5.73
N GLU B 143 36.41 52.29 6.70
CA GLU B 143 36.99 51.22 7.51
C GLU B 143 36.63 49.83 6.98
N MET B 144 35.39 49.68 6.52
CA MET B 144 34.94 48.39 6.02
C MET B 144 35.59 48.01 4.69
N LEU B 145 35.83 48.98 3.82
CA LEU B 145 36.39 48.70 2.51
C LEU B 145 37.90 48.46 2.51
N LEU B 146 38.30 47.20 2.36
CA LEU B 146 39.72 46.85 2.33
C LEU B 146 40.25 46.99 0.90
N SER B 147 39.44 46.64 -0.08
CA SER B 147 39.85 46.78 -1.48
C SER B 147 38.62 46.79 -2.37
N CYS B 148 38.73 47.48 -3.50
CA CYS B 148 37.62 47.61 -4.44
C CYS B 148 38.18 47.77 -5.84
N PHE B 149 37.74 46.92 -6.74
CA PHE B 149 38.18 46.99 -8.12
C PHE B 149 37.00 46.79 -9.06
N PHE B 150 36.89 47.65 -10.06
CA PHE B 150 35.84 47.49 -11.06
C PHE B 150 36.53 47.44 -12.42
N ARG B 151 36.35 46.32 -13.11
CA ARG B 151 36.98 46.11 -14.41
C ARG B 151 38.47 46.49 -14.41
N GLY B 152 39.21 45.95 -13.45
CA GLY B 152 40.64 46.21 -13.38
C GLY B 152 41.08 47.56 -12.85
N GLU B 153 40.14 48.44 -12.53
CA GLU B 153 40.49 49.75 -12.01
C GLU B 153 40.08 49.89 -10.55
N GLN B 154 40.99 50.40 -9.74
CA GLN B 154 40.74 50.56 -8.32
C GLN B 154 39.68 51.61 -8.00
N CYS B 155 38.75 51.25 -7.13
CA CYS B 155 37.72 52.20 -6.68
C CYS B 155 38.09 52.50 -5.24
N SER B 156 37.41 53.46 -4.63
CA SER B 156 37.73 53.83 -3.26
C SER B 156 36.45 54.21 -2.53
N PRO B 157 36.55 54.58 -1.25
CA PRO B 157 35.34 54.95 -0.51
C PRO B 157 34.54 56.04 -1.22
N GLU B 158 35.25 56.99 -1.84
CA GLU B 158 34.59 58.08 -2.54
C GLU B 158 33.70 57.60 -3.69
N ASP B 159 33.82 56.34 -4.06
CA ASP B 159 33.01 55.76 -5.12
C ASP B 159 31.67 55.26 -4.61
N PHE B 160 31.49 55.32 -3.29
CA PHE B 160 30.25 54.85 -2.69
C PHE B 160 29.43 56.02 -2.16
N LYS B 161 28.15 56.02 -2.48
CA LYS B 161 27.25 57.06 -2.03
C LYS B 161 26.52 56.60 -0.76
N VAL B 162 26.44 57.47 0.24
CA VAL B 162 25.74 57.14 1.47
C VAL B 162 24.25 57.12 1.21
N VAL B 163 23.56 56.09 1.69
CA VAL B 163 22.11 56.00 1.54
C VAL B 163 21.54 55.36 2.80
N PHE B 164 20.61 56.06 3.46
CA PHE B 164 20.01 55.54 4.68
C PHE B 164 18.85 54.61 4.36
N THR B 165 18.85 53.45 5.00
CA THR B 165 17.80 52.46 4.81
C THR B 165 17.36 52.02 6.20
N ARG B 166 16.54 50.98 6.28
CA ARG B 166 16.10 50.55 7.60
C ARG B 166 17.26 49.96 8.41
N TYR B 167 18.32 49.54 7.72
CA TYR B 167 19.51 49.01 8.38
C TYR B 167 20.35 50.16 8.88
N GLY B 168 19.96 51.37 8.51
CA GLY B 168 20.71 52.53 8.94
C GLY B 168 21.58 53.08 7.81
N LYS B 169 22.85 53.36 8.13
CA LYS B 169 23.79 53.92 7.17
C LYS B 169 24.37 52.89 6.22
N CYS B 170 23.93 52.91 4.97
CA CYS B 170 24.44 51.97 3.98
C CYS B 170 25.14 52.69 2.83
N TYR B 171 25.69 51.90 1.91
CA TYR B 171 26.43 52.46 0.81
C TYR B 171 26.09 51.87 -0.55
N THR B 172 26.07 52.73 -1.56
CA THR B 172 25.74 52.33 -2.90
C THR B 172 26.89 52.60 -3.86
N PHE B 173 27.34 51.54 -4.52
CA PHE B 173 28.41 51.65 -5.51
C PHE B 173 27.71 51.94 -6.84
N ASN B 174 28.28 52.85 -7.63
CA ASN B 174 27.73 53.20 -8.94
C ASN B 174 26.28 53.71 -8.89
N ALA B 175 26.01 54.61 -7.95
CA ALA B 175 24.67 55.18 -7.81
C ALA B 175 24.30 56.04 -9.03
N GLY B 176 25.31 56.56 -9.73
CA GLY B 176 25.05 57.38 -10.89
C GLY B 176 24.95 58.86 -10.56
N GLN B 177 24.71 59.68 -11.58
CA GLN B 177 24.61 61.12 -11.39
C GLN B 177 25.74 61.62 -10.50
N ASP B 178 26.94 61.11 -10.76
CA ASP B 178 28.11 61.47 -9.97
C ASP B 178 29.14 62.17 -10.86
N GLY B 179 28.66 62.75 -11.96
CA GLY B 179 29.52 63.46 -12.89
C GLY B 179 30.63 62.65 -13.56
N LYS B 180 30.50 61.33 -13.53
CA LYS B 180 31.50 60.46 -14.13
C LYS B 180 30.93 59.67 -15.31
N PRO B 181 31.78 59.20 -16.22
CA PRO B 181 31.22 58.45 -17.33
C PRO B 181 30.55 57.16 -16.83
N ARG B 182 29.51 56.75 -17.56
CA ARG B 182 28.74 55.55 -17.22
C ARG B 182 29.59 54.29 -17.21
N LEU B 183 29.43 53.47 -16.16
CA LEU B 183 30.17 52.22 -16.08
C LEU B 183 29.44 51.20 -16.95
N ILE B 184 30.20 50.50 -17.80
CA ILE B 184 29.61 49.51 -18.68
C ILE B 184 30.34 48.17 -18.62
N THR B 185 29.61 47.13 -19.00
CA THR B 185 30.13 45.76 -19.03
C THR B 185 30.11 45.36 -20.50
N MET B 186 31.12 44.60 -20.92
CA MET B 186 31.23 44.18 -22.31
C MET B 186 31.36 42.67 -22.50
N LYS B 187 31.94 42.00 -21.52
CA LYS B 187 32.15 40.56 -21.62
C LYS B 187 31.66 39.83 -20.39
N GLY B 188 31.38 38.54 -20.53
CA GLY B 188 30.91 37.77 -19.40
C GLY B 188 32.06 37.41 -18.45
N GLY B 189 31.75 37.28 -17.17
CA GLY B 189 32.79 36.90 -16.23
C GLY B 189 33.21 37.92 -15.20
N THR B 190 33.90 37.44 -14.18
CA THR B 190 34.37 38.26 -13.08
C THR B 190 35.20 39.46 -13.50
N GLY B 191 36.00 39.31 -14.55
CA GLY B 191 36.85 40.40 -15.01
C GLY B 191 36.12 41.68 -15.38
N ASN B 192 34.92 41.55 -15.94
CA ASN B 192 34.16 42.72 -16.35
C ASN B 192 33.23 43.24 -15.27
N GLY B 193 33.42 42.78 -14.04
CA GLY B 193 32.56 43.22 -12.97
C GLY B 193 33.24 43.88 -11.78
N LEU B 194 32.52 43.90 -10.67
CA LEU B 194 32.97 44.49 -9.43
C LEU B 194 33.48 43.43 -8.47
N GLU B 195 34.55 43.75 -7.75
CA GLU B 195 35.08 42.85 -6.74
C GLU B 195 35.45 43.72 -5.54
N ILE B 196 34.84 43.42 -4.39
CA ILE B 196 35.15 44.17 -3.20
C ILE B 196 35.48 43.25 -2.04
N MET B 197 36.42 43.67 -1.20
CA MET B 197 36.77 42.91 -0.01
C MET B 197 36.36 43.82 1.13
N LEU B 198 35.57 43.28 2.05
CA LEU B 198 35.08 44.06 3.17
C LEU B 198 35.44 43.43 4.50
N ASP B 199 35.46 44.27 5.53
CA ASP B 199 35.73 43.85 6.90
C ASP B 199 34.42 44.24 7.59
N ILE B 200 33.64 43.26 8.07
CA ILE B 200 32.38 43.59 8.70
C ILE B 200 32.52 44.11 10.13
N GLN B 201 33.73 44.02 10.68
CA GLN B 201 34.01 44.53 12.02
C GLN B 201 33.13 44.01 13.15
N GLN B 202 33.16 42.71 13.43
CA GLN B 202 32.32 42.18 14.50
C GLN B 202 32.75 42.70 15.86
N ASP B 203 33.96 43.24 15.95
CA ASP B 203 34.47 43.79 17.20
C ASP B 203 33.71 45.06 17.57
N GLU B 204 33.02 45.64 16.58
CA GLU B 204 32.23 46.84 16.79
C GLU B 204 30.74 46.56 16.89
N TYR B 205 30.35 45.30 16.76
CA TYR B 205 28.93 44.94 16.85
C TYR B 205 28.37 45.24 18.23
N LEU B 206 27.17 45.82 18.28
CA LEU B 206 26.55 46.11 19.57
C LEU B 206 26.11 44.80 20.22
N PRO B 207 26.35 44.66 21.52
CA PRO B 207 25.93 43.42 22.19
C PRO B 207 24.44 43.25 21.99
N VAL B 208 23.99 42.00 21.91
CA VAL B 208 22.57 41.72 21.72
C VAL B 208 22.06 41.05 22.99
N TRP B 209 21.15 41.73 23.68
CA TRP B 209 20.59 41.20 24.92
C TRP B 209 19.09 41.04 24.84
N GLY B 210 18.54 41.26 23.64
CA GLY B 210 17.12 41.13 23.46
C GLY B 210 16.78 41.12 21.99
N GLU B 211 15.50 40.99 21.67
CA GLU B 211 15.06 40.95 20.29
C GLU B 211 14.19 42.14 19.94
N THR B 212 14.72 43.01 19.08
CA THR B 212 13.99 44.18 18.62
C THR B 212 14.25 44.30 17.13
N ASP B 213 13.51 45.16 16.45
CA ASP B 213 13.73 45.34 15.03
C ASP B 213 15.13 45.90 14.75
N GLU B 214 15.73 46.49 15.77
CA GLU B 214 17.06 47.07 15.63
C GLU B 214 18.21 46.13 16.01
N THR B 215 17.90 44.92 16.46
CA THR B 215 18.94 43.97 16.83
C THR B 215 19.05 42.83 15.81
N SER B 216 20.23 42.26 15.70
CA SER B 216 20.49 41.18 14.75
C SER B 216 21.20 39.99 15.37
N PHE B 217 20.74 38.78 15.07
CA PHE B 217 21.40 37.59 15.57
C PHE B 217 22.49 37.21 14.56
N GLU B 218 22.43 37.82 13.38
CA GLU B 218 23.36 37.51 12.30
C GLU B 218 24.53 38.45 12.04
N ALA B 219 25.58 37.92 11.42
CA ALA B 219 26.77 38.70 11.08
C ALA B 219 26.98 38.59 9.57
N GLY B 220 27.26 39.72 8.95
CA GLY B 220 27.47 39.74 7.51
C GLY B 220 26.91 41.03 6.95
N ILE B 221 26.55 41.03 5.68
CA ILE B 221 25.99 42.22 5.06
C ILE B 221 24.76 41.83 4.26
N LYS B 222 23.94 42.81 3.94
CA LYS B 222 22.76 42.62 3.13
C LYS B 222 23.12 43.38 1.86
N VAL B 223 22.78 42.84 0.70
CA VAL B 223 23.11 43.49 -0.57
C VAL B 223 21.92 43.54 -1.51
N GLN B 224 21.85 44.59 -2.32
CA GLN B 224 20.78 44.70 -3.30
C GLN B 224 21.30 45.28 -4.60
N ILE B 225 21.13 44.54 -5.69
CA ILE B 225 21.56 44.99 -7.01
C ILE B 225 20.32 45.59 -7.67
N HIS B 226 20.40 46.84 -8.09
CA HIS B 226 19.25 47.50 -8.68
C HIS B 226 19.58 48.58 -9.69
N SER B 227 18.62 48.91 -10.53
CA SER B 227 18.78 49.95 -11.53
C SER B 227 19.02 51.26 -10.79
N GLN B 228 19.81 52.14 -11.39
CA GLN B 228 20.13 53.41 -10.74
C GLN B 228 18.94 54.33 -10.46
N ASP B 229 17.89 54.23 -11.26
CA ASP B 229 16.73 55.09 -11.03
C ASP B 229 15.69 54.45 -10.09
N GLU B 230 16.10 53.37 -9.42
CA GLU B 230 15.22 52.68 -8.49
C GLU B 230 15.83 52.69 -7.09
N PRO B 231 15.12 53.23 -6.10
CA PRO B 231 15.73 53.22 -4.77
C PRO B 231 15.75 51.81 -4.21
N PRO B 232 16.60 51.56 -3.21
CA PRO B 232 16.70 50.23 -2.59
C PRO B 232 15.62 50.01 -1.53
N LEU B 233 15.35 48.74 -1.22
CA LEU B 233 14.38 48.34 -0.20
C LEU B 233 15.06 47.07 0.29
N ILE B 234 16.31 47.26 0.67
CA ILE B 234 17.19 46.18 1.07
C ILE B 234 16.77 45.27 2.22
N ASP B 235 16.07 45.81 3.22
CA ASP B 235 15.64 44.96 4.32
C ASP B 235 14.63 43.92 3.85
N GLN B 236 13.85 44.26 2.85
CA GLN B 236 12.85 43.35 2.32
C GLN B 236 13.32 42.52 1.13
N LEU B 237 14.03 43.15 0.21
CA LEU B 237 14.45 42.49 -1.02
C LEU B 237 15.92 42.16 -1.22
N GLY B 238 16.78 42.51 -0.27
CA GLY B 238 18.19 42.23 -0.47
C GLY B 238 18.57 40.78 -0.27
N PHE B 239 19.79 40.42 -0.67
CA PHE B 239 20.27 39.06 -0.46
C PHE B 239 21.43 39.16 0.53
N GLY B 240 21.74 38.06 1.20
CA GLY B 240 22.81 38.07 2.18
C GLY B 240 24.15 37.59 1.67
N VAL B 241 25.20 38.05 2.32
CA VAL B 241 26.57 37.66 2.00
C VAL B 241 27.23 37.42 3.35
N ALA B 242 27.85 36.26 3.49
CA ALA B 242 28.48 35.89 4.75
C ALA B 242 29.97 36.15 4.86
N PRO B 243 30.45 36.41 6.09
CA PRO B 243 31.87 36.65 6.34
C PRO B 243 32.54 35.29 6.24
N GLY B 244 33.83 35.29 5.89
CA GLY B 244 34.56 34.03 5.79
C GLY B 244 34.44 33.34 4.45
N PHE B 245 33.87 34.03 3.48
CA PHE B 245 33.68 33.47 2.13
C PHE B 245 33.88 34.52 1.02
N GLN B 246 34.23 34.03 -0.17
CA GLN B 246 34.31 34.89 -1.34
C GLN B 246 33.01 34.46 -2.03
N THR B 247 32.11 35.39 -2.30
CA THR B 247 30.84 35.06 -2.92
C THR B 247 30.81 35.59 -4.36
N PHE B 248 30.41 34.73 -5.28
CA PHE B 248 30.32 35.10 -6.69
C PHE B 248 28.84 35.28 -7.05
N VAL B 249 28.50 36.43 -7.61
CA VAL B 249 27.11 36.69 -8.02
C VAL B 249 27.10 36.91 -9.54
N SER B 250 26.72 35.87 -10.28
CA SER B 250 26.65 35.89 -11.75
C SER B 250 25.25 36.38 -12.11
N CYS B 251 25.18 37.50 -12.83
CA CYS B 251 23.90 38.11 -13.17
C CYS B 251 23.50 38.16 -14.64
N GLN B 252 22.23 38.48 -14.86
CA GLN B 252 21.66 38.66 -16.19
C GLN B 252 20.62 39.77 -16.03
N GLU B 253 20.75 40.82 -16.83
CA GLU B 253 19.80 41.93 -16.75
C GLU B 253 18.56 41.57 -17.54
N GLN B 254 17.40 41.81 -16.96
CA GLN B 254 16.14 41.50 -17.62
C GLN B 254 15.27 42.75 -17.67
N ARG B 255 15.03 43.24 -18.88
CA ARG B 255 14.23 44.44 -19.09
C ARG B 255 12.80 44.07 -19.48
N LEU B 256 11.85 44.40 -18.60
CA LEU B 256 10.45 44.10 -18.86
C LEU B 256 9.64 45.38 -19.13
N ILE B 257 8.95 45.37 -20.27
CA ILE B 257 8.14 46.50 -20.70
C ILE B 257 6.67 46.07 -20.75
N TYR B 258 5.81 46.84 -20.09
CA TYR B 258 4.39 46.53 -20.04
C TYR B 258 3.57 47.63 -20.71
N LEU B 259 2.37 47.27 -21.16
CA LEU B 259 1.49 48.20 -21.82
C LEU B 259 0.48 48.81 -20.86
N PRO B 260 0.13 50.09 -21.08
CA PRO B 260 -0.84 50.77 -20.21
C PRO B 260 -2.24 50.43 -20.69
N PRO B 261 -3.28 50.83 -19.94
CA PRO B 261 -4.66 50.53 -20.36
C PRO B 261 -4.93 51.16 -21.73
N PRO B 262 -5.88 50.59 -22.49
CA PRO B 262 -6.70 49.41 -22.18
C PRO B 262 -6.01 48.06 -22.39
N TRP B 263 -4.76 48.08 -22.85
CA TRP B 263 -4.01 46.85 -23.07
C TRP B 263 -3.55 46.18 -21.79
N GLY B 264 -3.02 46.98 -20.85
CA GLY B 264 -2.56 46.42 -19.60
C GLY B 264 -2.96 47.26 -18.40
N ASP B 265 -2.31 47.04 -17.26
CA ASP B 265 -2.64 47.78 -16.05
C ASP B 265 -1.43 48.51 -15.48
N CYS B 266 -0.44 48.79 -16.30
CA CYS B 266 0.76 49.48 -15.83
C CYS B 266 0.63 50.99 -15.90
N LYS B 267 1.40 51.68 -15.07
CA LYS B 267 1.41 53.14 -15.07
C LYS B 267 2.83 53.62 -15.32
N ALA B 268 2.99 54.55 -16.25
CA ALA B 268 4.30 55.08 -16.58
C ALA B 268 4.68 56.20 -15.62
N THR B 269 5.87 56.75 -15.80
CA THR B 269 6.35 57.84 -14.95
C THR B 269 5.75 59.17 -15.40
N THR B 270 4.45 59.34 -15.18
CA THR B 270 3.75 60.55 -15.57
C THR B 270 3.60 61.51 -14.38
N GLY B 271 3.15 62.73 -14.66
CA GLY B 271 2.98 63.71 -13.61
C GLY B 271 4.29 64.26 -13.11
N ASP B 272 4.37 64.50 -11.81
CA ASP B 272 5.59 65.04 -11.21
C ASP B 272 6.22 64.02 -10.27
N SER B 273 7.45 64.30 -9.85
CA SER B 273 8.18 63.42 -8.95
C SER B 273 7.89 63.81 -7.50
N GLU B 274 6.86 63.22 -6.93
CA GLU B 274 6.49 63.52 -5.55
C GLU B 274 7.69 63.31 -4.65
N PHE B 275 8.44 62.25 -4.91
CA PHE B 275 9.65 61.93 -4.15
C PHE B 275 10.72 61.34 -5.05
N TYR B 276 10.30 60.70 -6.14
CA TYR B 276 11.24 60.09 -7.08
C TYR B 276 10.93 60.47 -8.51
N ASP B 277 11.98 60.67 -9.32
CA ASP B 277 11.81 61.04 -10.72
C ASP B 277 11.14 59.95 -11.56
N THR B 278 11.45 58.69 -11.28
CA THR B 278 10.88 57.58 -12.03
C THR B 278 9.95 56.72 -11.17
N TYR B 279 9.00 56.05 -11.81
CA TYR B 279 8.07 55.20 -11.08
C TYR B 279 8.56 53.76 -11.01
N SER B 280 8.48 53.18 -9.82
CA SER B 280 8.89 51.80 -9.60
C SER B 280 8.10 51.31 -8.39
N ILE B 281 7.99 49.99 -8.26
CA ILE B 281 7.26 49.44 -7.12
C ILE B 281 7.86 49.94 -5.82
N THR B 282 9.19 49.94 -5.72
CA THR B 282 9.82 50.38 -4.49
C THR B 282 9.55 51.86 -4.20
N ALA B 283 9.65 52.71 -5.22
CA ALA B 283 9.39 54.14 -5.02
C ALA B 283 7.97 54.30 -4.47
N CYS B 284 7.03 53.54 -5.05
CA CYS B 284 5.64 53.59 -4.62
C CYS B 284 5.46 53.11 -3.17
N ARG B 285 6.13 52.02 -2.80
CA ARG B 285 6.02 51.50 -1.43
C ARG B 285 6.58 52.47 -0.39
N ILE B 286 7.76 53.03 -0.67
CA ILE B 286 8.40 53.96 0.26
C ILE B 286 7.54 55.21 0.45
N ASP B 287 6.92 55.68 -0.63
CA ASP B 287 6.06 56.85 -0.59
C ASP B 287 4.85 56.55 0.29
N CYS B 288 4.22 55.42 0.04
CA CYS B 288 3.05 55.02 0.80
C CYS B 288 3.39 54.79 2.28
N GLU B 289 4.48 54.08 2.54
CA GLU B 289 4.90 53.82 3.92
C GLU B 289 5.12 55.12 4.65
N THR B 290 5.75 56.09 3.99
CA THR B 290 6.02 57.38 4.60
C THR B 290 4.72 58.07 5.00
N ARG B 291 3.78 58.17 4.06
CA ARG B 291 2.51 58.80 4.35
C ARG B 291 1.82 58.12 5.52
N TYR B 292 1.80 56.79 5.49
CA TYR B 292 1.17 56.00 6.54
C TYR B 292 1.76 56.29 7.91
N LEU B 293 3.09 56.38 8.01
CA LEU B 293 3.72 56.64 9.30
C LEU B 293 3.48 58.05 9.79
N VAL B 294 3.50 59.02 8.88
CA VAL B 294 3.27 60.40 9.26
C VAL B 294 1.86 60.51 9.85
N GLU B 295 0.91 59.85 9.20
CA GLU B 295 -0.48 59.85 9.64
C GLU B 295 -0.68 59.18 10.99
N ASN B 296 -0.13 57.99 11.16
CA ASN B 296 -0.29 57.25 12.42
C ASN B 296 0.70 57.55 13.52
N CYS B 297 1.86 58.10 13.18
CA CYS B 297 2.88 58.38 14.20
C CYS B 297 3.33 59.84 14.18
N ASN B 298 2.89 60.59 13.17
CA ASN B 298 3.26 61.99 13.01
C ASN B 298 4.77 62.20 12.97
N CYS B 299 5.47 61.25 12.37
CA CYS B 299 6.92 61.30 12.25
C CYS B 299 7.34 60.31 11.17
N ARG B 300 8.56 60.46 10.67
CA ARG B 300 9.06 59.55 9.64
C ARG B 300 10.33 58.89 10.15
N MET B 301 10.58 57.68 9.69
CA MET B 301 11.80 56.99 10.09
C MET B 301 12.93 57.65 9.32
N VAL B 302 14.16 57.50 9.81
CA VAL B 302 15.32 58.11 9.18
C VAL B 302 15.54 57.84 7.69
N HIS B 303 15.14 56.66 7.22
CA HIS B 303 15.34 56.32 5.82
C HIS B 303 14.24 56.80 4.87
N MET B 304 13.26 57.52 5.40
CA MET B 304 12.15 57.99 4.59
C MET B 304 12.29 59.44 4.11
N PRO B 305 11.81 59.73 2.90
CA PRO B 305 11.86 61.06 2.28
C PRO B 305 10.82 62.01 2.87
N GLY B 306 10.85 63.27 2.43
CA GLY B 306 9.90 64.25 2.94
C GLY B 306 10.52 65.23 3.92
N ASP B 307 9.69 65.93 4.66
CA ASP B 307 10.19 66.91 5.63
C ASP B 307 9.57 66.78 7.01
N ALA B 308 8.77 65.74 7.21
CA ALA B 308 8.15 65.51 8.51
C ALA B 308 9.28 65.28 9.52
N PRO B 309 9.02 65.52 10.80
CA PRO B 309 10.06 65.32 11.81
C PRO B 309 10.44 63.85 11.98
N TYR B 310 11.72 63.60 12.25
CA TYR B 310 12.20 62.23 12.43
C TYR B 310 11.71 61.63 13.74
N CYS B 311 11.26 60.39 13.68
CA CYS B 311 10.78 59.72 14.88
C CYS B 311 11.88 59.60 15.91
N THR B 312 11.53 59.80 17.17
CA THR B 312 12.49 59.68 18.28
C THR B 312 12.63 58.19 18.56
N PRO B 313 13.64 57.79 19.34
CA PRO B 313 13.77 56.37 19.61
C PRO B 313 12.55 55.80 20.33
N GLU B 314 11.86 56.67 21.08
CA GLU B 314 10.66 56.26 21.80
C GLU B 314 9.53 56.03 20.80
N GLN B 315 9.42 56.90 19.80
CA GLN B 315 8.39 56.75 18.78
C GLN B 315 8.67 55.54 17.87
N TYR B 316 9.94 55.21 17.71
CA TYR B 316 10.31 54.05 16.89
C TYR B 316 9.74 52.81 17.54
N LYS B 317 10.05 52.64 18.82
CA LYS B 317 9.60 51.48 19.59
C LYS B 317 8.10 51.40 19.82
N GLU B 318 7.47 52.54 20.11
CA GLU B 318 6.05 52.54 20.40
C GLU B 318 5.13 52.67 19.20
N CYS B 319 5.57 53.35 18.15
CA CYS B 319 4.71 53.55 16.99
C CYS B 319 5.26 53.21 15.59
N ALA B 320 6.44 53.73 15.29
CA ALA B 320 7.05 53.53 13.96
C ALA B 320 7.38 52.09 13.56
N ASP B 321 8.15 51.37 14.37
CA ASP B 321 8.47 50.00 13.99
C ASP B 321 7.19 49.15 13.87
N PRO B 322 6.30 49.23 14.87
CA PRO B 322 5.07 48.43 14.77
C PRO B 322 4.29 48.80 13.51
N ALA B 323 4.27 50.09 13.19
CA ALA B 323 3.54 50.56 12.01
C ALA B 323 4.16 50.07 10.70
N LEU B 324 5.47 50.22 10.55
CA LEU B 324 6.12 49.78 9.33
C LEU B 324 6.03 48.24 9.23
N ASP B 325 6.22 47.56 10.36
CA ASP B 325 6.14 46.10 10.36
C ASP B 325 4.75 45.67 9.87
N PHE B 326 3.72 46.37 10.31
CA PHE B 326 2.36 46.05 9.88
C PHE B 326 2.27 46.13 8.36
N LEU B 327 2.82 47.20 7.80
CA LEU B 327 2.79 47.39 6.35
C LEU B 327 3.55 46.34 5.56
N VAL B 328 4.76 46.00 6.00
CA VAL B 328 5.57 45.02 5.27
C VAL B 328 5.23 43.56 5.60
N GLU B 329 4.46 43.33 6.65
CA GLU B 329 4.11 41.96 7.01
C GLU B 329 2.63 41.60 6.88
N LYS B 330 1.76 42.38 7.51
CA LYS B 330 0.33 42.10 7.51
C LYS B 330 -0.60 42.83 6.54
N ASP B 331 -0.31 44.08 6.22
CA ASP B 331 -1.17 44.85 5.33
C ASP B 331 -1.48 44.21 3.98
N ASN B 332 -2.74 44.29 3.58
CA ASN B 332 -3.21 43.74 2.32
C ASN B 332 -3.96 44.78 1.48
N GLU B 333 -4.21 45.96 2.04
CA GLU B 333 -4.96 46.98 1.31
C GLU B 333 -4.47 48.42 1.36
N TYR B 334 -3.76 48.81 2.41
CA TYR B 334 -3.27 50.19 2.51
C TYR B 334 -2.29 50.55 1.42
N CYS B 335 -1.19 49.82 1.33
CA CYS B 335 -0.18 50.10 0.31
C CYS B 335 -0.12 49.07 -0.79
N VAL B 336 -1.00 49.23 -1.79
CA VAL B 336 -1.05 48.35 -2.94
C VAL B 336 -0.54 49.18 -4.11
N CYS B 337 0.54 48.72 -4.74
CA CYS B 337 1.13 49.45 -5.85
C CYS B 337 0.82 48.90 -7.23
N GLU B 338 0.64 49.81 -8.19
CA GLU B 338 0.37 49.42 -9.57
C GLU B 338 1.67 49.01 -10.23
N MET B 339 1.54 48.21 -11.29
CA MET B 339 2.69 47.72 -12.04
C MET B 339 3.33 48.82 -12.88
N PRO B 340 4.66 48.96 -12.78
CA PRO B 340 5.35 49.99 -13.57
C PRO B 340 5.31 49.53 -15.03
N CYS B 341 5.41 50.46 -15.97
CA CYS B 341 5.40 50.07 -17.38
C CYS B 341 6.80 49.71 -17.82
N ASN B 342 7.78 49.96 -16.97
CA ASN B 342 9.17 49.69 -17.26
C ASN B 342 9.84 49.12 -16.01
N VAL B 343 10.34 47.89 -16.10
CA VAL B 343 10.98 47.25 -14.96
C VAL B 343 12.29 46.56 -15.35
N THR B 344 13.28 46.66 -14.48
CA THR B 344 14.56 46.01 -14.72
C THR B 344 14.83 45.05 -13.56
N ARG B 345 14.84 43.76 -13.89
CA ARG B 345 15.08 42.72 -12.91
C ARG B 345 16.46 42.14 -13.15
N TYR B 346 17.16 41.78 -12.09
CA TYR B 346 18.49 41.19 -12.23
C TYR B 346 18.46 39.76 -11.72
N GLY B 347 18.45 38.81 -12.64
CA GLY B 347 18.48 37.41 -12.24
C GLY B 347 19.87 37.14 -11.72
N LYS B 348 20.00 36.32 -10.68
CA LYS B 348 21.33 36.05 -10.17
C LYS B 348 21.55 34.64 -9.64
N GLU B 349 22.78 34.17 -9.81
CA GLU B 349 23.18 32.85 -9.34
C GLU B 349 24.38 33.06 -8.43
N LEU B 350 24.23 32.69 -7.16
CA LEU B 350 25.28 32.85 -6.18
C LEU B 350 26.02 31.55 -5.87
N SER B 351 27.30 31.68 -5.56
CA SER B 351 28.12 30.53 -5.20
C SER B 351 29.22 31.09 -4.32
N MET B 352 29.94 30.22 -3.61
CA MET B 352 30.99 30.70 -2.74
C MET B 352 32.12 29.73 -2.46
N VAL B 353 33.25 30.29 -2.04
CA VAL B 353 34.43 29.51 -1.67
C VAL B 353 34.87 30.11 -0.34
N LYS B 354 35.74 29.42 0.39
CA LYS B 354 36.19 29.87 1.69
C LYS B 354 37.35 30.88 1.67
N ILE B 355 37.32 31.83 2.61
CA ILE B 355 38.42 32.78 2.76
C ILE B 355 38.61 33.00 4.26
N PRO B 356 39.86 32.97 4.74
CA PRO B 356 41.10 32.74 4.01
C PRO B 356 41.45 31.27 4.01
N SER B 357 42.30 30.85 3.08
CA SER B 357 42.76 29.47 3.06
C SER B 357 43.76 29.46 4.20
N LYS B 358 44.19 28.29 4.62
CA LYS B 358 45.17 28.22 5.69
C LYS B 358 46.46 28.90 5.25
N ALA B 359 46.77 28.78 3.96
CA ALA B 359 47.97 29.34 3.38
C ALA B 359 48.00 30.86 3.15
N SER B 360 46.85 31.52 3.20
CA SER B 360 46.84 32.97 2.99
C SER B 360 46.46 33.77 4.23
N ALA B 361 46.03 33.10 5.29
CA ALA B 361 45.62 33.81 6.50
C ALA B 361 46.70 34.75 7.07
N LYS B 362 47.94 34.28 7.19
CA LYS B 362 49.00 35.13 7.74
C LYS B 362 49.25 36.38 6.92
N TYR B 363 49.23 36.24 5.60
CA TYR B 363 49.45 37.38 4.72
C TYR B 363 48.38 38.46 4.91
N LEU B 364 47.13 38.03 4.97
CA LEU B 364 46.02 38.96 5.14
C LEU B 364 46.03 39.56 6.55
N ALA B 365 46.37 38.74 7.54
CA ALA B 365 46.42 39.21 8.92
C ALA B 365 47.47 40.31 9.04
N LYS B 366 48.62 40.09 8.40
CA LYS B 366 49.71 41.06 8.45
C LYS B 366 49.37 42.29 7.62
N LYS B 367 48.84 42.07 6.41
CA LYS B 367 48.50 43.19 5.54
C LYS B 367 47.49 44.15 6.15
N TYR B 368 46.49 43.63 6.85
CA TYR B 368 45.49 44.52 7.43
C TYR B 368 45.61 44.72 8.93
N ASN B 369 46.72 44.24 9.48
CA ASN B 369 47.00 44.39 10.90
C ASN B 369 45.87 43.87 11.79
N LYS B 370 45.57 42.59 11.61
CA LYS B 370 44.54 41.91 12.38
C LYS B 370 45.05 40.52 12.70
N SER B 371 44.41 39.85 13.65
CA SER B 371 44.82 38.49 13.99
C SER B 371 44.25 37.55 12.95
N GLU B 372 44.84 36.36 12.83
CA GLU B 372 44.38 35.37 11.86
C GLU B 372 42.92 35.02 12.14
N GLN B 373 42.59 34.87 13.42
CA GLN B 373 41.22 34.54 13.82
C GLN B 373 40.24 35.62 13.35
N TYR B 374 40.65 36.88 13.51
CA TYR B 374 39.81 38.00 13.11
C TYR B 374 39.50 37.94 11.60
N ILE B 375 40.51 37.65 10.80
CA ILE B 375 40.32 37.58 9.37
C ILE B 375 39.23 36.58 9.00
N GLY B 376 39.32 35.39 9.58
CA GLY B 376 38.34 34.36 9.31
C GLY B 376 36.91 34.66 9.72
N GLU B 377 36.73 35.53 10.70
CA GLU B 377 35.39 35.86 11.18
C GLU B 377 34.83 37.18 10.66
N ASN B 378 35.67 37.98 10.02
CA ASN B 378 35.23 39.29 9.54
C ASN B 378 35.40 39.63 8.08
N ILE B 379 36.34 38.98 7.40
CA ILE B 379 36.57 39.30 6.00
C ILE B 379 35.68 38.56 5.01
N LEU B 380 35.32 39.26 3.93
CA LEU B 380 34.53 38.65 2.88
C LEU B 380 34.86 39.33 1.58
N VAL B 381 34.71 38.60 0.49
CA VAL B 381 34.94 39.15 -0.83
C VAL B 381 33.66 38.92 -1.62
N LEU B 382 33.25 39.96 -2.34
CA LEU B 382 32.04 39.87 -3.13
C LEU B 382 32.35 40.22 -4.57
N ASP B 383 31.99 39.32 -5.48
CA ASP B 383 32.18 39.56 -6.91
C ASP B 383 30.82 39.64 -7.59
N ILE B 384 30.54 40.77 -8.23
CA ILE B 384 29.26 40.95 -8.93
C ILE B 384 29.58 41.21 -10.39
N PHE B 385 29.11 40.31 -11.26
CA PHE B 385 29.38 40.39 -12.69
C PHE B 385 28.24 39.77 -13.49
N PHE B 386 28.38 39.77 -14.81
CA PHE B 386 27.34 39.20 -15.68
C PHE B 386 27.84 38.02 -16.50
N GLU B 387 26.92 37.11 -16.81
CA GLU B 387 27.26 35.95 -17.62
C GLU B 387 27.30 36.42 -19.07
N ALA B 388 27.70 35.55 -20.00
CA ALA B 388 27.78 35.92 -21.42
C ALA B 388 26.45 36.45 -21.96
N LEU B 389 25.37 35.69 -21.76
CA LEU B 389 24.03 36.12 -22.19
C LEU B 389 23.55 37.02 -21.07
N ASN B 390 24.03 38.25 -21.09
CA ASN B 390 23.74 39.24 -20.06
C ASN B 390 22.46 40.04 -20.19
N TYR B 391 21.74 39.91 -21.29
CA TYR B 391 20.56 40.74 -21.49
C TYR B 391 19.31 40.05 -22.01
N GLU B 392 18.25 40.09 -21.21
CA GLU B 392 16.98 39.50 -21.60
C GLU B 392 15.91 40.57 -21.66
N THR B 393 15.09 40.54 -22.70
CA THR B 393 14.00 41.50 -22.87
C THR B 393 12.66 40.78 -22.96
N ILE B 394 11.70 41.25 -22.19
CA ILE B 394 10.35 40.67 -22.19
C ILE B 394 9.41 41.86 -22.31
N GLU B 395 8.89 42.08 -23.52
CA GLU B 395 8.03 43.21 -23.78
C GLU B 395 6.64 42.94 -24.34
N GLN B 396 5.63 43.53 -23.71
CA GLN B 396 4.26 43.37 -24.17
C GLN B 396 4.05 44.31 -25.36
N LYS B 397 3.56 43.76 -26.48
CA LYS B 397 3.30 44.55 -27.68
C LYS B 397 1.82 44.44 -28.05
N LYS B 398 1.29 45.47 -28.70
CA LYS B 398 -0.10 45.47 -29.12
C LYS B 398 -0.28 44.39 -30.17
N ALA B 399 -1.24 43.50 -29.96
CA ALA B 399 -1.47 42.40 -30.89
C ALA B 399 -2.37 42.71 -32.09
N TYR B 400 -3.32 43.62 -31.92
CA TYR B 400 -4.25 43.94 -33.01
C TYR B 400 -4.56 45.43 -33.06
N GLU B 401 -3.81 46.17 -33.86
CA GLU B 401 -4.00 47.61 -34.00
C GLU B 401 -4.98 47.96 -35.12
N VAL B 402 -5.47 49.21 -35.11
CA VAL B 402 -6.42 49.68 -36.10
C VAL B 402 -6.08 49.27 -37.54
N ALA B 403 -4.85 49.56 -37.96
CA ALA B 403 -4.42 49.21 -39.31
C ALA B 403 -4.62 47.72 -39.58
N GLY B 404 -4.41 46.89 -38.57
CA GLY B 404 -4.59 45.46 -38.76
C GLY B 404 -6.06 45.11 -38.92
N LEU B 405 -6.91 45.76 -38.13
CA LEU B 405 -8.34 45.54 -38.17
C LEU B 405 -8.89 45.91 -39.56
N LEU B 406 -8.53 47.09 -40.03
CA LEU B 406 -8.98 47.57 -41.33
C LEU B 406 -8.44 46.67 -42.44
N GLY B 407 -7.25 46.11 -42.21
CA GLY B 407 -6.66 45.23 -43.20
C GLY B 407 -7.39 43.91 -43.29
N ASP B 408 -8.10 43.54 -42.22
CA ASP B 408 -8.85 42.29 -42.19
C ASP B 408 -10.30 42.43 -42.64
N ILE B 409 -10.99 43.44 -42.12
CA ILE B 409 -12.40 43.63 -42.47
C ILE B 409 -12.69 44.94 -43.18
N GLY B 410 -11.65 45.60 -43.68
CA GLY B 410 -11.86 46.87 -44.38
C GLY B 410 -12.80 46.70 -45.55
N GLY B 411 -12.66 45.59 -46.26
CA GLY B 411 -13.51 45.33 -47.41
C GLY B 411 -14.92 44.91 -47.05
N GLN B 412 -15.06 44.17 -45.95
CA GLN B 412 -16.37 43.72 -45.51
C GLN B 412 -17.23 44.86 -45.01
N MET B 413 -16.67 45.70 -44.15
CA MET B 413 -17.43 46.82 -43.63
C MET B 413 -17.59 47.87 -44.72
N GLY B 414 -16.88 47.66 -45.83
CA GLY B 414 -16.98 48.58 -46.95
C GLY B 414 -18.20 48.20 -47.76
N LEU B 415 -18.35 46.89 -47.99
CA LEU B 415 -19.48 46.37 -48.75
C LEU B 415 -20.75 46.52 -47.92
N PHE B 416 -20.62 46.36 -46.61
CA PHE B 416 -21.77 46.49 -45.71
C PHE B 416 -22.37 47.88 -45.85
N ILE B 417 -21.51 48.88 -46.00
CA ILE B 417 -21.96 50.26 -46.17
C ILE B 417 -22.72 50.36 -47.49
N GLY B 418 -22.10 49.88 -48.56
CA GLY B 418 -22.72 49.93 -49.87
C GLY B 418 -24.05 49.20 -49.85
N ALA B 419 -24.07 48.03 -49.23
CA ALA B 419 -25.28 47.23 -49.14
C ALA B 419 -26.35 47.99 -48.35
N SER B 420 -25.92 48.72 -47.33
CA SER B 420 -26.85 49.50 -46.52
C SER B 420 -27.46 50.63 -47.34
N ILE B 421 -26.61 51.36 -48.05
CA ILE B 421 -27.09 52.46 -48.89
C ILE B 421 -28.01 51.89 -49.96
N LEU B 422 -27.56 50.81 -50.59
CA LEU B 422 -28.33 50.15 -51.63
C LEU B 422 -29.65 49.66 -51.05
N THR B 423 -29.64 49.37 -49.75
CA THR B 423 -30.83 48.91 -49.05
C THR B 423 -31.77 50.08 -48.78
N VAL B 424 -31.22 51.16 -48.24
CA VAL B 424 -32.02 52.35 -47.94
C VAL B 424 -32.54 52.91 -49.26
N LEU B 425 -31.72 52.78 -50.30
CA LEU B 425 -32.07 53.27 -51.63
C LEU B 425 -33.04 52.30 -52.30
N GLU B 426 -33.29 51.17 -51.65
CA GLU B 426 -34.19 50.16 -52.18
C GLU B 426 -35.60 50.32 -51.61
N LEU B 427 -35.75 50.08 -50.31
CA LEU B 427 -37.06 50.19 -49.67
C LEU B 427 -37.61 51.60 -49.84
N PHE B 428 -36.74 52.51 -50.29
CA PHE B 428 -37.15 53.89 -50.53
C PHE B 428 -38.08 53.90 -51.73
N ASP B 429 -37.59 53.39 -52.86
CA ASP B 429 -38.39 53.33 -54.07
C ASP B 429 -39.58 52.42 -53.83
N TYR B 430 -39.48 51.60 -52.79
CA TYR B 430 -40.55 50.70 -52.42
C TYR B 430 -41.67 51.51 -51.81
N ALA B 431 -41.32 52.67 -51.26
CA ALA B 431 -42.30 53.56 -50.64
C ALA B 431 -43.37 53.89 -51.67
N TYR B 432 -43.04 53.64 -52.94
CA TYR B 432 -43.96 53.87 -54.05
C TYR B 432 -45.30 53.19 -53.75
N GLU B 433 -45.25 52.16 -52.91
CA GLU B 433 -46.44 51.42 -52.53
C GLU B 433 -47.47 52.35 -51.87
N VAL B 434 -47.00 53.45 -51.32
CA VAL B 434 -47.87 54.42 -50.66
C VAL B 434 -48.96 54.94 -51.59
N ILE B 435 -48.58 55.23 -52.84
CA ILE B 435 -49.52 55.74 -53.82
C ILE B 435 -50.79 54.91 -53.84
N LYS B 436 -50.64 53.63 -54.18
CA LYS B 436 -51.78 52.71 -54.24
C LYS B 436 -52.36 52.48 -52.85
N LEU C 15 -32.82 56.40 -60.11
CA LEU C 15 -32.19 55.12 -59.64
C LEU C 15 -30.88 54.83 -60.36
N SER C 16 -30.05 55.86 -60.51
CA SER C 16 -28.77 55.72 -61.18
C SER C 16 -27.69 55.48 -60.13
N LEU C 17 -28.02 55.76 -58.87
CA LEU C 17 -27.09 55.59 -57.77
C LEU C 17 -26.68 54.13 -57.64
N LYS C 18 -27.63 53.22 -57.91
CA LYS C 18 -27.35 51.79 -57.83
C LYS C 18 -26.27 51.38 -58.82
N ARG C 19 -25.82 52.33 -59.63
CA ARG C 19 -24.77 52.06 -60.61
C ARG C 19 -23.42 52.53 -60.08
N VAL C 20 -23.43 53.64 -59.34
CA VAL C 20 -22.21 54.20 -58.78
C VAL C 20 -21.79 53.45 -57.52
N VAL C 21 -22.76 52.87 -56.82
CA VAL C 21 -22.48 52.11 -55.61
C VAL C 21 -21.58 50.92 -55.95
N TRP C 22 -21.97 50.16 -56.96
CA TRP C 22 -21.17 49.00 -57.37
C TRP C 22 -19.91 49.45 -58.07
N ALA C 23 -19.86 50.72 -58.45
CA ALA C 23 -18.70 51.28 -59.12
C ALA C 23 -17.67 51.68 -58.07
N LEU C 24 -18.15 52.30 -56.99
CA LEU C 24 -17.29 52.75 -55.90
C LEU C 24 -16.75 51.52 -55.15
N CYS C 25 -17.62 50.54 -54.93
CA CYS C 25 -17.21 49.33 -54.23
C CYS C 25 -16.06 48.66 -54.94
N PHE C 26 -16.14 48.57 -56.26
CA PHE C 26 -15.08 47.95 -57.04
C PHE C 26 -13.81 48.77 -56.86
N MET C 27 -13.92 50.08 -57.01
CA MET C 27 -12.78 50.98 -56.85
C MET C 27 -12.18 50.78 -55.46
N GLY C 28 -13.03 50.79 -54.44
CA GLY C 28 -12.57 50.61 -53.08
C GLY C 28 -11.92 49.26 -52.90
N SER C 29 -12.54 48.24 -53.49
CA SER C 29 -12.02 46.88 -53.41
C SER C 29 -10.66 46.81 -54.08
N LEU C 30 -10.42 47.74 -55.01
CA LEU C 30 -9.16 47.80 -55.75
C LEU C 30 -8.11 48.49 -54.88
N ALA C 31 -8.51 49.59 -54.23
CA ALA C 31 -7.60 50.33 -53.37
C ALA C 31 -7.19 49.49 -52.17
N LEU C 32 -8.13 48.69 -51.66
CA LEU C 32 -7.86 47.83 -50.51
C LEU C 32 -6.83 46.77 -50.87
N LEU C 33 -7.02 46.14 -52.02
CA LEU C 33 -6.08 45.12 -52.48
C LEU C 33 -4.69 45.70 -52.58
N ALA C 34 -4.60 46.93 -53.05
CA ALA C 34 -3.32 47.61 -53.22
C ALA C 34 -2.65 47.90 -51.87
N LEU C 35 -3.34 48.64 -51.01
CA LEU C 35 -2.81 49.01 -49.71
C LEU C 35 -2.40 47.82 -48.84
N VAL C 36 -3.28 46.83 -48.74
CA VAL C 36 -2.99 45.65 -47.93
C VAL C 36 -1.77 44.90 -48.47
N CYS C 37 -1.76 44.63 -49.76
CA CYS C 37 -0.63 43.91 -50.37
C CYS C 37 0.68 44.67 -50.24
N THR C 38 0.65 45.98 -50.43
CA THR C 38 1.87 46.77 -50.32
C THR C 38 2.38 46.80 -48.89
N ASN C 39 1.47 46.91 -47.93
CA ASN C 39 1.87 46.95 -46.53
C ASN C 39 2.41 45.62 -46.03
N ARG C 40 1.98 44.52 -46.65
CA ARG C 40 2.45 43.21 -46.25
C ARG C 40 3.77 42.82 -46.91
N ILE C 41 4.08 43.43 -48.05
CA ILE C 41 5.33 43.13 -48.73
C ILE C 41 6.41 43.95 -48.02
N GLN C 42 6.02 45.12 -47.52
CA GLN C 42 6.95 45.99 -46.80
C GLN C 42 7.29 45.34 -45.47
N TYR C 43 6.27 44.80 -44.81
CA TYR C 43 6.44 44.11 -43.53
C TYR C 43 7.43 42.97 -43.74
N TYR C 44 7.22 42.25 -44.83
CA TYR C 44 8.09 41.13 -45.18
C TYR C 44 9.54 41.58 -45.25
N PHE C 45 9.77 42.74 -45.84
CA PHE C 45 11.12 43.26 -45.98
C PHE C 45 11.75 43.76 -44.69
N LEU C 46 10.98 43.73 -43.61
CA LEU C 46 11.50 44.14 -42.31
C LEU C 46 12.11 42.89 -41.69
N TYR C 47 11.92 41.76 -42.39
CA TYR C 47 12.41 40.46 -41.97
C TYR C 47 12.22 40.22 -40.46
N PRO C 48 10.96 40.31 -39.99
CA PRO C 48 10.63 40.12 -38.59
C PRO C 48 10.85 38.67 -38.11
N HIS C 49 10.92 38.50 -36.79
CA HIS C 49 11.11 37.18 -36.24
C HIS C 49 10.23 37.02 -35.02
N VAL C 50 10.01 35.77 -34.63
CA VAL C 50 9.22 35.45 -33.45
C VAL C 50 10.12 34.54 -32.65
N THR C 51 10.12 34.70 -31.33
CA THR C 51 10.94 33.84 -30.48
C THR C 51 10.01 32.86 -29.79
N LYS C 52 10.12 31.59 -30.16
CA LYS C 52 9.28 30.56 -29.58
C LYS C 52 9.89 29.98 -28.32
N LEU C 53 9.07 29.92 -27.28
CA LEU C 53 9.50 29.41 -25.98
C LEU C 53 8.71 28.18 -25.55
N ASP C 54 9.41 27.20 -24.99
CA ASP C 54 8.78 25.99 -24.49
C ASP C 54 9.66 25.39 -23.39
N GLU C 55 9.03 25.02 -22.28
CA GLU C 55 9.72 24.44 -21.14
C GLU C 55 9.09 23.10 -20.83
N VAL C 56 9.83 22.02 -21.01
CA VAL C 56 9.30 20.69 -20.76
C VAL C 56 10.26 19.77 -20.03
N ALA C 57 9.80 18.55 -19.78
CA ALA C 57 10.60 17.53 -19.14
C ALA C 57 11.01 16.60 -20.26
N ALA C 58 12.23 16.78 -20.75
CA ALA C 58 12.72 15.95 -21.84
C ALA C 58 13.31 14.64 -21.34
N THR C 59 13.28 13.62 -22.18
CA THR C 59 13.84 12.33 -21.83
C THR C 59 15.13 12.21 -22.62
N ARG C 60 16.02 11.30 -22.22
CA ARG C 60 17.28 11.12 -22.92
C ARG C 60 18.02 12.45 -23.08
N LEU C 61 18.06 13.24 -22.01
CA LEU C 61 18.77 14.51 -22.05
C LEU C 61 20.26 14.20 -21.94
N THR C 62 21.08 14.86 -22.78
CA THR C 62 22.52 14.63 -22.75
C THR C 62 23.12 15.36 -21.54
N PHE C 63 23.78 14.62 -20.65
CA PHE C 63 24.38 15.25 -19.47
C PHE C 63 25.54 16.12 -19.96
N PRO C 64 25.68 17.32 -19.39
CA PRO C 64 26.78 18.22 -19.81
C PRO C 64 28.16 17.79 -19.34
N ALA C 65 29.18 18.53 -19.75
CA ALA C 65 30.54 18.29 -19.33
C ALA C 65 30.68 19.11 -18.04
N VAL C 66 31.48 18.63 -17.09
CA VAL C 66 31.68 19.36 -15.84
C VAL C 66 33.17 19.49 -15.57
N THR C 67 33.66 20.73 -15.60
CA THR C 67 35.07 21.00 -15.38
C THR C 67 35.27 21.64 -14.01
N PHE C 68 36.33 21.25 -13.32
CA PHE C 68 36.62 21.82 -12.01
C PHE C 68 38.12 21.97 -11.80
N CYS C 69 38.48 22.95 -10.99
CA CYS C 69 39.86 23.24 -10.67
C CYS C 69 40.01 23.55 -9.19
N ASN C 70 41.16 23.16 -8.63
CA ASN C 70 41.45 23.47 -7.25
C ASN C 70 41.88 24.94 -7.35
N LEU C 71 41.55 25.76 -6.36
CA LEU C 71 41.95 27.17 -6.40
C LEU C 71 43.47 27.33 -6.18
N ASN C 72 44.10 26.27 -5.67
CA ASN C 72 45.55 26.29 -5.47
C ASN C 72 46.15 25.66 -6.73
N GLU C 73 47.05 26.38 -7.38
CA GLU C 73 47.65 25.91 -8.63
C GLU C 73 48.81 24.94 -8.57
N PHE C 74 49.64 25.03 -7.54
CA PHE C 74 50.81 24.16 -7.41
C PHE C 74 50.92 23.53 -6.03
N ARG C 75 51.12 22.22 -5.99
CA ARG C 75 51.28 21.50 -4.72
C ARG C 75 52.65 21.79 -4.12
N PHE C 76 52.67 22.21 -2.86
CA PHE C 76 53.91 22.53 -2.17
C PHE C 76 54.96 21.42 -2.30
N SER C 77 54.55 20.18 -2.05
CA SER C 77 55.46 19.04 -2.11
C SER C 77 56.03 18.76 -3.50
N ARG C 78 55.43 19.31 -4.55
CA ARG C 78 55.92 19.06 -5.90
C ARG C 78 56.77 20.19 -6.46
N VAL C 79 56.99 21.23 -5.67
CA VAL C 79 57.81 22.35 -6.10
C VAL C 79 59.27 22.03 -5.78
N THR C 80 60.11 21.98 -6.79
CA THR C 80 61.53 21.67 -6.59
C THR C 80 62.41 22.90 -6.58
N LYS C 81 63.70 22.68 -6.34
CA LYS C 81 64.67 23.76 -6.31
C LYS C 81 64.69 24.46 -7.67
N ASN C 82 64.67 23.66 -8.75
CA ASN C 82 64.69 24.23 -10.10
C ASN C 82 63.41 25.03 -10.36
N ASP C 83 62.28 24.54 -9.84
CA ASP C 83 61.01 25.25 -10.01
C ASP C 83 61.09 26.61 -9.30
N LEU C 84 61.61 26.61 -8.10
CA LEU C 84 61.71 27.84 -7.31
C LEU C 84 62.66 28.83 -7.99
N TYR C 85 63.72 28.30 -8.60
CA TYR C 85 64.69 29.15 -9.30
C TYR C 85 64.02 29.89 -10.46
N HIS C 86 63.24 29.15 -11.23
CA HIS C 86 62.59 29.71 -12.40
C HIS C 86 61.26 30.44 -12.15
N ALA C 87 60.42 29.89 -11.28
CA ALA C 87 59.11 30.46 -10.99
C ALA C 87 58.92 31.10 -9.62
N GLY C 88 59.95 31.11 -8.79
CA GLY C 88 59.84 31.68 -7.46
C GLY C 88 59.38 33.13 -7.44
N GLU C 89 59.88 33.91 -8.39
CA GLU C 89 59.54 35.31 -8.50
C GLU C 89 58.07 35.46 -8.87
N LEU C 90 57.64 34.69 -9.87
CA LEU C 90 56.26 34.73 -10.33
C LEU C 90 55.26 34.35 -9.23
N LEU C 91 55.65 33.43 -8.36
CA LEU C 91 54.77 32.96 -7.31
C LEU C 91 54.89 33.77 -6.02
N ALA C 92 55.71 34.81 -6.06
CA ALA C 92 55.92 35.69 -4.91
C ALA C 92 56.60 34.97 -3.75
N LEU C 93 57.28 33.87 -4.02
CA LEU C 93 57.97 33.14 -2.97
C LEU C 93 59.39 33.69 -2.75
N LEU C 94 59.93 34.34 -3.78
CA LEU C 94 61.27 34.92 -3.70
C LEU C 94 61.30 36.36 -4.20
N ASN C 95 62.10 37.19 -3.54
CA ASN C 95 62.24 38.60 -3.94
C ASN C 95 63.42 38.69 -4.92
N ASN C 96 64.32 37.71 -4.83
CA ASN C 96 65.48 37.60 -5.72
C ASN C 96 66.09 36.22 -5.49
N ARG C 97 67.14 35.88 -6.24
CA ARG C 97 67.76 34.57 -6.11
C ARG C 97 68.94 34.49 -5.16
N TYR C 98 69.15 35.52 -4.36
CA TYR C 98 70.28 35.55 -3.43
C TYR C 98 69.89 35.60 -1.97
N GLU C 99 68.66 36.01 -1.68
CA GLU C 99 68.24 36.09 -0.30
C GLU C 99 67.42 34.88 0.13
N ILE C 100 67.54 34.54 1.42
CA ILE C 100 66.83 33.40 1.98
C ILE C 100 65.47 33.80 2.54
N PRO C 101 64.41 33.09 2.14
CA PRO C 101 63.05 33.37 2.62
C PRO C 101 63.02 33.36 4.14
N ASP C 102 62.17 34.19 4.74
CA ASP C 102 62.08 34.25 6.19
C ASP C 102 60.67 34.54 6.69
N THR C 103 59.68 34.36 5.81
CA THR C 103 58.29 34.60 6.18
C THR C 103 57.70 33.36 6.86
N GLN C 104 57.19 33.55 8.07
CA GLN C 104 56.60 32.45 8.84
C GLN C 104 55.44 31.82 8.08
N THR C 105 55.35 30.49 8.13
CA THR C 105 54.28 29.77 7.43
C THR C 105 53.33 29.10 8.44
N ALA C 106 52.07 28.93 8.05
CA ALA C 106 51.08 28.30 8.91
C ALA C 106 51.65 26.98 9.43
N ASP C 107 52.21 26.21 8.50
CA ASP C 107 52.86 24.95 8.83
C ASP C 107 54.33 25.31 8.96
N GLU C 108 54.82 25.41 10.19
CA GLU C 108 56.21 25.78 10.45
C GLU C 108 57.25 25.09 9.56
N LYS C 109 57.05 23.83 9.26
CA LYS C 109 58.00 23.08 8.44
C LYS C 109 58.11 23.56 6.99
N GLN C 110 57.12 24.29 6.50
CA GLN C 110 57.16 24.77 5.13
C GLN C 110 58.24 25.80 4.88
N LEU C 111 58.48 26.68 5.84
CA LEU C 111 59.50 27.71 5.69
C LEU C 111 60.88 27.06 5.60
N GLU C 112 61.12 26.10 6.48
CA GLU C 112 62.39 25.39 6.53
C GLU C 112 62.68 24.75 5.17
N ILE C 113 61.71 24.01 4.66
CA ILE C 113 61.86 23.35 3.37
C ILE C 113 62.12 24.40 2.28
N LEU C 114 61.41 25.51 2.37
CA LEU C 114 61.54 26.59 1.40
C LEU C 114 62.94 27.22 1.46
N GLN C 115 63.44 27.44 2.67
CA GLN C 115 64.77 28.03 2.84
C GLN C 115 65.85 27.13 2.27
N ASP C 116 65.64 25.82 2.32
CA ASP C 116 66.61 24.89 1.76
C ASP C 116 66.50 24.85 0.25
N LYS C 117 65.27 24.80 -0.26
CA LYS C 117 65.07 24.77 -1.71
C LYS C 117 65.51 26.08 -2.34
N ALA C 118 65.47 27.16 -1.57
CA ALA C 118 65.85 28.49 -2.07
C ALA C 118 67.34 28.76 -2.11
N ASN C 119 68.14 27.92 -1.47
CA ASN C 119 69.60 28.10 -1.47
C ASN C 119 70.14 27.66 -2.82
N PHE C 120 70.47 28.63 -3.67
CA PHE C 120 70.97 28.33 -5.01
C PHE C 120 72.48 28.36 -5.15
N ARG C 121 73.19 28.58 -4.04
CA ARG C 121 74.64 28.61 -4.08
C ARG C 121 75.16 27.33 -4.73
N ASN C 122 75.93 27.47 -5.79
CA ASN C 122 76.51 26.35 -6.52
C ASN C 122 75.47 25.47 -7.23
N PHE C 123 74.25 26.01 -7.38
CA PHE C 123 73.19 25.27 -8.05
C PHE C 123 73.26 25.55 -9.55
N LYS C 124 73.07 24.51 -10.36
CA LYS C 124 73.09 24.64 -11.81
C LYS C 124 71.67 24.56 -12.38
N PRO C 125 71.13 25.68 -12.88
CA PRO C 125 69.78 25.74 -13.45
C PRO C 125 69.55 24.69 -14.54
N LYS C 126 68.39 24.06 -14.51
CA LYS C 126 68.02 23.06 -15.50
C LYS C 126 66.90 23.63 -16.38
N PRO C 127 66.68 23.05 -17.56
CA PRO C 127 65.60 23.57 -18.42
C PRO C 127 64.26 23.58 -17.67
N PHE C 128 63.47 24.61 -17.94
CA PHE C 128 62.17 24.74 -17.29
C PHE C 128 61.06 25.01 -18.29
N ASN C 129 59.87 24.49 -18.02
CA ASN C 129 58.72 24.67 -18.89
C ASN C 129 57.48 24.85 -18.01
N MET C 130 56.69 25.90 -18.23
CA MET C 130 55.50 26.15 -17.43
C MET C 130 54.44 25.06 -17.56
N LEU C 131 54.32 24.48 -18.76
CA LEU C 131 53.33 23.42 -18.96
C LEU C 131 53.73 22.20 -18.14
N GLU C 132 54.99 21.82 -18.25
CA GLU C 132 55.52 20.68 -17.51
C GLU C 132 55.33 20.92 -16.02
N PHE C 133 55.59 22.14 -15.58
CA PHE C 133 55.45 22.50 -14.16
C PHE C 133 54.00 22.35 -13.70
N TYR C 134 53.05 22.85 -14.48
CA TYR C 134 51.63 22.74 -14.13
C TYR C 134 51.19 21.28 -14.12
N ASP C 135 51.59 20.55 -15.16
CA ASP C 135 51.22 19.16 -15.27
C ASP C 135 51.77 18.32 -14.11
N ARG C 136 52.99 18.62 -13.69
CA ARG C 136 53.61 17.88 -12.59
C ARG C 136 53.21 18.33 -11.18
N ALA C 137 53.16 19.64 -10.95
CA ALA C 137 52.83 20.15 -9.62
C ALA C 137 51.34 20.40 -9.36
N GLY C 138 50.54 20.49 -10.41
CA GLY C 138 49.12 20.72 -10.23
C GLY C 138 48.49 19.59 -9.43
N HIS C 139 47.37 19.86 -8.76
CA HIS C 139 46.72 18.82 -7.97
C HIS C 139 46.32 17.63 -8.84
N ASP C 140 46.49 16.44 -8.27
CA ASP C 140 46.21 15.17 -8.93
C ASP C 140 44.78 14.70 -8.65
N ILE C 141 44.01 14.44 -9.71
CA ILE C 141 42.63 13.98 -9.55
C ILE C 141 42.58 12.65 -8.79
N ARG C 142 43.63 11.85 -8.91
CA ARG C 142 43.68 10.57 -8.22
C ARG C 142 43.76 10.76 -6.71
N GLU C 143 44.25 11.92 -6.27
CA GLU C 143 44.37 12.20 -4.85
C GLU C 143 43.19 13.02 -4.33
N MET C 144 42.67 13.93 -5.16
CA MET C 144 41.55 14.75 -4.75
C MET C 144 40.22 14.00 -4.73
N LEU C 145 40.03 13.11 -5.69
CA LEU C 145 38.79 12.35 -5.81
C LEU C 145 38.64 11.24 -4.78
N LEU C 146 37.79 11.45 -3.78
CA LEU C 146 37.57 10.43 -2.76
C LEU C 146 36.49 9.45 -3.19
N SER C 147 35.46 9.96 -3.85
CA SER C 147 34.39 9.10 -4.35
C SER C 147 33.70 9.80 -5.50
N CYS C 148 33.14 9.02 -6.40
CA CYS C 148 32.47 9.54 -7.58
C CYS C 148 31.42 8.56 -8.05
N PHE C 149 30.19 9.04 -8.23
CA PHE C 149 29.08 8.22 -8.71
C PHE C 149 28.23 9.01 -9.68
N PHE C 150 27.84 8.37 -10.78
CA PHE C 150 26.97 9.01 -11.75
C PHE C 150 25.84 8.02 -11.98
N ARG C 151 24.61 8.47 -11.73
CA ARG C 151 23.43 7.64 -11.90
C ARG C 151 23.61 6.23 -11.33
N GLY C 152 24.05 6.19 -10.07
CA GLY C 152 24.25 4.92 -9.38
C GLY C 152 25.51 4.14 -9.69
N GLU C 153 26.20 4.53 -10.76
CA GLU C 153 27.43 3.85 -11.17
C GLU C 153 28.68 4.56 -10.68
N GLN C 154 29.58 3.80 -10.09
CA GLN C 154 30.82 4.36 -9.58
C GLN C 154 31.72 4.82 -10.73
N CYS C 155 32.25 6.03 -10.63
CA CYS C 155 33.16 6.54 -11.63
C CYS C 155 34.55 6.55 -11.00
N SER C 156 35.58 6.79 -11.79
CA SER C 156 36.94 6.80 -11.27
C SER C 156 37.72 7.95 -11.91
N PRO C 157 38.96 8.20 -11.44
CA PRO C 157 39.79 9.27 -11.99
C PRO C 157 39.91 9.23 -13.51
N GLU C 158 39.78 8.05 -14.09
CA GLU C 158 39.87 7.89 -15.54
C GLU C 158 38.70 8.50 -16.29
N ASP C 159 37.61 8.75 -15.58
CA ASP C 159 36.45 9.34 -16.21
C ASP C 159 36.64 10.86 -16.30
N PHE C 160 37.79 11.34 -15.84
CA PHE C 160 38.10 12.77 -15.87
C PHE C 160 39.24 13.06 -16.84
N LYS C 161 39.00 13.98 -17.77
CA LYS C 161 40.00 14.35 -18.76
C LYS C 161 40.77 15.58 -18.30
N VAL C 162 42.09 15.52 -18.41
CA VAL C 162 42.92 16.66 -18.01
C VAL C 162 42.73 17.83 -18.97
N VAL C 163 42.48 19.01 -18.43
CA VAL C 163 42.32 20.20 -19.26
C VAL C 163 43.03 21.36 -18.56
N PHE C 164 43.88 22.07 -19.30
CA PHE C 164 44.59 23.20 -18.72
C PHE C 164 43.79 24.48 -18.89
N THR C 165 43.66 25.22 -17.81
CA THR C 165 42.93 26.47 -17.80
C THR C 165 43.85 27.49 -17.15
N ARG C 166 43.35 28.68 -16.91
CA ARG C 166 44.21 29.67 -16.30
C ARG C 166 44.57 29.26 -14.86
N TYR C 167 43.78 28.35 -14.28
CA TYR C 167 44.05 27.85 -12.92
C TYR C 167 45.10 26.76 -12.97
N GLY C 168 45.48 26.36 -14.18
CA GLY C 168 46.48 25.31 -14.31
C GLY C 168 45.86 24.00 -14.69
N LYS C 169 46.28 22.93 -14.01
CA LYS C 169 45.78 21.60 -14.31
C LYS C 169 44.39 21.34 -13.72
N CYS C 170 43.39 21.27 -14.58
CA CYS C 170 42.03 21.00 -14.13
C CYS C 170 41.51 19.73 -14.76
N TYR C 171 40.28 19.35 -14.39
CA TYR C 171 39.68 18.12 -14.86
C TYR C 171 38.24 18.25 -15.34
N THR C 172 37.91 17.53 -16.40
CA THR C 172 36.56 17.57 -16.96
C THR C 172 35.88 16.21 -16.92
N PHE C 173 34.72 16.14 -16.27
CA PHE C 173 33.94 14.91 -16.22
C PHE C 173 33.07 14.92 -17.48
N ASN C 174 32.91 13.76 -18.10
CA ASN C 174 32.07 13.63 -19.30
C ASN C 174 32.45 14.62 -20.41
N ALA C 175 33.74 14.70 -20.72
CA ALA C 175 34.21 15.62 -21.75
C ALA C 175 33.72 15.21 -23.14
N GLY C 176 33.45 13.92 -23.32
CA GLY C 176 32.98 13.44 -24.60
C GLY C 176 34.04 13.51 -25.68
N GLN C 177 35.30 13.49 -25.28
CA GLN C 177 36.41 13.54 -26.23
C GLN C 177 36.68 12.12 -26.71
N ASP C 178 36.95 11.24 -25.76
CA ASP C 178 37.24 9.84 -26.06
C ASP C 178 36.01 8.96 -25.85
N GLY C 179 36.21 7.65 -25.95
CA GLY C 179 35.12 6.72 -25.78
C GLY C 179 33.99 6.97 -26.75
N LYS C 180 32.76 6.82 -26.28
CA LYS C 180 31.59 7.03 -27.10
C LYS C 180 30.29 7.08 -26.27
N PRO C 181 30.08 6.11 -25.38
CA PRO C 181 28.89 6.05 -24.54
C PRO C 181 28.45 7.41 -23.99
N ARG C 182 27.43 7.98 -24.63
CA ARG C 182 26.88 9.27 -24.25
C ARG C 182 26.06 9.19 -22.96
N LEU C 183 26.47 9.95 -21.94
CA LEU C 183 25.77 9.94 -20.67
C LEU C 183 24.46 10.73 -20.78
N ILE C 184 23.37 10.10 -20.38
CA ILE C 184 22.06 10.72 -20.44
C ILE C 184 21.37 10.76 -19.08
N THR C 185 20.46 11.71 -18.93
CA THR C 185 19.68 11.86 -17.72
C THR C 185 18.22 11.68 -18.14
N MET C 186 17.42 11.09 -17.27
CA MET C 186 16.02 10.81 -17.60
C MET C 186 14.99 11.39 -16.62
N LYS C 187 15.36 11.48 -15.34
CA LYS C 187 14.43 11.97 -14.34
C LYS C 187 15.03 13.11 -13.52
N GLY C 188 14.17 13.87 -12.86
CA GLY C 188 14.66 14.97 -12.05
C GLY C 188 15.24 14.47 -10.74
N GLY C 189 16.21 15.20 -10.19
CA GLY C 189 16.76 14.79 -8.91
C GLY C 189 18.19 14.31 -8.89
N THR C 190 18.76 14.33 -7.69
CA THR C 190 20.13 13.93 -7.43
C THR C 190 20.48 12.53 -7.95
N GLY C 191 19.52 11.62 -7.87
CA GLY C 191 19.76 10.25 -8.32
C GLY C 191 20.18 10.13 -9.77
N ASN C 192 19.65 10.99 -10.63
CA ASN C 192 19.99 10.96 -12.06
C ASN C 192 21.18 11.85 -12.37
N GLY C 193 21.88 12.32 -11.35
CA GLY C 193 23.02 13.19 -11.58
C GLY C 193 24.37 12.67 -11.16
N LEU C 194 25.29 13.61 -10.98
CA LEU C 194 26.66 13.33 -10.59
C LEU C 194 26.91 13.71 -9.14
N GLU C 195 27.62 12.84 -8.40
CA GLU C 195 27.95 13.17 -7.02
C GLU C 195 29.41 12.83 -6.80
N ILE C 196 30.19 13.82 -6.41
CA ILE C 196 31.60 13.62 -6.16
C ILE C 196 32.01 14.18 -4.82
N MET C 197 32.94 13.48 -4.16
CA MET C 197 33.46 13.93 -2.88
C MET C 197 34.93 14.20 -3.16
N LEU C 198 35.37 15.40 -2.83
CA LEU C 198 36.75 15.80 -3.07
C LEU C 198 37.48 16.23 -1.80
N ASP C 199 38.80 16.10 -1.83
CA ASP C 199 39.68 16.54 -0.75
C ASP C 199 40.48 17.65 -1.44
N ILE C 200 40.28 18.91 -1.05
CA ILE C 200 41.00 19.99 -1.72
C ILE C 200 42.46 20.11 -1.28
N GLN C 201 42.85 19.32 -0.28
CA GLN C 201 44.23 19.29 0.21
C GLN C 201 44.89 20.61 0.58
N GLN C 202 44.35 21.31 1.57
CA GLN C 202 44.94 22.59 1.95
C GLN C 202 46.38 22.46 2.47
N ASP C 203 46.75 21.25 2.86
CA ASP C 203 48.10 21.00 3.37
C ASP C 203 49.12 21.10 2.23
N GLU C 204 48.64 21.07 1.00
CA GLU C 204 49.50 21.19 -0.18
C GLU C 204 49.48 22.60 -0.78
N TYR C 205 48.64 23.47 -0.23
CA TYR C 205 48.54 24.84 -0.75
C TYR C 205 49.85 25.60 -0.58
N LEU C 206 50.26 26.32 -1.62
CA LEU C 206 51.50 27.09 -1.53
C LEU C 206 51.27 28.29 -0.62
N PRO C 207 52.25 28.62 0.23
CA PRO C 207 52.08 29.78 1.11
C PRO C 207 51.90 31.01 0.23
N VAL C 208 51.05 31.93 0.67
CA VAL C 208 50.80 33.14 -0.09
C VAL C 208 51.53 34.29 0.58
N TRP C 209 52.55 34.82 -0.08
CA TRP C 209 53.34 35.91 0.47
C TRP C 209 53.21 37.21 -0.32
N GLY C 210 52.41 37.17 -1.38
CA GLY C 210 52.22 38.35 -2.19
C GLY C 210 50.97 38.18 -3.03
N GLU C 211 50.61 39.20 -3.79
CA GLU C 211 49.43 39.13 -4.63
C GLU C 211 49.81 39.06 -6.10
N THR C 212 49.54 37.92 -6.71
CA THR C 212 49.83 37.70 -8.12
C THR C 212 48.62 37.03 -8.74
N ASP C 213 48.62 36.88 -10.06
CA ASP C 213 47.49 36.24 -10.72
C ASP C 213 47.49 34.72 -10.49
N GLU C 214 48.63 34.18 -10.04
CA GLU C 214 48.72 32.74 -9.80
C GLU C 214 48.43 32.33 -8.34
N THR C 215 48.38 33.31 -7.44
CA THR C 215 48.11 33.04 -6.02
C THR C 215 46.66 33.38 -5.66
N SER C 216 46.14 32.71 -4.65
CA SER C 216 44.75 32.92 -4.23
C SER C 216 44.59 33.02 -2.71
N PHE C 217 43.68 33.88 -2.27
CA PHE C 217 43.42 34.01 -0.84
C PHE C 217 42.38 32.99 -0.43
N GLU C 218 41.72 32.38 -1.41
CA GLU C 218 40.64 31.42 -1.16
C GLU C 218 40.98 29.92 -1.19
N ALA C 219 40.13 29.13 -0.54
CA ALA C 219 40.27 27.68 -0.51
C ALA C 219 38.97 27.07 -1.02
N GLY C 220 39.08 26.09 -1.91
CA GLY C 220 37.92 25.44 -2.48
C GLY C 220 38.21 25.12 -3.93
N ILE C 221 37.16 24.99 -4.74
CA ILE C 221 37.32 24.70 -6.16
C ILE C 221 36.45 25.63 -6.98
N LYS C 222 36.75 25.70 -8.29
CA LYS C 222 36.00 26.49 -9.23
C LYS C 222 35.40 25.44 -10.17
N VAL C 223 34.15 25.62 -10.56
CA VAL C 223 33.46 24.66 -11.42
C VAL C 223 32.73 25.34 -12.56
N GLN C 224 32.62 24.65 -13.69
CA GLN C 224 31.88 25.18 -14.83
C GLN C 224 31.16 24.03 -15.53
N ILE C 225 29.85 24.21 -15.68
CA ILE C 225 29.02 23.22 -16.35
C ILE C 225 28.85 23.77 -17.75
N HIS C 226 29.24 22.99 -18.76
CA HIS C 226 29.16 23.46 -20.13
C HIS C 226 28.96 22.35 -21.15
N SER C 227 28.49 22.74 -22.33
CA SER C 227 28.28 21.81 -23.43
C SER C 227 29.64 21.18 -23.75
N GLN C 228 29.63 19.92 -24.21
CA GLN C 228 30.86 19.22 -24.54
C GLN C 228 31.63 19.84 -25.71
N ASP C 229 30.91 20.55 -26.58
CA ASP C 229 31.55 21.17 -27.74
C ASP C 229 32.00 22.60 -27.45
N GLU C 230 31.92 23.01 -26.20
CA GLU C 230 32.31 24.36 -25.81
C GLU C 230 33.48 24.27 -24.83
N PRO C 231 34.57 24.99 -25.10
CA PRO C 231 35.67 24.89 -24.15
C PRO C 231 35.33 25.69 -22.89
N PRO C 232 35.96 25.37 -21.75
CA PRO C 232 35.65 26.12 -20.55
C PRO C 232 36.39 27.47 -20.51
N LEU C 233 35.91 28.38 -19.66
CA LEU C 233 36.52 29.69 -19.45
C LEU C 233 36.24 29.89 -17.96
N ILE C 234 36.66 28.88 -17.20
CA ILE C 234 36.43 28.78 -15.77
C ILE C 234 36.86 29.91 -14.84
N ASP C 235 37.97 30.57 -15.16
CA ASP C 235 38.41 31.66 -14.30
C ASP C 235 37.42 32.81 -14.37
N GLN C 236 36.80 32.98 -15.53
CA GLN C 236 35.82 34.04 -15.75
C GLN C 236 34.38 33.65 -15.47
N LEU C 237 33.97 32.48 -15.94
CA LEU C 237 32.58 32.03 -15.82
C LEU C 237 32.22 30.94 -14.82
N GLY C 238 33.20 30.35 -14.15
CA GLY C 238 32.84 29.29 -13.24
C GLY C 238 32.13 29.76 -11.99
N PHE C 239 31.68 28.81 -11.17
CA PHE C 239 31.05 29.14 -9.91
C PHE C 239 31.89 28.47 -8.85
N GLY C 240 31.86 28.98 -7.63
CA GLY C 240 32.66 28.38 -6.59
C GLY C 240 31.95 27.33 -5.77
N VAL C 241 32.74 26.45 -5.17
CA VAL C 241 32.22 25.42 -4.29
C VAL C 241 33.17 25.41 -3.08
N ALA C 242 32.60 25.49 -1.89
CA ALA C 242 33.42 25.56 -0.68
C ALA C 242 33.65 24.27 0.08
N PRO C 243 34.81 24.14 0.72
CA PRO C 243 35.10 22.93 1.50
C PRO C 243 34.25 23.01 2.77
N GLY C 244 33.89 21.85 3.32
CA GLY C 244 33.09 21.86 4.54
C GLY C 244 31.60 21.86 4.28
N PHE C 245 31.22 21.65 3.02
CA PHE C 245 29.80 21.62 2.65
C PHE C 245 29.51 20.61 1.56
N GLN C 246 28.26 20.19 1.50
CA GLN C 246 27.81 19.34 0.41
C GLN C 246 26.98 20.36 -0.37
N THR C 247 27.37 20.59 -1.62
CA THR C 247 26.68 21.58 -2.44
C THR C 247 25.79 20.91 -3.49
N PHE C 248 24.53 21.33 -3.55
CA PHE C 248 23.56 20.81 -4.50
C PHE C 248 23.41 21.81 -5.63
N VAL C 249 23.55 21.33 -6.87
CA VAL C 249 23.40 22.20 -8.03
C VAL C 249 22.29 21.64 -8.93
N SER C 250 21.10 22.23 -8.80
CA SER C 250 19.93 21.82 -9.56
C SER C 250 19.88 22.62 -10.85
N CYS C 251 19.99 21.92 -11.98
CA CYS C 251 20.06 22.57 -13.29
C CYS C 251 18.88 22.42 -14.24
N GLN C 252 18.93 23.25 -15.28
CA GLN C 252 17.94 23.24 -16.35
C GLN C 252 18.69 23.59 -17.63
N GLU C 253 18.58 22.73 -18.64
CA GLU C 253 19.25 23.01 -19.91
C GLU C 253 18.41 23.99 -20.71
N GLN C 254 19.04 25.00 -21.27
CA GLN C 254 18.33 25.98 -22.08
C GLN C 254 19.02 26.11 -23.42
N ARG C 255 18.33 25.66 -24.46
CA ARG C 255 18.86 25.69 -25.82
C ARG C 255 18.34 26.94 -26.52
N LEU C 256 19.23 27.82 -26.93
CA LEU C 256 18.83 29.03 -27.63
C LEU C 256 19.29 28.98 -29.08
N ILE C 257 18.38 29.31 -29.98
CA ILE C 257 18.66 29.32 -31.42
C ILE C 257 18.44 30.73 -31.94
N TYR C 258 19.40 31.24 -32.70
CA TYR C 258 19.30 32.59 -33.25
C TYR C 258 19.33 32.57 -34.77
N LEU C 259 18.76 33.60 -35.38
CA LEU C 259 18.73 33.71 -36.83
C LEU C 259 19.87 34.59 -37.36
N PRO C 260 20.41 34.25 -38.54
CA PRO C 260 21.50 34.97 -39.18
C PRO C 260 21.12 36.41 -39.61
N PRO C 261 22.12 37.24 -39.93
CA PRO C 261 22.05 38.64 -40.35
C PRO C 261 20.75 39.25 -40.85
N PRO C 262 20.10 38.63 -41.86
CA PRO C 262 18.84 39.22 -42.33
C PRO C 262 17.83 39.43 -41.20
N TRP C 263 17.37 38.33 -40.62
CA TRP C 263 16.40 38.38 -39.53
C TRP C 263 17.07 38.72 -38.19
N GLY C 264 18.21 38.10 -37.94
CA GLY C 264 18.93 38.36 -36.70
C GLY C 264 20.33 38.88 -36.94
N ASP C 265 21.27 38.48 -36.09
CA ASP C 265 22.64 38.93 -36.23
C ASP C 265 23.65 37.93 -35.63
N CYS C 266 23.35 36.64 -35.76
CA CYS C 266 24.25 35.61 -35.23
C CYS C 266 25.28 35.17 -36.25
N LYS C 267 26.16 34.27 -35.82
CA LYS C 267 27.21 33.74 -36.69
C LYS C 267 27.16 32.21 -36.67
N ALA C 268 27.09 31.61 -37.86
CA ALA C 268 27.03 30.15 -37.97
C ALA C 268 28.14 29.48 -37.18
N THR C 269 27.77 28.53 -36.32
CA THR C 269 28.73 27.82 -35.49
C THR C 269 29.66 26.94 -36.33
N THR C 270 30.04 27.45 -37.50
CA THR C 270 30.93 26.75 -38.41
C THR C 270 31.78 27.75 -39.17
N GLY C 271 31.84 28.97 -38.64
CA GLY C 271 32.62 30.02 -39.29
C GLY C 271 34.12 29.74 -39.27
N ASP C 272 34.61 29.17 -40.36
CA ASP C 272 36.02 28.82 -40.51
C ASP C 272 36.70 28.46 -39.20
N SER C 273 36.44 27.23 -38.74
CA SER C 273 37.01 26.75 -37.48
C SER C 273 38.52 26.95 -37.41
N GLU C 274 38.97 27.63 -36.37
CA GLU C 274 40.39 27.90 -36.17
C GLU C 274 41.03 26.86 -35.25
N PHE C 275 40.81 27.02 -33.95
CA PHE C 275 41.35 26.09 -32.96
C PHE C 275 40.27 25.12 -32.51
N TYR C 276 39.01 25.47 -32.78
CA TYR C 276 37.88 24.64 -32.40
C TYR C 276 36.97 24.43 -33.60
N ASP C 277 36.28 23.29 -33.62
CA ASP C 277 35.39 22.95 -34.73
C ASP C 277 33.99 23.55 -34.62
N THR C 278 33.65 24.05 -33.43
CA THR C 278 32.34 24.64 -33.22
C THR C 278 32.50 26.08 -32.73
N TYR C 279 31.66 26.97 -33.25
CA TYR C 279 31.73 28.37 -32.84
C TYR C 279 30.92 28.63 -31.56
N SER C 280 31.55 29.28 -30.60
CA SER C 280 30.91 29.63 -29.34
C SER C 280 31.59 30.92 -28.89
N ILE C 281 30.97 31.63 -27.95
CA ILE C 281 31.57 32.86 -27.48
C ILE C 281 32.93 32.56 -26.86
N THR C 282 33.00 31.49 -26.07
CA THR C 282 34.25 31.12 -25.42
C THR C 282 35.37 30.75 -26.39
N ALA C 283 35.06 29.96 -27.41
CA ALA C 283 36.06 29.57 -28.39
C ALA C 283 36.61 30.82 -29.05
N CYS C 284 35.71 31.75 -29.36
CA CYS C 284 36.09 33.01 -29.99
C CYS C 284 36.98 33.84 -29.07
N ARG C 285 36.65 33.90 -27.78
CA ARG C 285 37.46 34.67 -26.84
C ARG C 285 38.86 34.05 -26.69
N ILE C 286 38.93 32.74 -26.51
CA ILE C 286 40.22 32.07 -26.34
C ILE C 286 41.07 32.23 -27.60
N ASP C 287 40.45 32.11 -28.76
CA ASP C 287 41.15 32.26 -30.03
C ASP C 287 41.73 33.67 -30.12
N CYS C 288 40.89 34.66 -29.85
CA CYS C 288 41.31 36.05 -29.89
C CYS C 288 42.40 36.35 -28.87
N GLU C 289 42.24 35.86 -27.64
CA GLU C 289 43.23 36.06 -26.59
C GLU C 289 44.58 35.47 -27.00
N THR C 290 44.54 34.28 -27.60
CA THR C 290 45.76 33.60 -28.02
C THR C 290 46.51 34.40 -29.08
N ARG C 291 45.77 34.90 -30.07
CA ARG C 291 46.40 35.68 -31.13
C ARG C 291 46.99 36.96 -30.56
N TYR C 292 46.29 37.56 -29.61
CA TYR C 292 46.73 38.79 -28.97
C TYR C 292 48.06 38.57 -28.26
N LEU C 293 48.13 37.51 -27.45
CA LEU C 293 49.35 37.20 -26.71
C LEU C 293 50.51 36.80 -27.61
N VAL C 294 50.26 35.96 -28.61
CA VAL C 294 51.32 35.53 -29.50
C VAL C 294 51.91 36.72 -30.24
N GLU C 295 51.05 37.68 -30.59
CA GLU C 295 51.47 38.88 -31.31
C GLU C 295 52.20 39.89 -30.44
N ASN C 296 51.72 40.07 -29.21
CA ASN C 296 52.30 41.05 -28.30
C ASN C 296 53.35 40.51 -27.34
N CYS C 297 53.34 39.20 -27.10
CA CYS C 297 54.29 38.59 -26.17
C CYS C 297 55.19 37.55 -26.81
N ASN C 298 54.84 37.14 -28.02
CA ASN C 298 55.61 36.13 -28.76
C ASN C 298 55.54 34.77 -28.07
N CYS C 299 54.48 34.54 -27.30
CA CYS C 299 54.30 33.27 -26.60
C CYS C 299 52.83 33.12 -26.22
N ARG C 300 52.45 31.90 -25.88
CA ARG C 300 51.08 31.63 -25.47
C ARG C 300 51.14 31.08 -24.06
N MET C 301 50.08 31.27 -23.29
CA MET C 301 50.04 30.74 -21.95
C MET C 301 49.75 29.25 -22.07
N VAL C 302 50.08 28.50 -21.03
CA VAL C 302 49.88 27.05 -21.04
C VAL C 302 48.49 26.55 -21.42
N HIS C 303 47.46 27.33 -21.11
CA HIS C 303 46.10 26.89 -21.42
C HIS C 303 45.59 27.29 -22.79
N MET C 304 46.45 27.92 -23.60
CA MET C 304 46.04 28.35 -24.93
C MET C 304 46.42 27.39 -26.04
N PRO C 305 45.59 27.30 -27.08
CA PRO C 305 45.81 26.41 -28.23
C PRO C 305 46.85 26.95 -29.20
N GLY C 306 47.11 26.19 -30.26
CA GLY C 306 48.08 26.62 -31.25
C GLY C 306 49.41 25.91 -31.06
N ASP C 307 50.47 26.48 -31.62
CA ASP C 307 51.79 25.88 -31.49
C ASP C 307 52.87 26.90 -31.18
N ALA C 308 52.46 28.09 -30.75
CA ALA C 308 53.42 29.12 -30.40
C ALA C 308 54.17 28.62 -29.17
N PRO C 309 55.37 29.16 -28.91
CA PRO C 309 56.14 28.72 -27.75
C PRO C 309 55.37 29.08 -26.49
N TYR C 310 55.55 28.30 -25.42
CA TYR C 310 54.87 28.57 -24.15
C TYR C 310 55.60 29.70 -23.45
N CYS C 311 54.86 30.64 -22.86
CA CYS C 311 55.51 31.73 -22.14
C CYS C 311 56.33 31.19 -20.98
N THR C 312 57.47 31.82 -20.71
CA THR C 312 58.33 31.44 -19.59
C THR C 312 57.79 32.18 -18.36
N PRO C 313 58.27 31.83 -17.16
CA PRO C 313 57.77 32.51 -15.95
C PRO C 313 57.99 34.01 -16.08
N GLU C 314 59.13 34.38 -16.66
CA GLU C 314 59.47 35.78 -16.85
C GLU C 314 58.42 36.44 -17.75
N GLN C 315 58.08 35.77 -18.85
CA GLN C 315 57.09 36.31 -19.79
C GLN C 315 55.69 36.40 -19.18
N TYR C 316 55.36 35.46 -18.29
CA TYR C 316 54.05 35.48 -17.63
C TYR C 316 53.91 36.76 -16.81
N LYS C 317 54.94 37.05 -16.03
CA LYS C 317 54.94 38.23 -15.18
C LYS C 317 55.05 39.55 -15.92
N GLU C 318 55.88 39.59 -16.95
CA GLU C 318 56.09 40.83 -17.69
C GLU C 318 55.12 41.15 -18.81
N CYS C 319 54.67 40.14 -19.54
CA CYS C 319 53.79 40.38 -20.68
C CYS C 319 52.46 39.65 -20.69
N ALA C 320 52.49 38.35 -20.47
CA ALA C 320 51.28 37.53 -20.53
C ALA C 320 50.18 37.83 -19.51
N ASP C 321 50.48 37.76 -18.21
CA ASP C 321 49.43 38.05 -17.24
C ASP C 321 48.85 39.45 -17.44
N PRO C 322 49.72 40.47 -17.60
CA PRO C 322 49.19 41.82 -17.81
C PRO C 322 48.32 41.90 -19.06
N ALA C 323 48.74 41.22 -20.12
CA ALA C 323 47.99 41.24 -21.36
C ALA C 323 46.64 40.53 -21.22
N LEU C 324 46.63 39.33 -20.63
CA LEU C 324 45.38 38.61 -20.49
C LEU C 324 44.46 39.36 -19.53
N ASP C 325 45.02 39.97 -18.48
CA ASP C 325 44.19 40.74 -17.55
C ASP C 325 43.56 41.92 -18.28
N PHE C 326 44.33 42.58 -19.14
CA PHE C 326 43.79 43.71 -19.89
C PHE C 326 42.57 43.26 -20.69
N LEU C 327 42.69 42.13 -21.38
CA LEU C 327 41.60 41.61 -22.21
C LEU C 327 40.34 41.20 -21.46
N VAL C 328 40.49 40.53 -20.32
CA VAL C 328 39.30 40.08 -19.60
C VAL C 328 38.73 41.14 -18.66
N GLU C 329 39.47 42.21 -18.42
CA GLU C 329 39.00 43.28 -17.52
C GLU C 329 38.66 44.63 -18.16
N LYS C 330 39.61 45.18 -18.91
CA LYS C 330 39.45 46.51 -19.51
C LYS C 330 39.06 46.62 -20.97
N ASP C 331 39.52 45.68 -21.79
CA ASP C 331 39.25 45.71 -23.23
C ASP C 331 37.78 45.85 -23.62
N ASN C 332 37.51 46.80 -24.51
CA ASN C 332 36.16 47.05 -25.03
C ASN C 332 36.12 46.90 -26.56
N GLU C 333 37.26 46.66 -27.19
CA GLU C 333 37.29 46.59 -28.65
C GLU C 333 38.10 45.48 -29.33
N TYR C 334 39.21 45.07 -28.72
CA TYR C 334 40.06 44.04 -29.33
C TYR C 334 39.43 42.67 -29.47
N CYS C 335 38.91 42.14 -28.38
CA CYS C 335 38.31 40.82 -28.41
C CYS C 335 36.82 40.82 -28.09
N VAL C 336 36.01 41.11 -29.10
CA VAL C 336 34.56 41.14 -28.96
C VAL C 336 34.00 40.09 -29.91
N CYS C 337 33.09 39.26 -29.42
CA CYS C 337 32.55 38.19 -30.23
C CYS C 337 31.12 38.35 -30.70
N GLU C 338 30.82 37.80 -31.88
CA GLU C 338 29.48 37.86 -32.44
C GLU C 338 28.65 36.77 -31.78
N MET C 339 27.35 36.99 -31.72
CA MET C 339 26.44 36.01 -31.13
C MET C 339 26.47 34.73 -31.95
N PRO C 340 26.57 33.57 -31.29
CA PRO C 340 26.58 32.30 -32.04
C PRO C 340 25.13 32.03 -32.41
N CYS C 341 24.89 31.18 -33.40
CA CYS C 341 23.51 30.89 -33.77
C CYS C 341 22.94 29.78 -32.89
N ASN C 342 23.83 29.07 -32.21
CA ASN C 342 23.46 28.00 -31.30
C ASN C 342 24.18 28.20 -29.97
N VAL C 343 23.42 28.29 -28.89
CA VAL C 343 23.96 28.48 -27.55
C VAL C 343 23.22 27.59 -26.54
N THR C 344 23.97 26.97 -25.65
CA THR C 344 23.37 26.14 -24.61
C THR C 344 23.74 26.72 -23.25
N ARG C 345 22.74 27.19 -22.52
CA ARG C 345 22.95 27.78 -21.21
C ARG C 345 22.40 26.81 -20.17
N TYR C 346 23.03 26.77 -19.00
CA TYR C 346 22.58 25.90 -17.93
C TYR C 346 22.15 26.75 -16.74
N GLY C 347 20.84 26.84 -16.53
CA GLY C 347 20.33 27.59 -15.39
C GLY C 347 20.68 26.76 -14.17
N LYS C 348 21.10 27.41 -13.09
CA LYS C 348 21.50 26.69 -11.88
C LYS C 348 21.00 27.30 -10.59
N GLU C 349 20.61 26.45 -9.66
CA GLU C 349 20.15 26.89 -8.34
C GLU C 349 21.00 26.08 -7.36
N LEU C 350 21.81 26.77 -6.55
CA LEU C 350 22.69 26.12 -5.59
C LEU C 350 22.22 26.22 -4.15
N SER C 351 22.54 25.20 -3.37
CA SER C 351 22.19 25.16 -1.95
C SER C 351 23.24 24.30 -1.26
N MET C 352 23.27 24.33 0.06
CA MET C 352 24.25 23.54 0.76
C MET C 352 23.90 23.14 2.18
N VAL C 353 24.54 22.07 2.63
CA VAL C 353 24.39 21.58 3.99
C VAL C 353 25.82 21.35 4.46
N LYS C 354 26.00 21.19 5.75
CA LYS C 354 27.32 21.04 6.32
C LYS C 354 27.89 19.63 6.29
N ILE C 355 29.20 19.54 6.07
CA ILE C 355 29.87 18.24 6.12
C ILE C 355 31.22 18.49 6.80
N PRO C 356 31.59 17.63 7.76
CA PRO C 356 30.85 16.47 8.24
C PRO C 356 29.98 16.84 9.43
N SER C 357 29.06 15.95 9.79
CA SER C 357 28.24 16.18 10.98
C SER C 357 29.18 15.74 12.10
N LYS C 358 28.87 16.09 13.34
CA LYS C 358 29.71 15.68 14.45
C LYS C 358 29.71 14.14 14.51
N ALA C 359 28.57 13.56 14.16
CA ALA C 359 28.39 12.11 14.20
C ALA C 359 29.10 11.31 13.13
N SER C 360 29.57 11.96 12.09
CA SER C 360 30.25 11.24 11.01
C SER C 360 31.70 11.65 10.88
N ALA C 361 32.07 12.76 11.53
CA ALA C 361 33.43 13.28 11.45
C ALA C 361 34.48 12.23 11.78
N LYS C 362 34.27 11.46 12.84
CA LYS C 362 35.24 10.44 13.23
C LYS C 362 35.35 9.34 12.19
N TYR C 363 34.22 8.97 11.58
CA TYR C 363 34.21 7.92 10.56
C TYR C 363 35.03 8.35 9.34
N LEU C 364 34.82 9.58 8.90
CA LEU C 364 35.54 10.10 7.74
C LEU C 364 37.02 10.30 8.06
N ALA C 365 37.31 10.77 9.27
CA ALA C 365 38.68 10.99 9.68
C ALA C 365 39.45 9.67 9.61
N LYS C 366 38.86 8.62 10.16
CA LYS C 366 39.48 7.30 10.15
C LYS C 366 39.60 6.73 8.75
N LYS C 367 38.53 6.85 7.97
CA LYS C 367 38.52 6.32 6.62
C LYS C 367 39.66 6.87 5.74
N TYR C 368 39.96 8.16 5.87
CA TYR C 368 41.02 8.78 5.07
C TYR C 368 42.29 9.14 5.83
N ASN C 369 42.41 8.63 7.04
CA ASN C 369 43.57 8.88 7.89
C ASN C 369 43.91 10.36 8.03
N LYS C 370 42.92 11.14 8.43
CA LYS C 370 43.10 12.57 8.63
C LYS C 370 42.49 12.93 9.97
N SER C 371 42.80 14.13 10.48
CA SER C 371 42.22 14.54 11.74
C SER C 371 40.82 15.05 11.43
N GLU C 372 39.96 15.03 12.43
CA GLU C 372 38.60 15.52 12.23
C GLU C 372 38.61 16.96 11.77
N GLN C 373 39.55 17.74 12.27
CA GLN C 373 39.65 19.15 11.88
C GLN C 373 39.98 19.25 10.40
N TYR C 374 40.88 18.40 9.92
CA TYR C 374 41.25 18.39 8.52
C TYR C 374 40.04 18.13 7.64
N ILE C 375 39.27 17.09 7.99
CA ILE C 375 38.07 16.75 7.23
C ILE C 375 37.17 17.98 7.09
N GLY C 376 36.95 18.67 8.21
CA GLY C 376 36.09 19.85 8.19
C GLY C 376 36.57 21.02 7.33
N GLU C 377 37.87 21.08 7.07
CA GLU C 377 38.40 22.19 6.27
C GLU C 377 38.82 21.80 4.85
N ASN C 378 38.72 20.52 4.51
CA ASN C 378 39.15 20.11 3.18
C ASN C 378 38.18 19.28 2.35
N ILE C 379 37.25 18.61 3.02
CA ILE C 379 36.31 17.77 2.30
C ILE C 379 35.05 18.51 1.84
N LEU C 380 34.62 18.20 0.63
CA LEU C 380 33.41 18.79 0.11
C LEU C 380 32.72 17.74 -0.74
N VAL C 381 31.42 17.88 -0.91
CA VAL C 381 30.65 16.95 -1.73
C VAL C 381 29.89 17.83 -2.70
N LEU C 382 29.91 17.46 -3.97
CA LEU C 382 29.24 18.25 -4.99
C LEU C 382 28.27 17.37 -5.79
N ASP C 383 27.01 17.79 -5.83
CA ASP C 383 25.97 17.08 -6.56
C ASP C 383 25.46 17.94 -7.71
N ILE C 384 25.59 17.45 -8.94
CA ILE C 384 25.12 18.19 -10.11
C ILE C 384 24.05 17.34 -10.80
N PHE C 385 22.84 17.86 -10.84
CA PHE C 385 21.71 17.14 -11.42
C PHE C 385 20.70 18.10 -12.05
N PHE C 386 19.63 17.56 -12.62
CA PHE C 386 18.60 18.39 -13.25
C PHE C 386 17.26 18.32 -12.54
N GLU C 387 16.49 19.39 -12.63
CA GLU C 387 15.17 19.39 -12.02
C GLU C 387 14.20 18.69 -13.00
N ALA C 388 12.97 18.46 -12.56
CA ALA C 388 11.98 17.78 -13.41
C ALA C 388 11.88 18.44 -14.79
N LEU C 389 11.57 19.75 -14.82
CA LEU C 389 11.49 20.47 -16.09
C LEU C 389 12.94 20.83 -16.43
N ASN C 390 13.63 19.85 -16.99
CA ASN C 390 15.05 19.95 -17.33
C ASN C 390 15.41 20.59 -18.66
N TYR C 391 14.42 20.89 -19.49
CA TYR C 391 14.72 21.41 -20.83
C TYR C 391 13.87 22.59 -21.28
N GLU C 392 14.54 23.68 -21.64
CA GLU C 392 13.84 24.86 -22.12
C GLU C 392 14.42 25.21 -23.49
N THR C 393 13.55 25.65 -24.39
CA THR C 393 14.01 26.01 -25.72
C THR C 393 13.51 27.42 -26.02
N ILE C 394 14.42 28.25 -26.53
CA ILE C 394 14.10 29.64 -26.89
C ILE C 394 14.69 29.82 -28.28
N GLU C 395 13.83 29.74 -29.29
CA GLU C 395 14.28 29.83 -30.67
C GLU C 395 13.65 30.94 -31.51
N GLN C 396 14.50 31.71 -32.17
CA GLN C 396 14.04 32.78 -33.05
C GLN C 396 13.59 32.10 -34.34
N LYS C 397 12.41 32.45 -34.81
CA LYS C 397 11.87 31.89 -36.05
C LYS C 397 11.43 33.03 -36.95
N LYS C 398 11.53 32.81 -38.26
CA LYS C 398 11.12 33.80 -39.24
C LYS C 398 9.61 33.96 -39.08
N ALA C 399 9.17 35.18 -38.78
CA ALA C 399 7.75 35.45 -38.58
C ALA C 399 6.92 35.59 -39.85
N TYR C 400 7.58 35.79 -40.99
CA TYR C 400 6.84 35.96 -42.24
C TYR C 400 7.68 35.57 -43.45
N GLU C 401 7.59 34.30 -43.83
CA GLU C 401 8.33 33.79 -44.98
C GLU C 401 7.59 34.05 -46.29
N VAL C 402 8.28 33.85 -47.41
CA VAL C 402 7.69 34.06 -48.73
C VAL C 402 6.36 33.33 -48.88
N ALA C 403 6.33 32.05 -48.51
CA ALA C 403 5.11 31.26 -48.60
C ALA C 403 3.97 31.93 -47.85
N GLY C 404 4.29 32.58 -46.75
CA GLY C 404 3.27 33.26 -45.97
C GLY C 404 2.79 34.51 -46.67
N LEU C 405 3.71 35.19 -47.33
CA LEU C 405 3.38 36.42 -48.06
C LEU C 405 2.46 36.06 -49.23
N LEU C 406 2.82 35.01 -49.94
CA LEU C 406 2.02 34.55 -51.08
C LEU C 406 0.61 34.20 -50.63
N GLY C 407 0.51 33.43 -49.56
CA GLY C 407 -0.80 33.03 -49.06
C GLY C 407 -1.67 34.25 -48.80
N ASP C 408 -1.10 35.25 -48.14
CA ASP C 408 -1.82 36.48 -47.83
C ASP C 408 -2.22 37.25 -49.08
N ILE C 409 -1.32 37.30 -50.06
CA ILE C 409 -1.61 37.99 -51.30
C ILE C 409 -2.70 37.22 -52.03
N GLY C 410 -2.59 35.90 -52.01
CA GLY C 410 -3.57 35.05 -52.67
C GLY C 410 -4.94 35.20 -52.04
N GLY C 411 -4.98 35.38 -50.73
CA GLY C 411 -6.24 35.53 -50.04
C GLY C 411 -6.86 36.88 -50.36
N GLN C 412 -6.01 37.90 -50.51
CA GLN C 412 -6.48 39.23 -50.82
C GLN C 412 -7.05 39.31 -52.23
N MET C 413 -6.37 38.67 -53.18
CA MET C 413 -6.85 38.68 -54.55
C MET C 413 -8.16 37.91 -54.62
N GLY C 414 -8.28 36.88 -53.78
CA GLY C 414 -9.51 36.10 -53.74
C GLY C 414 -10.67 36.98 -53.32
N LEU C 415 -10.41 37.91 -52.41
CA LEU C 415 -11.43 38.83 -51.93
C LEU C 415 -11.72 39.88 -53.00
N PHE C 416 -10.69 40.25 -53.74
CA PHE C 416 -10.81 41.24 -54.80
C PHE C 416 -11.72 40.71 -55.90
N ILE C 417 -11.35 39.55 -56.46
CA ILE C 417 -12.13 38.92 -57.51
C ILE C 417 -13.55 38.65 -57.05
N GLY C 418 -13.69 38.19 -55.81
CA GLY C 418 -15.00 37.90 -55.27
C GLY C 418 -15.91 39.11 -55.25
N ALA C 419 -15.37 40.25 -54.84
CA ALA C 419 -16.14 41.47 -54.76
C ALA C 419 -16.42 42.05 -56.15
N SER C 420 -15.42 41.97 -57.03
CA SER C 420 -15.55 42.49 -58.38
C SER C 420 -16.58 41.70 -59.18
N ILE C 421 -16.76 40.42 -58.84
CA ILE C 421 -17.73 39.57 -59.52
C ILE C 421 -19.14 40.11 -59.28
N LEU C 422 -19.38 40.61 -58.08
CA LEU C 422 -20.69 41.17 -57.74
C LEU C 422 -20.93 42.38 -58.63
N THR C 423 -19.86 43.10 -58.94
CA THR C 423 -19.95 44.28 -59.79
C THR C 423 -20.25 43.91 -61.24
N VAL C 424 -19.40 43.07 -61.81
CA VAL C 424 -19.58 42.62 -63.19
C VAL C 424 -20.99 42.07 -63.37
N LEU C 425 -21.49 41.40 -62.37
CA LEU C 425 -22.81 40.80 -62.42
C LEU C 425 -23.95 41.82 -62.28
N GLU C 426 -23.76 42.90 -61.49
CA GLU C 426 -24.78 43.95 -61.34
C GLU C 426 -24.64 45.11 -62.33
N LEU C 427 -23.44 45.27 -62.90
CA LEU C 427 -23.21 46.35 -63.85
C LEU C 427 -22.98 45.80 -65.25
N PHE C 428 -23.46 44.59 -65.51
CA PHE C 428 -23.30 43.98 -66.82
C PHE C 428 -24.16 44.68 -67.86
N ASP C 429 -25.48 44.51 -67.74
CA ASP C 429 -26.43 45.12 -68.68
C ASP C 429 -26.09 46.58 -68.97
N TYR C 430 -25.75 47.32 -67.92
CA TYR C 430 -25.42 48.73 -68.08
C TYR C 430 -24.17 48.94 -68.92
N ALA C 431 -23.00 48.85 -68.27
CA ALA C 431 -21.72 49.05 -68.95
C ALA C 431 -21.53 48.18 -70.18
N TYR C 432 -22.30 47.11 -70.29
CA TYR C 432 -22.16 46.22 -71.44
C TYR C 432 -23.52 45.73 -71.96
N LEU D 17 -51.26 -39.63 -58.80
CA LEU D 17 -52.51 -39.24 -58.08
C LEU D 17 -52.29 -38.02 -57.19
N LYS D 18 -53.26 -37.11 -57.20
CA LYS D 18 -53.18 -35.91 -56.38
C LYS D 18 -53.67 -36.24 -54.99
N ARG D 19 -54.10 -37.49 -54.79
CA ARG D 19 -54.59 -37.92 -53.49
C ARG D 19 -53.55 -38.74 -52.73
N VAL D 20 -52.67 -39.41 -53.46
CA VAL D 20 -51.61 -40.20 -52.83
C VAL D 20 -50.67 -39.24 -52.12
N VAL D 21 -50.58 -38.02 -52.66
CA VAL D 21 -49.74 -36.98 -52.10
C VAL D 21 -50.50 -36.31 -50.96
N TRP D 22 -51.82 -36.25 -51.09
CA TRP D 22 -52.67 -35.64 -50.09
C TRP D 22 -52.68 -36.51 -48.84
N ALA D 23 -52.71 -37.82 -49.05
CA ALA D 23 -52.73 -38.77 -47.94
C ALA D 23 -51.39 -38.82 -47.21
N LEU D 24 -50.29 -38.69 -47.94
CA LEU D 24 -48.97 -38.74 -47.32
C LEU D 24 -48.70 -37.54 -46.43
N CYS D 25 -49.45 -36.45 -46.63
CA CYS D 25 -49.29 -35.25 -45.81
C CYS D 25 -49.74 -35.59 -44.40
N PHE D 26 -50.80 -36.40 -44.32
CA PHE D 26 -51.36 -36.84 -43.05
C PHE D 26 -50.41 -37.88 -42.46
N MET D 27 -49.70 -38.57 -43.35
CA MET D 27 -48.74 -39.59 -42.93
C MET D 27 -47.53 -38.93 -42.29
N GLY D 28 -47.06 -37.84 -42.90
CA GLY D 28 -45.92 -37.13 -42.37
C GLY D 28 -46.20 -36.62 -40.97
N SER D 29 -47.43 -36.17 -40.75
CA SER D 29 -47.83 -35.66 -39.45
C SER D 29 -47.84 -36.77 -38.41
N LEU D 30 -48.29 -37.96 -38.83
CA LEU D 30 -48.34 -39.10 -37.93
C LEU D 30 -46.93 -39.62 -37.67
N ALA D 31 -46.07 -39.52 -38.70
CA ALA D 31 -44.69 -39.97 -38.59
C ALA D 31 -43.94 -39.07 -37.61
N LEU D 32 -44.17 -37.77 -37.70
CA LEU D 32 -43.52 -36.81 -36.82
C LEU D 32 -43.88 -37.08 -35.36
N LEU D 33 -45.15 -37.36 -35.11
CA LEU D 33 -45.63 -37.64 -33.77
C LEU D 33 -44.96 -38.92 -33.27
N ALA D 34 -44.72 -39.85 -34.19
CA ALA D 34 -44.10 -41.12 -33.87
C ALA D 34 -42.65 -40.93 -33.41
N LEU D 35 -41.90 -40.12 -34.14
CA LEU D 35 -40.51 -39.84 -33.79
C LEU D 35 -40.39 -39.21 -32.41
N VAL D 36 -41.15 -38.13 -32.22
CA VAL D 36 -41.14 -37.42 -30.93
C VAL D 36 -41.54 -38.34 -29.78
N CYS D 37 -42.77 -38.83 -29.81
CA CYS D 37 -43.25 -39.71 -28.76
C CYS D 37 -42.26 -40.82 -28.43
N THR D 38 -41.85 -41.57 -29.46
CA THR D 38 -40.90 -42.64 -29.27
C THR D 38 -39.68 -42.13 -28.50
N ASN D 39 -39.18 -40.98 -28.92
CA ASN D 39 -38.02 -40.36 -28.28
C ASN D 39 -38.24 -40.04 -26.81
N ARG D 40 -39.35 -39.39 -26.49
CA ARG D 40 -39.66 -39.02 -25.11
C ARG D 40 -40.06 -40.21 -24.25
N ILE D 41 -40.70 -41.20 -24.86
CA ILE D 41 -41.13 -42.39 -24.12
C ILE D 41 -39.92 -43.21 -23.70
N GLN D 42 -38.89 -43.20 -24.53
CA GLN D 42 -37.67 -43.94 -24.24
C GLN D 42 -36.93 -43.33 -23.06
N TYR D 43 -36.87 -42.00 -23.03
CA TYR D 43 -36.20 -41.29 -21.96
C TYR D 43 -36.92 -41.52 -20.63
N TYR D 44 -38.25 -41.54 -20.68
CA TYR D 44 -39.06 -41.76 -19.50
C TYR D 44 -38.72 -43.09 -18.82
N PHE D 45 -38.67 -44.15 -19.61
CA PHE D 45 -38.38 -45.48 -19.09
C PHE D 45 -36.95 -45.64 -18.58
N LEU D 46 -36.16 -44.58 -18.68
CA LEU D 46 -34.79 -44.61 -18.18
C LEU D 46 -34.89 -44.23 -16.71
N TYR D 47 -36.06 -43.70 -16.34
CA TYR D 47 -36.35 -43.27 -14.98
C TYR D 47 -35.21 -42.47 -14.36
N PRO D 48 -34.82 -41.35 -15.01
CA PRO D 48 -33.75 -40.50 -14.50
C PRO D 48 -34.21 -39.79 -13.24
N HIS D 49 -33.27 -39.36 -12.41
CA HIS D 49 -33.63 -38.67 -11.19
C HIS D 49 -32.70 -37.49 -10.95
N VAL D 50 -33.16 -36.54 -10.13
CA VAL D 50 -32.36 -35.38 -9.80
C VAL D 50 -32.27 -35.31 -8.28
N THR D 51 -31.13 -34.83 -7.78
CA THR D 51 -30.93 -34.72 -6.35
C THR D 51 -30.93 -33.23 -6.00
N LYS D 52 -31.97 -32.81 -5.28
CA LYS D 52 -32.11 -31.41 -4.91
C LYS D 52 -31.46 -31.09 -3.56
N LEU D 53 -30.60 -30.09 -3.56
CA LEU D 53 -29.89 -29.67 -2.36
C LEU D 53 -30.30 -28.26 -1.91
N ASP D 54 -30.31 -28.07 -0.60
CA ASP D 54 -30.62 -26.78 0.00
C ASP D 54 -30.09 -26.75 1.44
N GLU D 55 -29.50 -25.63 1.81
CA GLU D 55 -28.95 -25.48 3.16
C GLU D 55 -29.45 -24.14 3.68
N VAL D 56 -30.33 -24.19 4.66
CA VAL D 56 -30.92 -22.98 5.22
C VAL D 56 -31.01 -22.99 6.74
N ALA D 57 -31.50 -21.88 7.28
CA ALA D 57 -31.70 -21.73 8.71
C ALA D 57 -33.18 -21.96 8.99
N ALA D 58 -33.53 -23.21 9.28
CA ALA D 58 -34.92 -23.55 9.56
C ALA D 58 -35.41 -22.85 10.82
N THR D 59 -36.66 -23.11 11.18
CA THR D 59 -37.26 -22.53 12.38
C THR D 59 -38.04 -23.64 13.06
N ARG D 60 -38.09 -23.61 14.40
CA ARG D 60 -38.82 -24.64 15.13
C ARG D 60 -38.19 -26.01 14.93
N LEU D 61 -36.87 -26.04 14.75
CA LEU D 61 -36.16 -27.31 14.54
C LEU D 61 -36.34 -28.22 15.76
N THR D 62 -36.67 -29.49 15.51
CA THR D 62 -36.88 -30.46 16.59
C THR D 62 -35.55 -31.00 17.11
N PHE D 63 -35.27 -30.76 18.39
CA PHE D 63 -34.01 -31.24 18.98
C PHE D 63 -33.96 -32.77 18.97
N PRO D 64 -32.81 -33.34 18.58
CA PRO D 64 -32.68 -34.80 18.54
C PRO D 64 -32.58 -35.47 19.91
N ALA D 65 -32.46 -36.79 19.89
CA ALA D 65 -32.29 -37.55 21.11
C ALA D 65 -30.78 -37.62 21.30
N VAL D 66 -30.33 -37.66 22.56
CA VAL D 66 -28.91 -37.74 22.85
C VAL D 66 -28.68 -38.84 23.87
N THR D 67 -28.01 -39.90 23.43
CA THR D 67 -27.73 -41.04 24.28
C THR D 67 -26.26 -41.03 24.71
N PHE D 68 -26.00 -41.37 25.97
CA PHE D 68 -24.60 -41.42 26.41
C PHE D 68 -24.40 -42.57 27.37
N CYS D 69 -23.17 -43.06 27.41
CA CYS D 69 -22.79 -44.16 28.28
C CYS D 69 -21.44 -43.89 28.92
N ASN D 70 -21.26 -44.38 30.15
CA ASN D 70 -19.98 -44.25 30.81
C ASN D 70 -19.17 -45.37 30.15
N LEU D 71 -17.87 -45.16 29.92
CA LEU D 71 -17.05 -46.20 29.31
C LEU D 71 -16.89 -47.37 30.26
N ASN D 72 -17.11 -47.12 31.55
CA ASN D 72 -17.02 -48.18 32.55
C ASN D 72 -18.41 -48.81 32.64
N GLU D 73 -18.48 -50.13 32.51
CA GLU D 73 -19.77 -50.81 32.55
C GLU D 73 -20.32 -51.23 33.91
N PHE D 74 -19.44 -51.53 34.87
CA PHE D 74 -19.89 -51.97 36.18
C PHE D 74 -19.21 -51.23 37.33
N ARG D 75 -20.02 -50.67 38.22
CA ARG D 75 -19.47 -49.95 39.37
C ARG D 75 -18.85 -50.97 40.33
N PHE D 76 -17.59 -50.75 40.65
CA PHE D 76 -16.85 -51.65 41.55
C PHE D 76 -17.60 -51.93 42.86
N SER D 77 -18.07 -50.89 43.52
CA SER D 77 -18.79 -51.05 44.80
C SER D 77 -20.11 -51.79 44.71
N ARG D 78 -20.60 -52.03 43.49
CA ARG D 78 -21.88 -52.71 43.31
C ARG D 78 -21.76 -54.16 42.85
N VAL D 79 -20.53 -54.66 42.73
CA VAL D 79 -20.32 -56.03 42.33
C VAL D 79 -20.31 -56.91 43.59
N THR D 80 -21.27 -57.82 43.68
CA THR D 80 -21.39 -58.70 44.83
C THR D 80 -20.61 -60.00 44.66
N LYS D 81 -20.57 -60.77 45.74
CA LYS D 81 -19.88 -62.06 45.73
C LYS D 81 -20.51 -62.94 44.66
N ASN D 82 -21.84 -62.94 44.62
CA ASN D 82 -22.56 -63.74 43.65
C ASN D 82 -22.30 -63.24 42.22
N ASP D 83 -22.12 -61.93 42.07
CA ASP D 83 -21.85 -61.38 40.74
C ASP D 83 -20.48 -61.86 40.29
N LEU D 84 -19.51 -61.73 41.18
CA LEU D 84 -18.14 -62.12 40.89
C LEU D 84 -18.08 -63.59 40.51
N TYR D 85 -18.87 -64.41 41.20
CA TYR D 85 -18.90 -65.85 40.94
C TYR D 85 -19.35 -66.17 39.53
N HIS D 86 -20.48 -65.59 39.12
CA HIS D 86 -21.03 -65.84 37.79
C HIS D 86 -20.34 -65.09 36.65
N ALA D 87 -19.98 -63.83 36.88
CA ALA D 87 -19.37 -63.03 35.83
C ALA D 87 -17.90 -62.68 36.02
N GLY D 88 -17.30 -63.21 37.07
CA GLY D 88 -15.89 -62.93 37.33
C GLY D 88 -14.96 -63.21 36.17
N GLU D 89 -15.09 -64.36 35.53
CA GLU D 89 -14.21 -64.72 34.43
C GLU D 89 -14.46 -63.81 33.23
N LEU D 90 -15.73 -63.52 32.96
CA LEU D 90 -16.10 -62.65 31.86
C LEU D 90 -15.42 -61.28 32.00
N LEU D 91 -15.35 -60.79 33.25
CA LEU D 91 -14.75 -59.50 33.54
C LEU D 91 -13.24 -59.55 33.79
N ALA D 92 -12.65 -60.72 33.55
CA ALA D 92 -11.21 -60.93 33.72
C ALA D 92 -10.72 -60.75 35.15
N LEU D 93 -11.62 -60.85 36.12
CA LEU D 93 -11.26 -60.70 37.53
C LEU D 93 -10.92 -62.05 38.16
N LEU D 94 -11.38 -63.13 37.53
CA LEU D 94 -11.12 -64.48 38.00
C LEU D 94 -10.71 -65.33 36.81
N ASN D 95 -9.98 -66.42 37.08
CA ASN D 95 -9.55 -67.32 36.02
C ASN D 95 -10.62 -68.39 35.81
N ASN D 96 -10.27 -69.47 35.11
CA ASN D 96 -11.23 -70.55 34.86
C ASN D 96 -11.51 -71.37 36.10
N ARG D 97 -10.76 -71.12 37.17
CA ARG D 97 -10.92 -71.86 38.41
C ARG D 97 -11.53 -71.03 39.54
N TYR D 98 -12.29 -70.00 39.18
CA TYR D 98 -12.92 -69.15 40.19
C TYR D 98 -11.88 -68.59 41.16
N GLU D 99 -10.70 -68.26 40.66
CA GLU D 99 -9.64 -67.71 41.49
C GLU D 99 -9.03 -66.45 40.89
N ILE D 100 -8.54 -65.57 41.75
CA ILE D 100 -7.90 -64.34 41.28
C ILE D 100 -6.60 -64.73 40.60
N PRO D 101 -6.44 -64.35 39.32
CA PRO D 101 -5.26 -64.64 38.50
C PRO D 101 -3.93 -64.09 39.01
N ASP D 102 -2.90 -64.23 38.18
CA ASP D 102 -1.55 -63.76 38.48
C ASP D 102 -1.48 -62.70 39.56
N THR D 103 -1.23 -63.12 40.79
CA THR D 103 -1.15 -62.22 41.92
C THR D 103 -0.35 -60.96 41.57
N GLN D 104 -0.61 -59.87 42.29
CA GLN D 104 0.08 -58.60 42.08
C GLN D 104 -0.45 -57.92 40.82
N THR D 105 -1.68 -58.26 40.46
CA THR D 105 -2.32 -57.70 39.26
C THR D 105 -2.54 -56.19 39.30
N ALA D 106 -3.02 -55.67 40.43
CA ALA D 106 -3.26 -54.24 40.55
C ALA D 106 -3.48 -53.76 41.99
N ASP D 107 -2.98 -52.56 42.27
CA ASP D 107 -3.09 -51.92 43.58
C ASP D 107 -2.98 -52.89 44.77
N GLU D 108 -3.57 -52.50 45.90
CA GLU D 108 -3.53 -53.33 47.09
C GLU D 108 -4.82 -53.27 47.89
N LYS D 109 -5.43 -52.09 47.97
CA LYS D 109 -6.68 -51.94 48.71
C LYS D 109 -7.83 -52.60 47.96
N GLN D 110 -7.87 -52.41 46.65
CA GLN D 110 -8.92 -53.01 45.83
C GLN D 110 -8.67 -54.51 45.72
N LEU D 111 -7.41 -54.91 45.78
CA LEU D 111 -7.05 -56.32 45.73
C LEU D 111 -7.56 -56.96 47.00
N GLU D 112 -7.40 -56.24 48.11
CA GLU D 112 -7.84 -56.71 49.41
C GLU D 112 -9.35 -56.96 49.40
N ILE D 113 -10.08 -56.02 48.80
CA ILE D 113 -11.54 -56.12 48.72
C ILE D 113 -11.95 -57.25 47.77
N LEU D 114 -11.19 -57.41 46.70
CA LEU D 114 -11.50 -58.44 45.71
C LEU D 114 -11.20 -59.84 46.23
N GLN D 115 -10.15 -59.99 47.03
CA GLN D 115 -9.81 -61.29 47.58
C GLN D 115 -10.93 -61.77 48.50
N ASP D 116 -11.42 -60.89 49.37
CA ASP D 116 -12.49 -61.25 50.28
C ASP D 116 -13.75 -61.56 49.49
N LYS D 117 -14.04 -60.70 48.52
CA LYS D 117 -15.22 -60.87 47.69
C LYS D 117 -15.13 -62.16 46.88
N ALA D 118 -13.91 -62.59 46.59
CA ALA D 118 -13.69 -63.80 45.82
C ALA D 118 -13.60 -65.05 46.69
N ASN D 119 -13.76 -64.87 48.00
CA ASN D 119 -13.71 -65.99 48.93
C ASN D 119 -15.01 -66.77 48.82
N PHE D 120 -15.00 -67.83 48.00
CA PHE D 120 -16.18 -68.65 47.79
C PHE D 120 -16.24 -69.84 48.75
N ARG D 121 -15.58 -69.70 49.90
CA ARG D 121 -15.57 -70.74 50.91
C ARG D 121 -16.93 -70.83 51.58
N ASN D 122 -17.65 -71.92 51.32
CA ASN D 122 -18.97 -72.16 51.89
C ASN D 122 -20.06 -71.36 51.16
N PHE D 123 -19.72 -70.78 50.02
CA PHE D 123 -20.67 -69.98 49.25
C PHE D 123 -21.55 -70.85 48.35
N LYS D 124 -22.85 -70.55 48.34
CA LYS D 124 -23.80 -71.30 47.51
C LYS D 124 -24.40 -70.37 46.45
N PRO D 125 -23.93 -70.50 45.20
CA PRO D 125 -24.38 -69.71 44.04
C PRO D 125 -25.87 -69.44 43.95
N LYS D 126 -26.23 -68.17 43.83
CA LYS D 126 -27.62 -67.76 43.72
C LYS D 126 -27.94 -67.40 42.27
N PRO D 127 -29.23 -67.35 41.92
CA PRO D 127 -29.62 -67.01 40.55
C PRO D 127 -28.94 -65.73 40.06
N PHE D 128 -28.52 -65.74 38.80
CA PHE D 128 -27.85 -64.60 38.19
C PHE D 128 -28.45 -64.31 36.82
N ASN D 129 -28.48 -63.04 36.46
CA ASN D 129 -29.04 -62.61 35.18
C ASN D 129 -28.27 -61.37 34.72
N MET D 130 -27.75 -61.40 33.49
CA MET D 130 -26.97 -60.28 32.97
C MET D 130 -27.70 -58.95 32.93
N LEU D 131 -28.98 -58.96 32.56
CA LEU D 131 -29.73 -57.71 32.51
C LEU D 131 -29.81 -57.14 33.91
N GLU D 132 -30.14 -58.01 34.87
CA GLU D 132 -30.26 -57.62 36.27
C GLU D 132 -28.95 -57.01 36.76
N PHE D 133 -27.84 -57.65 36.39
CA PHE D 133 -26.51 -57.19 36.79
C PHE D 133 -26.19 -55.81 36.22
N TYR D 134 -26.46 -55.61 34.94
CA TYR D 134 -26.21 -54.30 34.31
C TYR D 134 -27.08 -53.22 34.95
N ASP D 135 -28.34 -53.54 35.20
CA ASP D 135 -29.27 -52.58 35.79
C ASP D 135 -28.84 -52.19 37.21
N ARG D 136 -28.33 -53.15 37.98
CA ARG D 136 -27.88 -52.90 39.35
C ARG D 136 -26.53 -52.21 39.44
N ALA D 137 -25.54 -52.76 38.73
CA ALA D 137 -24.19 -52.24 38.76
C ALA D 137 -23.85 -51.06 37.85
N GLY D 138 -24.57 -50.91 36.74
CA GLY D 138 -24.29 -49.81 35.83
C GLY D 138 -24.30 -48.46 36.53
N HIS D 139 -23.55 -47.49 36.01
CA HIS D 139 -23.52 -46.17 36.63
C HIS D 139 -24.90 -45.56 36.66
N ASP D 140 -25.16 -44.82 37.74
CA ASP D 140 -26.44 -44.17 38.02
C ASP D 140 -26.47 -42.74 37.47
N ILE D 141 -27.44 -42.44 36.61
CA ILE D 141 -27.57 -41.11 36.04
C ILE D 141 -27.72 -40.07 37.14
N ARG D 142 -28.30 -40.47 38.27
CA ARG D 142 -28.50 -39.54 39.37
C ARG D 142 -27.18 -39.14 40.04
N GLU D 143 -26.18 -40.00 39.97
CA GLU D 143 -24.89 -39.67 40.57
C GLU D 143 -23.97 -38.99 39.55
N MET D 144 -24.06 -39.38 38.29
CA MET D 144 -23.22 -38.78 37.25
C MET D 144 -23.64 -37.36 36.87
N LEU D 145 -24.95 -37.13 36.85
CA LEU D 145 -25.47 -35.84 36.44
C LEU D 145 -25.34 -34.77 37.52
N LEU D 146 -24.38 -33.86 37.35
CA LEU D 146 -24.18 -32.80 38.32
C LEU D 146 -25.09 -31.62 37.99
N SER D 147 -25.27 -31.36 36.70
CA SER D 147 -26.16 -30.28 36.28
C SER D 147 -26.61 -30.54 34.85
N CYS D 148 -27.78 -30.01 34.52
CA CYS D 148 -28.37 -30.18 33.19
C CYS D 148 -29.28 -29.01 32.90
N PHE D 149 -29.06 -28.40 31.73
CA PHE D 149 -29.87 -27.28 31.30
C PHE D 149 -30.16 -27.34 29.81
N PHE D 150 -31.40 -27.09 29.44
CA PHE D 150 -31.77 -27.06 28.04
C PHE D 150 -32.50 -25.76 27.82
N ARG D 151 -31.97 -24.93 26.94
CA ARG D 151 -32.56 -23.63 26.64
C ARG D 151 -33.01 -22.87 27.90
N GLY D 152 -32.08 -22.72 28.84
CA GLY D 152 -32.37 -21.99 30.06
C GLY D 152 -33.23 -22.68 31.11
N GLU D 153 -33.68 -23.90 30.83
CA GLU D 153 -34.51 -24.62 31.77
C GLU D 153 -33.71 -25.76 32.40
N GLN D 154 -33.78 -25.87 33.72
CA GLN D 154 -33.07 -26.91 34.44
C GLN D 154 -33.72 -28.26 34.18
N CYS D 155 -32.92 -29.26 33.77
CA CYS D 155 -33.44 -30.61 33.54
C CYS D 155 -32.90 -31.45 34.69
N SER D 156 -33.44 -32.65 34.86
CA SER D 156 -32.99 -33.50 35.96
C SER D 156 -32.82 -34.94 35.49
N PRO D 157 -32.37 -35.84 36.38
CA PRO D 157 -32.18 -37.24 35.99
C PRO D 157 -33.45 -37.85 35.42
N GLU D 158 -34.59 -37.32 35.86
CA GLU D 158 -35.90 -37.79 35.41
C GLU D 158 -36.11 -37.57 33.92
N ASP D 159 -35.37 -36.62 33.36
CA ASP D 159 -35.48 -36.31 31.93
C ASP D 159 -34.68 -37.29 31.06
N PHE D 160 -34.02 -38.25 31.71
CA PHE D 160 -33.23 -39.22 30.99
C PHE D 160 -33.87 -40.60 31.02
N LYS D 161 -33.96 -41.24 29.86
CA LYS D 161 -34.56 -42.57 29.78
C LYS D 161 -33.45 -43.61 29.74
N VAL D 162 -33.60 -44.67 30.54
CA VAL D 162 -32.61 -45.73 30.56
C VAL D 162 -32.71 -46.53 29.27
N VAL D 163 -31.55 -46.81 28.65
CA VAL D 163 -31.52 -47.62 27.43
C VAL D 163 -30.29 -48.50 27.50
N PHE D 164 -30.50 -49.80 27.32
CA PHE D 164 -29.40 -50.73 27.37
C PHE D 164 -28.73 -50.85 26.00
N THR D 165 -27.41 -50.76 25.99
CA THR D 165 -26.62 -50.85 24.77
C THR D 165 -25.52 -51.85 25.09
N ARG D 166 -24.57 -52.03 24.18
CA ARG D 166 -23.49 -52.97 24.44
C ARG D 166 -22.60 -52.49 25.58
N TYR D 167 -22.65 -51.18 25.89
CA TYR D 167 -21.88 -50.62 26.99
C TYR D 167 -22.60 -50.90 28.30
N GLY D 168 -23.84 -51.37 28.20
CA GLY D 168 -24.59 -51.65 29.40
C GLY D 168 -25.70 -50.64 29.64
N LYS D 169 -25.78 -50.15 30.87
CA LYS D 169 -26.82 -49.20 31.25
C LYS D 169 -26.49 -47.77 30.85
N CYS D 170 -27.16 -47.28 29.81
CA CYS D 170 -26.92 -45.94 29.33
C CYS D 170 -28.17 -45.06 29.47
N TYR D 171 -28.07 -43.81 29.05
CA TYR D 171 -29.16 -42.85 29.18
C TYR D 171 -29.40 -41.98 27.96
N THR D 172 -30.67 -41.70 27.69
CA THR D 172 -31.06 -40.89 26.55
C THR D 172 -31.88 -39.67 26.95
N PHE D 173 -31.39 -38.50 26.53
CA PHE D 173 -32.07 -37.24 26.78
C PHE D 173 -32.99 -36.98 25.58
N ASN D 174 -34.19 -36.49 25.85
CA ASN D 174 -35.16 -36.18 24.79
C ASN D 174 -35.46 -37.41 23.93
N ALA D 175 -35.73 -38.54 24.57
CA ALA D 175 -36.03 -39.77 23.85
C ALA D 175 -37.34 -39.60 23.07
N GLY D 176 -38.20 -38.72 23.56
CA GLY D 176 -39.47 -38.45 22.89
C GLY D 176 -40.47 -39.58 22.88
N GLN D 177 -40.98 -39.93 24.06
CA GLN D 177 -41.96 -40.99 24.18
C GLN D 177 -42.83 -40.78 25.40
N ASP D 178 -42.26 -40.14 26.42
CA ASP D 178 -42.96 -39.87 27.67
C ASP D 178 -44.16 -38.95 27.44
N GLY D 179 -44.47 -38.71 26.16
CA GLY D 179 -45.60 -37.85 25.83
C GLY D 179 -45.43 -36.44 26.36
N LYS D 180 -44.18 -36.01 26.50
CA LYS D 180 -43.88 -34.67 27.00
C LYS D 180 -43.82 -33.67 25.86
N PRO D 181 -43.67 -32.37 26.17
CA PRO D 181 -43.60 -31.34 25.13
C PRO D 181 -42.42 -31.57 24.18
N ARG D 182 -42.60 -31.20 22.92
CA ARG D 182 -41.58 -31.35 21.89
C ARG D 182 -40.51 -30.27 22.01
N LEU D 183 -39.28 -30.69 22.35
CA LEU D 183 -38.19 -29.73 22.48
C LEU D 183 -37.77 -29.22 21.11
N ILE D 184 -37.77 -27.90 20.95
CA ILE D 184 -37.39 -27.29 19.68
C ILE D 184 -36.34 -26.22 19.88
N THR D 185 -35.54 -25.98 18.83
CA THR D 185 -34.51 -24.97 18.87
C THR D 185 -34.85 -23.92 17.81
N MET D 186 -34.62 -22.66 18.13
CA MET D 186 -34.95 -21.57 17.22
C MET D 186 -33.76 -20.78 16.69
N LYS D 187 -32.70 -20.68 17.50
CA LYS D 187 -31.54 -19.89 17.10
C LYS D 187 -30.23 -20.67 17.18
N GLY D 188 -29.20 -20.17 16.50
CA GLY D 188 -27.91 -20.84 16.53
C GLY D 188 -27.17 -20.55 17.82
N GLY D 189 -26.37 -21.50 18.31
CA GLY D 189 -25.61 -21.26 19.52
C GLY D 189 -25.93 -22.11 20.73
N THR D 190 -24.98 -22.13 21.67
CA THR D 190 -25.09 -22.88 22.90
C THR D 190 -26.35 -22.61 23.69
N GLY D 191 -26.82 -21.37 23.65
CA GLY D 191 -28.02 -21.01 24.39
C GLY D 191 -29.26 -21.79 24.02
N ASN D 192 -29.41 -22.14 22.75
CA ASN D 192 -30.57 -22.89 22.31
C ASN D 192 -30.34 -24.39 22.37
N GLY D 193 -29.28 -24.80 23.06
CA GLY D 193 -28.99 -26.20 23.14
C GLY D 193 -29.00 -26.78 24.53
N LEU D 194 -28.33 -27.92 24.65
CA LEU D 194 -28.22 -28.66 25.88
C LEU D 194 -26.82 -28.52 26.49
N GLU D 195 -26.76 -28.42 27.80
CA GLU D 195 -25.48 -28.39 28.50
C GLU D 195 -25.60 -29.25 29.74
N ILE D 196 -24.72 -30.25 29.84
CA ILE D 196 -24.74 -31.10 31.00
C ILE D 196 -23.34 -31.19 31.58
N MET D 197 -23.27 -31.36 32.89
CA MET D 197 -21.99 -31.53 33.58
C MET D 197 -22.08 -32.91 34.20
N LEU D 198 -21.11 -33.75 33.90
CA LEU D 198 -21.09 -35.10 34.41
C LEU D 198 -19.84 -35.43 35.23
N ASP D 199 -20.00 -36.39 36.13
CA ASP D 199 -18.91 -36.89 36.95
C ASP D 199 -18.82 -38.34 36.46
N ILE D 200 -17.71 -38.73 35.84
CA ILE D 200 -17.62 -40.11 35.34
C ILE D 200 -17.30 -41.13 36.42
N GLN D 201 -16.98 -40.65 37.62
CA GLN D 201 -16.72 -41.53 38.77
C GLN D 201 -15.65 -42.59 38.57
N GLN D 202 -14.42 -42.19 38.31
CA GLN D 202 -13.35 -43.17 38.12
C GLN D 202 -13.08 -43.99 39.40
N ASP D 203 -13.49 -43.46 40.55
CA ASP D 203 -13.30 -44.19 41.80
C ASP D 203 -14.14 -45.46 41.80
N GLU D 204 -15.14 -45.52 40.92
CA GLU D 204 -16.02 -46.68 40.81
C GLU D 204 -15.67 -47.58 39.63
N TYR D 205 -14.66 -47.20 38.85
CA TYR D 205 -14.28 -48.02 37.71
C TYR D 205 -13.83 -49.40 38.13
N LEU D 206 -14.24 -50.41 37.37
CA LEU D 206 -13.87 -51.79 37.69
C LEU D 206 -12.40 -52.00 37.35
N PRO D 207 -11.64 -52.60 38.29
CA PRO D 207 -10.22 -52.85 38.01
C PRO D 207 -10.08 -53.61 36.70
N VAL D 208 -9.07 -53.25 35.90
CA VAL D 208 -8.84 -53.92 34.62
C VAL D 208 -7.57 -54.77 34.69
N TRP D 209 -7.76 -56.08 34.68
CA TRP D 209 -6.63 -57.02 34.75
C TRP D 209 -6.49 -57.83 33.48
N GLY D 210 -7.26 -57.50 32.46
CA GLY D 210 -7.19 -58.24 31.22
C GLY D 210 -7.90 -57.52 30.09
N GLU D 211 -7.99 -58.17 28.94
CA GLU D 211 -8.66 -57.56 27.81
C GLU D 211 -9.86 -58.38 27.38
N THR D 212 -11.05 -57.85 27.63
CA THR D 212 -12.30 -58.51 27.28
C THR D 212 -13.14 -57.46 26.56
N ASP D 213 -14.23 -57.88 25.93
CA ASP D 213 -15.08 -56.92 25.24
C ASP D 213 -15.76 -55.97 26.22
N GLU D 214 -16.00 -56.44 27.45
CA GLU D 214 -16.67 -55.60 28.46
C GLU D 214 -15.76 -54.61 29.21
N THR D 215 -14.44 -54.76 29.08
CA THR D 215 -13.50 -53.87 29.78
C THR D 215 -12.91 -52.82 28.84
N SER D 216 -12.42 -51.71 29.39
CA SER D 216 -11.82 -50.67 28.56
C SER D 216 -10.61 -50.05 29.23
N PHE D 217 -9.67 -49.59 28.42
CA PHE D 217 -8.47 -48.95 28.97
C PHE D 217 -8.75 -47.45 29.09
N GLU D 218 -9.90 -47.02 28.58
CA GLU D 218 -10.27 -45.62 28.56
C GLU D 218 -11.23 -45.12 29.65
N ALA D 219 -11.15 -43.83 29.93
CA ALA D 219 -12.00 -43.16 30.90
C ALA D 219 -12.73 -42.04 30.15
N GLY D 220 -14.03 -41.92 30.41
CA GLY D 220 -14.83 -40.91 29.74
C GLY D 220 -16.20 -41.46 29.38
N ILE D 221 -16.84 -40.85 28.40
CA ILE D 221 -18.15 -41.33 27.97
C ILE D 221 -18.24 -41.45 26.46
N LYS D 222 -19.21 -42.23 26.01
CA LYS D 222 -19.44 -42.39 24.59
C LYS D 222 -20.82 -41.73 24.38
N VAL D 223 -20.96 -40.97 23.30
CA VAL D 223 -22.21 -40.26 23.02
C VAL D 223 -22.69 -40.43 21.58
N GLN D 224 -24.01 -40.45 21.39
CA GLN D 224 -24.57 -40.54 20.04
C GLN D 224 -25.80 -39.65 19.91
N ILE D 225 -25.77 -38.77 18.91
CA ILE D 225 -26.88 -37.87 18.65
C ILE D 225 -27.67 -38.53 17.51
N HIS D 226 -28.95 -38.80 17.76
CA HIS D 226 -29.77 -39.46 16.76
C HIS D 226 -31.24 -39.07 16.80
N SER D 227 -31.93 -39.37 15.71
CA SER D 227 -33.35 -39.10 15.60
C SER D 227 -34.06 -39.96 16.63
N GLN D 228 -35.19 -39.48 17.15
CA GLN D 228 -35.95 -40.21 18.16
C GLN D 228 -36.52 -41.55 17.66
N ASP D 229 -36.74 -41.67 16.36
CA ASP D 229 -37.29 -42.91 15.81
C ASP D 229 -36.21 -43.88 15.35
N GLU D 230 -34.99 -43.65 15.80
CA GLU D 230 -33.86 -44.49 15.44
C GLU D 230 -33.15 -44.94 16.70
N PRO D 231 -32.97 -46.26 16.86
CA PRO D 231 -32.27 -46.74 18.07
C PRO D 231 -30.78 -46.45 17.99
N PRO D 232 -30.11 -46.37 19.14
CA PRO D 232 -28.67 -46.09 19.13
C PRO D 232 -27.84 -47.33 18.84
N LEU D 233 -26.63 -47.12 18.32
CA LEU D 233 -25.68 -48.19 18.00
C LEU D 233 -24.37 -47.54 18.44
N ILE D 234 -24.39 -47.02 19.65
CA ILE D 234 -23.29 -46.26 20.23
C ILE D 234 -21.89 -46.89 20.27
N ASP D 235 -21.78 -48.18 20.53
CA ASP D 235 -20.45 -48.80 20.55
C ASP D 235 -19.76 -48.70 19.20
N GLN D 236 -20.55 -48.70 18.14
CA GLN D 236 -20.02 -48.60 16.78
C GLN D 236 -19.95 -47.17 16.21
N LEU D 237 -21.04 -46.42 16.36
CA LEU D 237 -21.16 -45.09 15.78
C LEU D 237 -21.06 -43.87 16.70
N GLY D 238 -20.94 -44.05 18.01
CA GLY D 238 -20.88 -42.89 18.88
C GLY D 238 -19.57 -42.12 18.79
N PHE D 239 -19.51 -40.96 19.44
CA PHE D 239 -18.28 -40.18 19.47
C PHE D 239 -17.85 -40.12 20.94
N GLY D 240 -16.58 -39.85 21.19
CA GLY D 240 -16.13 -39.80 22.57
C GLY D 240 -16.07 -38.41 23.19
N VAL D 241 -16.16 -38.36 24.51
CA VAL D 241 -16.07 -37.11 25.25
C VAL D 241 -15.16 -37.41 26.45
N ALA D 242 -14.13 -36.61 26.63
CA ALA D 242 -13.16 -36.84 27.70
C ALA D 242 -13.34 -36.05 28.99
N PRO D 243 -12.91 -36.64 30.11
CA PRO D 243 -13.01 -35.96 31.41
C PRO D 243 -11.97 -34.83 31.39
N GLY D 244 -12.21 -33.77 32.17
CA GLY D 244 -11.25 -32.68 32.21
C GLY D 244 -11.39 -31.66 31.11
N PHE D 245 -12.50 -31.71 30.39
CA PHE D 245 -12.75 -30.76 29.30
C PHE D 245 -14.22 -30.39 29.17
N GLN D 246 -14.47 -29.20 28.64
CA GLN D 246 -15.83 -28.80 28.32
C GLN D 246 -15.77 -29.03 26.80
N THR D 247 -16.67 -29.87 26.27
CA THR D 247 -16.68 -30.16 24.84
C THR D 247 -17.91 -29.51 24.17
N PHE D 248 -17.66 -28.77 23.10
CA PHE D 248 -18.71 -28.10 22.34
C PHE D 248 -18.99 -28.92 21.08
N VAL D 249 -20.26 -29.28 20.86
CA VAL D 249 -20.64 -30.03 19.67
C VAL D 249 -21.65 -29.18 18.88
N SER D 250 -21.17 -28.56 17.81
CA SER D 250 -21.98 -27.70 16.94
C SER D 250 -22.56 -28.55 15.82
N CYS D 251 -23.88 -28.64 15.77
CA CYS D 251 -24.55 -29.49 14.80
C CYS D 251 -25.33 -28.85 13.66
N GLN D 252 -25.64 -29.69 12.66
CA GLN D 252 -26.43 -29.30 11.50
C GLN D 252 -27.27 -30.52 11.13
N GLU D 253 -28.59 -30.36 11.13
CA GLU D 253 -29.48 -31.47 10.78
C GLU D 253 -29.51 -31.66 9.26
N GLN D 254 -29.33 -32.89 8.82
CA GLN D 254 -29.35 -33.17 7.39
C GLN D 254 -30.37 -34.26 7.09
N ARG D 255 -31.43 -33.88 6.39
CA ARG D 255 -32.49 -34.81 6.02
C ARG D 255 -32.28 -35.28 4.59
N LEU D 256 -32.09 -36.59 4.43
CA LEU D 256 -31.87 -37.15 3.11
C LEU D 256 -33.07 -37.99 2.70
N ILE D 257 -33.49 -37.83 1.46
CA ILE D 257 -34.64 -38.55 0.92
C ILE D 257 -34.21 -39.32 -0.32
N TYR D 258 -34.57 -40.59 -0.39
CA TYR D 258 -34.22 -41.44 -1.52
C TYR D 258 -35.46 -42.01 -2.20
N LEU D 259 -35.34 -42.24 -3.51
CA LEU D 259 -36.44 -42.78 -4.30
C LEU D 259 -36.31 -44.30 -4.43
N PRO D 260 -37.44 -45.02 -4.32
CA PRO D 260 -37.41 -46.47 -4.43
C PRO D 260 -37.34 -46.87 -5.91
N PRO D 261 -37.27 -48.19 -6.19
CA PRO D 261 -37.19 -48.63 -7.60
C PRO D 261 -38.43 -48.16 -8.36
N PRO D 262 -38.32 -47.96 -9.69
CA PRO D 262 -37.13 -48.13 -10.53
C PRO D 262 -36.21 -46.91 -10.59
N TRP D 263 -36.58 -45.83 -9.92
CA TRP D 263 -35.77 -44.62 -9.91
C TRP D 263 -34.51 -44.85 -9.09
N GLY D 264 -34.70 -45.32 -7.85
CA GLY D 264 -33.58 -45.58 -6.97
C GLY D 264 -33.69 -46.94 -6.32
N ASP D 265 -32.84 -47.20 -5.33
CA ASP D 265 -32.83 -48.48 -4.65
C ASP D 265 -32.95 -48.38 -3.13
N CYS D 266 -33.90 -47.58 -2.66
CA CYS D 266 -34.08 -47.43 -1.22
C CYS D 266 -35.15 -48.41 -0.73
N LYS D 267 -35.54 -48.28 0.54
CA LYS D 267 -36.54 -49.15 1.13
C LYS D 267 -37.28 -48.43 2.26
N ALA D 268 -38.49 -47.96 1.98
CA ALA D 268 -39.29 -47.27 2.98
C ALA D 268 -39.62 -48.23 4.10
N THR D 269 -40.35 -47.75 5.11
CA THR D 269 -40.75 -48.60 6.23
C THR D 269 -41.76 -49.64 5.75
N THR D 270 -41.28 -50.60 4.94
CA THR D 270 -42.11 -51.66 4.39
C THR D 270 -42.82 -52.45 5.49
N GLY D 271 -44.12 -52.21 5.63
CA GLY D 271 -44.89 -52.91 6.64
C GLY D 271 -44.34 -52.68 8.04
N ASP D 272 -43.98 -53.76 8.71
CA ASP D 272 -43.43 -53.68 10.07
C ASP D 272 -42.50 -54.86 10.33
N SER D 273 -41.28 -54.55 10.79
CA SER D 273 -40.29 -55.59 11.08
C SER D 273 -40.83 -56.54 12.13
N GLU D 274 -40.55 -56.23 13.40
CA GLU D 274 -41.01 -57.06 14.52
C GLU D 274 -40.53 -56.44 15.83
N PHE D 275 -39.45 -55.67 15.75
CA PHE D 275 -38.88 -55.02 16.92
C PHE D 275 -39.04 -53.51 16.88
N TYR D 276 -38.94 -52.92 15.69
CA TYR D 276 -39.06 -51.47 15.55
C TYR D 276 -40.16 -51.04 14.58
N ASP D 277 -40.79 -49.91 14.89
CA ASP D 277 -41.87 -49.37 14.08
C ASP D 277 -41.37 -48.63 12.84
N THR D 278 -40.19 -48.04 12.93
CA THR D 278 -39.61 -47.30 11.81
C THR D 278 -38.38 -48.03 11.28
N TYR D 279 -38.15 -47.94 9.98
CA TYR D 279 -37.00 -48.60 9.37
C TYR D 279 -35.79 -47.66 9.32
N SER D 280 -34.63 -48.19 9.67
CA SER D 280 -33.39 -47.42 9.63
C SER D 280 -32.24 -48.42 9.53
N ILE D 281 -31.07 -47.94 9.11
CA ILE D 281 -29.93 -48.83 8.99
C ILE D 281 -29.62 -49.49 10.33
N THR D 282 -29.72 -48.72 11.42
CA THR D 282 -29.44 -49.26 12.74
C THR D 282 -30.49 -50.26 13.19
N ALA D 283 -31.76 -50.00 12.89
CA ALA D 283 -32.83 -50.92 13.29
C ALA D 283 -32.63 -52.24 12.56
N CYS D 284 -32.28 -52.14 11.27
CA CYS D 284 -32.05 -53.33 10.46
C CYS D 284 -30.89 -54.14 11.01
N ARG D 285 -29.82 -53.46 11.40
CA ARG D 285 -28.65 -54.12 11.96
C ARG D 285 -28.92 -54.84 13.28
N ILE D 286 -29.60 -54.18 14.20
CA ILE D 286 -29.87 -54.80 15.49
C ILE D 286 -30.80 -56.01 15.30
N ASP D 287 -31.76 -55.88 14.39
CA ASP D 287 -32.69 -56.98 14.09
C ASP D 287 -31.89 -58.18 13.63
N CYS D 288 -31.03 -57.94 12.64
CA CYS D 288 -30.19 -58.97 12.05
C CYS D 288 -29.25 -59.60 13.08
N GLU D 289 -28.61 -58.76 13.89
CA GLU D 289 -27.69 -59.24 14.91
C GLU D 289 -28.42 -60.10 15.93
N THR D 290 -29.62 -59.69 16.31
CA THR D 290 -30.39 -60.43 17.28
C THR D 290 -30.73 -61.83 16.73
N ARG D 291 -31.26 -61.88 15.51
CA ARG D 291 -31.60 -63.17 14.90
C ARG D 291 -30.37 -64.06 14.79
N TYR D 292 -29.25 -63.47 14.41
CA TYR D 292 -28.00 -64.22 14.26
C TYR D 292 -27.54 -64.82 15.59
N LEU D 293 -27.61 -64.04 16.66
CA LEU D 293 -27.19 -64.54 17.97
C LEU D 293 -28.14 -65.59 18.51
N VAL D 294 -29.43 -65.38 18.32
CA VAL D 294 -30.43 -66.34 18.81
C VAL D 294 -30.25 -67.67 18.06
N GLU D 295 -30.11 -67.57 16.74
CA GLU D 295 -29.93 -68.75 15.91
C GLU D 295 -28.63 -69.50 16.22
N ASN D 296 -27.54 -68.76 16.40
CA ASN D 296 -26.25 -69.37 16.68
C ASN D 296 -25.85 -69.60 18.14
N CYS D 297 -26.43 -68.84 19.06
CA CYS D 297 -26.11 -69.00 20.48
C CYS D 297 -27.33 -69.35 21.34
N ASN D 298 -28.52 -69.27 20.74
CA ASN D 298 -29.76 -69.57 21.44
C ASN D 298 -30.04 -68.65 22.61
N CYS D 299 -29.55 -67.41 22.50
CA CYS D 299 -29.76 -66.40 23.52
C CYS D 299 -29.48 -65.05 22.89
N ARG D 300 -29.95 -63.99 23.53
CA ARG D 300 -29.72 -62.64 23.03
C ARG D 300 -28.94 -61.87 24.08
N MET D 301 -28.20 -60.87 23.63
CA MET D 301 -27.45 -60.04 24.56
C MET D 301 -28.46 -59.11 25.23
N VAL D 302 -28.10 -58.62 26.42
CA VAL D 302 -28.97 -57.74 27.20
C VAL D 302 -29.54 -56.52 26.49
N HIS D 303 -28.84 -55.99 25.49
CA HIS D 303 -29.32 -54.81 24.80
C HIS D 303 -30.16 -55.11 23.56
N MET D 304 -30.43 -56.39 23.30
CA MET D 304 -31.21 -56.76 22.12
C MET D 304 -32.68 -56.98 22.45
N PRO D 305 -33.57 -56.67 21.49
CA PRO D 305 -35.02 -56.83 21.66
C PRO D 305 -35.45 -58.28 21.51
N GLY D 306 -36.75 -58.53 21.67
CA GLY D 306 -37.26 -59.89 21.53
C GLY D 306 -37.67 -60.59 22.81
N ASP D 307 -37.95 -61.89 22.69
CA ASP D 307 -38.38 -62.71 23.82
C ASP D 307 -37.36 -63.78 24.18
N ALA D 308 -36.35 -63.95 23.34
CA ALA D 308 -35.32 -64.95 23.60
C ALA D 308 -34.69 -64.74 24.96
N PRO D 309 -34.19 -65.82 25.57
CA PRO D 309 -33.54 -65.70 26.88
C PRO D 309 -32.20 -64.96 26.79
N TYR D 310 -31.84 -64.26 27.86
CA TYR D 310 -30.59 -63.50 27.88
C TYR D 310 -29.40 -64.43 28.07
N CYS D 311 -28.34 -64.18 27.31
CA CYS D 311 -27.13 -64.99 27.40
C CYS D 311 -26.54 -64.90 28.80
N THR D 312 -26.04 -66.01 29.31
CA THR D 312 -25.42 -66.06 30.62
C THR D 312 -23.97 -65.57 30.44
N PRO D 313 -23.24 -65.34 31.54
CA PRO D 313 -21.86 -64.88 31.39
C PRO D 313 -21.04 -65.86 30.55
N GLU D 314 -21.27 -67.15 30.78
CA GLU D 314 -20.53 -68.18 30.04
C GLU D 314 -20.82 -68.07 28.54
N GLN D 315 -22.09 -67.90 28.19
CA GLN D 315 -22.48 -67.79 26.79
C GLN D 315 -21.94 -66.49 26.17
N TYR D 316 -21.81 -65.45 26.98
CA TYR D 316 -21.28 -64.18 26.50
C TYR D 316 -19.86 -64.42 26.01
N LYS D 317 -19.05 -64.97 26.91
CA LYS D 317 -17.64 -65.24 26.64
C LYS D 317 -17.41 -66.28 25.54
N GLU D 318 -18.17 -67.36 25.59
CA GLU D 318 -17.97 -68.43 24.62
C GLU D 318 -18.69 -68.33 23.27
N CYS D 319 -19.81 -67.62 23.21
CA CYS D 319 -20.56 -67.52 21.95
C CYS D 319 -21.05 -66.14 21.53
N ALA D 320 -21.69 -65.43 22.46
CA ALA D 320 -22.26 -64.10 22.17
C ALA D 320 -21.27 -63.01 21.75
N ASP D 321 -20.26 -62.71 22.59
CA ASP D 321 -19.30 -61.67 22.22
C ASP D 321 -18.57 -62.04 20.93
N PRO D 322 -18.12 -63.31 20.81
CA PRO D 322 -17.44 -63.67 19.57
C PRO D 322 -18.34 -63.50 18.34
N ALA D 323 -19.61 -63.83 18.48
CA ALA D 323 -20.56 -63.73 17.37
C ALA D 323 -20.87 -62.29 16.99
N LEU D 324 -21.14 -61.43 17.96
CA LEU D 324 -21.42 -60.04 17.63
C LEU D 324 -20.16 -59.39 17.06
N ASP D 325 -19.00 -59.72 17.60
CA ASP D 325 -17.75 -59.16 17.09
C ASP D 325 -17.55 -59.56 15.63
N PHE D 326 -17.92 -60.79 15.30
CA PHE D 326 -17.80 -61.26 13.93
C PHE D 326 -18.67 -60.38 13.02
N LEU D 327 -19.90 -60.14 13.46
CA LEU D 327 -20.83 -59.32 12.69
C LEU D 327 -20.39 -57.88 12.48
N VAL D 328 -19.90 -57.24 13.54
CA VAL D 328 -19.50 -55.84 13.42
C VAL D 328 -18.07 -55.64 12.90
N GLU D 329 -17.31 -56.71 12.81
CA GLU D 329 -15.92 -56.59 12.35
C GLU D 329 -15.60 -57.28 11.03
N LYS D 330 -15.91 -58.58 10.94
CA LYS D 330 -15.59 -59.38 9.76
C LYS D 330 -16.69 -59.69 8.74
N ASP D 331 -17.93 -59.83 9.19
CA ASP D 331 -19.05 -60.16 8.31
C ASP D 331 -19.20 -59.27 7.09
N ASN D 332 -19.43 -59.90 5.94
CA ASN D 332 -19.61 -59.20 4.67
C ASN D 332 -20.91 -59.62 3.97
N GLU D 333 -21.64 -60.58 4.55
CA GLU D 333 -22.87 -61.05 3.89
C GLU D 333 -24.08 -61.34 4.78
N TYR D 334 -23.85 -61.81 5.99
CA TYR D 334 -24.95 -62.14 6.90
C TYR D 334 -25.86 -60.98 7.24
N CYS D 335 -25.28 -59.82 7.53
CA CYS D 335 -26.09 -58.65 7.85
C CYS D 335 -25.81 -57.47 6.95
N VAL D 336 -26.53 -57.41 5.83
CA VAL D 336 -26.40 -56.33 4.88
C VAL D 336 -27.75 -55.63 4.88
N CYS D 337 -27.75 -54.31 4.97
CA CYS D 337 -28.99 -53.57 5.01
C CYS D 337 -29.26 -52.70 3.79
N GLU D 338 -30.54 -52.61 3.43
CA GLU D 338 -30.95 -51.80 2.29
C GLU D 338 -31.05 -50.34 2.72
N MET D 339 -30.75 -49.45 1.80
CA MET D 339 -30.82 -48.02 2.07
C MET D 339 -32.25 -47.59 2.40
N PRO D 340 -32.44 -46.93 3.56
CA PRO D 340 -33.79 -46.49 3.91
C PRO D 340 -34.13 -45.35 2.95
N CYS D 341 -35.41 -45.07 2.75
CA CYS D 341 -35.78 -43.98 1.84
C CYS D 341 -35.74 -42.62 2.56
N ASN D 342 -35.67 -42.67 3.88
CA ASN D 342 -35.61 -41.46 4.71
C ASN D 342 -34.48 -41.58 5.74
N VAL D 343 -33.53 -40.65 5.70
CA VAL D 343 -32.41 -40.69 6.63
C VAL D 343 -32.07 -39.31 7.21
N THR D 344 -31.87 -39.25 8.53
CA THR D 344 -31.50 -37.99 9.17
C THR D 344 -30.10 -38.10 9.74
N ARG D 345 -29.20 -37.30 9.19
CA ARG D 345 -27.81 -37.28 9.62
C ARG D 345 -27.53 -35.97 10.35
N TYR D 346 -26.67 -36.04 11.37
CA TYR D 346 -26.32 -34.85 12.12
C TYR D 346 -24.84 -34.57 11.94
N GLY D 347 -24.53 -33.58 11.12
CA GLY D 347 -23.14 -33.22 10.93
C GLY D 347 -22.75 -32.53 12.22
N LYS D 348 -21.51 -32.70 12.66
CA LYS D 348 -21.10 -32.06 13.89
C LYS D 348 -19.64 -31.66 13.91
N GLU D 349 -19.37 -30.55 14.59
CA GLU D 349 -18.02 -30.04 14.72
C GLU D 349 -17.76 -29.95 16.22
N LEU D 350 -16.72 -30.65 16.67
CA LEU D 350 -16.36 -30.69 18.08
C LEU D 350 -15.12 -29.87 18.39
N SER D 351 -15.13 -29.25 19.57
CA SER D 351 -14.01 -28.46 20.04
C SER D 351 -14.03 -28.57 21.56
N MET D 352 -12.94 -28.20 22.21
CA MET D 352 -12.88 -28.31 23.66
C MET D 352 -11.98 -27.27 24.37
N VAL D 353 -12.26 -27.07 25.65
CA VAL D 353 -11.48 -26.19 26.53
C VAL D 353 -11.31 -26.99 27.81
N LYS D 354 -10.34 -26.59 28.62
CA LYS D 354 -10.05 -27.31 29.85
C LYS D 354 -10.93 -26.97 31.05
N ILE D 355 -11.23 -27.98 31.85
CA ILE D 355 -11.97 -27.78 33.09
C ILE D 355 -11.31 -28.69 34.11
N PRO D 356 -11.06 -28.18 35.33
CA PRO D 356 -11.37 -26.83 35.75
C PRO D 356 -10.18 -25.89 35.50
N SER D 357 -10.40 -24.59 35.58
CA SER D 357 -9.30 -23.65 35.46
C SER D 357 -8.71 -23.67 36.87
N LYS D 358 -7.50 -23.15 37.04
CA LYS D 358 -6.90 -23.15 38.37
C LYS D 358 -7.76 -22.32 39.33
N ALA D 359 -8.40 -21.28 38.80
CA ALA D 359 -9.25 -20.40 39.60
C ALA D 359 -10.61 -20.97 40.00
N SER D 360 -11.08 -21.99 39.28
CA SER D 360 -12.38 -22.58 39.59
C SER D 360 -12.29 -23.94 40.25
N ALA D 361 -11.11 -24.53 40.27
CA ALA D 361 -10.93 -25.84 40.86
C ALA D 361 -11.40 -25.95 42.31
N LYS D 362 -11.08 -24.95 43.13
CA LYS D 362 -11.48 -25.01 44.54
C LYS D 362 -12.99 -24.88 44.70
N TYR D 363 -13.61 -23.98 43.94
CA TYR D 363 -15.05 -23.81 44.00
C TYR D 363 -15.78 -25.12 43.68
N LEU D 364 -15.37 -25.79 42.61
CA LEU D 364 -16.00 -27.05 42.20
C LEU D 364 -15.71 -28.19 43.18
N ALA D 365 -14.49 -28.24 43.70
CA ALA D 365 -14.12 -29.26 44.65
C ALA D 365 -15.03 -29.15 45.89
N LYS D 366 -15.27 -27.92 46.33
CA LYS D 366 -16.10 -27.64 47.49
C LYS D 366 -17.58 -27.94 47.19
N LYS D 367 -18.05 -27.47 46.05
CA LYS D 367 -19.44 -27.69 45.67
C LYS D 367 -19.82 -29.17 45.62
N TYR D 368 -18.91 -30.02 45.16
CA TYR D 368 -19.21 -31.44 45.08
C TYR D 368 -18.46 -32.28 46.11
N ASN D 369 -17.81 -31.61 47.04
CA ASN D 369 -17.06 -32.27 48.10
C ASN D 369 -16.11 -33.32 47.56
N LYS D 370 -15.20 -32.87 46.70
CA LYS D 370 -14.20 -33.74 46.09
C LYS D 370 -12.88 -33.00 46.12
N SER D 371 -11.77 -33.71 45.93
CA SER D 371 -10.49 -33.03 45.93
C SER D 371 -10.34 -32.33 44.58
N GLU D 372 -9.45 -31.35 44.51
CA GLU D 372 -9.23 -30.64 43.26
C GLU D 372 -8.71 -31.59 42.19
N GLN D 373 -7.95 -32.59 42.61
CA GLN D 373 -7.40 -33.57 41.68
C GLN D 373 -8.52 -34.39 41.06
N TYR D 374 -9.46 -34.82 41.89
CA TYR D 374 -10.59 -35.62 41.45
C TYR D 374 -11.38 -34.87 40.39
N ILE D 375 -11.63 -33.58 40.63
CA ILE D 375 -12.38 -32.78 39.67
C ILE D 375 -11.73 -32.83 38.28
N GLY D 376 -10.42 -32.65 38.23
CA GLY D 376 -9.71 -32.66 36.95
C GLY D 376 -9.68 -34.00 36.23
N GLU D 377 -9.88 -35.09 36.96
CA GLU D 377 -9.86 -36.43 36.36
C GLU D 377 -11.24 -37.00 36.06
N ASN D 378 -12.29 -36.39 36.63
CA ASN D 378 -13.62 -36.94 36.47
C ASN D 378 -14.71 -36.03 35.92
N ILE D 379 -14.52 -34.73 36.01
CA ILE D 379 -15.57 -33.84 35.54
C ILE D 379 -15.47 -33.44 34.08
N LEU D 380 -16.62 -33.40 33.42
CA LEU D 380 -16.68 -32.97 32.02
C LEU D 380 -17.95 -32.20 31.79
N VAL D 381 -17.93 -31.28 30.84
CA VAL D 381 -19.10 -30.51 30.48
C VAL D 381 -19.30 -30.79 29.00
N LEU D 382 -20.54 -30.98 28.61
CA LEU D 382 -20.87 -31.27 27.22
C LEU D 382 -21.98 -30.36 26.77
N ASP D 383 -21.71 -29.62 25.69
CA ASP D 383 -22.70 -28.72 25.11
C ASP D 383 -23.03 -29.18 23.70
N ILE D 384 -24.31 -29.47 23.48
CA ILE D 384 -24.79 -29.91 22.18
C ILE D 384 -25.80 -28.88 21.70
N PHE D 385 -25.52 -28.28 20.55
CA PHE D 385 -26.39 -27.25 20.00
C PHE D 385 -26.25 -27.21 18.47
N PHE D 386 -26.99 -26.30 17.84
CA PHE D 386 -26.94 -26.17 16.39
C PHE D 386 -26.39 -24.85 15.91
N GLU D 387 -25.74 -24.87 14.75
CA GLU D 387 -25.22 -23.64 14.18
C GLU D 387 -26.38 -22.89 13.52
N ALA D 388 -26.12 -21.68 13.06
CA ALA D 388 -27.15 -20.86 12.40
C ALA D 388 -27.78 -21.60 11.23
N LEU D 389 -26.95 -22.06 10.30
CA LEU D 389 -27.44 -22.83 9.16
C LEU D 389 -27.62 -24.25 9.69
N ASN D 390 -28.70 -24.44 10.42
CA ASN D 390 -29.01 -25.70 11.07
C ASN D 390 -29.77 -26.75 10.27
N TYR D 391 -30.07 -26.49 9.01
CA TYR D 391 -30.85 -27.46 8.24
C TYR D 391 -30.46 -27.61 6.76
N GLU D 392 -30.12 -28.84 6.38
CA GLU D 392 -29.76 -29.14 5.00
C GLU D 392 -30.62 -30.29 4.50
N THR D 393 -31.03 -30.21 3.23
CA THR D 393 -31.85 -31.26 2.64
C THR D 393 -31.26 -31.74 1.33
N ILE D 394 -31.17 -33.05 1.19
CA ILE D 394 -30.64 -33.68 -0.01
C ILE D 394 -31.70 -34.72 -0.38
N GLU D 395 -32.48 -34.40 -1.40
CA GLU D 395 -33.56 -35.30 -1.82
C GLU D 395 -33.50 -35.71 -3.28
N GLN D 396 -33.68 -37.00 -3.52
CA GLN D 396 -33.71 -37.54 -4.87
C GLN D 396 -35.13 -37.37 -5.36
N LYS D 397 -35.29 -36.80 -6.56
CA LYS D 397 -36.61 -36.61 -7.12
C LYS D 397 -36.69 -37.07 -8.57
N LYS D 398 -37.87 -37.53 -8.96
CA LYS D 398 -38.11 -38.02 -10.31
C LYS D 398 -37.87 -36.88 -11.29
N ALA D 399 -36.88 -37.06 -12.17
CA ALA D 399 -36.52 -36.04 -13.15
C ALA D 399 -37.46 -35.95 -14.36
N TYR D 400 -38.24 -36.99 -14.61
CA TYR D 400 -39.14 -36.98 -15.75
C TYR D 400 -40.42 -37.76 -15.48
N GLU D 401 -41.46 -37.05 -15.06
CA GLU D 401 -42.74 -37.69 -14.77
C GLU D 401 -43.70 -37.55 -15.93
N VAL D 402 -44.90 -38.10 -15.77
CA VAL D 402 -45.94 -38.05 -16.78
C VAL D 402 -46.18 -36.62 -17.28
N ALA D 403 -46.34 -35.70 -16.34
CA ALA D 403 -46.57 -34.30 -16.68
C ALA D 403 -45.53 -33.78 -17.67
N GLY D 404 -44.26 -34.12 -17.44
CA GLY D 404 -43.21 -33.68 -18.32
C GLY D 404 -43.30 -34.35 -19.69
N LEU D 405 -43.71 -35.62 -19.68
CA LEU D 405 -43.84 -36.39 -20.91
C LEU D 405 -44.89 -35.75 -21.81
N LEU D 406 -46.08 -35.55 -21.26
CA LEU D 406 -47.17 -34.93 -22.01
C LEU D 406 -46.74 -33.54 -22.48
N GLY D 407 -46.06 -32.80 -21.62
CA GLY D 407 -45.61 -31.48 -21.98
C GLY D 407 -44.75 -31.50 -23.22
N ASP D 408 -44.05 -32.62 -23.43
CA ASP D 408 -43.18 -32.79 -24.59
C ASP D 408 -43.92 -33.41 -25.78
N ILE D 409 -45.12 -33.93 -25.54
CA ILE D 409 -45.92 -34.55 -26.58
C ILE D 409 -47.10 -33.70 -27.02
N GLY D 410 -47.72 -33.02 -26.06
CA GLY D 410 -48.87 -32.18 -26.35
C GLY D 410 -48.72 -31.25 -27.53
N GLY D 411 -47.50 -30.83 -27.81
CA GLY D 411 -47.26 -29.94 -28.93
C GLY D 411 -47.41 -30.62 -30.28
N GLN D 412 -46.56 -31.62 -30.52
CA GLN D 412 -46.57 -32.36 -31.78
C GLN D 412 -47.93 -33.03 -31.97
N MET D 413 -48.48 -33.58 -30.88
CA MET D 413 -49.77 -34.24 -30.92
C MET D 413 -50.89 -33.26 -31.28
N GLY D 414 -50.68 -31.99 -30.97
CA GLY D 414 -51.67 -30.98 -31.28
C GLY D 414 -51.71 -30.74 -32.78
N LEU D 415 -50.53 -30.66 -33.39
CA LEU D 415 -50.41 -30.45 -34.82
C LEU D 415 -50.98 -31.63 -35.59
N PHE D 416 -50.81 -32.83 -35.05
CA PHE D 416 -51.32 -34.04 -35.68
C PHE D 416 -52.84 -34.05 -35.72
N ILE D 417 -53.47 -33.64 -34.62
CA ILE D 417 -54.92 -33.58 -34.55
C ILE D 417 -55.44 -32.54 -35.54
N GLY D 418 -54.74 -31.41 -35.61
CA GLY D 418 -55.13 -30.36 -36.53
C GLY D 418 -55.09 -30.88 -37.95
N ALA D 419 -54.11 -31.73 -38.23
CA ALA D 419 -53.96 -32.33 -39.56
C ALA D 419 -55.01 -33.41 -39.76
N SER D 420 -55.40 -34.08 -38.68
CA SER D 420 -56.40 -35.12 -38.74
C SER D 420 -57.75 -34.51 -39.10
N ILE D 421 -58.17 -33.52 -38.31
CA ILE D 421 -59.43 -32.84 -38.55
C ILE D 421 -59.42 -32.24 -39.96
N LEU D 422 -58.26 -31.76 -40.36
CA LEU D 422 -58.08 -31.17 -41.68
C LEU D 422 -58.24 -32.25 -42.74
N THR D 423 -57.70 -33.43 -42.49
CA THR D 423 -57.78 -34.54 -43.42
C THR D 423 -59.19 -35.11 -43.48
N VAL D 424 -59.81 -35.29 -42.31
CA VAL D 424 -61.17 -35.82 -42.25
C VAL D 424 -62.13 -34.94 -43.04
N LEU D 425 -62.16 -33.65 -42.73
CA LEU D 425 -63.03 -32.72 -43.42
C LEU D 425 -62.86 -32.80 -44.93
N GLU D 426 -61.62 -32.65 -45.40
CA GLU D 426 -61.33 -32.72 -46.82
C GLU D 426 -61.72 -34.08 -47.38
N LEU D 427 -61.65 -35.11 -46.53
CA LEU D 427 -62.02 -36.45 -46.92
C LEU D 427 -63.54 -36.54 -46.99
N PHE D 428 -64.20 -35.75 -46.14
CA PHE D 428 -65.66 -35.71 -46.07
C PHE D 428 -66.22 -34.73 -47.11
N ASP D 429 -65.42 -34.44 -48.13
CA ASP D 429 -65.84 -33.53 -49.21
C ASP D 429 -65.56 -34.18 -50.55
N TYR D 430 -64.37 -34.77 -50.68
CA TYR D 430 -63.99 -35.44 -51.92
C TYR D 430 -65.02 -36.50 -52.27
N ALA D 431 -65.75 -36.94 -51.24
CA ALA D 431 -66.80 -37.94 -51.42
C ALA D 431 -68.10 -37.26 -51.80
N SER E 16 -77.29 -23.10 -37.20
CA SER E 16 -76.86 -24.50 -37.50
C SER E 16 -75.55 -24.83 -36.80
N LEU E 17 -75.52 -25.97 -36.11
CA LEU E 17 -74.32 -26.40 -35.39
C LEU E 17 -73.21 -26.82 -36.34
N LYS E 18 -73.58 -27.33 -37.51
CA LYS E 18 -72.60 -27.77 -38.49
C LYS E 18 -71.72 -26.61 -38.93
N ARG E 19 -72.27 -25.40 -38.87
CA ARG E 19 -71.54 -24.20 -39.27
C ARG E 19 -70.75 -23.65 -38.08
N VAL E 20 -71.37 -23.62 -36.91
CA VAL E 20 -70.73 -23.11 -35.70
C VAL E 20 -69.57 -24.01 -35.28
N VAL E 21 -69.88 -25.28 -35.03
CA VAL E 21 -68.87 -26.25 -34.61
C VAL E 21 -67.66 -26.25 -35.55
N TRP E 22 -67.93 -26.24 -36.85
CA TRP E 22 -66.86 -26.24 -37.85
C TRP E 22 -65.94 -25.02 -37.65
N ALA E 23 -66.55 -23.89 -37.35
CA ALA E 23 -65.79 -22.65 -37.13
C ALA E 23 -64.90 -22.79 -35.90
N LEU E 24 -65.39 -23.50 -34.90
CA LEU E 24 -64.62 -23.71 -33.66
C LEU E 24 -63.52 -24.74 -33.84
N CYS E 25 -63.64 -25.58 -34.87
CA CYS E 25 -62.64 -26.60 -35.14
C CYS E 25 -61.26 -25.97 -35.36
N PHE E 26 -61.23 -24.66 -35.60
CA PHE E 26 -59.97 -23.96 -35.81
C PHE E 26 -59.20 -23.91 -34.50
N MET E 27 -59.86 -23.50 -33.42
CA MET E 27 -59.20 -23.46 -32.11
C MET E 27 -59.05 -24.89 -31.62
N GLY E 28 -60.16 -25.62 -31.61
CA GLY E 28 -60.13 -27.00 -31.19
C GLY E 28 -59.18 -27.77 -32.09
N SER E 29 -58.87 -29.01 -31.74
CA SER E 29 -57.96 -29.82 -32.54
C SER E 29 -56.58 -29.18 -32.51
N LEU E 30 -56.50 -28.01 -31.88
CA LEU E 30 -55.26 -27.25 -31.75
C LEU E 30 -55.20 -26.77 -30.30
N ALA E 31 -56.26 -27.08 -29.55
CA ALA E 31 -56.36 -26.69 -28.15
C ALA E 31 -55.30 -27.36 -27.29
N LEU E 32 -54.72 -28.45 -27.78
CA LEU E 32 -53.69 -29.16 -27.03
C LEU E 32 -52.48 -28.25 -26.82
N LEU E 33 -52.25 -27.35 -27.78
CA LEU E 33 -51.15 -26.40 -27.69
C LEU E 33 -51.47 -25.38 -26.60
N ALA E 34 -52.76 -25.21 -26.33
CA ALA E 34 -53.21 -24.27 -25.31
C ALA E 34 -53.03 -24.87 -23.91
N LEU E 35 -53.25 -26.19 -23.82
CA LEU E 35 -53.11 -26.89 -22.55
C LEU E 35 -51.64 -26.89 -22.12
N VAL E 36 -50.77 -27.37 -22.99
CA VAL E 36 -49.34 -27.41 -22.70
C VAL E 36 -48.82 -25.99 -22.50
N CYS E 37 -49.54 -25.03 -23.06
CA CYS E 37 -49.15 -23.62 -22.96
C CYS E 37 -49.47 -23.05 -21.59
N THR E 38 -50.70 -23.23 -21.13
CA THR E 38 -51.12 -22.70 -19.83
C THR E 38 -50.43 -23.41 -18.67
N ASN E 39 -50.18 -24.71 -18.81
CA ASN E 39 -49.52 -25.47 -17.76
C ASN E 39 -48.10 -25.01 -17.52
N ARG E 40 -47.38 -24.71 -18.61
CA ARG E 40 -46.01 -24.24 -18.47
C ARG E 40 -46.00 -22.80 -17.96
N ILE E 41 -47.15 -22.15 -18.02
CA ILE E 41 -47.29 -20.78 -17.54
C ILE E 41 -47.64 -20.85 -16.05
N GLN E 42 -48.34 -21.93 -15.67
CA GLN E 42 -48.71 -22.13 -14.28
C GLN E 42 -47.44 -22.51 -13.52
N TYR E 43 -46.57 -23.25 -14.19
CA TYR E 43 -45.30 -23.67 -13.62
C TYR E 43 -44.42 -22.45 -13.38
N TYR E 44 -44.31 -21.60 -14.39
CA TYR E 44 -43.52 -20.39 -14.30
C TYR E 44 -43.89 -19.57 -13.07
N PHE E 45 -45.19 -19.47 -12.81
CA PHE E 45 -45.68 -18.70 -11.67
C PHE E 45 -45.47 -19.38 -10.33
N LEU E 46 -44.77 -20.51 -10.34
CA LEU E 46 -44.46 -21.23 -9.11
C LEU E 46 -43.05 -20.79 -8.74
N TYR E 47 -42.45 -20.01 -9.65
CA TYR E 47 -41.10 -19.50 -9.48
C TYR E 47 -40.16 -20.54 -8.86
N PRO E 48 -40.08 -21.73 -9.49
CA PRO E 48 -39.21 -22.80 -9.01
C PRO E 48 -37.75 -22.38 -9.07
N HIS E 49 -36.89 -23.12 -8.38
CA HIS E 49 -35.48 -22.81 -8.37
C HIS E 49 -34.65 -24.08 -8.37
N VAL E 50 -33.40 -23.94 -8.78
CA VAL E 50 -32.46 -25.05 -8.80
C VAL E 50 -31.28 -24.57 -7.96
N THR E 51 -30.60 -25.48 -7.28
CA THR E 51 -29.47 -25.11 -6.47
C THR E 51 -28.19 -25.68 -7.07
N LYS E 52 -27.36 -24.80 -7.61
CA LYS E 52 -26.10 -25.21 -8.24
C LYS E 52 -25.00 -25.40 -7.20
N LEU E 53 -24.33 -26.55 -7.29
CA LEU E 53 -23.25 -26.88 -6.37
C LEU E 53 -21.93 -27.13 -7.08
N ASP E 54 -20.85 -26.70 -6.47
CA ASP E 54 -19.51 -26.90 -7.00
C ASP E 54 -18.52 -26.79 -5.86
N GLU E 55 -17.53 -27.66 -5.87
CA GLU E 55 -16.51 -27.69 -4.84
C GLU E 55 -15.16 -27.75 -5.52
N VAL E 56 -14.40 -26.67 -5.42
CA VAL E 56 -13.09 -26.62 -6.08
C VAL E 56 -12.00 -26.03 -5.22
N ALA E 57 -10.82 -25.91 -5.82
CA ALA E 57 -9.66 -25.34 -5.16
C ALA E 57 -9.45 -23.96 -5.79
N ALA E 58 -10.14 -22.96 -5.25
CA ALA E 58 -10.04 -21.60 -5.76
C ALA E 58 -8.64 -21.03 -5.57
N THR E 59 -8.30 -20.04 -6.37
CA THR E 59 -6.99 -19.40 -6.26
C THR E 59 -7.19 -18.06 -5.58
N ARG E 60 -6.14 -17.56 -4.93
CA ARG E 60 -6.19 -16.28 -4.24
C ARG E 60 -7.49 -16.10 -3.45
N LEU E 61 -7.82 -17.09 -2.63
CA LEU E 61 -9.01 -17.06 -1.79
C LEU E 61 -8.79 -16.05 -0.66
N THR E 62 -9.84 -15.31 -0.30
CA THR E 62 -9.75 -14.32 0.76
C THR E 62 -9.75 -14.98 2.14
N PHE E 63 -8.71 -14.73 2.93
CA PHE E 63 -8.64 -15.33 4.26
C PHE E 63 -9.69 -14.67 5.14
N PRO E 64 -10.36 -15.44 6.01
CA PRO E 64 -11.38 -14.84 6.87
C PRO E 64 -10.83 -14.04 8.04
N ALA E 65 -11.75 -13.54 8.86
CA ALA E 65 -11.42 -12.79 10.07
C ALA E 65 -11.44 -13.86 11.15
N VAL E 66 -10.54 -13.75 12.12
CA VAL E 66 -10.48 -14.71 13.21
C VAL E 66 -10.50 -13.95 14.53
N THR E 67 -11.60 -14.12 15.26
CA THR E 67 -11.78 -13.46 16.54
C THR E 67 -11.58 -14.45 17.66
N PHE E 68 -10.92 -14.03 18.73
CA PHE E 68 -10.73 -14.91 19.87
C PHE E 68 -10.79 -14.12 21.18
N CYS E 69 -11.23 -14.82 22.21
CA CYS E 69 -11.36 -14.23 23.54
C CYS E 69 -10.80 -15.19 24.57
N ASN E 70 -10.21 -14.64 25.63
CA ASN E 70 -9.73 -15.48 26.72
C ASN E 70 -11.03 -15.81 27.45
N LEU E 71 -11.16 -17.02 27.99
CA LEU E 71 -12.38 -17.36 28.70
C LEU E 71 -12.52 -16.56 30.01
N ASN E 72 -11.41 -16.04 30.52
CA ASN E 72 -11.43 -15.22 31.73
C ASN E 72 -11.65 -13.78 31.29
N GLU E 73 -12.63 -13.09 31.87
CA GLU E 73 -12.94 -11.72 31.47
C GLU E 73 -12.14 -10.59 32.13
N PHE E 74 -11.74 -10.80 33.38
CA PHE E 74 -11.01 -9.76 34.10
C PHE E 74 -9.76 -10.30 34.79
N ARG E 75 -8.64 -9.65 34.55
CA ARG E 75 -7.38 -10.04 35.18
C ARG E 75 -7.43 -9.64 36.65
N PHE E 76 -7.19 -10.61 37.52
CA PHE E 76 -7.22 -10.41 38.97
C PHE E 76 -6.37 -9.23 39.46
N SER E 77 -5.15 -9.12 38.97
CA SER E 77 -4.26 -8.04 39.41
C SER E 77 -4.71 -6.64 38.96
N ARG E 78 -5.63 -6.59 38.00
CA ARG E 78 -6.10 -5.31 37.49
C ARG E 78 -7.37 -4.81 38.18
N VAL E 79 -7.95 -5.63 39.03
CA VAL E 79 -9.17 -5.21 39.74
C VAL E 79 -8.75 -4.35 40.91
N THR E 80 -9.18 -3.09 40.88
CA THR E 80 -8.84 -2.13 41.92
C THR E 80 -9.92 -2.06 43.01
N LYS E 81 -9.62 -1.35 44.08
CA LYS E 81 -10.57 -1.19 45.18
C LYS E 81 -11.85 -0.55 44.62
N ASN E 82 -11.70 0.48 43.81
CA ASN E 82 -12.88 1.13 43.23
C ASN E 82 -13.63 0.17 42.30
N ASP E 83 -12.89 -0.68 41.57
CA ASP E 83 -13.54 -1.65 40.68
C ASP E 83 -14.34 -2.63 41.52
N LEU E 84 -13.73 -3.09 42.60
CA LEU E 84 -14.36 -4.05 43.49
C LEU E 84 -15.62 -3.45 44.11
N TYR E 85 -15.54 -2.20 44.51
CA TYR E 85 -16.67 -1.50 45.11
C TYR E 85 -17.86 -1.48 44.14
N HIS E 86 -17.60 -1.14 42.88
CA HIS E 86 -18.68 -1.08 41.91
C HIS E 86 -19.11 -2.40 41.28
N ALA E 87 -18.15 -3.25 40.95
CA ALA E 87 -18.46 -4.52 40.28
C ALA E 87 -18.27 -5.79 41.10
N GLY E 88 -17.81 -5.65 42.34
CA GLY E 88 -17.60 -6.82 43.17
C GLY E 88 -18.77 -7.79 43.28
N GLU E 89 -19.96 -7.26 43.51
CA GLU E 89 -21.15 -8.11 43.65
C GLU E 89 -21.44 -8.84 42.34
N LEU E 90 -21.38 -8.11 41.23
CA LEU E 90 -21.62 -8.69 39.91
C LEU E 90 -20.67 -9.86 39.65
N LEU E 91 -19.42 -9.71 40.05
CA LEU E 91 -18.41 -10.74 39.82
C LEU E 91 -18.37 -11.82 40.90
N ALA E 92 -19.35 -11.78 41.80
CA ALA E 92 -19.44 -12.74 42.89
C ALA E 92 -18.27 -12.70 43.86
N LEU E 93 -17.57 -11.57 43.90
CA LEU E 93 -16.43 -11.43 44.82
C LEU E 93 -16.93 -10.80 46.13
N LEU E 94 -18.07 -10.12 46.07
CA LEU E 94 -18.67 -9.48 47.23
C LEU E 94 -20.13 -9.86 47.37
N ASN E 95 -20.67 -9.76 48.58
CA ASN E 95 -22.07 -10.05 48.83
C ASN E 95 -22.83 -8.75 48.57
N ASN E 96 -24.12 -8.74 48.87
CA ASN E 96 -24.93 -7.54 48.64
C ASN E 96 -24.60 -6.39 49.59
N ARG E 97 -23.64 -6.61 50.49
CA ARG E 97 -23.28 -5.57 51.44
C ARG E 97 -21.82 -5.12 51.39
N TYR E 98 -21.22 -5.19 50.20
CA TYR E 98 -19.83 -4.78 50.02
C TYR E 98 -18.86 -5.52 50.95
N GLU E 99 -19.12 -6.81 51.15
CA GLU E 99 -18.26 -7.62 52.02
C GLU E 99 -17.81 -8.89 51.32
N ILE E 100 -16.62 -9.36 51.66
CA ILE E 100 -16.06 -10.59 51.08
C ILE E 100 -16.66 -11.83 51.71
N PRO E 101 -17.19 -12.74 50.88
CA PRO E 101 -17.78 -13.99 51.38
C PRO E 101 -16.80 -14.89 52.13
N ASP E 102 -17.21 -15.29 53.33
CA ASP E 102 -16.43 -16.17 54.20
C ASP E 102 -14.92 -15.98 54.15
N THR E 103 -14.20 -17.04 54.52
CA THR E 103 -12.74 -17.06 54.54
C THR E 103 -12.23 -18.34 53.89
N GLN E 104 -13.12 -19.32 53.77
CA GLN E 104 -12.78 -20.61 53.18
C GLN E 104 -13.42 -20.72 51.80
N THR E 105 -13.35 -21.92 51.20
CA THR E 105 -13.91 -22.16 49.89
C THR E 105 -13.14 -21.36 48.83
N ALA E 106 -12.20 -20.56 49.30
CA ALA E 106 -11.38 -19.73 48.42
C ALA E 106 -9.93 -19.81 48.85
N ASP E 107 -9.02 -19.38 47.97
CA ASP E 107 -7.59 -19.40 48.28
C ASP E 107 -7.28 -18.34 49.33
N GLU E 108 -6.76 -18.78 50.47
CA GLU E 108 -6.42 -17.87 51.56
C GLU E 108 -5.53 -16.73 51.08
N LYS E 109 -4.54 -17.06 50.25
CA LYS E 109 -3.62 -16.06 49.72
C LYS E 109 -4.37 -14.96 48.96
N GLN E 110 -5.20 -15.35 48.01
CA GLN E 110 -5.98 -14.39 47.23
C GLN E 110 -7.01 -13.68 48.09
N LEU E 111 -7.66 -14.45 48.97
CA LEU E 111 -8.67 -13.89 49.86
C LEU E 111 -8.13 -12.66 50.57
N GLU E 112 -6.91 -12.79 51.11
CA GLU E 112 -6.26 -11.70 51.81
C GLU E 112 -6.11 -10.49 50.89
N ILE E 113 -5.64 -10.73 49.67
CA ILE E 113 -5.46 -9.65 48.71
C ILE E 113 -6.77 -8.90 48.51
N LEU E 114 -7.88 -9.63 48.40
CA LEU E 114 -9.17 -8.99 48.22
C LEU E 114 -9.55 -8.25 49.50
N GLN E 115 -9.32 -8.88 50.64
CA GLN E 115 -9.64 -8.27 51.92
C GLN E 115 -9.02 -6.89 52.09
N ASP E 116 -7.86 -6.68 51.51
CA ASP E 116 -7.19 -5.38 51.59
C ASP E 116 -7.88 -4.42 50.63
N LYS E 117 -8.15 -4.90 49.41
CA LYS E 117 -8.81 -4.09 48.39
C LYS E 117 -10.30 -4.02 48.66
N ALA E 118 -10.81 -4.90 49.51
CA ALA E 118 -12.22 -4.92 49.83
C ALA E 118 -12.50 -4.11 51.08
N ASN E 119 -11.44 -3.59 51.69
CA ASN E 119 -11.58 -2.78 52.89
C ASN E 119 -12.09 -1.40 52.49
N PHE E 120 -13.39 -1.19 52.63
CA PHE E 120 -14.00 0.08 52.26
C PHE E 120 -14.24 1.05 53.42
N ARG E 121 -13.41 0.97 54.45
CA ARG E 121 -13.52 1.86 55.61
C ARG E 121 -13.40 3.31 55.13
N ASN E 122 -14.48 4.08 55.31
CA ASN E 122 -14.49 5.48 54.90
C ASN E 122 -13.99 5.67 53.48
N PHE E 123 -14.13 4.64 52.66
CA PHE E 123 -13.69 4.73 51.27
C PHE E 123 -14.62 5.65 50.50
N LYS E 124 -14.06 6.49 49.65
CA LYS E 124 -14.86 7.39 48.85
C LYS E 124 -14.90 6.90 47.41
N PRO E 125 -16.03 6.34 46.98
CA PRO E 125 -16.18 5.82 45.62
C PRO E 125 -15.98 6.88 44.53
N LYS E 126 -15.28 6.50 43.47
CA LYS E 126 -15.01 7.39 42.37
C LYS E 126 -15.78 6.90 41.14
N PRO E 127 -15.87 7.75 40.10
CA PRO E 127 -16.61 7.36 38.88
C PRO E 127 -16.11 6.02 38.33
N PHE E 128 -17.05 5.19 37.90
CA PHE E 128 -16.75 3.88 37.34
C PHE E 128 -17.48 3.75 36.00
N ASN E 129 -16.81 3.15 35.02
CA ASN E 129 -17.37 2.96 33.68
C ASN E 129 -17.09 1.51 33.28
N MET E 130 -18.13 0.73 32.99
CA MET E 130 -17.97 -0.67 32.61
C MET E 130 -17.08 -0.89 31.39
N LEU E 131 -17.24 -0.06 30.37
CA LEU E 131 -16.42 -0.23 29.18
C LEU E 131 -14.96 -0.02 29.56
N GLU E 132 -14.70 1.04 30.33
CA GLU E 132 -13.34 1.34 30.76
C GLU E 132 -12.76 0.16 31.55
N PHE E 133 -13.60 -0.45 32.38
CA PHE E 133 -13.20 -1.60 33.20
C PHE E 133 -12.83 -2.80 32.31
N TYR E 134 -13.69 -3.12 31.35
CA TYR E 134 -13.39 -4.24 30.44
C TYR E 134 -12.11 -3.98 29.66
N ASP E 135 -11.94 -2.75 29.20
CA ASP E 135 -10.76 -2.39 28.41
C ASP E 135 -9.45 -2.42 29.20
N ARG E 136 -9.52 -2.02 30.46
CA ARG E 136 -8.33 -2.00 31.32
C ARG E 136 -8.01 -3.34 31.96
N ALA E 137 -9.02 -4.02 32.48
CA ALA E 137 -8.81 -5.29 33.17
C ALA E 137 -8.80 -6.52 32.27
N GLY E 138 -9.39 -6.41 31.09
CA GLY E 138 -9.41 -7.55 30.18
C GLY E 138 -7.99 -7.96 29.79
N HIS E 139 -7.81 -9.21 29.39
CA HIS E 139 -6.48 -9.65 28.98
C HIS E 139 -5.95 -8.82 27.83
N ASP E 140 -4.65 -8.53 27.87
CA ASP E 140 -3.94 -7.71 26.89
C ASP E 140 -3.30 -8.57 25.80
N ILE E 141 -3.65 -8.31 24.54
CA ILE E 141 -3.09 -9.07 23.42
C ILE E 141 -1.56 -9.03 23.42
N ARG E 142 -1.00 -7.92 23.91
CA ARG E 142 0.45 -7.76 23.97
C ARG E 142 1.10 -8.75 24.91
N GLU E 143 0.35 -9.21 25.91
CA GLU E 143 0.90 -10.19 26.85
C GLU E 143 0.52 -11.61 26.44
N MET E 144 -0.68 -11.79 25.90
CA MET E 144 -1.12 -13.13 25.50
C MET E 144 -0.41 -13.67 24.27
N LEU E 145 -0.19 -12.79 23.30
CA LEU E 145 0.43 -13.19 22.03
C LEU E 145 1.93 -13.41 22.11
N LEU E 146 2.35 -14.67 22.15
CA LEU E 146 3.77 -15.01 22.23
C LEU E 146 4.41 -15.01 20.85
N SER E 147 3.69 -15.52 19.85
CA SER E 147 4.22 -15.50 18.49
C SER E 147 3.03 -15.54 17.55
N CYS E 148 3.23 -15.02 16.34
CA CYS E 148 2.17 -14.96 15.34
C CYS E 148 2.79 -14.92 13.95
N PHE E 149 2.32 -15.81 13.08
CA PHE E 149 2.82 -15.86 11.72
C PHE E 149 1.68 -16.16 10.75
N PHE E 150 1.66 -15.44 9.64
CA PHE E 150 0.66 -15.68 8.62
C PHE E 150 1.45 -15.86 7.34
N ARG E 151 1.32 -17.02 6.72
CA ARG E 151 2.04 -17.32 5.49
C ARG E 151 3.51 -16.88 5.52
N GLY E 152 4.25 -17.40 6.48
CA GLY E 152 5.67 -17.09 6.59
C GLY E 152 6.04 -15.68 6.97
N GLU E 153 5.06 -14.85 7.31
CA GLU E 153 5.34 -13.47 7.69
C GLU E 153 4.92 -13.23 9.14
N GLN E 154 5.83 -12.68 9.93
CA GLN E 154 5.53 -12.42 11.33
C GLN E 154 4.45 -11.35 11.51
N CYS E 155 3.49 -11.63 12.37
CA CYS E 155 2.43 -10.67 12.66
C CYS E 155 2.65 -10.19 14.08
N SER E 156 1.95 -9.15 14.49
CA SER E 156 2.14 -8.62 15.83
C SER E 156 0.80 -8.23 16.45
N PRO E 157 0.82 -7.79 17.72
CA PRO E 157 -0.42 -7.39 18.41
C PRO E 157 -1.24 -6.36 17.62
N GLU E 158 -0.56 -5.49 16.88
CA GLU E 158 -1.21 -4.45 16.11
C GLU E 158 -2.03 -5.02 14.95
N ASP E 159 -1.76 -6.27 14.59
CA ASP E 159 -2.50 -6.90 13.51
C ASP E 159 -3.87 -7.38 14.00
N PHE E 160 -4.12 -7.20 15.30
CA PHE E 160 -5.38 -7.60 15.89
C PHE E 160 -6.22 -6.39 16.26
N LYS E 161 -7.48 -6.38 15.83
CA LYS E 161 -8.38 -5.28 16.13
C LYS E 161 -9.14 -5.61 17.40
N VAL E 162 -9.23 -4.64 18.31
CA VAL E 162 -9.97 -4.87 19.54
C VAL E 162 -11.46 -4.86 19.22
N VAL E 163 -12.18 -5.83 19.77
CA VAL E 163 -13.61 -5.91 19.59
C VAL E 163 -14.23 -6.42 20.89
N PHE E 164 -15.26 -5.73 21.36
CA PHE E 164 -15.91 -6.11 22.59
C PHE E 164 -17.03 -7.09 22.30
N THR E 165 -17.09 -8.16 23.09
CA THR E 165 -18.12 -9.20 22.94
C THR E 165 -18.67 -9.47 24.32
N ARG E 166 -19.54 -10.46 24.46
CA ARG E 166 -20.06 -10.73 25.79
C ARG E 166 -18.95 -11.22 26.71
N TYR E 167 -17.84 -11.70 26.14
CA TYR E 167 -16.68 -12.17 26.90
C TYR E 167 -15.82 -10.98 27.32
N GLY E 168 -16.17 -9.80 26.84
CA GLY E 168 -15.38 -8.63 27.19
C GLY E 168 -14.45 -8.21 26.06
N LYS E 169 -13.21 -7.92 26.41
CA LYS E 169 -12.23 -7.46 25.44
C LYS E 169 -11.61 -8.57 24.61
N CYS E 170 -12.05 -8.69 23.36
CA CYS E 170 -11.50 -9.71 22.48
C CYS E 170 -10.70 -9.11 21.34
N TYR E 171 -10.17 -9.97 20.47
CA TYR E 171 -9.32 -9.50 19.37
C TYR E 171 -9.61 -10.23 18.06
N THR E 172 -9.55 -9.49 16.96
CA THR E 172 -9.81 -10.07 15.65
C THR E 172 -8.63 -9.91 14.70
N PHE E 173 -8.18 -11.03 14.16
CA PHE E 173 -7.09 -11.04 13.20
C PHE E 173 -7.71 -10.84 11.82
N ASN E 174 -7.07 -10.02 10.99
CA ASN E 174 -7.55 -9.78 9.63
C ASN E 174 -9.01 -9.34 9.58
N ALA E 175 -9.36 -8.38 10.43
CA ALA E 175 -10.73 -7.87 10.50
C ALA E 175 -11.09 -7.05 9.26
N GLY E 176 -10.07 -6.56 8.57
CA GLY E 176 -10.29 -5.77 7.37
C GLY E 176 -10.35 -4.28 7.62
N GLN E 177 -9.29 -3.72 8.19
CA GLN E 177 -9.23 -2.28 8.45
C GLN E 177 -8.84 -1.56 7.17
N ASP E 178 -9.46 -0.40 6.96
CA ASP E 178 -9.23 0.43 5.78
C ASP E 178 -7.83 0.35 5.16
N GLY E 179 -6.82 0.74 5.92
CA GLY E 179 -5.47 0.72 5.38
C GLY E 179 -4.70 -0.58 5.53
N LYS E 180 -5.43 -1.69 5.62
CA LYS E 180 -4.79 -3.00 5.77
C LYS E 180 -4.85 -3.82 4.48
N PRO E 181 -3.80 -4.62 4.24
CA PRO E 181 -3.74 -5.45 3.03
C PRO E 181 -4.75 -6.59 3.06
N ARG E 182 -5.20 -7.00 1.88
CA ARG E 182 -6.16 -8.08 1.77
C ARG E 182 -5.37 -9.39 1.80
N LEU E 183 -5.53 -10.16 2.88
CA LEU E 183 -4.83 -11.43 3.03
C LEU E 183 -5.50 -12.53 2.22
N ILE E 184 -4.71 -13.23 1.42
CA ILE E 184 -5.24 -14.30 0.59
C ILE E 184 -4.47 -15.59 0.82
N THR E 185 -5.14 -16.71 0.57
CA THR E 185 -4.53 -18.02 0.70
C THR E 185 -4.59 -18.66 -0.69
N MET E 186 -3.57 -19.44 -1.03
CA MET E 186 -3.49 -20.08 -2.34
C MET E 186 -3.49 -21.61 -2.30
N LYS E 187 -2.57 -22.18 -1.53
CA LYS E 187 -2.42 -23.62 -1.44
C LYS E 187 -3.03 -24.23 -0.19
N GLY E 188 -3.23 -25.54 -0.21
CA GLY E 188 -3.80 -26.19 0.95
C GLY E 188 -2.74 -26.45 2.00
N GLY E 189 -3.12 -26.40 3.28
CA GLY E 189 -2.14 -26.68 4.33
C GLY E 189 -1.80 -25.56 5.28
N THR E 190 -1.23 -25.96 6.42
CA THR E 190 -0.86 -25.03 7.47
C THR E 190 0.06 -23.89 7.02
N GLY E 191 0.93 -24.16 6.05
CA GLY E 191 1.84 -23.13 5.56
C GLY E 191 1.16 -21.90 5.01
N ASN E 192 -0.03 -22.09 4.42
CA ASN E 192 -0.77 -20.98 3.85
C ASN E 192 -1.75 -20.34 4.81
N GLY E 193 -1.63 -20.67 6.09
CA GLY E 193 -2.56 -20.11 7.06
C GLY E 193 -1.93 -19.34 8.21
N LEU E 194 -2.70 -19.21 9.28
CA LEU E 194 -2.28 -18.49 10.47
C LEU E 194 -1.84 -19.45 11.57
N GLU E 195 -0.78 -19.09 12.28
CA GLU E 195 -0.34 -19.89 13.42
C GLU E 195 -0.02 -18.92 14.55
N ILE E 196 -0.71 -19.07 15.66
CA ILE E 196 -0.45 -18.20 16.78
C ILE E 196 -0.20 -19.01 18.04
N MET E 197 0.72 -18.52 18.87
CA MET E 197 0.99 -19.18 20.15
C MET E 197 0.53 -18.17 21.19
N LEU E 198 -0.31 -18.62 22.11
CA LEU E 198 -0.85 -17.76 23.15
C LEU E 198 -0.57 -18.27 24.55
N ASP E 199 -0.58 -17.35 25.50
CA ASP E 199 -0.40 -17.64 26.92
C ASP E 199 -1.75 -17.18 27.51
N ILE E 200 -2.57 -18.09 28.00
CA ILE E 200 -3.87 -17.68 28.54
C ILE E 200 -3.80 -17.02 29.92
N GLN E 201 -2.63 -17.05 30.54
CA GLN E 201 -2.42 -16.41 31.84
C GLN E 201 -3.36 -16.83 32.96
N GLN E 202 -3.40 -18.12 33.29
CA GLN E 202 -4.28 -18.58 34.37
C GLN E 202 -3.94 -17.94 35.72
N ASP E 203 -2.71 -17.46 35.87
CA ASP E 203 -2.31 -16.82 37.13
C ASP E 203 -3.08 -15.50 37.31
N GLU E 204 -3.70 -15.02 36.25
CA GLU E 204 -4.46 -13.78 36.30
C GLU E 204 -5.98 -14.02 36.29
N TYR E 205 -6.39 -15.27 36.25
CA TYR E 205 -7.81 -15.60 36.22
C TYR E 205 -8.49 -15.14 37.51
N LEU E 206 -9.66 -14.54 37.34
CA LEU E 206 -10.43 -14.04 38.47
C LEU E 206 -10.89 -15.21 39.33
N PRO E 207 -10.73 -15.13 40.66
CA PRO E 207 -11.17 -16.23 41.52
C PRO E 207 -12.64 -16.49 41.25
N VAL E 208 -13.02 -17.75 41.30
CA VAL E 208 -14.41 -18.14 41.07
C VAL E 208 -15.03 -18.57 42.39
N TRP E 209 -15.93 -17.75 42.91
CA TRP E 209 -16.59 -18.02 44.18
C TRP E 209 -18.10 -18.16 44.01
N GLY E 210 -18.56 -18.04 42.77
CA GLY E 210 -19.98 -18.16 42.51
C GLY E 210 -20.25 -18.39 41.05
N GLU E 211 -21.51 -18.62 40.72
CA GLU E 211 -21.90 -18.86 39.34
C GLU E 211 -22.62 -17.64 38.76
N THR E 212 -21.92 -16.90 37.90
CA THR E 212 -22.49 -15.72 37.29
C THR E 212 -22.24 -15.84 35.78
N ASP E 213 -22.86 -14.98 34.99
CA ASP E 213 -22.66 -15.03 33.55
C ASP E 213 -21.28 -14.50 33.16
N GLU E 214 -20.60 -13.81 34.06
CA GLU E 214 -19.28 -13.27 33.77
C GLU E 214 -18.12 -14.20 34.13
N THR E 215 -18.40 -15.28 34.84
CA THR E 215 -17.33 -16.20 35.22
C THR E 215 -17.46 -17.55 34.56
N SER E 216 -16.35 -18.27 34.50
CA SER E 216 -16.35 -19.59 33.87
C SER E 216 -15.55 -20.58 34.69
N PHE E 217 -15.91 -21.84 34.57
CA PHE E 217 -15.22 -22.90 35.28
C PHE E 217 -14.08 -23.39 34.39
N GLU E 218 -14.04 -22.90 33.15
CA GLU E 218 -13.06 -23.34 32.16
C GLU E 218 -11.86 -22.44 31.88
N ALA E 219 -10.79 -23.06 31.37
CA ALA E 219 -9.58 -22.33 31.00
C ALA E 219 -9.30 -22.60 29.53
N GLY E 220 -9.00 -21.53 28.80
CA GLY E 220 -8.73 -21.63 27.38
C GLY E 220 -9.25 -20.39 26.68
N ILE E 221 -9.54 -20.52 25.39
CA ILE E 221 -10.08 -19.42 24.61
C ILE E 221 -11.28 -19.87 23.79
N LYS E 222 -12.06 -18.90 23.34
CA LYS E 222 -13.19 -19.15 22.47
C LYS E 222 -12.74 -18.48 21.19
N VAL E 223 -13.02 -19.11 20.05
CA VAL E 223 -12.62 -18.59 18.74
C VAL E 223 -13.79 -18.62 17.77
N GLN E 224 -13.81 -17.66 16.85
CA GLN E 224 -14.85 -17.65 15.81
C GLN E 224 -14.24 -17.21 14.49
N ILE E 225 -14.43 -18.04 13.46
CA ILE E 225 -13.92 -17.75 12.12
C ILE E 225 -15.11 -17.21 11.35
N HIS E 226 -14.98 -16.03 10.77
CA HIS E 226 -16.09 -15.42 10.06
C HIS E 226 -15.62 -14.44 8.99
N SER E 227 -16.52 -14.12 8.06
CA SER E 227 -16.16 -13.18 7.01
C SER E 227 -16.06 -11.80 7.66
N GLN E 228 -15.24 -10.94 7.05
CA GLN E 228 -15.02 -9.58 7.56
C GLN E 228 -16.33 -8.78 7.67
N ASP E 229 -17.27 -9.08 6.78
CA ASP E 229 -18.56 -8.38 6.76
C ASP E 229 -19.54 -8.82 7.84
N GLU E 230 -19.17 -9.83 8.61
CA GLU E 230 -20.06 -10.35 9.65
C GLU E 230 -19.50 -10.08 11.04
N PRO E 231 -20.36 -9.60 11.96
CA PRO E 231 -19.88 -9.33 13.31
C PRO E 231 -19.82 -10.68 14.03
N PRO E 232 -18.92 -10.81 15.02
CA PRO E 232 -18.86 -12.09 15.72
C PRO E 232 -19.97 -12.20 16.76
N LEU E 233 -20.29 -13.43 17.15
CA LEU E 233 -21.30 -13.72 18.19
C LEU E 233 -20.61 -14.91 18.86
N ILE E 234 -19.39 -14.66 19.29
CA ILE E 234 -18.52 -15.67 19.86
C ILE E 234 -19.02 -16.49 21.06
N ASP E 235 -19.76 -15.89 21.98
CA ASP E 235 -20.25 -16.64 23.13
C ASP E 235 -21.24 -17.73 22.73
N GLN E 236 -21.99 -17.48 21.67
CA GLN E 236 -22.97 -18.43 21.17
C GLN E 236 -22.44 -19.41 20.12
N LEU E 237 -21.73 -18.87 19.14
CA LEU E 237 -21.26 -19.64 18.00
C LEU E 237 -19.79 -20.03 17.86
N GLY E 238 -18.93 -19.57 18.77
CA GLY E 238 -17.53 -19.90 18.62
C GLY E 238 -17.20 -21.33 18.98
N PHE E 239 -15.93 -21.69 18.82
CA PHE E 239 -15.47 -23.02 19.19
C PHE E 239 -14.38 -22.84 20.25
N GLY E 240 -14.11 -23.88 21.02
CA GLY E 240 -13.10 -23.75 22.03
C GLY E 240 -11.73 -24.27 21.65
N VAL E 241 -10.70 -23.72 22.28
CA VAL E 241 -9.33 -24.17 22.05
C VAL E 241 -8.73 -24.27 23.44
N ALA E 242 -8.15 -25.44 23.74
CA ALA E 242 -7.59 -25.72 25.05
C ALA E 242 -6.10 -25.46 25.26
N PRO E 243 -5.73 -25.09 26.49
CA PRO E 243 -4.32 -24.83 26.77
C PRO E 243 -3.60 -26.19 26.84
N GLY E 244 -2.32 -26.22 26.56
CA GLY E 244 -1.58 -27.47 26.61
C GLY E 244 -1.67 -28.29 25.34
N PHE E 245 -2.16 -27.68 24.27
CA PHE E 245 -2.29 -28.37 22.99
C PHE E 245 -2.01 -27.44 21.82
N GLN E 246 -1.63 -28.03 20.69
CA GLN E 246 -1.48 -27.26 19.47
C GLN E 246 -2.73 -27.78 18.76
N THR E 247 -3.63 -26.87 18.39
CA THR E 247 -4.87 -27.26 17.72
C THR E 247 -4.82 -26.87 16.24
N PHE E 248 -5.13 -27.82 15.36
CA PHE E 248 -5.14 -27.62 13.92
C PHE E 248 -6.58 -27.45 13.46
N VAL E 249 -6.88 -26.37 12.75
CA VAL E 249 -8.23 -26.14 12.25
C VAL E 249 -8.16 -26.06 10.72
N SER E 250 -8.55 -27.16 10.08
CA SER E 250 -8.54 -27.30 8.61
C SER E 250 -9.92 -26.84 8.12
N CYS E 251 -9.94 -25.77 7.32
CA CYS E 251 -11.19 -25.19 6.84
C CYS E 251 -11.51 -25.28 5.35
N GLN E 252 -12.78 -25.00 5.05
CA GLN E 252 -13.29 -24.96 3.70
C GLN E 252 -14.32 -23.83 3.66
N GLU E 253 -14.13 -22.87 2.76
CA GLU E 253 -15.07 -21.77 2.63
C GLU E 253 -16.28 -22.24 1.85
N GLN E 254 -17.47 -21.91 2.35
CA GLN E 254 -18.70 -22.29 1.67
C GLN E 254 -19.56 -21.05 1.46
N ARG E 255 -19.60 -20.59 0.20
CA ARG E 255 -20.35 -19.41 -0.16
C ARG E 255 -21.76 -19.82 -0.61
N LEU E 256 -22.77 -19.40 0.14
CA LEU E 256 -24.15 -19.73 -0.20
C LEU E 256 -24.91 -18.48 -0.65
N ILE E 257 -25.57 -18.60 -1.80
CA ILE E 257 -26.35 -17.49 -2.37
C ILE E 257 -27.81 -17.92 -2.43
N TYR E 258 -28.70 -17.07 -1.93
CA TYR E 258 -30.13 -17.39 -1.93
C TYR E 258 -30.94 -16.39 -2.77
N LEU E 259 -32.13 -16.80 -3.18
CA LEU E 259 -33.00 -15.95 -3.99
C LEU E 259 -34.06 -15.25 -3.14
N PRO E 260 -34.39 -14.00 -3.49
CA PRO E 260 -35.40 -13.23 -2.76
C PRO E 260 -36.78 -13.62 -3.28
N PRO E 261 -37.85 -13.15 -2.61
CA PRO E 261 -39.20 -13.50 -3.09
C PRO E 261 -39.40 -13.05 -4.53
N PRO E 262 -40.28 -13.72 -5.28
CA PRO E 262 -41.10 -14.88 -4.89
C PRO E 262 -40.35 -16.21 -4.97
N TRP E 263 -39.17 -16.18 -5.56
CA TRP E 263 -38.35 -17.38 -5.71
C TRP E 263 -37.97 -17.94 -4.34
N GLY E 264 -37.50 -17.08 -3.45
CA GLY E 264 -37.11 -17.51 -2.12
C GLY E 264 -37.66 -16.61 -1.04
N ASP E 265 -37.04 -16.66 0.14
CA ASP E 265 -37.49 -15.84 1.27
C ASP E 265 -36.34 -15.08 1.93
N CYS E 266 -35.23 -14.94 1.23
CA CYS E 266 -34.08 -14.23 1.78
C CYS E 266 -34.31 -12.73 1.66
N LYS E 267 -33.33 -11.95 2.10
CA LYS E 267 -33.42 -10.50 2.03
C LYS E 267 -32.05 -9.88 2.32
N ALA E 268 -31.81 -8.70 1.75
CA ALA E 268 -30.53 -8.01 1.94
C ALA E 268 -30.75 -6.59 2.48
N THR E 269 -30.91 -5.64 1.56
CA THR E 269 -31.12 -4.24 1.92
C THR E 269 -30.11 -3.75 2.95
N THR E 270 -30.61 -3.22 4.06
CA THR E 270 -29.77 -2.70 5.14
C THR E 270 -28.64 -1.81 4.60
N GLY E 271 -27.55 -1.73 5.35
CA GLY E 271 -26.44 -0.89 4.93
C GLY E 271 -26.70 0.56 5.27
N ASP E 272 -27.88 0.82 5.84
CA ASP E 272 -28.28 2.16 6.22
C ASP E 272 -27.82 2.45 7.65
N SER E 273 -28.76 2.39 8.59
CA SER E 273 -28.46 2.64 9.99
C SER E 273 -28.67 1.37 10.80
N GLU E 274 -28.56 0.22 10.13
CA GLU E 274 -28.74 -1.07 10.77
C GLU E 274 -27.46 -1.48 11.52
N PHE E 275 -26.75 -0.48 12.02
CA PHE E 275 -25.50 -0.70 12.76
C PHE E 275 -24.39 -1.30 11.89
N TYR E 276 -24.77 -1.97 10.82
CA TYR E 276 -23.81 -2.60 9.93
C TYR E 276 -24.14 -2.31 8.46
N ASP E 277 -23.14 -2.38 7.60
CA ASP E 277 -23.33 -2.11 6.18
C ASP E 277 -23.78 -3.33 5.38
N THR E 278 -23.70 -4.50 6.00
CA THR E 278 -24.11 -5.74 5.35
C THR E 278 -25.09 -6.49 6.25
N TYR E 279 -26.03 -7.19 5.65
CA TYR E 279 -26.99 -7.96 6.43
C TYR E 279 -26.49 -9.38 6.65
N SER E 280 -26.77 -9.91 7.84
CA SER E 280 -26.38 -11.27 8.21
C SER E 280 -27.20 -11.61 9.42
N ILE E 281 -27.31 -12.90 9.72
CA ILE E 281 -28.09 -13.32 10.88
C ILE E 281 -27.56 -12.69 12.18
N THR E 282 -26.23 -12.66 12.34
CA THR E 282 -25.66 -12.10 13.56
C THR E 282 -25.89 -10.59 13.69
N ALA E 283 -25.70 -9.83 12.62
CA ALA E 283 -25.93 -8.40 12.67
C ALA E 283 -27.38 -8.18 13.09
N CYS E 284 -28.28 -9.00 12.54
CA CYS E 284 -29.70 -8.92 12.86
C CYS E 284 -29.95 -9.26 14.32
N ARG E 285 -29.30 -10.30 14.83
CA ARG E 285 -29.47 -10.68 16.22
C ARG E 285 -28.94 -9.61 17.17
N ILE E 286 -27.77 -9.06 16.87
CA ILE E 286 -27.20 -8.05 17.75
C ILE E 286 -28.07 -6.78 17.77
N ASP E 287 -28.58 -6.40 16.60
CA ASP E 287 -29.44 -5.23 16.48
C ASP E 287 -30.68 -5.44 17.35
N CYS E 288 -31.28 -6.61 17.22
CA CYS E 288 -32.47 -6.94 17.97
C CYS E 288 -32.22 -7.01 19.48
N GLU E 289 -31.13 -7.64 19.87
CA GLU E 289 -30.78 -7.76 21.29
C GLU E 289 -30.58 -6.36 21.89
N THR E 290 -29.94 -5.48 21.14
CA THR E 290 -29.70 -4.12 21.62
C THR E 290 -31.03 -3.40 21.85
N ARG E 291 -31.95 -3.49 20.89
CA ARG E 291 -33.24 -2.84 21.03
C ARG E 291 -33.99 -3.39 22.24
N TYR E 292 -33.92 -4.70 22.43
CA TYR E 292 -34.60 -5.35 23.54
C TYR E 292 -34.07 -4.89 24.90
N LEU E 293 -32.75 -4.79 25.04
CA LEU E 293 -32.16 -4.36 26.31
C LEU E 293 -32.44 -2.88 26.56
N VAL E 294 -32.31 -2.07 25.52
CA VAL E 294 -32.54 -0.65 25.68
C VAL E 294 -33.97 -0.36 26.16
N GLU E 295 -34.95 -1.05 25.59
CA GLU E 295 -36.32 -0.82 25.99
C GLU E 295 -36.73 -1.51 27.29
N ASN E 296 -36.04 -2.57 27.66
CA ASN E 296 -36.36 -3.28 28.89
C ASN E 296 -35.47 -2.91 30.07
N CYS E 297 -34.24 -2.46 29.79
CA CYS E 297 -33.30 -2.08 30.86
C CYS E 297 -32.83 -0.64 30.77
N ASN E 298 -33.16 0.03 29.66
CA ASN E 298 -32.77 1.43 29.45
C ASN E 298 -31.26 1.62 29.35
N CYS E 299 -30.57 0.58 28.89
CA CYS E 299 -29.13 0.62 28.73
C CYS E 299 -28.70 -0.52 27.83
N ARG E 300 -27.48 -0.42 27.32
CA ARG E 300 -26.94 -1.45 26.44
C ARG E 300 -25.69 -2.02 27.11
N MET E 301 -25.37 -3.27 26.80
CA MET E 301 -24.19 -3.88 27.36
C MET E 301 -22.98 -3.34 26.61
N VAL E 302 -21.80 -3.48 27.20
CA VAL E 302 -20.57 -2.97 26.61
C VAL E 302 -20.26 -3.40 25.17
N HIS E 303 -20.77 -4.56 24.76
CA HIS E 303 -20.49 -5.05 23.41
C HIS E 303 -21.54 -4.69 22.37
N MET E 304 -22.55 -3.94 22.78
CA MET E 304 -23.62 -3.56 21.87
C MET E 304 -23.43 -2.20 21.21
N PRO E 305 -23.84 -2.07 19.95
CA PRO E 305 -23.73 -0.83 19.17
C PRO E 305 -24.79 0.18 19.60
N GLY E 306 -24.79 1.35 18.97
CA GLY E 306 -25.77 2.35 19.31
C GLY E 306 -25.18 3.46 20.16
N ASP E 307 -26.04 4.22 20.82
CA ASP E 307 -25.56 5.32 21.66
C ASP E 307 -26.27 5.40 22.99
N ALA E 308 -27.01 4.36 23.35
CA ALA E 308 -27.69 4.34 24.64
C ALA E 308 -26.61 4.25 25.69
N PRO E 309 -26.93 4.61 26.94
CA PRO E 309 -25.91 4.55 28.01
C PRO E 309 -25.55 3.11 28.37
N TYR E 310 -24.27 2.88 28.64
CA TYR E 310 -23.80 1.56 29.02
C TYR E 310 -24.37 1.18 30.39
N CYS E 311 -24.83 -0.07 30.50
CA CYS E 311 -25.38 -0.53 31.76
C CYS E 311 -24.32 -0.48 32.85
N THR E 312 -24.75 -0.24 34.08
CA THR E 312 -23.86 -0.19 35.22
C THR E 312 -23.75 -1.62 35.72
N PRO E 313 -22.77 -1.91 36.60
CA PRO E 313 -22.64 -3.27 37.11
C PRO E 313 -23.97 -3.71 37.71
N GLU E 314 -24.66 -2.79 38.37
CA GLU E 314 -25.95 -3.12 38.96
C GLU E 314 -26.99 -3.46 37.91
N GLN E 315 -27.00 -2.71 36.81
CA GLN E 315 -27.96 -2.99 35.76
C GLN E 315 -27.62 -4.31 35.09
N TYR E 316 -26.34 -4.65 35.03
CA TYR E 316 -25.93 -5.92 34.42
C TYR E 316 -26.54 -7.05 35.21
N LYS E 317 -26.36 -7.00 36.52
CA LYS E 317 -26.84 -8.01 37.43
C LYS E 317 -28.36 -8.14 37.57
N GLU E 318 -29.05 -7.01 37.67
CA GLU E 318 -30.49 -7.07 37.85
C GLU E 318 -31.35 -7.08 36.59
N CYS E 319 -30.86 -6.56 35.48
CA CYS E 319 -31.68 -6.52 34.27
C CYS E 319 -31.05 -7.03 32.98
N ALA E 320 -29.87 -6.50 32.67
CA ALA E 320 -29.17 -6.83 31.44
C ALA E 320 -28.78 -8.29 31.24
N ASP E 321 -28.08 -8.90 32.19
CA ASP E 321 -27.70 -10.30 32.02
C ASP E 321 -28.92 -11.21 31.88
N PRO E 322 -29.94 -11.03 32.75
CA PRO E 322 -31.13 -11.88 32.65
C PRO E 322 -31.87 -11.67 31.33
N ALA E 323 -31.87 -10.43 30.85
CA ALA E 323 -32.54 -10.09 29.60
C ALA E 323 -31.86 -10.73 28.39
N LEU E 324 -30.53 -10.69 28.34
CA LEU E 324 -29.82 -11.29 27.22
C LEU E 324 -29.94 -12.81 27.29
N ASP E 325 -29.85 -13.38 28.50
CA ASP E 325 -29.95 -14.82 28.66
C ASP E 325 -31.31 -15.29 28.16
N PHE E 326 -32.36 -14.53 28.48
CA PHE E 326 -33.70 -14.86 28.02
C PHE E 326 -33.70 -14.96 26.50
N LEU E 327 -33.13 -13.96 25.85
CA LEU E 327 -33.06 -13.91 24.39
C LEU E 327 -32.28 -15.04 23.73
N VAL E 328 -31.08 -15.34 24.25
CA VAL E 328 -30.26 -16.38 23.65
C VAL E 328 -30.66 -17.80 24.08
N GLU E 329 -31.50 -17.93 25.09
CA GLU E 329 -31.89 -19.26 25.55
C GLU E 329 -33.35 -19.62 25.37
N LYS E 330 -34.25 -18.73 25.80
CA LYS E 330 -35.68 -19.03 25.77
C LYS E 330 -36.54 -18.35 24.69
N ASP E 331 -36.25 -17.10 24.37
CA ASP E 331 -37.04 -16.38 23.37
C ASP E 331 -37.31 -17.17 22.10
N ASN E 332 -38.57 -17.15 21.66
CA ASN E 332 -38.99 -17.84 20.45
C ASN E 332 -39.69 -16.87 19.48
N GLU E 333 -39.86 -15.62 19.89
CA GLU E 333 -40.57 -14.66 19.05
C GLU E 333 -40.01 -13.25 18.92
N TYR E 334 -39.46 -12.71 20.00
CA TYR E 334 -38.93 -11.35 19.97
C TYR E 334 -37.85 -11.10 18.93
N CYS E 335 -36.82 -11.93 18.92
CA CYS E 335 -35.73 -11.77 17.96
C CYS E 335 -35.62 -12.90 16.96
N VAL E 336 -36.41 -12.82 15.90
CA VAL E 336 -36.41 -13.81 14.83
C VAL E 336 -35.84 -13.14 13.59
N CYS E 337 -34.83 -13.77 12.98
CA CYS E 337 -34.19 -13.18 11.81
C CYS E 337 -34.44 -13.91 10.49
N GLU E 338 -34.49 -13.12 9.41
CA GLU E 338 -34.70 -13.64 8.08
C GLU E 338 -33.39 -14.12 7.48
N MET E 339 -33.49 -15.07 6.55
CA MET E 339 -32.34 -15.62 5.87
C MET E 339 -31.67 -14.57 5.00
N PRO E 340 -30.35 -14.42 5.11
CA PRO E 340 -29.69 -13.42 4.27
C PRO E 340 -29.65 -14.04 2.87
N CYS E 341 -29.37 -13.23 1.85
CA CYS E 341 -29.30 -13.77 0.51
C CYS E 341 -27.86 -14.17 0.21
N ASN E 342 -26.96 -13.73 1.08
CA ASN E 342 -25.54 -14.03 0.93
C ASN E 342 -25.02 -14.49 2.30
N VAL E 343 -24.47 -15.70 2.33
CA VAL E 343 -23.94 -16.26 3.58
C VAL E 343 -22.64 -17.02 3.34
N THR E 344 -21.66 -16.79 4.21
CA THR E 344 -20.39 -17.48 4.11
C THR E 344 -20.22 -18.35 5.35
N ARG E 345 -20.12 -19.66 5.14
CA ARG E 345 -19.95 -20.63 6.22
C ARG E 345 -18.57 -21.24 6.07
N TYR E 346 -17.94 -21.54 7.20
CA TYR E 346 -16.62 -22.15 7.16
C TYR E 346 -16.67 -23.54 7.75
N GLY E 347 -16.48 -24.55 6.92
CA GLY E 347 -16.48 -25.92 7.41
C GLY E 347 -15.17 -26.07 8.16
N LYS E 348 -15.19 -26.76 9.29
CA LYS E 348 -13.98 -26.92 10.10
C LYS E 348 -13.77 -28.34 10.62
N GLU E 349 -12.53 -28.79 10.59
CA GLU E 349 -12.14 -30.11 11.10
C GLU E 349 -10.98 -29.84 12.06
N LEU E 350 -11.21 -30.06 13.35
CA LEU E 350 -10.20 -29.82 14.36
C LEU E 350 -9.50 -31.07 14.85
N SER E 351 -8.22 -30.93 15.17
CA SER E 351 -7.44 -32.05 15.69
C SER E 351 -6.40 -31.41 16.61
N MET E 352 -5.74 -32.23 17.43
CA MET E 352 -4.74 -31.65 18.33
C MET E 352 -3.61 -32.60 18.75
N VAL E 353 -2.50 -31.99 19.17
CA VAL E 353 -1.34 -32.70 19.68
C VAL E 353 -0.98 -31.96 20.98
N LYS E 354 -0.13 -32.57 21.79
CA LYS E 354 0.23 -31.99 23.07
C LYS E 354 1.42 -31.04 23.04
N ILE E 355 1.36 -30.00 23.85
CA ILE E 355 2.46 -29.05 23.97
C ILE E 355 2.54 -28.69 25.45
N PRO E 356 3.75 -28.66 26.02
CA PRO E 356 5.02 -28.95 25.34
C PRO E 356 5.38 -30.42 25.49
N SER E 357 6.32 -30.89 24.69
CA SER E 357 6.79 -32.25 24.83
C SER E 357 7.77 -32.13 25.99
N LYS E 358 8.16 -33.26 26.57
CA LYS E 358 9.12 -33.24 27.67
C LYS E 358 10.43 -32.57 27.21
N ALA E 359 10.86 -32.88 26.00
CA ALA E 359 12.11 -32.33 25.45
C ALA E 359 12.13 -30.84 25.11
N SER E 360 10.97 -30.20 25.06
CA SER E 360 10.94 -28.77 24.72
C SER E 360 10.45 -27.89 25.85
N ALA E 361 9.93 -28.49 26.90
CA ALA E 361 9.40 -27.73 28.03
C ALA E 361 10.40 -26.73 28.62
N LYS E 362 11.63 -27.17 28.87
CA LYS E 362 12.64 -26.30 29.45
C LYS E 362 13.01 -25.15 28.52
N TYR E 363 13.08 -25.45 27.22
CA TYR E 363 13.39 -24.41 26.25
C TYR E 363 12.32 -23.30 26.28
N LEU E 364 11.05 -23.69 26.27
CA LEU E 364 9.95 -22.72 26.31
C LEU E 364 9.87 -22.00 27.66
N ALA E 365 10.15 -22.70 28.74
CA ALA E 365 10.11 -22.10 30.08
C ALA E 365 11.14 -20.98 30.13
N LYS E 366 12.34 -21.27 29.61
CA LYS E 366 13.42 -20.30 29.59
C LYS E 366 13.11 -19.17 28.63
N LYS E 367 12.62 -19.50 27.45
CA LYS E 367 12.31 -18.47 26.46
C LYS E 367 11.30 -17.43 26.93
N TYR E 368 10.31 -17.84 27.71
CA TYR E 368 9.30 -16.91 28.17
C TYR E 368 9.38 -16.61 29.65
N ASN E 369 10.48 -17.03 30.26
CA ASN E 369 10.72 -16.80 31.68
C ASN E 369 9.54 -17.23 32.55
N LYS E 370 9.18 -18.50 32.43
CA LYS E 370 8.10 -19.10 33.20
C LYS E 370 8.62 -20.46 33.64
N SER E 371 7.88 -21.13 34.51
CA SER E 371 8.27 -22.46 34.97
C SER E 371 7.70 -23.46 33.97
N GLU E 372 8.25 -24.67 33.95
CA GLU E 372 7.77 -25.70 33.03
C GLU E 372 6.31 -26.04 33.29
N GLN E 373 5.92 -26.07 34.56
CA GLN E 373 4.54 -26.38 34.89
C GLN E 373 3.61 -25.30 34.34
N TYR E 374 4.04 -24.04 34.41
CA TYR E 374 3.25 -22.92 33.89
C TYR E 374 3.02 -23.09 32.38
N ILE E 375 4.08 -23.40 31.65
CA ILE E 375 3.97 -23.59 30.21
C ILE E 375 2.89 -24.63 29.91
N GLY E 376 2.95 -25.76 30.62
CA GLY E 376 1.99 -26.82 30.41
C GLY E 376 0.55 -26.47 30.68
N GLU E 377 0.31 -25.54 31.58
CA GLU E 377 -1.05 -25.14 31.93
C GLU E 377 -1.57 -23.92 31.18
N ASN E 378 -0.68 -23.16 30.56
CA ASN E 378 -1.08 -21.92 29.90
C ASN E 378 -0.81 -21.73 28.41
N ILE E 379 0.15 -22.46 27.88
CA ILE E 379 0.49 -22.28 26.47
C ILE E 379 -0.36 -23.09 25.51
N LEU E 380 -0.71 -22.46 24.38
CA LEU E 380 -1.46 -23.16 23.36
C LEU E 380 -1.07 -22.61 21.99
N VAL E 381 -1.12 -23.47 20.99
CA VAL E 381 -0.80 -23.05 19.63
C VAL E 381 -2.04 -23.35 18.80
N LEU E 382 -2.39 -22.42 17.93
CA LEU E 382 -3.56 -22.57 17.09
C LEU E 382 -3.18 -22.31 15.64
N ASP E 383 -3.51 -23.27 14.76
CA ASP E 383 -3.25 -23.17 13.34
C ASP E 383 -4.58 -23.19 12.60
N ILE E 384 -4.86 -22.12 11.85
CA ILE E 384 -6.08 -22.03 11.08
C ILE E 384 -5.65 -21.91 9.63
N PHE E 385 -6.08 -22.86 8.81
CA PHE E 385 -5.70 -22.89 7.40
C PHE E 385 -6.79 -23.58 6.60
N PHE E 386 -6.59 -23.68 5.29
CA PHE E 386 -7.57 -24.31 4.42
C PHE E 386 -7.04 -25.58 3.75
N GLU E 387 -7.93 -26.53 3.54
CA GLU E 387 -7.56 -27.76 2.86
C GLU E 387 -7.46 -27.44 1.36
N ALA E 388 -7.00 -28.40 0.55
CA ALA E 388 -6.86 -28.18 -0.89
C ALA E 388 -8.16 -27.68 -1.51
N LEU E 389 -9.25 -28.44 -1.33
CA LEU E 389 -10.54 -28.04 -1.88
C LEU E 389 -11.12 -27.01 -0.91
N ASN E 390 -10.57 -25.81 -1.00
CA ASN E 390 -10.93 -24.70 -0.12
C ASN E 390 -12.23 -23.95 -0.40
N TYR E 391 -12.84 -24.18 -1.56
CA TYR E 391 -14.04 -23.41 -1.90
C TYR E 391 -15.23 -24.18 -2.44
N GLU E 392 -16.33 -24.13 -1.71
CA GLU E 392 -17.57 -24.78 -2.10
C GLU E 392 -18.64 -23.71 -2.28
N THR E 393 -19.37 -23.80 -3.39
CA THR E 393 -20.42 -22.83 -3.65
C THR E 393 -21.78 -23.50 -3.82
N ILE E 394 -22.79 -22.97 -3.15
CA ILE E 394 -24.15 -23.50 -3.19
C ILE E 394 -25.07 -22.31 -3.47
N GLU E 395 -25.48 -22.17 -4.73
CA GLU E 395 -26.31 -21.04 -5.14
C GLU E 395 -27.65 -21.39 -5.78
N GLN E 396 -28.72 -20.75 -5.29
CA GLN E 396 -30.05 -20.97 -5.83
C GLN E 396 -30.19 -20.12 -7.10
N LYS E 397 -30.63 -20.75 -8.18
CA LYS E 397 -30.83 -20.03 -9.45
C LYS E 397 -32.25 -20.24 -9.93
N LYS E 398 -32.78 -19.24 -10.64
CA LYS E 398 -34.13 -19.31 -11.19
C LYS E 398 -34.17 -20.48 -12.17
N ALA E 399 -35.10 -21.41 -11.96
CA ALA E 399 -35.20 -22.59 -12.81
C ALA E 399 -35.95 -22.35 -14.13
N TYR E 400 -36.98 -21.52 -14.10
CA TYR E 400 -37.77 -21.25 -15.30
C TYR E 400 -37.99 -19.75 -15.50
N GLU E 401 -37.09 -19.11 -16.24
CA GLU E 401 -37.19 -17.69 -16.52
C GLU E 401 -38.06 -17.43 -17.75
N VAL E 402 -38.49 -16.18 -17.93
CA VAL E 402 -39.33 -15.80 -19.05
C VAL E 402 -38.78 -16.30 -20.39
N ALA E 403 -37.52 -15.98 -20.67
CA ALA E 403 -36.88 -16.41 -21.91
C ALA E 403 -37.01 -17.92 -22.09
N GLY E 404 -37.16 -18.63 -20.98
CA GLY E 404 -37.30 -20.07 -21.06
C GLY E 404 -38.74 -20.49 -21.31
N LEU E 405 -39.68 -19.71 -20.78
CA LEU E 405 -41.10 -19.98 -20.95
C LEU E 405 -41.48 -19.73 -22.41
N LEU E 406 -41.23 -18.51 -22.86
CA LEU E 406 -41.54 -18.11 -24.22
C LEU E 406 -40.75 -18.94 -25.22
N GLY E 407 -39.69 -19.59 -24.74
CA GLY E 407 -38.88 -20.43 -25.61
C GLY E 407 -39.55 -21.78 -25.77
N ASP E 408 -40.53 -22.05 -24.92
CA ASP E 408 -41.28 -23.30 -24.97
C ASP E 408 -42.64 -23.11 -25.63
N ILE E 409 -43.37 -22.09 -25.21
CA ILE E 409 -44.68 -21.82 -25.76
C ILE E 409 -44.67 -20.70 -26.80
N GLY E 410 -43.48 -20.33 -27.26
CA GLY E 410 -43.37 -19.28 -28.25
C GLY E 410 -44.20 -19.58 -29.48
N GLY E 411 -43.65 -20.37 -30.39
CA GLY E 411 -44.37 -20.72 -31.60
C GLY E 411 -45.60 -21.52 -31.24
N GLN E 412 -45.51 -22.23 -30.12
CA GLN E 412 -46.61 -23.05 -29.62
C GLN E 412 -47.89 -22.22 -29.59
N MET E 413 -47.86 -21.15 -28.81
CA MET E 413 -49.01 -20.26 -28.69
C MET E 413 -49.14 -19.40 -29.93
N GLY E 414 -48.07 -19.30 -30.70
CA GLY E 414 -48.08 -18.51 -31.92
C GLY E 414 -49.12 -19.05 -32.89
N LEU E 415 -49.14 -20.36 -33.08
CA LEU E 415 -50.08 -21.00 -33.97
C LEU E 415 -51.48 -21.00 -33.35
N PHE E 416 -51.53 -21.10 -32.03
CA PHE E 416 -52.80 -21.12 -31.32
C PHE E 416 -53.52 -19.77 -31.44
N ILE E 417 -52.74 -18.70 -31.46
CA ILE E 417 -53.32 -17.36 -31.59
C ILE E 417 -53.92 -17.27 -32.99
N GLY E 418 -53.26 -17.93 -33.93
CA GLY E 418 -53.73 -17.94 -35.31
C GLY E 418 -54.87 -18.92 -35.45
N ALA E 419 -55.59 -19.12 -34.34
CA ALA E 419 -56.73 -20.02 -34.30
C ALA E 419 -57.84 -19.33 -33.51
N SER E 420 -57.45 -18.63 -32.46
CA SER E 420 -58.40 -17.90 -31.62
C SER E 420 -58.99 -16.76 -32.43
N ILE E 421 -58.15 -16.16 -33.28
CA ILE E 421 -58.58 -15.06 -34.13
C ILE E 421 -59.34 -15.60 -35.34
N LEU E 422 -58.78 -16.63 -35.97
CA LEU E 422 -59.38 -17.24 -37.13
C LEU E 422 -60.78 -17.78 -36.83
N THR E 423 -60.96 -18.30 -35.61
CA THR E 423 -62.25 -18.85 -35.20
C THR E 423 -63.27 -17.73 -35.00
N VAL E 424 -62.92 -16.73 -34.20
CA VAL E 424 -63.81 -15.61 -33.94
C VAL E 424 -64.10 -14.88 -35.25
N LEU E 425 -63.21 -15.04 -36.22
CA LEU E 425 -63.35 -14.42 -37.53
C LEU E 425 -64.44 -15.16 -38.31
N GLU E 426 -64.21 -16.45 -38.53
CA GLU E 426 -65.15 -17.29 -39.26
C GLU E 426 -66.49 -17.30 -38.54
N LEU E 427 -66.46 -17.02 -37.24
CA LEU E 427 -67.67 -17.00 -36.43
C LEU E 427 -68.48 -15.74 -36.70
N PHE E 428 -67.81 -14.66 -37.08
CA PHE E 428 -68.49 -13.40 -37.35
C PHE E 428 -69.02 -13.33 -38.78
N ASP E 429 -68.39 -14.05 -39.69
CA ASP E 429 -68.84 -14.07 -41.08
C ASP E 429 -70.17 -14.80 -41.13
N TYR E 430 -70.38 -15.70 -40.18
CA TYR E 430 -71.62 -16.47 -40.07
C TYR E 430 -72.64 -15.61 -39.35
N ALA E 431 -72.16 -14.81 -38.40
CA ALA E 431 -73.01 -13.93 -37.61
C ALA E 431 -73.61 -12.82 -38.48
N TYR E 432 -72.78 -12.23 -39.32
CA TYR E 432 -73.22 -11.15 -40.22
C TYR E 432 -74.15 -11.75 -41.27
N GLU E 433 -73.90 -13.01 -41.61
CA GLU E 433 -74.70 -13.72 -42.61
C GLU E 433 -76.12 -13.95 -42.09
N VAL E 434 -76.24 -14.18 -40.78
CA VAL E 434 -77.54 -14.42 -40.16
C VAL E 434 -78.29 -13.10 -39.97
N ILE E 435 -77.54 -12.01 -39.83
CA ILE E 435 -78.15 -10.69 -39.63
C ILE E 435 -78.74 -10.16 -40.94
N LYS E 436 -78.01 -10.34 -42.04
CA LYS E 436 -78.46 -9.88 -43.34
C LYS E 436 -79.46 -10.84 -43.97
N LEU F 17 -58.67 -9.29 -44.41
CA LEU F 17 -57.83 -9.89 -43.33
C LEU F 17 -58.32 -11.27 -42.91
N LYS F 18 -57.50 -12.28 -43.19
CA LYS F 18 -57.82 -13.67 -42.86
C LYS F 18 -56.72 -14.55 -43.45
N ARG F 19 -56.21 -14.12 -44.59
CA ARG F 19 -55.14 -14.83 -45.27
C ARG F 19 -53.86 -14.42 -44.55
N VAL F 20 -53.80 -13.14 -44.22
CA VAL F 20 -52.65 -12.56 -43.53
C VAL F 20 -52.51 -13.08 -42.10
N VAL F 21 -53.61 -13.12 -41.37
CA VAL F 21 -53.61 -13.60 -39.99
C VAL F 21 -53.11 -15.04 -39.96
N TRP F 22 -53.32 -15.74 -41.07
CA TRP F 22 -52.91 -17.12 -41.20
C TRP F 22 -51.41 -17.16 -41.53
N ALA F 23 -50.98 -16.26 -42.40
CA ALA F 23 -49.59 -16.18 -42.82
C ALA F 23 -48.70 -15.54 -41.76
N LEU F 24 -49.20 -14.50 -41.11
CA LEU F 24 -48.45 -13.80 -40.07
C LEU F 24 -48.22 -14.69 -38.86
N CYS F 25 -49.24 -15.47 -38.50
CA CYS F 25 -49.12 -16.37 -37.37
C CYS F 25 -48.31 -17.59 -37.73
N PHE F 26 -48.30 -17.93 -39.02
CA PHE F 26 -47.54 -19.07 -39.51
C PHE F 26 -46.07 -18.69 -39.56
N MET F 27 -45.76 -17.67 -40.38
CA MET F 27 -44.39 -17.20 -40.52
C MET F 27 -43.88 -16.67 -39.19
N GLY F 28 -44.79 -16.11 -38.40
CA GLY F 28 -44.42 -15.58 -37.10
C GLY F 28 -43.94 -16.73 -36.23
N SER F 29 -44.74 -17.79 -36.18
CA SER F 29 -44.39 -18.96 -35.40
C SER F 29 -43.07 -19.53 -35.92
N LEU F 30 -42.81 -19.29 -37.21
CA LEU F 30 -41.58 -19.75 -37.84
C LEU F 30 -40.39 -18.96 -37.31
N ALA F 31 -40.55 -17.64 -37.19
CA ALA F 31 -39.49 -16.78 -36.69
C ALA F 31 -39.10 -17.21 -35.28
N LEU F 32 -40.09 -17.43 -34.43
CA LEU F 32 -39.85 -17.85 -33.05
C LEU F 32 -39.10 -19.17 -33.01
N LEU F 33 -39.64 -20.19 -33.67
CA LEU F 33 -39.01 -21.50 -33.72
C LEU F 33 -37.60 -21.38 -34.31
N ALA F 34 -37.39 -20.36 -35.13
CA ALA F 34 -36.09 -20.14 -35.75
C ALA F 34 -35.11 -19.63 -34.71
N LEU F 35 -35.53 -18.64 -33.92
CA LEU F 35 -34.69 -18.07 -32.89
C LEU F 35 -34.33 -19.13 -31.85
N VAL F 36 -35.33 -19.85 -31.37
CA VAL F 36 -35.13 -20.90 -30.37
C VAL F 36 -33.94 -21.78 -30.72
N CYS F 37 -33.99 -22.38 -31.91
CA CYS F 37 -32.90 -23.24 -32.37
C CYS F 37 -31.57 -22.49 -32.39
N THR F 38 -31.63 -21.19 -32.68
CA THR F 38 -30.43 -20.37 -32.74
C THR F 38 -29.84 -20.13 -31.35
N ASN F 39 -30.71 -19.88 -30.38
CA ASN F 39 -30.28 -19.62 -29.02
C ASN F 39 -29.80 -20.88 -28.31
N ARG F 40 -30.37 -22.03 -28.69
CA ARG F 40 -29.99 -23.29 -28.08
C ARG F 40 -28.68 -23.81 -28.67
N ILE F 41 -28.23 -23.19 -29.75
CA ILE F 41 -26.97 -23.57 -30.38
C ILE F 41 -25.89 -22.70 -29.75
N GLN F 42 -26.30 -21.50 -29.34
CA GLN F 42 -25.39 -20.56 -28.69
C GLN F 42 -25.15 -21.10 -27.28
N TYR F 43 -26.23 -21.60 -26.68
CA TYR F 43 -26.17 -22.17 -25.34
C TYR F 43 -25.21 -23.35 -25.38
N TYR F 44 -25.32 -24.16 -26.42
CA TYR F 44 -24.45 -25.33 -26.58
C TYR F 44 -22.98 -24.94 -26.58
N PHE F 45 -22.65 -23.87 -27.30
CA PHE F 45 -21.27 -23.42 -27.39
C PHE F 45 -20.75 -22.76 -26.13
N LEU F 46 -21.60 -22.64 -25.12
CA LEU F 46 -21.19 -22.09 -23.84
C LEU F 46 -20.69 -23.27 -23.03
N TYR F 47 -20.88 -24.45 -23.59
CA TYR F 47 -20.49 -25.72 -22.98
C TYR F 47 -20.81 -25.74 -21.48
N PRO F 48 -22.09 -25.60 -21.12
CA PRO F 48 -22.51 -25.61 -19.72
C PRO F 48 -22.30 -26.97 -19.06
N HIS F 49 -22.35 -26.99 -17.74
CA HIS F 49 -22.18 -28.23 -17.01
C HIS F 49 -23.15 -28.26 -15.84
N VAL F 50 -23.36 -29.45 -15.31
CA VAL F 50 -24.25 -29.64 -14.16
C VAL F 50 -23.49 -30.49 -13.15
N THR F 51 -23.73 -30.26 -11.87
CA THR F 51 -23.04 -31.03 -10.84
C THR F 51 -24.04 -31.92 -10.11
N LYS F 52 -23.91 -33.22 -10.31
CA LYS F 52 -24.79 -34.19 -9.68
C LYS F 52 -24.26 -34.66 -8.34
N LEU F 53 -25.13 -34.62 -7.33
CA LEU F 53 -24.77 -35.01 -5.98
C LEU F 53 -25.62 -36.18 -5.48
N ASP F 54 -25.00 -37.03 -4.67
CA ASP F 54 -25.66 -38.18 -4.06
C ASP F 54 -24.86 -38.63 -2.86
N GLU F 55 -25.57 -38.95 -1.77
CA GLU F 55 -24.93 -39.37 -0.55
C GLU F 55 -25.60 -40.65 -0.08
N VAL F 56 -24.91 -41.77 -0.24
CA VAL F 56 -25.47 -43.05 0.15
C VAL F 56 -24.52 -43.89 1.02
N ALA F 57 -24.96 -45.10 1.30
CA ALA F 57 -24.20 -46.06 2.08
C ALA F 57 -23.75 -47.10 1.05
N ALA F 58 -22.51 -46.98 0.60
CA ALA F 58 -21.97 -47.91 -0.38
C ALA F 58 -21.51 -49.21 0.25
N THR F 59 -21.34 -50.23 -0.59
CA THR F 59 -20.87 -51.53 -0.13
C THR F 59 -19.54 -51.77 -0.84
N ARG F 60 -18.65 -52.53 -0.21
CA ARG F 60 -17.36 -52.82 -0.81
C ARG F 60 -16.53 -51.54 -1.00
N LEU F 61 -16.65 -50.62 -0.04
CA LEU F 61 -15.89 -49.38 -0.10
C LEU F 61 -14.41 -49.71 0.12
N THR F 62 -13.55 -49.18 -0.74
CA THR F 62 -12.10 -49.43 -0.62
C THR F 62 -11.52 -48.62 0.53
N PHE F 63 -10.96 -49.28 1.55
CA PHE F 63 -10.38 -48.54 2.68
C PHE F 63 -9.19 -47.73 2.16
N PRO F 64 -9.04 -46.49 2.61
CA PRO F 64 -7.93 -45.66 2.16
C PRO F 64 -6.59 -46.05 2.78
N ALA F 65 -5.55 -45.31 2.40
CA ALA F 65 -4.22 -45.52 2.96
C ALA F 65 -4.17 -44.56 4.13
N VAL F 66 -3.46 -44.92 5.18
CA VAL F 66 -3.32 -44.06 6.35
C VAL F 66 -1.84 -43.91 6.67
N THR F 67 -1.32 -42.71 6.52
CA THR F 67 0.09 -42.43 6.80
C THR F 67 0.23 -41.69 8.12
N PHE F 68 1.24 -42.02 8.91
CA PHE F 68 1.44 -41.29 10.16
C PHE F 68 2.92 -41.11 10.44
N CYS F 69 3.22 -40.04 11.18
CA CYS F 69 4.59 -39.73 11.55
C CYS F 69 4.64 -39.32 13.02
N ASN F 70 5.75 -39.64 13.67
CA ASN F 70 5.96 -39.21 15.04
C ASN F 70 6.37 -37.75 14.82
N LEU F 71 5.97 -36.86 15.72
CA LEU F 71 6.36 -35.46 15.56
C LEU F 71 7.85 -35.28 15.85
N ASN F 72 8.46 -36.25 16.53
CA ASN F 72 9.90 -36.18 16.80
C ASN F 72 10.58 -36.92 15.64
N GLU F 73 11.51 -36.24 14.97
CA GLU F 73 12.19 -36.79 13.81
C GLU F 73 13.40 -37.69 14.05
N PHE F 74 14.11 -37.48 15.15
CA PHE F 74 15.31 -38.26 15.45
C PHE F 74 15.35 -38.75 16.90
N ARG F 75 15.54 -40.05 17.07
CA ARG F 75 15.62 -40.65 18.38
C ARG F 75 16.94 -40.26 19.04
N PHE F 76 16.85 -39.73 20.25
CA PHE F 76 18.04 -39.31 21.00
C PHE F 76 19.12 -40.40 21.08
N SER F 77 18.72 -41.60 21.48
CA SER F 77 19.66 -42.71 21.62
C SER F 77 20.34 -43.11 20.32
N ARG F 78 19.80 -42.67 19.18
CA ARG F 78 20.39 -43.04 17.90
C ARG F 78 21.34 -42.00 17.31
N VAL F 79 21.51 -40.88 17.99
CA VAL F 79 22.41 -39.83 17.49
C VAL F 79 23.85 -40.13 17.91
N THR F 80 24.72 -40.32 16.92
CA THR F 80 26.12 -40.64 17.21
C THR F 80 27.01 -39.40 17.17
N LYS F 81 28.27 -39.59 17.55
CA LYS F 81 29.23 -38.49 17.53
C LYS F 81 29.32 -37.96 16.11
N ASN F 82 29.35 -38.87 15.14
CA ASN F 82 29.43 -38.46 13.74
C ASN F 82 28.19 -37.72 13.28
N ASP F 83 27.01 -38.13 13.76
CA ASP F 83 25.77 -37.46 13.38
C ASP F 83 25.77 -36.03 13.91
N LEU F 84 26.21 -35.89 15.16
CA LEU F 84 26.26 -34.59 15.81
C LEU F 84 27.22 -33.66 15.07
N TYR F 85 28.34 -34.22 14.61
CA TYR F 85 29.33 -33.42 13.90
C TYR F 85 28.80 -32.85 12.59
N HIS F 86 28.02 -33.64 11.85
CA HIS F 86 27.48 -33.18 10.57
C HIS F 86 26.15 -32.44 10.64
N ALA F 87 25.25 -32.93 11.49
CA ALA F 87 23.92 -32.35 11.61
C ALA F 87 23.60 -31.62 12.92
N GLY F 88 24.57 -31.57 13.83
CA GLY F 88 24.33 -30.90 15.10
C GLY F 88 23.80 -29.47 14.97
N GLU F 89 24.37 -28.72 14.04
CA GLU F 89 23.94 -27.33 13.85
C GLU F 89 22.52 -27.31 13.32
N LEU F 90 22.24 -28.18 12.36
CA LEU F 90 20.91 -28.26 11.77
C LEU F 90 19.88 -28.54 12.86
N LEU F 91 20.25 -29.39 13.82
CA LEU F 91 19.35 -29.77 14.91
C LEU F 91 19.38 -28.82 16.10
N ALA F 92 20.14 -27.74 15.97
CA ALA F 92 20.26 -26.75 17.03
C ALA F 92 20.94 -27.30 18.29
N LEU F 93 21.71 -28.38 18.13
CA LEU F 93 22.40 -28.96 19.27
C LEU F 93 23.81 -28.38 19.39
N LEU F 94 24.31 -27.84 18.28
CA LEU F 94 25.64 -27.22 18.26
C LEU F 94 25.53 -25.85 17.61
N ASN F 95 26.49 -24.97 17.90
CA ASN F 95 26.50 -23.64 17.28
C ASN F 95 27.37 -23.72 16.03
N ASN F 96 27.58 -22.59 15.34
CA ASN F 96 28.38 -22.61 14.12
C ASN F 96 29.86 -22.92 14.34
N ARG F 97 30.22 -23.33 15.55
CA ARG F 97 31.60 -23.65 15.86
C ARG F 97 31.77 -25.05 16.43
N TYR F 98 30.80 -25.93 16.15
CA TYR F 98 30.85 -27.30 16.62
C TYR F 98 30.91 -27.36 18.14
N GLU F 99 30.26 -26.40 18.79
CA GLU F 99 30.23 -26.33 20.26
C GLU F 99 28.80 -26.39 20.79
N ILE F 100 28.64 -26.94 21.99
CA ILE F 100 27.34 -27.02 22.64
C ILE F 100 27.01 -25.58 23.03
N PRO F 101 25.85 -25.07 22.60
CA PRO F 101 25.46 -23.69 22.93
C PRO F 101 25.30 -23.47 24.44
N ASP F 102 25.73 -22.32 24.91
CA ASP F 102 25.62 -21.98 26.32
C ASP F 102 24.14 -21.85 26.67
N THR F 103 23.35 -21.41 25.69
CA THR F 103 21.91 -21.24 25.86
C THR F 103 21.18 -22.58 25.92
N GLN F 104 21.95 -23.67 26.02
CA GLN F 104 21.40 -25.01 26.09
C GLN F 104 20.37 -25.13 27.22
N THR F 105 19.33 -25.91 26.98
CA THR F 105 18.26 -26.10 27.98
C THR F 105 17.86 -27.58 28.10
N ALA F 106 18.76 -28.39 28.64
CA ALA F 106 18.51 -29.81 28.80
C ALA F 106 18.70 -30.26 30.24
N ASP F 107 18.18 -31.44 30.56
CA ASP F 107 18.33 -31.96 31.91
C ASP F 107 19.81 -32.34 32.09
N GLU F 108 20.18 -32.69 33.31
CA GLU F 108 21.57 -33.04 33.60
C GLU F 108 22.12 -34.22 32.82
N LYS F 109 21.45 -35.37 32.91
CA LYS F 109 21.92 -36.56 32.24
C LYS F 109 22.10 -36.42 30.72
N GLN F 110 21.13 -35.81 30.06
CA GLN F 110 21.22 -35.64 28.62
C GLN F 110 22.31 -34.65 28.22
N LEU F 111 22.42 -33.55 28.96
CA LEU F 111 23.45 -32.55 28.67
C LEU F 111 24.82 -33.23 28.75
N GLU F 112 24.97 -34.11 29.73
CA GLU F 112 26.22 -34.82 29.94
C GLU F 112 26.49 -35.76 28.77
N ILE F 113 25.44 -36.45 28.31
CA ILE F 113 25.57 -37.36 27.19
C ILE F 113 26.02 -36.59 25.94
N LEU F 114 25.39 -35.46 25.69
CA LEU F 114 25.73 -34.64 24.52
C LEU F 114 27.14 -34.09 24.56
N GLN F 115 27.52 -33.55 25.72
CA GLN F 115 28.86 -32.98 25.87
C GLN F 115 29.92 -34.01 25.51
N ASP F 116 29.70 -35.26 25.92
CA ASP F 116 30.65 -36.33 25.63
C ASP F 116 30.63 -36.63 24.13
N LYS F 117 29.44 -36.75 23.56
CA LYS F 117 29.31 -37.04 22.13
C LYS F 117 29.79 -35.87 21.30
N ALA F 118 29.83 -34.69 21.88
CA ALA F 118 30.27 -33.48 21.19
C ALA F 118 31.78 -33.28 21.30
N ASN F 119 32.47 -34.20 21.96
CA ASN F 119 33.91 -34.08 22.10
C ASN F 119 34.55 -34.50 20.78
N PHE F 120 34.94 -33.53 19.97
CA PHE F 120 35.54 -33.82 18.68
C PHE F 120 37.06 -33.75 18.68
N ARG F 121 37.65 -33.85 19.87
CA ARG F 121 39.09 -33.81 20.01
C ARG F 121 39.66 -35.05 19.31
N ASN F 122 40.41 -34.82 18.23
CA ASN F 122 41.02 -35.89 17.46
C ASN F 122 39.99 -36.79 16.77
N PHE F 123 38.81 -36.25 16.54
CA PHE F 123 37.76 -37.00 15.87
C PHE F 123 37.96 -36.95 14.36
N LYS F 124 37.83 -38.10 13.72
CA LYS F 124 37.96 -38.20 12.27
C LYS F 124 36.56 -38.32 11.68
N PRO F 125 36.05 -37.25 11.05
CA PRO F 125 34.72 -37.29 10.45
C PRO F 125 34.58 -38.47 9.51
N LYS F 126 33.40 -39.08 9.49
CA LYS F 126 33.13 -40.22 8.61
C LYS F 126 31.98 -39.85 7.68
N PRO F 127 31.79 -40.61 6.59
CA PRO F 127 30.69 -40.30 5.67
C PRO F 127 29.33 -40.16 6.36
N PHE F 128 28.50 -39.27 5.84
CA PHE F 128 27.19 -39.01 6.40
C PHE F 128 26.20 -38.52 5.33
N ASN F 129 24.94 -38.93 5.42
CA ASN F 129 23.92 -38.45 4.51
C ASN F 129 22.55 -38.49 5.21
N MET F 130 21.74 -37.45 4.98
CA MET F 130 20.44 -37.32 5.62
C MET F 130 19.48 -38.50 5.47
N LEU F 131 19.50 -39.18 4.32
CA LEU F 131 18.61 -40.33 4.14
C LEU F 131 18.94 -41.42 5.15
N GLU F 132 20.21 -41.80 5.21
CA GLU F 132 20.64 -42.83 6.13
C GLU F 132 20.34 -42.41 7.57
N PHE F 133 20.56 -41.13 7.87
CA PHE F 133 20.32 -40.62 9.21
C PHE F 133 18.85 -40.72 9.61
N TYR F 134 17.95 -40.35 8.70
CA TYR F 134 16.50 -40.42 8.96
C TYR F 134 16.07 -41.87 9.12
N ASP F 135 16.56 -42.71 8.21
CA ASP F 135 16.21 -44.12 8.23
C ASP F 135 16.69 -44.82 9.51
N ARG F 136 17.85 -44.42 10.01
CA ARG F 136 18.39 -45.02 11.23
C ARG F 136 17.89 -44.40 12.53
N ALA F 137 17.85 -43.08 12.58
CA ALA F 137 17.42 -42.39 13.80
C ALA F 137 15.91 -42.21 13.93
N GLY F 138 15.18 -42.25 12.82
CA GLY F 138 13.74 -42.11 12.90
C GLY F 138 13.11 -43.16 13.79
N HIS F 139 11.92 -42.89 14.31
CA HIS F 139 11.25 -43.86 15.16
C HIS F 139 10.94 -45.13 14.39
N ASP F 140 11.09 -46.26 15.07
CA ASP F 140 10.89 -47.59 14.51
C ASP F 140 9.45 -48.05 14.70
N ILE F 141 8.76 -48.36 13.61
CA ILE F 141 7.38 -48.81 13.73
C ILE F 141 7.31 -50.08 14.59
N ARG F 142 8.39 -50.85 14.60
CA ARG F 142 8.41 -52.08 15.39
C ARG F 142 8.37 -51.79 16.90
N GLU F 143 8.78 -50.60 17.29
CA GLU F 143 8.75 -50.24 18.71
C GLU F 143 7.50 -49.42 19.04
N MET F 144 7.14 -48.50 18.15
CA MET F 144 5.96 -47.65 18.37
C MET F 144 4.63 -48.39 18.37
N LEU F 145 4.51 -49.35 17.47
CA LEU F 145 3.27 -50.11 17.33
C LEU F 145 3.05 -51.15 18.44
N LEU F 146 2.14 -50.85 19.36
CA LEU F 146 1.83 -51.77 20.45
C LEU F 146 0.77 -52.78 20.04
N SER F 147 -0.21 -52.36 19.24
CA SER F 147 -1.25 -53.25 18.75
C SER F 147 -1.86 -52.65 17.49
N CYS F 148 -2.41 -53.50 16.64
CA CYS F 148 -2.99 -53.06 15.39
C CYS F 148 -4.02 -54.08 14.93
N PHE F 149 -5.22 -53.61 14.65
CA PHE F 149 -6.29 -54.49 14.17
C PHE F 149 -7.11 -53.78 13.12
N PHE F 150 -7.43 -54.51 12.07
CA PHE F 150 -8.27 -53.99 11.01
C PHE F 150 -9.37 -55.02 10.82
N ARG F 151 -10.61 -54.59 11.02
CA ARG F 151 -11.77 -55.46 10.89
C ARG F 151 -11.55 -56.82 11.57
N GLY F 152 -11.16 -56.78 12.84
CA GLY F 152 -10.97 -58.01 13.60
C GLY F 152 -9.70 -58.81 13.32
N GLU F 153 -8.91 -58.40 12.34
CA GLU F 153 -7.68 -59.13 12.04
C GLU F 153 -6.47 -58.34 12.51
N GLN F 154 -5.54 -59.01 13.15
CA GLN F 154 -4.35 -58.34 13.65
C GLN F 154 -3.38 -57.95 12.54
N CYS F 155 -2.88 -56.72 12.59
CA CYS F 155 -1.90 -56.27 11.60
C CYS F 155 -0.56 -56.21 12.33
N SER F 156 0.53 -56.19 11.56
CA SER F 156 1.86 -56.16 12.16
C SER F 156 2.70 -55.04 11.56
N PRO F 157 3.89 -54.78 12.14
CA PRO F 157 4.77 -53.73 11.66
C PRO F 157 5.07 -53.82 10.17
N GLU F 158 5.24 -55.05 9.68
CA GLU F 158 5.55 -55.27 8.27
C GLU F 158 4.44 -54.83 7.31
N ASP F 159 3.23 -54.62 7.84
CA ASP F 159 2.09 -54.19 7.04
C ASP F 159 2.15 -52.69 6.75
N PHE F 160 3.07 -51.99 7.42
CA PHE F 160 3.23 -50.56 7.23
C PHE F 160 4.39 -50.26 6.29
N LYS F 161 4.10 -49.52 5.22
CA LYS F 161 5.12 -49.18 4.24
C LYS F 161 5.90 -47.96 4.71
N VAL F 162 7.23 -48.04 4.66
CA VAL F 162 8.07 -46.92 5.05
C VAL F 162 8.00 -45.86 3.97
N VAL F 163 7.74 -44.62 4.35
CA VAL F 163 7.67 -43.54 3.38
C VAL F 163 8.29 -42.31 4.00
N PHE F 164 9.19 -41.67 3.26
CA PHE F 164 9.84 -40.48 3.77
C PHE F 164 9.07 -39.22 3.42
N THR F 165 8.88 -38.38 4.43
CA THR F 165 8.15 -37.12 4.26
C THR F 165 9.02 -36.04 4.86
N ARG F 166 8.49 -34.83 4.93
CA ARG F 166 9.28 -33.77 5.52
C ARG F 166 9.55 -34.07 6.99
N TYR F 167 8.69 -34.88 7.62
CA TYR F 167 8.84 -35.27 9.02
C TYR F 167 9.89 -36.36 9.17
N GLY F 168 10.37 -36.88 8.05
CA GLY F 168 11.37 -37.93 8.09
C GLY F 168 10.77 -39.30 7.78
N LYS F 169 11.14 -40.29 8.58
CA LYS F 169 10.69 -41.66 8.40
C LYS F 169 9.27 -41.90 8.93
N CYS F 170 8.31 -42.01 8.01
CA CYS F 170 6.93 -42.23 8.40
C CYS F 170 6.43 -43.59 7.89
N TYR F 171 5.19 -43.90 8.23
CA TYR F 171 4.63 -45.20 7.88
C TYR F 171 3.21 -45.11 7.34
N THR F 172 2.92 -45.94 6.34
CA THR F 172 1.61 -45.97 5.73
C THR F 172 0.95 -47.33 5.84
N PHE F 173 -0.26 -47.35 6.40
CA PHE F 173 -1.06 -48.56 6.53
C PHE F 173 -1.85 -48.68 5.24
N ASN F 174 -1.96 -49.90 4.72
CA ASN F 174 -2.73 -50.15 3.51
C ASN F 174 -2.25 -49.31 2.31
N ALA F 175 -0.94 -49.27 2.11
CA ALA F 175 -0.39 -48.51 0.98
C ALA F 175 -0.81 -49.17 -0.33
N GLY F 176 -1.15 -50.45 -0.26
CA GLY F 176 -1.58 -51.19 -1.44
C GLY F 176 -0.46 -51.55 -2.39
N GLN F 177 0.62 -52.10 -1.86
CA GLN F 177 1.76 -52.49 -2.70
C GLN F 177 2.29 -53.88 -2.37
N ASP F 178 1.41 -54.80 -1.97
CA ASP F 178 1.83 -56.15 -1.62
C ASP F 178 1.09 -57.25 -2.40
N GLY F 179 0.66 -56.92 -3.61
CA GLY F 179 -0.05 -57.89 -4.43
C GLY F 179 -1.13 -58.62 -3.64
N LYS F 180 -1.73 -57.91 -2.69
CA LYS F 180 -2.78 -58.47 -1.86
C LYS F 180 -4.13 -57.88 -2.26
N PRO F 181 -5.24 -58.57 -1.91
CA PRO F 181 -6.56 -58.05 -2.26
C PRO F 181 -6.79 -56.77 -1.47
N ARG F 182 -7.47 -55.80 -2.07
CA ARG F 182 -7.71 -54.54 -1.39
C ARG F 182 -8.55 -54.73 -0.14
N LEU F 183 -8.35 -53.85 0.82
CA LEU F 183 -9.11 -53.90 2.07
C LEU F 183 -10.41 -53.15 1.81
N ILE F 184 -11.53 -53.71 2.26
CA ILE F 184 -12.82 -53.06 2.06
C ILE F 184 -13.59 -52.91 3.36
N THR F 185 -14.50 -51.94 3.36
CA THR F 185 -15.35 -51.64 4.49
C THR F 185 -16.78 -51.88 4.01
N MET F 186 -17.60 -52.50 4.86
CA MET F 186 -18.97 -52.83 4.51
C MET F 186 -20.03 -52.14 5.38
N LYS F 187 -19.69 -51.90 6.64
CA LYS F 187 -20.63 -51.30 7.58
C LYS F 187 -20.06 -50.10 8.33
N GLY F 188 -20.96 -49.28 8.87
CA GLY F 188 -20.50 -48.12 9.60
C GLY F 188 -20.03 -48.48 10.99
N GLY F 189 -19.06 -47.73 11.51
CA GLY F 189 -18.62 -48.03 12.86
C GLY F 189 -17.18 -48.50 12.99
N THR F 190 -16.68 -48.39 14.22
CA THR F 190 -15.31 -48.77 14.54
C THR F 190 -15.00 -50.21 14.17
N GLY F 191 -15.98 -51.08 14.30
CA GLY F 191 -15.76 -52.48 13.98
C GLY F 191 -15.19 -52.72 12.60
N ASN F 192 -15.66 -51.96 11.61
CA ASN F 192 -15.19 -52.13 10.24
C ASN F 192 -13.98 -51.27 9.89
N GLY F 193 -13.31 -50.74 10.90
CA GLY F 193 -12.15 -49.92 10.61
C GLY F 193 -10.84 -50.37 11.20
N LEU F 194 -9.91 -49.41 11.27
CA LEU F 194 -8.59 -49.62 11.80
C LEU F 194 -8.45 -49.12 13.23
N GLU F 195 -7.73 -49.88 14.04
CA GLU F 195 -7.47 -49.45 15.41
C GLU F 195 -6.04 -49.80 15.75
N ILE F 196 -5.25 -48.76 16.05
CA ILE F 196 -3.87 -48.94 16.41
C ILE F 196 -3.54 -48.27 17.74
N MET F 197 -2.67 -48.92 18.51
CA MET F 197 -2.23 -48.36 19.78
C MET F 197 -0.74 -48.11 19.61
N LEU F 198 -0.34 -46.87 19.85
CA LEU F 198 1.05 -46.47 19.68
C LEU F 198 1.70 -45.90 20.94
N ASP F 199 3.02 -45.99 20.98
CA ASP F 199 3.85 -45.46 22.05
C ASP F 199 4.71 -44.44 21.31
N ILE F 200 4.48 -43.14 21.55
CA ILE F 200 5.26 -42.12 20.85
C ILE F 200 6.69 -42.00 21.36
N GLN F 201 7.00 -42.66 22.47
CA GLN F 201 8.35 -42.67 23.02
C GLN F 201 8.96 -41.30 23.29
N GLN F 202 8.37 -40.53 24.20
CA GLN F 202 8.91 -39.21 24.49
C GLN F 202 10.32 -39.33 25.12
N ASP F 203 10.63 -40.49 25.68
CA ASP F 203 11.93 -40.71 26.29
C ASP F 203 13.03 -40.61 25.25
N GLU F 204 12.65 -40.81 23.98
CA GLU F 204 13.60 -40.74 22.87
C GLU F 204 13.58 -39.42 22.12
N TYR F 205 12.72 -38.50 22.54
CA TYR F 205 12.63 -37.21 21.87
C TYR F 205 13.95 -36.45 21.92
N LEU F 206 14.33 -35.86 20.79
CA LEU F 206 15.56 -35.09 20.71
C LEU F 206 15.39 -33.81 21.54
N PRO F 207 16.38 -33.49 22.39
CA PRO F 207 16.30 -32.28 23.21
C PRO F 207 16.09 -31.09 22.28
N VAL F 208 15.23 -30.15 22.65
CA VAL F 208 14.98 -28.97 21.82
C VAL F 208 15.61 -27.75 22.46
N TRP F 209 16.61 -27.18 21.79
CA TRP F 209 17.31 -26.01 22.30
C TRP F 209 17.16 -24.78 21.42
N GLY F 210 16.47 -24.92 20.30
CA GLY F 210 16.29 -23.78 19.43
C GLY F 210 15.15 -24.07 18.49
N GLU F 211 14.91 -23.17 17.55
CA GLU F 211 13.85 -23.38 16.59
C GLU F 211 14.40 -23.62 15.21
N THR F 212 14.03 -24.77 14.65
CA THR F 212 14.46 -25.17 13.32
C THR F 212 13.26 -25.85 12.68
N ASP F 213 13.33 -26.14 11.39
CA ASP F 213 12.21 -26.79 10.73
C ASP F 213 12.13 -28.28 11.08
N GLU F 214 13.22 -28.85 11.59
CA GLU F 214 13.25 -30.27 11.92
C GLU F 214 12.83 -30.65 13.35
N THR F 215 12.65 -29.66 14.21
CA THR F 215 12.25 -29.94 15.58
C THR F 215 10.95 -29.23 15.91
N SER F 216 10.25 -29.70 16.94
CA SER F 216 8.98 -29.09 17.33
C SER F 216 8.80 -29.04 18.83
N PHE F 217 7.87 -28.21 19.28
CA PHE F 217 7.58 -28.10 20.70
C PHE F 217 6.49 -29.09 21.08
N GLU F 218 5.91 -29.78 20.09
CA GLU F 218 4.81 -30.71 20.34
C GLU F 218 5.13 -32.20 20.44
N ALA F 219 4.25 -32.93 21.12
CA ALA F 219 4.39 -34.36 21.26
C ALA F 219 3.12 -35.04 20.75
N GLY F 220 3.31 -36.12 20.00
CA GLY F 220 2.19 -36.85 19.46
C GLY F 220 2.53 -37.31 18.04
N ILE F 221 1.51 -37.47 17.20
CA ILE F 221 1.75 -37.87 15.81
C ILE F 221 0.94 -37.03 14.85
N LYS F 222 1.33 -37.09 13.58
CA LYS F 222 0.61 -36.38 12.54
C LYS F 222 0.07 -37.51 11.69
N VAL F 223 -1.17 -37.38 11.22
CA VAL F 223 -1.81 -38.43 10.43
C VAL F 223 -2.45 -37.85 9.17
N GLN F 224 -2.51 -38.64 8.11
CA GLN F 224 -3.16 -38.21 6.88
C GLN F 224 -3.83 -39.42 6.22
N ILE F 225 -5.12 -39.31 6.00
CA ILE F 225 -5.90 -40.35 5.36
C ILE F 225 -5.96 -39.94 3.90
N HIS F 226 -5.54 -40.81 2.99
CA HIS F 226 -5.54 -40.47 1.58
C HIS F 226 -5.68 -41.68 0.66
N SER F 227 -6.04 -41.43 -0.59
CA SER F 227 -6.18 -42.51 -1.57
C SER F 227 -4.82 -43.14 -1.79
N GLN F 228 -4.79 -44.42 -2.10
CA GLN F 228 -3.54 -45.13 -2.35
C GLN F 228 -2.76 -44.59 -3.55
N ASP F 229 -3.45 -44.02 -4.52
CA ASP F 229 -2.75 -43.48 -5.69
C ASP F 229 -2.33 -42.04 -5.50
N GLU F 230 -2.47 -41.54 -4.27
CA GLU F 230 -2.10 -40.17 -3.96
C GLU F 230 -0.99 -40.18 -2.91
N PRO F 231 0.11 -39.47 -3.17
CA PRO F 231 1.16 -39.46 -2.15
C PRO F 231 0.75 -38.53 -1.02
N PRO F 232 1.32 -38.73 0.18
CA PRO F 232 0.94 -37.85 1.29
C PRO F 232 1.71 -36.52 1.25
N LEU F 233 1.18 -35.53 1.96
CA LEU F 233 1.80 -34.21 2.10
C LEU F 233 1.42 -33.89 3.54
N ILE F 234 1.81 -34.80 4.41
CA ILE F 234 1.48 -34.75 5.82
C ILE F 234 1.86 -33.51 6.63
N ASP F 235 3.02 -32.91 6.35
CA ASP F 235 3.39 -31.73 7.11
C ASP F 235 2.40 -30.59 6.86
N GLN F 236 1.82 -30.56 5.66
CA GLN F 236 0.86 -29.52 5.33
C GLN F 236 -0.59 -29.90 5.57
N LEU F 237 -0.99 -31.09 5.13
CA LEU F 237 -2.39 -31.51 5.22
C LEU F 237 -2.83 -32.51 6.27
N GLY F 238 -1.89 -33.06 7.05
CA GLY F 238 -2.32 -34.04 8.03
C GLY F 238 -3.06 -33.44 9.21
N PHE F 239 -3.56 -34.30 10.09
CA PHE F 239 -4.23 -33.84 11.29
C PHE F 239 -3.44 -34.40 12.47
N GLY F 240 -3.62 -33.82 13.65
CA GLY F 240 -2.85 -34.30 14.79
C GLY F 240 -3.60 -35.25 15.68
N VAL F 241 -2.84 -36.08 16.38
CA VAL F 241 -3.41 -37.04 17.33
C VAL F 241 -2.51 -36.94 18.56
N ALA F 242 -3.14 -36.72 19.72
CA ALA F 242 -2.40 -36.54 20.96
C ALA F 242 -2.21 -37.76 21.85
N PRO F 243 -1.08 -37.80 22.58
CA PRO F 243 -0.84 -38.94 23.47
C PRO F 243 -1.76 -38.76 24.68
N GLY F 244 -2.11 -39.87 25.31
CA GLY F 244 -2.98 -39.80 26.49
C GLY F 244 -4.46 -39.81 26.14
N PHE F 245 -4.78 -40.11 24.89
CA PHE F 245 -6.18 -40.16 24.46
C PHE F 245 -6.41 -41.27 23.44
N GLN F 246 -7.66 -41.68 23.32
CA GLN F 246 -8.06 -42.63 22.30
C GLN F 246 -8.83 -41.67 21.40
N THR F 247 -8.45 -41.59 20.14
CA THR F 247 -9.09 -40.69 19.20
C THR F 247 -9.91 -41.43 18.15
N PHE F 248 -11.17 -41.01 18.01
CA PHE F 248 -12.09 -41.61 17.06
C PHE F 248 -12.19 -40.71 15.83
N VAL F 249 -11.93 -41.26 14.66
CA VAL F 249 -12.02 -40.49 13.42
C VAL F 249 -13.09 -41.15 12.56
N SER F 250 -14.27 -40.55 12.55
CA SER F 250 -15.41 -41.05 11.78
C SER F 250 -15.37 -40.37 10.42
N CYS F 251 -15.18 -41.15 9.36
CA CYS F 251 -15.04 -40.62 8.02
C CYS F 251 -16.17 -40.85 7.01
N GLN F 252 -16.09 -40.12 5.91
CA GLN F 252 -17.04 -40.25 4.81
C GLN F 252 -16.22 -40.03 3.53
N GLU F 253 -16.22 -41.01 2.63
CA GLU F 253 -15.48 -40.84 1.39
C GLU F 253 -16.30 -39.96 0.44
N GLN F 254 -15.62 -39.02 -0.20
CA GLN F 254 -16.29 -38.13 -1.13
C GLN F 254 -15.52 -38.10 -2.45
N ARG F 255 -16.17 -38.59 -3.49
CA ARG F 255 -15.58 -38.66 -4.83
C ARG F 255 -16.02 -37.49 -5.70
N LEU F 256 -15.06 -36.66 -6.11
CA LEU F 256 -15.38 -35.52 -6.94
C LEU F 256 -14.83 -35.71 -8.36
N ILE F 257 -15.72 -35.59 -9.34
CA ILE F 257 -15.35 -35.73 -10.75
C ILE F 257 -15.50 -34.38 -11.44
N TYR F 258 -14.48 -33.98 -12.17
CA TYR F 258 -14.49 -32.69 -12.86
C TYR F 258 -14.40 -32.88 -14.38
N LEU F 259 -14.82 -31.86 -15.12
CA LEU F 259 -14.78 -31.89 -16.58
C LEU F 259 -13.61 -31.12 -17.15
N PRO F 260 -13.00 -31.63 -18.22
CA PRO F 260 -11.86 -30.96 -18.85
C PRO F 260 -12.40 -29.86 -19.77
N PRO F 261 -11.52 -29.02 -20.33
CA PRO F 261 -12.01 -27.97 -21.23
C PRO F 261 -12.72 -28.58 -22.43
N PRO F 262 -13.63 -27.82 -23.07
CA PRO F 262 -14.02 -26.45 -22.72
C PRO F 262 -15.07 -26.37 -21.62
N TRP F 263 -15.52 -27.52 -21.12
CA TRP F 263 -16.52 -27.55 -20.06
C TRP F 263 -15.96 -27.06 -18.73
N GLY F 264 -14.81 -27.60 -18.34
CA GLY F 264 -14.19 -27.21 -17.08
C GLY F 264 -12.73 -26.88 -17.22
N ASP F 265 -12.01 -26.87 -16.10
CA ASP F 265 -10.59 -26.55 -16.11
C ASP F 265 -9.68 -27.65 -15.57
N CYS F 266 -10.25 -28.79 -15.23
CA CYS F 266 -9.46 -29.90 -14.71
C CYS F 266 -8.57 -30.44 -15.82
N LYS F 267 -7.47 -31.07 -15.44
CA LYS F 267 -6.56 -31.64 -16.44
C LYS F 267 -6.48 -33.16 -16.32
N ALA F 268 -6.40 -33.83 -17.46
CA ALA F 268 -6.33 -35.29 -17.53
C ALA F 268 -5.18 -35.85 -16.69
N THR F 269 -5.42 -37.02 -16.10
CA THR F 269 -4.43 -37.69 -15.27
C THR F 269 -3.18 -38.08 -16.07
N THR F 270 -3.32 -38.16 -17.40
CA THR F 270 -2.20 -38.53 -18.27
C THR F 270 -1.21 -37.37 -18.44
N GLY F 271 -1.05 -36.56 -17.39
CA GLY F 271 -0.13 -35.45 -17.46
C GLY F 271 1.30 -35.92 -17.25
N ASP F 272 1.76 -36.81 -18.11
CA ASP F 272 3.11 -37.36 -18.02
C ASP F 272 3.36 -37.99 -16.65
N SER F 273 3.19 -39.31 -16.59
CA SER F 273 3.37 -40.04 -15.34
C SER F 273 4.85 -40.31 -15.01
N GLU F 274 5.63 -39.24 -14.86
CA GLU F 274 7.04 -39.37 -14.53
C GLU F 274 7.22 -40.05 -13.17
N PHE F 275 7.23 -39.24 -12.11
CA PHE F 275 7.39 -39.76 -10.76
C PHE F 275 6.12 -40.48 -10.30
N TYR F 276 4.97 -39.93 -10.66
CA TYR F 276 3.69 -40.52 -10.28
C TYR F 276 2.87 -40.85 -11.52
N ASP F 277 2.20 -41.99 -11.50
CA ASP F 277 1.38 -42.41 -12.64
C ASP F 277 0.00 -41.76 -12.61
N THR F 278 -0.42 -41.32 -11.44
CA THR F 278 -1.72 -40.67 -11.29
C THR F 278 -1.52 -39.20 -10.95
N TYR F 279 -2.32 -38.34 -11.57
CA TYR F 279 -2.21 -36.90 -11.33
C TYR F 279 -3.06 -36.50 -10.13
N SER F 280 -2.47 -35.73 -9.23
CA SER F 280 -3.16 -35.24 -8.05
C SER F 280 -2.47 -33.92 -7.69
N ILE F 281 -3.13 -33.10 -6.88
CA ILE F 281 -2.53 -31.84 -6.49
C ILE F 281 -1.23 -32.06 -5.74
N THR F 282 -1.22 -33.05 -4.85
CA THR F 282 -0.02 -33.33 -4.08
C THR F 282 1.12 -33.83 -4.97
N ALA F 283 0.82 -34.74 -5.88
CA ALA F 283 1.87 -35.26 -6.78
C ALA F 283 2.47 -34.08 -7.56
N CYS F 284 1.63 -33.16 -7.99
CA CYS F 284 2.07 -31.99 -8.74
C CYS F 284 2.92 -31.06 -7.87
N ARG F 285 2.46 -30.77 -6.65
CA ARG F 285 3.22 -29.89 -5.77
C ARG F 285 4.59 -30.49 -5.44
N ILE F 286 4.63 -31.78 -5.16
CA ILE F 286 5.91 -32.42 -4.83
C ILE F 286 6.88 -32.37 -6.01
N ASP F 287 6.40 -32.71 -7.20
CA ASP F 287 7.25 -32.67 -8.38
C ASP F 287 7.77 -31.26 -8.58
N CYS F 288 6.90 -30.28 -8.38
CA CYS F 288 7.26 -28.88 -8.55
C CYS F 288 8.27 -28.40 -7.50
N GLU F 289 8.05 -28.81 -6.24
CA GLU F 289 8.96 -28.41 -5.17
C GLU F 289 10.35 -29.01 -5.42
N THR F 290 10.39 -30.24 -5.90
CA THR F 290 11.65 -30.91 -6.18
C THR F 290 12.42 -30.16 -7.27
N ARG F 291 11.71 -29.77 -8.33
CA ARG F 291 12.34 -29.04 -9.42
C ARG F 291 12.90 -27.72 -8.90
N TYR F 292 12.11 -27.02 -8.08
CA TYR F 292 12.53 -25.75 -7.51
C TYR F 292 13.78 -25.89 -6.64
N LEU F 293 13.82 -26.91 -5.80
CA LEU F 293 14.98 -27.10 -4.93
C LEU F 293 16.24 -27.47 -5.73
N VAL F 294 16.09 -28.36 -6.70
CA VAL F 294 17.22 -28.75 -7.52
C VAL F 294 17.79 -27.51 -8.22
N GLU F 295 16.90 -26.74 -8.83
CA GLU F 295 17.29 -25.53 -9.53
C GLU F 295 17.96 -24.51 -8.61
N ASN F 296 17.36 -24.27 -7.45
CA ASN F 296 17.88 -23.28 -6.50
C ASN F 296 18.90 -23.75 -5.48
N CYS F 297 18.94 -25.04 -5.18
CA CYS F 297 19.91 -25.53 -4.20
C CYS F 297 20.84 -26.61 -4.73
N ASN F 298 20.56 -27.11 -5.93
CA ASN F 298 21.40 -28.14 -6.55
C ASN F 298 21.37 -29.44 -5.75
N CYS F 299 20.26 -29.67 -5.06
CA CYS F 299 20.07 -30.87 -4.26
C CYS F 299 18.58 -31.04 -3.98
N ARG F 300 18.19 -32.23 -3.58
CA ARG F 300 16.80 -32.51 -3.25
C ARG F 300 16.77 -32.98 -1.80
N MET F 301 15.64 -32.75 -1.12
CA MET F 301 15.51 -33.20 0.25
C MET F 301 15.23 -34.70 0.20
N VAL F 302 15.55 -35.39 1.29
CA VAL F 302 15.39 -36.83 1.40
C VAL F 302 14.05 -37.44 0.96
N HIS F 303 12.96 -36.74 1.19
CA HIS F 303 11.64 -37.26 0.83
C HIS F 303 11.22 -36.95 -0.60
N MET F 304 12.11 -36.33 -1.39
CA MET F 304 11.77 -35.98 -2.76
C MET F 304 12.22 -36.99 -3.81
N PRO F 305 11.43 -37.14 -4.88
CA PRO F 305 11.70 -38.06 -5.98
C PRO F 305 12.85 -37.54 -6.86
N GLY F 306 13.19 -38.30 -7.90
CA GLY F 306 14.26 -37.89 -8.79
C GLY F 306 15.57 -38.57 -8.46
N ASP F 307 16.67 -38.03 -8.97
CA ASP F 307 17.98 -38.62 -8.72
C ASP F 307 19.04 -37.58 -8.40
N ALA F 308 18.62 -36.34 -8.14
CA ALA F 308 19.57 -35.30 -7.80
C ALA F 308 20.22 -35.71 -6.48
N PRO F 309 21.37 -35.10 -6.14
CA PRO F 309 22.06 -35.43 -4.89
C PRO F 309 21.26 -34.98 -3.68
N TYR F 310 21.30 -35.75 -2.59
CA TYR F 310 20.59 -35.39 -1.37
C TYR F 310 21.28 -34.20 -0.73
N CYS F 311 20.48 -33.23 -0.25
CA CYS F 311 21.04 -32.06 0.39
C CYS F 311 21.79 -32.49 1.65
N THR F 312 22.92 -31.84 1.93
CA THR F 312 23.70 -32.14 3.11
C THR F 312 23.04 -31.39 4.27
N PRO F 313 23.45 -31.66 5.51
CA PRO F 313 22.82 -30.94 6.64
C PRO F 313 22.95 -29.44 6.43
N GLU F 314 24.13 -29.02 5.99
CA GLU F 314 24.41 -27.61 5.75
C GLU F 314 23.45 -27.03 4.72
N GLN F 315 23.24 -27.76 3.62
CA GLN F 315 22.32 -27.31 2.58
C GLN F 315 20.89 -27.26 3.10
N TYR F 316 20.52 -28.20 3.95
CA TYR F 316 19.18 -28.20 4.51
C TYR F 316 18.93 -26.88 5.23
N LYS F 317 19.80 -26.57 6.18
CA LYS F 317 19.67 -25.36 7.00
C LYS F 317 19.76 -24.04 6.23
N GLU F 318 20.74 -23.96 5.33
CA GLU F 318 20.97 -22.73 4.57
C GLU F 318 20.16 -22.52 3.29
N CYS F 319 19.84 -23.61 2.58
CA CYS F 319 19.12 -23.47 1.31
C CYS F 319 17.79 -24.19 1.14
N ALA F 320 17.79 -25.49 1.37
CA ALA F 320 16.58 -26.29 1.20
C ALA F 320 15.41 -25.94 2.10
N ASP F 321 15.62 -25.89 3.42
CA ASP F 321 14.52 -25.56 4.32
C ASP F 321 13.90 -24.21 3.96
N PRO F 322 14.75 -23.17 3.78
CA PRO F 322 14.22 -21.85 3.43
C PRO F 322 13.46 -21.90 2.10
N ALA F 323 14.01 -22.63 1.13
CA ALA F 323 13.36 -22.75 -0.17
C ALA F 323 12.00 -23.42 -0.09
N LEU F 324 11.92 -24.56 0.59
CA LEU F 324 10.64 -25.26 0.70
C LEU F 324 9.64 -24.43 1.51
N ASP F 325 10.11 -23.78 2.57
CA ASP F 325 9.22 -22.94 3.39
C ASP F 325 8.63 -21.83 2.51
N PHE F 326 9.46 -21.27 1.64
CA PHE F 326 8.98 -20.21 0.76
C PHE F 326 7.82 -20.74 -0.09
N LEU F 327 7.98 -21.94 -0.63
CA LEU F 327 6.94 -22.55 -1.47
C LEU F 327 5.63 -22.87 -0.76
N VAL F 328 5.71 -23.46 0.44
CA VAL F 328 4.49 -23.81 1.15
C VAL F 328 3.89 -22.66 1.95
N GLU F 329 4.62 -21.56 2.07
CA GLU F 329 4.13 -20.42 2.84
C GLU F 329 3.84 -19.13 2.07
N LYS F 330 4.85 -18.61 1.38
CA LYS F 330 4.72 -17.34 0.65
C LYS F 330 4.44 -17.41 -0.85
N ASP F 331 4.93 -18.45 -1.51
CA ASP F 331 4.74 -18.58 -2.96
C ASP F 331 3.31 -18.48 -3.45
N ASN F 332 3.12 -17.66 -4.48
CA ASN F 332 1.80 -17.47 -5.10
C ASN F 332 1.88 -17.75 -6.59
N GLU F 333 3.09 -18.04 -7.09
CA GLU F 333 3.29 -18.28 -8.52
C GLU F 333 3.99 -19.58 -8.92
N TYR F 334 5.25 -19.71 -8.53
CA TYR F 334 6.08 -20.87 -8.87
C TYR F 334 5.42 -22.25 -8.91
N CYS F 335 4.74 -22.63 -7.84
CA CYS F 335 4.10 -23.94 -7.81
C CYS F 335 2.61 -23.95 -7.52
N VAL F 336 1.83 -23.58 -8.52
CA VAL F 336 0.37 -23.56 -8.41
C VAL F 336 -0.12 -24.67 -9.33
N CYS F 337 -0.87 -25.61 -8.78
CA CYS F 337 -1.34 -26.74 -9.56
C CYS F 337 -2.77 -26.68 -10.06
N GLU F 338 -2.99 -27.28 -11.23
CA GLU F 338 -4.30 -27.34 -11.85
C GLU F 338 -5.17 -28.40 -11.17
N MET F 339 -6.48 -28.17 -11.22
CA MET F 339 -7.45 -29.08 -10.63
C MET F 339 -7.43 -30.44 -11.34
N PRO F 340 -7.39 -31.53 -10.57
CA PRO F 340 -7.38 -32.86 -11.19
C PRO F 340 -8.82 -33.14 -11.58
N CYS F 341 -9.05 -34.02 -12.55
CA CYS F 341 -10.41 -34.34 -12.96
C CYS F 341 -11.02 -35.37 -12.00
N ASN F 342 -10.16 -35.95 -11.17
CA ASN F 342 -10.57 -36.95 -10.19
C ASN F 342 -9.95 -36.64 -8.82
N VAL F 343 -10.79 -36.38 -7.83
CA VAL F 343 -10.32 -36.08 -6.48
C VAL F 343 -11.11 -36.87 -5.45
N THR F 344 -10.41 -37.46 -4.48
CA THR F 344 -11.08 -38.19 -3.42
C THR F 344 -10.80 -37.47 -2.10
N ARG F 345 -11.85 -36.99 -1.48
CA ARG F 345 -11.75 -36.27 -0.22
C ARG F 345 -12.38 -37.12 0.89
N TYR F 346 -11.78 -37.09 2.07
CA TYR F 346 -12.29 -37.85 3.21
C TYR F 346 -12.75 -36.88 4.29
N GLY F 347 -14.06 -36.70 4.42
CA GLY F 347 -14.57 -35.82 5.45
C GLY F 347 -14.41 -36.56 6.76
N LYS F 348 -14.09 -35.84 7.84
CA LYS F 348 -13.93 -36.53 9.11
C LYS F 348 -14.34 -35.76 10.35
N GLU F 349 -14.86 -36.50 11.32
CA GLU F 349 -15.27 -35.92 12.59
C GLU F 349 -14.45 -36.65 13.66
N LEU F 350 -13.66 -35.88 14.41
CA LEU F 350 -12.82 -36.42 15.47
C LEU F 350 -13.38 -36.17 16.86
N SER F 351 -13.10 -37.09 17.76
CA SER F 351 -13.54 -36.98 19.14
C SER F 351 -12.55 -37.80 19.95
N MET F 352 -12.55 -37.65 21.26
CA MET F 352 -11.58 -38.40 22.04
C MET F 352 -12.00 -38.67 23.48
N VAL F 353 -11.40 -39.71 24.04
CA VAL F 353 -11.62 -40.07 25.44
C VAL F 353 -10.22 -40.26 26.02
N LYS F 354 -10.10 -40.26 27.34
CA LYS F 354 -8.79 -40.37 27.95
C LYS F 354 -8.26 -41.79 28.11
N ILE F 355 -6.95 -41.95 27.98
CA ILE F 355 -6.29 -43.23 28.20
C ILE F 355 -4.99 -42.93 28.94
N PRO F 356 -4.68 -43.70 29.99
CA PRO F 356 -5.48 -44.81 30.50
C PRO F 356 -6.38 -44.32 31.65
N SER F 357 -7.37 -45.11 32.00
CA SER F 357 -8.21 -44.77 33.13
C SER F 357 -7.31 -45.17 34.32
N LYS F 358 -7.64 -44.71 35.52
CA LYS F 358 -6.85 -45.07 36.68
C LYS F 358 -6.90 -46.58 36.91
N ALA F 359 -8.02 -47.19 36.56
CA ALA F 359 -8.22 -48.63 36.75
C ALA F 359 -7.46 -49.54 35.79
N SER F 360 -7.06 -49.03 34.63
CA SER F 360 -6.34 -49.84 33.66
C SER F 360 -4.87 -49.46 33.54
N ALA F 361 -4.49 -48.36 34.18
CA ALA F 361 -3.11 -47.88 34.13
C ALA F 361 -2.07 -48.92 34.56
N LYS F 362 -2.31 -49.59 35.68
CA LYS F 362 -1.34 -50.58 36.13
C LYS F 362 -1.24 -51.74 35.16
N TYR F 363 -2.36 -52.16 34.59
CA TYR F 363 -2.35 -53.27 33.64
C TYR F 363 -1.48 -52.95 32.42
N LEU F 364 -1.65 -51.75 31.85
CA LEU F 364 -0.86 -51.37 30.67
C LEU F 364 0.61 -51.17 31.03
N ALA F 365 0.85 -50.55 32.18
CA ALA F 365 2.21 -50.30 32.61
C ALA F 365 2.99 -51.61 32.71
N LYS F 366 2.36 -52.63 33.29
CA LYS F 366 3.01 -53.91 33.43
C LYS F 366 3.14 -54.61 32.09
N LYS F 367 2.06 -54.61 31.31
CA LYS F 367 2.05 -55.24 30.01
C LYS F 367 3.18 -54.76 29.10
N TYR F 368 3.49 -53.46 29.17
CA TYR F 368 4.54 -52.92 28.32
C TYR F 368 5.82 -52.55 29.05
N ASN F 369 5.91 -52.94 30.32
CA ASN F 369 7.10 -52.67 31.12
C ASN F 369 7.47 -51.20 31.24
N LYS F 370 6.49 -50.36 31.54
CA LYS F 370 6.71 -48.93 31.72
C LYS F 370 6.04 -48.45 33.00
N SER F 371 6.35 -47.24 33.43
CA SER F 371 5.72 -46.70 34.63
C SER F 371 4.32 -46.21 34.26
N GLU F 372 3.44 -46.10 35.25
CA GLU F 372 2.09 -45.65 34.98
C GLU F 372 2.11 -44.26 34.37
N GLN F 373 2.99 -43.41 34.88
CA GLN F 373 3.10 -42.04 34.37
C GLN F 373 3.49 -42.06 32.90
N TYR F 374 4.42 -42.95 32.55
CA TYR F 374 4.89 -43.07 31.18
C TYR F 374 3.72 -43.39 30.25
N ILE F 375 2.85 -44.30 30.68
CA ILE F 375 1.71 -44.68 29.85
C ILE F 375 0.85 -43.45 29.52
N GLY F 376 0.54 -42.66 30.54
CA GLY F 376 -0.29 -41.48 30.36
C GLY F 376 0.27 -40.39 29.47
N GLU F 377 1.60 -40.34 29.32
CA GLU F 377 2.22 -39.31 28.49
C GLU F 377 2.67 -39.80 27.12
N ASN F 378 2.60 -41.10 26.88
CA ASN F 378 3.09 -41.67 25.63
C ASN F 378 2.17 -42.54 24.81
N ILE F 379 1.22 -43.18 25.49
CA ILE F 379 0.30 -44.08 24.81
C ILE F 379 -0.90 -43.39 24.19
N LEU F 380 -1.27 -43.84 23.00
CA LEU F 380 -2.42 -43.31 22.31
C LEU F 380 -3.09 -44.42 21.51
N VAL F 381 -4.39 -44.27 21.31
CA VAL F 381 -5.14 -45.22 20.51
C VAL F 381 -5.83 -44.39 19.45
N LEU F 382 -5.79 -44.89 18.24
CA LEU F 382 -6.39 -44.21 17.10
C LEU F 382 -7.32 -45.16 16.37
N ASP F 383 -8.57 -44.72 16.18
CA ASP F 383 -9.57 -45.50 15.47
C ASP F 383 -10.01 -44.72 14.24
N ILE F 384 -9.81 -45.32 13.06
CA ILE F 384 -10.20 -44.70 11.81
C ILE F 384 -11.22 -45.63 11.15
N PHE F 385 -12.43 -45.11 10.95
CA PHE F 385 -13.51 -45.90 10.38
C PHE F 385 -14.50 -45.00 9.64
N PHE F 386 -15.55 -45.61 9.08
CA PHE F 386 -16.55 -44.84 8.33
C PHE F 386 -17.93 -44.87 8.97
N GLU F 387 -18.67 -43.78 8.79
CA GLU F 387 -20.04 -43.72 9.31
C GLU F 387 -20.93 -44.53 8.34
N ALA F 388 -22.20 -44.69 8.69
CA ALA F 388 -23.13 -45.45 7.84
C ALA F 388 -23.18 -44.87 6.42
N LEU F 389 -23.46 -43.57 6.31
CA LEU F 389 -23.50 -42.91 5.01
C LEU F 389 -22.05 -42.61 4.65
N ASN F 390 -21.35 -43.66 4.24
CA ASN F 390 -19.93 -43.60 3.91
C ASN F 390 -19.49 -43.09 2.54
N TYR F 391 -20.43 -42.88 1.62
CA TYR F 391 -20.04 -42.47 0.27
C TYR F 391 -20.82 -41.31 -0.33
N GLU F 392 -20.10 -40.30 -0.79
CA GLU F 392 -20.73 -39.14 -1.40
C GLU F 392 -20.07 -38.86 -2.74
N THR F 393 -20.90 -38.62 -3.75
CA THR F 393 -20.38 -38.32 -5.08
C THR F 393 -20.82 -36.93 -5.52
N ILE F 394 -19.87 -36.18 -6.06
CA ILE F 394 -20.12 -34.84 -6.55
C ILE F 394 -19.40 -34.78 -7.89
N GLU F 395 -20.15 -34.99 -8.96
CA GLU F 395 -19.58 -35.03 -10.30
C GLU F 395 -20.16 -34.01 -11.28
N GLN F 396 -19.26 -33.33 -11.99
CA GLN F 396 -19.67 -32.37 -13.00
C GLN F 396 -20.04 -33.14 -14.26
N LYS F 397 -21.25 -32.93 -14.75
CA LYS F 397 -21.73 -33.60 -15.95
C LYS F 397 -21.96 -32.55 -17.02
N LYS F 398 -22.00 -32.98 -18.28
CA LYS F 398 -22.25 -32.06 -19.38
C LYS F 398 -23.76 -31.84 -19.36
N ALA F 399 -24.17 -30.57 -19.35
CA ALA F 399 -25.60 -30.24 -19.29
C ALA F 399 -26.28 -30.09 -20.65
N TYR F 400 -25.52 -30.26 -21.73
CA TYR F 400 -26.09 -30.11 -23.06
C TYR F 400 -25.15 -30.63 -24.14
N GLU F 401 -25.18 -31.94 -24.39
CA GLU F 401 -24.34 -32.55 -25.40
C GLU F 401 -24.99 -32.48 -26.77
N VAL F 402 -24.22 -32.82 -27.80
CA VAL F 402 -24.72 -32.81 -29.18
C VAL F 402 -26.08 -33.47 -29.29
N ALA F 403 -26.20 -34.68 -28.76
CA ALA F 403 -27.46 -35.42 -28.80
C ALA F 403 -28.58 -34.58 -28.19
N GLY F 404 -28.22 -33.75 -27.21
CA GLY F 404 -29.21 -32.91 -26.56
C GLY F 404 -29.68 -31.79 -27.46
N LEU F 405 -28.74 -31.17 -28.18
CA LEU F 405 -29.07 -30.08 -29.09
C LEU F 405 -29.92 -30.58 -30.25
N LEU F 406 -29.42 -31.59 -30.95
CA LEU F 406 -30.14 -32.17 -32.08
C LEU F 406 -31.54 -32.58 -31.64
N GLY F 407 -31.64 -33.02 -30.39
CA GLY F 407 -32.93 -33.44 -29.86
C GLY F 407 -33.90 -32.28 -29.79
N ASP F 408 -33.39 -31.10 -29.45
CA ASP F 408 -34.23 -29.91 -29.37
C ASP F 408 -34.49 -29.31 -30.74
N ILE F 409 -33.45 -29.25 -31.57
CA ILE F 409 -33.60 -28.71 -32.92
C ILE F 409 -34.62 -29.58 -33.65
N GLY F 410 -34.53 -30.88 -33.42
CA GLY F 410 -35.45 -31.81 -34.05
C GLY F 410 -36.86 -31.60 -33.51
N GLY F 411 -36.94 -31.28 -32.23
CA GLY F 411 -38.23 -31.04 -31.61
C GLY F 411 -38.88 -29.79 -32.16
N GLN F 412 -38.05 -28.87 -32.63
CA GLN F 412 -38.53 -27.62 -33.21
C GLN F 412 -38.93 -27.85 -34.67
N MET F 413 -38.10 -28.60 -35.39
CA MET F 413 -38.37 -28.90 -36.79
C MET F 413 -39.67 -29.69 -36.87
N GLY F 414 -39.95 -30.45 -35.81
CA GLY F 414 -41.17 -31.24 -35.77
C GLY F 414 -42.37 -30.33 -35.79
N LEU F 415 -42.34 -29.28 -34.96
CA LEU F 415 -43.43 -28.32 -34.89
C LEU F 415 -43.44 -27.48 -36.17
N PHE F 416 -42.26 -27.24 -36.70
CA PHE F 416 -42.10 -26.45 -37.93
C PHE F 416 -42.75 -27.19 -39.10
N ILE F 417 -42.29 -28.41 -39.34
CA ILE F 417 -42.83 -29.22 -40.43
C ILE F 417 -44.28 -29.56 -40.16
N GLY F 418 -44.62 -29.74 -38.89
CA GLY F 418 -45.98 -30.08 -38.50
C GLY F 418 -46.97 -28.96 -38.81
N ALA F 419 -46.53 -27.72 -38.64
CA ALA F 419 -47.37 -26.56 -38.91
C ALA F 419 -47.44 -26.32 -40.41
N SER F 420 -46.40 -26.76 -41.12
CA SER F 420 -46.33 -26.59 -42.57
C SER F 420 -47.27 -27.57 -43.27
N ILE F 421 -47.55 -28.69 -42.62
CA ILE F 421 -48.45 -29.69 -43.19
C ILE F 421 -49.88 -29.16 -43.16
N LEU F 422 -50.20 -28.38 -42.13
CA LEU F 422 -51.53 -27.81 -41.99
C LEU F 422 -51.73 -26.78 -43.09
N THR F 423 -50.69 -26.01 -43.38
CA THR F 423 -50.74 -24.99 -44.41
C THR F 423 -50.94 -25.62 -45.80
N VAL F 424 -50.05 -26.54 -46.13
CA VAL F 424 -50.10 -27.22 -47.43
C VAL F 424 -51.43 -27.96 -47.64
N LEU F 425 -51.95 -28.56 -46.56
CA LEU F 425 -53.21 -29.30 -46.64
C LEU F 425 -54.44 -28.42 -46.82
N GLU F 426 -54.37 -27.19 -46.32
CA GLU F 426 -55.50 -26.28 -46.43
C GLU F 426 -55.28 -25.16 -47.47
N LEU F 427 -54.08 -25.13 -48.04
CA LEU F 427 -53.75 -24.12 -49.05
C LEU F 427 -53.53 -24.77 -50.41
N PHE F 428 -53.52 -26.09 -50.45
CA PHE F 428 -53.33 -26.83 -51.69
C PHE F 428 -54.25 -28.05 -51.76
C1 GLC G . -6.58 34.08 -46.56
C2 GLC G . -5.85 34.68 -45.34
C3 GLC G . -6.86 34.92 -44.21
C4 GLC G . -7.94 35.90 -44.73
C5 GLC G . -8.62 35.25 -45.97
C6 GLC G . -9.69 36.20 -46.54
O1 GLC G . -7.14 32.80 -46.27
O2 GLC G . -4.83 33.76 -44.89
O3 GLC G . -6.19 35.48 -43.07
O4 GLC G . -8.90 36.15 -43.70
O5 GLC G . -7.63 35.00 -47.03
O6 GLC G . -10.32 35.59 -47.68
C1 GLC G . -8.77 37.52 -43.28
C2 GLC G . -8.84 37.64 -41.73
C3 GLC G . -10.22 37.16 -41.26
C4 GLC G . -11.29 38.06 -41.92
C5 GLC G . -11.14 37.91 -43.45
C6 GLC G . -12.19 38.80 -44.15
O2 GLC G . -7.82 36.84 -41.14
O3 GLC G . -10.32 37.28 -39.83
O4 GLC G . -12.59 37.64 -41.51
O5 GLC G . -9.81 38.34 -43.89
O6 GLC G . -12.06 38.66 -45.56
C1 GLC H . -17.20 36.02 -30.34
C2 GLC H . -16.27 37.23 -30.60
C3 GLC H . -15.15 36.80 -31.57
C4 GLC H . -14.38 35.64 -30.92
C5 GLC H . -15.38 34.47 -30.66
C6 GLC H . -14.64 33.29 -30.01
O1 GLC H . -17.86 35.60 -31.55
O2 GLC H . -17.02 38.31 -31.17
O3 GLC H . -14.28 37.91 -31.81
O4 GLC H . -13.31 35.20 -31.80
O5 GLC H . -16.45 34.90 -29.77
O6 GLC H . -15.56 32.22 -29.79
C1 GLC H . -12.05 35.73 -31.31
C2 GLC H . -11.10 36.01 -32.50
C3 GLC H . -10.81 34.69 -33.24
C4 GLC H . -10.16 33.72 -32.22
C5 GLC H . -11.13 33.49 -31.05
C6 GLC H . -10.49 32.55 -30.03
O2 GLC H . -11.71 36.93 -33.40
O3 GLC H . -9.93 34.91 -34.33
O4 GLC H . -9.89 32.47 -32.87
O5 GLC H . -11.43 34.77 -30.39
O6 GLC H . -11.39 32.34 -28.94
C1 GLC I . -1.98 46.56 -43.34
C2 GLC I . -1.58 45.07 -43.33
C3 GLC I . -1.09 44.68 -41.92
C4 GLC I . 0.12 45.58 -41.56
C5 GLC I . -0.35 47.06 -41.60
C6 GLC I . 0.83 47.98 -41.26
O1 GLC I . -3.08 46.78 -42.45
O2 GLC I . -2.70 44.25 -43.70
O3 GLC I . -0.70 43.29 -41.91
O4 GLC I . 0.61 45.25 -40.25
O5 GLC I . -0.85 47.39 -42.94
O6 GLC I . 0.40 49.34 -41.29
C1 GLC I . 1.84 44.49 -40.40
C2 GLC I . 1.93 43.39 -39.31
C3 GLC I . 1.97 44.05 -37.92
C4 GLC I . 3.21 44.96 -37.87
C5 GLC I . 3.09 46.03 -38.98
C6 GLC I . 4.31 46.94 -38.95
O2 GLC I . 0.79 42.52 -39.41
O3 GLC I . 2.05 43.04 -36.90
O4 GLC I . 3.26 45.60 -36.59
O5 GLC I . 3.01 45.38 -40.29
O6 GLC I . 4.21 47.92 -39.98
C1 NAG J . -3.58 24.78 -12.60
C2 NAG J . -4.90 25.47 -12.97
C3 NAG J . -5.18 26.61 -12.00
C4 NAG J . -5.12 26.11 -10.55
C5 NAG J . -3.80 25.36 -10.29
C6 NAG J . -3.76 24.72 -8.92
C7 NAG J . -5.58 25.41 -15.27
C8 NAG J . -6.14 26.32 -16.34
N2 NAG J . -4.84 25.97 -14.32
O3 NAG J . -6.46 27.17 -12.25
O4 NAG J . -5.23 27.21 -9.65
O5 NAG J . -3.63 24.30 -11.25
O6 NAG J . -2.45 24.30 -8.57
O7 NAG J . -5.84 24.20 -15.30
C1 NAG K . 19.90 23.23 31.00
C2 NAG K . 18.75 22.68 31.87
C3 NAG K . 19.28 21.86 33.04
C4 NAG K . 20.30 20.82 32.56
C5 NAG K . 21.39 21.50 31.72
C6 NAG K . 22.42 20.53 31.17
C7 NAG K . 16.64 23.82 32.12
C8 NAG K . 15.83 24.89 32.84
N2 NAG K . 17.95 23.78 32.37
O3 NAG K . 18.20 21.21 33.70
O4 NAG K . 20.89 20.17 33.68
O5 NAG K . 20.77 22.16 30.60
O6 NAG K . 21.82 19.60 30.28
O7 NAG K . 16.08 23.04 31.35
CL CL L . 11.18 7.02 -10.22
C1 NAG M . 13.08 51.75 -19.43
C2 NAG M . 13.29 52.51 -20.75
C3 NAG M . 14.78 52.75 -20.96
C4 NAG M . 15.38 53.47 -19.76
C5 NAG M . 15.09 52.66 -18.49
C6 NAG M . 15.59 53.35 -17.23
C7 NAG M . 11.57 52.10 -22.38
C8 NAG M . 11.11 51.34 -23.61
N2 NAG M . 12.74 51.75 -21.85
O3 NAG M . 14.97 53.54 -22.14
O4 NAG M . 16.78 53.62 -19.94
O5 NAG M . 13.66 52.47 -18.33
O6 NAG M . 15.72 52.43 -16.15
O7 NAG M . 10.86 52.99 -21.91
C1 NAG N . 47.65 47.59 14.54
C2 NAG N . 47.89 49.10 14.47
C3 NAG N . 48.32 49.66 15.84
C4 NAG N . 47.38 49.18 16.95
C5 NAG N . 47.26 47.66 16.89
C6 NAG N . 46.30 47.11 17.93
C7 NAG N . 48.81 50.41 12.65
C8 NAG N . 50.10 50.97 12.09
N2 NAG N . 48.93 49.37 13.49
O3 NAG N . 48.29 51.08 15.79
O4 NAG N . 47.90 49.57 18.21
O5 NAG N . 46.75 47.26 15.61
O6 NAG N . 44.95 47.24 17.52
O7 NAG N . 47.73 50.89 12.33
CL CL O . 4.76 48.41 2.05
C1 NAG P . 22.64 25.06 -35.04
C2 NAG P . 23.20 23.65 -34.78
C3 NAG P . 22.55 22.65 -35.75
C4 NAG P . 21.03 22.74 -35.66
C5 NAG P . 20.57 24.19 -35.86
C6 NAG P . 19.07 24.36 -35.67
C7 NAG P . 25.22 23.09 -36.00
C8 NAG P . 25.41 23.96 -37.24
N2 NAG P . 24.65 23.65 -34.94
O3 NAG P . 22.97 21.34 -35.43
O4 NAG P . 20.44 21.91 -36.65
O5 NAG P . 21.21 25.06 -34.91
O6 NAG P . 18.60 23.57 -34.59
O7 NAG P . 25.58 21.91 -36.01
C1 NAG Q . 48.29 7.62 8.32
C2 NAG Q . 49.52 8.51 8.50
C3 NAG Q . 50.72 7.67 8.94
C4 NAG Q . 50.37 6.82 10.17
C5 NAG Q . 49.11 6.01 9.88
C6 NAG Q . 48.65 5.19 11.08
C7 NAG Q . 50.56 10.28 7.23
C8 NAG Q . 52.03 10.12 6.83
N2 NAG Q . 49.82 9.19 7.25
O3 NAG Q . 51.82 8.52 9.24
O4 NAG Q . 51.45 5.96 10.49
O5 NAG Q . 48.03 6.88 9.52
O6 NAG Q . 47.34 4.68 10.87
O7 NAG Q . 50.13 11.40 7.52
CL CL R . 38.71 38.16 -23.80
CL CL S . -24.08 -55.85 12.05
C1 NAG T . -39.70 -39.28 5.92
C2 NAG T . -40.75 -38.38 5.25
C3 NAG T . -41.79 -37.95 6.29
C4 NAG T . -42.38 -39.19 6.98
C5 NAG T . -41.26 -40.07 7.54
C6 NAG T . -41.77 -41.37 8.16
C7 NAG T . -40.56 -36.68 3.55
C8 NAG T . -41.50 -35.50 3.66
N2 NAG T . -40.10 -37.21 4.68
O3 NAG T . -42.82 -37.21 5.66
O4 NAG T . -43.25 -38.78 8.03
O5 NAG T . -40.34 -40.43 6.49
O6 NAG T . -41.72 -42.44 7.23
O7 NAG T . -40.25 -37.14 2.44
C1 NAG U . -17.13 -34.93 52.21
C2 NAG U . -18.17 -35.26 53.30
C3 NAG U . -17.51 -35.89 54.53
C4 NAG U . -16.60 -37.05 54.11
C5 NAG U . -15.61 -36.58 53.05
C6 NAG U . -14.69 -37.67 52.56
C7 NAG U . -20.16 -33.94 53.61
C8 NAG U . -20.82 -32.73 54.24
N2 NAG U . -18.84 -34.03 53.70
O3 NAG U . -18.51 -36.37 55.41
O4 NAG U . -15.89 -37.53 55.26
O5 NAG U . -16.35 -36.10 51.91
O6 NAG U . -15.38 -38.58 51.70
O7 NAG U . -20.85 -34.78 53.04
CL CL V . -30.88 -13.33 20.11
C1 NAG W . -21.54 -12.09 -1.18
C2 NAG W . -21.27 -11.52 -2.58
C3 NAG W . -19.76 -11.29 -2.75
C4 NAG W . -19.22 -10.42 -1.62
C5 NAG W . -19.60 -11.04 -0.26
C6 NAG W . -19.16 -10.17 0.91
C7 NAG W . -22.61 -12.00 -4.52
C8 NAG W . -22.01 -11.52 -5.83
N2 NAG W . -21.76 -12.43 -3.58
O3 NAG W . -19.53 -10.67 -4.00
O4 NAG W . -17.81 -10.31 -1.72
O5 NAG W . -21.03 -11.20 -0.17
O6 NAG W . -20.29 -9.70 1.64
O7 NAG W . -23.83 -11.97 -4.34
C1 NAG X . 11.21 -13.52 35.23
C2 NAG X . 12.05 -12.23 35.28
C3 NAG X . 12.30 -11.83 36.74
C4 NAG X . 10.98 -11.75 37.51
C5 NAG X . 10.21 -13.07 37.36
C6 NAG X . 8.84 -13.04 38.03
C7 NAG X . 13.86 -11.47 33.89
C8 NAG X . 14.97 -10.66 34.55
N2 NAG X . 13.31 -12.44 34.60
O3 NAG X . 12.94 -10.56 36.78
O4 NAG X . 11.25 -11.50 38.89
O5 NAG X . 9.98 -13.35 35.96
O6 NAG X . 8.70 -11.93 38.90
O7 NAG X . 13.50 -11.20 32.73
CL CL Y . 4.22 -26.14 -2.96
C1 NAG Z . -11.93 -40.24 -13.37
C2 NAG Z . -11.44 -40.42 -14.81
C3 NAG Z . -12.35 -41.43 -15.55
C4 NAG Z . -12.49 -42.72 -14.74
C5 NAG Z . -12.94 -42.40 -13.32
C6 NAG Z . -13.03 -43.64 -12.43
C7 NAG Z . -10.66 -38.93 -16.55
C8 NAG Z . -11.26 -39.13 -17.93
N2 NAG Z . -11.45 -39.15 -15.50
O3 NAG Z . -11.79 -41.73 -16.82
O4 NAG Z . -13.44 -43.58 -15.37
O5 NAG Z . -12.01 -41.50 -12.69
O6 NAG Z . -12.97 -43.28 -11.05
O7 NAG Z . -9.49 -38.59 -16.43
C1 NAG AA . 11.44 -54.60 32.22
C2 NAG AA . 12.88 -54.10 32.00
C3 NAG AA . 13.88 -54.95 32.79
C4 NAG AA . 13.46 -55.07 34.26
C5 NAG AA . 12.01 -55.56 34.35
C6 NAG AA . 11.49 -55.65 35.78
C7 NAG AA . 14.36 -53.72 30.13
C8 NAG AA . 15.42 -54.77 29.79
N2 NAG AA . 13.18 -54.15 30.58
O3 NAG AA . 15.18 -54.37 32.72
O4 NAG AA . 14.31 -55.98 34.94
O5 NAG AA . 11.14 -54.65 33.63
O6 NAG AA . 10.69 -54.53 36.11
O7 NAG AA . 14.63 -52.52 29.97
#